data_9E64
#
_entry.id   9E64
#
_cell.length_a   1.00
_cell.length_b   1.00
_cell.length_c   1.00
_cell.angle_alpha   90.00
_cell.angle_beta   90.00
_cell.angle_gamma   90.00
#
_symmetry.space_group_name_H-M   'P 1'
#
loop_
_entity.id
_entity.type
_entity.pdbx_description
1 polymer 'Low conductance mechanosensitive channel YnaI'
2 non-polymer PHOSPHATIDYLETHANOLAMINE
#
_entity_poly.entity_id   1
_entity_poly.type   'polypeptide(L)'
_entity_poly.pdbx_seq_one_letter_code
;MIAELFTNNALNLVIIFGSCAALILMSFWFRRGNRKRKGFLFHAVQFLIYTIIISAVGSIINYVIENYKLKFITPGVIDF
ICTSLIAVILTIKLFLLINQFEKQQIKKGRDITSARIMSRIIKITIIVVLVLLYGEHFGMSLSGLLTFGGIGGLAVGMAG
KDILSNFFSGIMLYFDRPFSIGDWIRSPDRNIEGTVAEIGWRITKITTFDNRPLYVPNSLFSSISVENPGRMTNRRITTT
IGLRYEDAAKVGVIVEAVREMLKNHPAIDQRQTLLVYFNQFADSSLNIMVYCFTKTTVWAEWLAAQQDVYLKIIDIVQSH
GADFAFPSQTLYMDNITPPEQGRAAAHHHHHH
;
_entity_poly.pdbx_strand_id   A,B,C,D,E,F,G
#
loop_
_chem_comp.id
_chem_comp.type
_chem_comp.name
_chem_comp.formula
PTY non-polymer PHOSPHATIDYLETHANOLAMINE 'C40 H80 N O8 P'
#
# COMPACT_ATOMS: atom_id res chain seq x y z
N GLU A 4 -31.55 16.87 -63.76
CA GLU A 4 -31.15 17.96 -64.65
C GLU A 4 -29.66 18.24 -64.54
N LEU A 5 -29.21 19.31 -65.21
CA LEU A 5 -27.81 19.70 -65.19
C LEU A 5 -27.60 21.04 -64.50
N PHE A 6 -28.30 22.09 -64.94
CA PHE A 6 -28.16 23.39 -64.30
C PHE A 6 -28.85 23.41 -62.94
N THR A 7 -30.06 22.87 -62.87
CA THR A 7 -30.78 22.82 -61.59
C THR A 7 -30.07 21.93 -60.58
N ASN A 8 -29.55 20.79 -61.04
CA ASN A 8 -28.80 19.91 -60.13
C ASN A 8 -27.54 20.59 -59.61
N ASN A 9 -26.83 21.30 -60.49
CA ASN A 9 -25.63 22.02 -60.07
C ASN A 9 -25.98 23.12 -59.08
N ALA A 10 -27.08 23.85 -59.32
CA ALA A 10 -27.49 24.89 -58.40
C ALA A 10 -27.87 24.33 -57.04
N LEU A 11 -28.58 23.20 -57.02
CA LEU A 11 -28.97 22.58 -55.76
C LEU A 11 -27.80 21.92 -55.04
N ASN A 12 -26.75 21.53 -55.77
CA ASN A 12 -25.61 20.89 -55.15
C ASN A 12 -24.84 21.84 -54.24
N LEU A 13 -24.81 23.13 -54.59
CA LEU A 13 -24.11 24.17 -53.83
C LEU A 13 -22.63 23.80 -53.81
N VAL A 14 -21.93 23.89 -52.68
CA VAL A 14 -20.50 23.61 -52.63
C VAL A 14 -20.19 22.18 -52.25
N ILE A 15 -21.22 21.36 -52.00
CA ILE A 15 -20.98 19.96 -51.65
C ILE A 15 -20.36 19.21 -52.82
N ILE A 16 -20.87 19.44 -54.03
CA ILE A 16 -20.33 18.77 -55.20
C ILE A 16 -18.90 19.22 -55.47
N PHE A 17 -18.63 20.53 -55.33
CA PHE A 17 -17.29 21.06 -55.52
C PHE A 17 -16.30 20.57 -54.48
N GLY A 18 -16.79 19.98 -53.38
CA GLY A 18 -15.89 19.42 -52.39
C GLY A 18 -15.01 18.31 -52.97
N SER A 19 -15.58 17.50 -53.87
CA SER A 19 -14.80 16.45 -54.51
C SER A 19 -13.67 17.03 -55.35
N CYS A 20 -13.96 18.08 -56.12
CA CYS A 20 -12.91 18.71 -56.92
C CYS A 20 -11.85 19.36 -56.03
N ALA A 21 -12.28 20.02 -54.96
CA ALA A 21 -11.31 20.62 -54.04
C ALA A 21 -10.43 19.55 -53.40
N ALA A 22 -11.02 18.41 -53.04
CA ALA A 22 -10.24 17.32 -52.47
C ALA A 22 -9.30 16.71 -53.48
N LEU A 23 -9.70 16.64 -54.75
CA LEU A 23 -8.80 16.16 -55.79
C LEU A 23 -7.61 17.11 -55.94
N ILE A 24 -7.87 18.42 -55.90
CA ILE A 24 -6.78 19.39 -55.95
C ILE A 24 -5.86 19.23 -54.74
N LEU A 25 -6.44 18.99 -53.56
CA LEU A 25 -5.64 18.79 -52.37
C LEU A 25 -4.81 17.51 -52.47
N MET A 26 -5.36 16.46 -53.07
CA MET A 26 -4.62 15.23 -53.27
C MET A 26 -3.47 15.43 -54.25
N SER A 27 -3.70 16.21 -55.31
CA SER A 27 -2.61 16.55 -56.22
C SER A 27 -1.52 17.34 -55.50
N PHE A 28 -1.92 18.28 -54.64
CA PHE A 28 -0.94 19.05 -53.86
C PHE A 28 -0.15 18.13 -52.92
N TRP A 29 -0.83 17.17 -52.29
CA TRP A 29 -0.14 16.22 -51.42
C TRP A 29 0.79 15.33 -52.22
N PHE A 30 0.43 15.00 -53.45
CA PHE A 30 1.38 14.32 -54.34
C PHE A 30 2.60 15.20 -54.59
N ARG A 31 2.38 16.50 -54.79
CA ARG A 31 3.48 17.45 -54.78
C ARG A 31 4.01 17.71 -53.38
N ARG A 32 3.22 17.38 -52.36
CA ARG A 32 3.60 17.44 -50.94
C ARG A 32 3.92 18.86 -50.48
N GLY A 33 3.50 19.87 -51.24
CA GLY A 33 3.63 21.26 -50.82
C GLY A 33 5.04 21.72 -50.54
N ASN A 34 5.35 21.96 -49.26
CA ASN A 34 6.64 22.54 -48.90
C ASN A 34 7.80 21.62 -49.26
N ARG A 35 7.67 20.33 -48.96
CA ARG A 35 8.76 19.39 -49.21
C ARG A 35 8.17 18.04 -49.60
N LYS A 36 8.79 17.41 -50.60
CA LYS A 36 8.32 16.12 -51.11
C LYS A 36 8.78 15.02 -50.15
N ARG A 37 8.03 14.88 -49.06
CA ARG A 37 8.31 13.87 -48.05
C ARG A 37 7.00 13.23 -47.61
N LYS A 38 7.12 12.13 -46.87
CA LYS A 38 5.95 11.42 -46.38
C LYS A 38 6.30 10.75 -45.06
N GLY A 39 5.26 10.42 -44.29
CA GLY A 39 5.45 9.77 -43.01
C GLY A 39 4.66 10.42 -41.89
N PHE A 40 3.93 9.61 -41.13
CA PHE A 40 3.18 10.09 -39.97
C PHE A 40 2.16 11.16 -40.34
N LEU A 41 2.56 12.43 -40.19
CA LEU A 41 1.63 13.54 -40.40
C LEU A 41 1.05 13.55 -41.82
N PHE A 42 1.80 13.06 -42.80
CA PHE A 42 1.27 12.98 -44.16
C PHE A 42 0.08 12.04 -44.22
N HIS A 43 0.22 10.84 -43.66
CA HIS A 43 -0.91 9.92 -43.59
C HIS A 43 -2.05 10.50 -42.76
N ALA A 44 -1.73 11.26 -41.72
CA ALA A 44 -2.78 11.86 -40.89
C ALA A 44 -3.61 12.85 -41.71
N VAL A 45 -2.94 13.75 -42.43
CA VAL A 45 -3.69 14.76 -43.20
C VAL A 45 -4.42 14.10 -44.36
N GLN A 46 -3.84 13.05 -44.96
CA GLN A 46 -4.54 12.33 -46.01
C GLN A 46 -5.82 11.68 -45.47
N PHE A 47 -5.72 11.03 -44.30
CA PHE A 47 -6.91 10.46 -43.70
C PHE A 47 -7.94 11.54 -43.38
N LEU A 48 -7.47 12.70 -42.92
CA LEU A 48 -8.37 13.81 -42.61
C LEU A 48 -9.13 14.28 -43.85
N ILE A 49 -8.43 14.44 -44.98
CA ILE A 49 -9.15 14.97 -46.13
C ILE A 49 -10.00 13.87 -46.78
N TYR A 50 -9.64 12.60 -46.58
CA TYR A 50 -10.55 11.53 -46.97
C TYR A 50 -11.84 11.56 -46.15
N THR A 51 -11.72 11.81 -44.84
CA THR A 51 -12.91 11.97 -44.02
C THR A 51 -13.74 13.16 -44.48
N ILE A 52 -13.07 14.24 -44.88
CA ILE A 52 -13.78 15.40 -45.43
C ILE A 52 -14.52 15.01 -46.71
N ILE A 53 -13.87 14.21 -47.56
CA ILE A 53 -14.52 13.71 -48.78
C ILE A 53 -15.80 12.98 -48.45
N ILE A 54 -15.72 12.06 -47.48
CA ILE A 54 -16.89 11.27 -47.13
C ILE A 54 -17.98 12.13 -46.50
N SER A 55 -17.58 13.12 -45.68
CA SER A 55 -18.56 14.03 -45.09
C SER A 55 -19.29 14.82 -46.16
N ALA A 56 -18.57 15.32 -47.17
CA ALA A 56 -19.21 16.02 -48.27
C ALA A 56 -20.11 15.10 -49.08
N VAL A 57 -19.67 13.86 -49.32
CA VAL A 57 -20.48 12.90 -50.07
C VAL A 57 -21.77 12.59 -49.32
N GLY A 58 -21.73 12.61 -47.99
CA GLY A 58 -22.94 12.40 -47.22
C GLY A 58 -24.02 13.41 -47.56
N SER A 59 -23.66 14.70 -47.56
CA SER A 59 -24.63 15.73 -47.94
C SER A 59 -24.98 15.66 -49.42
N ILE A 60 -24.02 15.27 -50.26
CA ILE A 60 -24.30 15.12 -51.69
C ILE A 60 -25.42 14.12 -51.91
N ILE A 61 -25.31 12.95 -51.29
CA ILE A 61 -26.35 11.94 -51.44
C ILE A 61 -27.60 12.30 -50.66
N ASN A 62 -27.48 13.10 -49.59
CA ASN A 62 -28.67 13.57 -48.88
C ASN A 62 -29.52 14.46 -49.77
N TYR A 63 -28.87 15.26 -50.62
CA TYR A 63 -29.64 16.14 -51.50
C TYR A 63 -30.25 15.38 -52.67
N VAL A 64 -29.62 14.28 -53.10
CA VAL A 64 -30.09 13.56 -54.28
C VAL A 64 -31.48 12.98 -54.04
N ILE A 65 -31.68 12.32 -52.91
CA ILE A 65 -32.99 11.73 -52.65
C ILE A 65 -33.98 12.74 -52.08
N GLU A 66 -33.51 13.94 -51.74
CA GLU A 66 -34.43 14.98 -51.30
C GLU A 66 -34.98 15.81 -52.46
N ASN A 67 -34.20 15.97 -53.53
CA ASN A 67 -34.65 16.79 -54.65
C ASN A 67 -35.22 15.99 -55.82
N TYR A 68 -35.05 14.67 -55.84
CA TYR A 68 -35.64 13.85 -56.88
C TYR A 68 -36.72 12.91 -56.35
N LYS A 69 -36.37 12.05 -55.39
CA LYS A 69 -37.30 11.08 -54.83
C LYS A 69 -36.70 10.42 -53.60
N LEU A 70 -37.49 10.27 -52.54
CA LEU A 70 -36.96 9.69 -51.30
C LEU A 70 -36.52 8.25 -51.51
N LYS A 71 -37.30 7.47 -52.26
CA LYS A 71 -36.98 6.08 -52.63
C LYS A 71 -36.85 5.27 -51.34
N PHE A 72 -35.80 4.46 -51.16
CA PHE A 72 -35.69 3.57 -50.02
C PHE A 72 -34.26 3.52 -49.47
N ILE A 73 -33.55 4.65 -49.52
CA ILE A 73 -32.13 4.63 -49.15
C ILE A 73 -31.96 4.40 -47.66
N THR A 74 -32.85 4.96 -46.83
CA THR A 74 -32.74 4.87 -45.37
C THR A 74 -31.36 5.33 -44.92
N PRO A 75 -31.10 6.64 -44.86
CA PRO A 75 -29.73 7.15 -44.69
C PRO A 75 -28.95 6.59 -43.51
N GLY A 76 -29.63 5.87 -42.62
CA GLY A 76 -28.93 5.17 -41.56
C GLY A 76 -27.89 4.20 -42.11
N VAL A 77 -28.27 3.45 -43.16
CA VAL A 77 -27.34 2.48 -43.72
C VAL A 77 -26.17 3.17 -44.41
N ILE A 78 -26.39 4.30 -45.07
CA ILE A 78 -25.27 4.94 -45.76
C ILE A 78 -24.32 5.60 -44.77
N ASP A 79 -24.85 6.13 -43.65
CA ASP A 79 -23.92 6.65 -42.65
C ASP A 79 -23.19 5.51 -41.94
N PHE A 80 -23.85 4.36 -41.76
CA PHE A 80 -23.13 3.19 -41.25
C PHE A 80 -22.01 2.79 -42.19
N ILE A 81 -22.27 2.79 -43.50
CA ILE A 81 -21.26 2.44 -44.48
C ILE A 81 -20.11 3.44 -44.46
N CYS A 82 -20.43 4.73 -44.33
CA CYS A 82 -19.37 5.74 -44.30
C CYS A 82 -18.50 5.58 -43.06
N THR A 83 -19.12 5.31 -41.90
CA THR A 83 -18.34 5.06 -40.70
C THR A 83 -17.48 3.81 -40.84
N SER A 84 -18.01 2.77 -41.47
CA SER A 84 -17.23 1.56 -41.70
C SER A 84 -16.03 1.84 -42.59
N LEU A 85 -16.23 2.62 -43.65
CA LEU A 85 -15.12 2.97 -44.54
C LEU A 85 -14.06 3.80 -43.80
N ILE A 86 -14.51 4.74 -42.96
CA ILE A 86 -13.56 5.54 -42.17
C ILE A 86 -12.76 4.63 -41.25
N ALA A 87 -13.42 3.69 -40.58
CA ALA A 87 -12.72 2.76 -39.72
C ALA A 87 -11.71 1.93 -40.51
N VAL A 88 -12.11 1.46 -41.69
CA VAL A 88 -11.23 0.62 -42.51
C VAL A 88 -9.97 1.40 -42.91
N ILE A 89 -10.16 2.64 -43.39
CA ILE A 89 -9.00 3.40 -43.84
C ILE A 89 -8.10 3.78 -42.66
N LEU A 90 -8.70 4.10 -41.50
CA LEU A 90 -7.89 4.39 -40.32
C LEU A 90 -7.08 3.18 -39.90
N THR A 91 -7.71 2.00 -39.89
CA THR A 91 -6.97 0.79 -39.53
C THR A 91 -5.85 0.50 -40.52
N ILE A 92 -6.11 0.69 -41.81
CA ILE A 92 -5.07 0.46 -42.82
C ILE A 92 -3.90 1.41 -42.60
N LYS A 93 -4.18 2.69 -42.36
CA LYS A 93 -3.12 3.66 -42.14
C LYS A 93 -2.29 3.31 -40.91
N LEU A 94 -2.97 2.96 -39.80
CA LEU A 94 -2.25 2.61 -38.59
C LEU A 94 -1.41 1.35 -38.78
N PHE A 95 -1.98 0.35 -39.46
CA PHE A 95 -1.23 -0.89 -39.71
C PHE A 95 0.01 -0.62 -40.55
N LEU A 96 -0.11 0.21 -41.58
CA LEU A 96 1.06 0.51 -42.40
C LEU A 96 2.10 1.30 -41.61
N LEU A 97 1.66 2.22 -40.75
CA LEU A 97 2.60 2.98 -39.94
C LEU A 97 3.38 2.07 -39.00
N ILE A 98 2.69 1.18 -38.30
CA ILE A 98 3.40 0.30 -37.38
C ILE A 98 4.22 -0.74 -38.13
N ASN A 99 3.81 -1.10 -39.36
CA ASN A 99 4.65 -1.98 -40.17
C ASN A 99 5.95 -1.29 -40.55
N GLN A 100 5.88 -0.02 -40.94
CA GLN A 100 7.10 0.75 -41.20
C GLN A 100 7.96 0.82 -39.95
N PHE A 101 7.34 1.03 -38.79
CA PHE A 101 8.08 1.00 -37.53
C PHE A 101 8.76 -0.35 -37.32
N GLU A 102 8.09 -1.44 -37.68
CA GLU A 102 8.62 -2.77 -37.43
C GLU A 102 9.85 -3.04 -38.31
N LYS A 103 9.75 -2.73 -39.60
CA LYS A 103 10.94 -2.85 -40.45
C LYS A 103 12.04 -1.87 -40.04
N GLN A 104 11.69 -0.71 -39.50
CA GLN A 104 12.71 0.19 -38.96
C GLN A 104 13.46 -0.51 -37.83
N GLN A 105 12.72 -1.14 -36.92
CA GLN A 105 13.34 -1.87 -35.81
C GLN A 105 14.22 -3.00 -36.32
N ILE A 106 13.75 -3.73 -37.33
CA ILE A 106 14.55 -4.82 -37.89
C ILE A 106 15.84 -4.28 -38.49
N LYS A 107 15.75 -3.20 -39.26
CA LYS A 107 16.94 -2.65 -39.91
C LYS A 107 17.93 -2.12 -38.88
N LYS A 108 17.42 -1.65 -37.73
CA LYS A 108 18.31 -1.24 -36.66
C LYS A 108 19.17 -2.41 -36.16
N GLY A 109 18.66 -3.63 -36.30
CA GLY A 109 19.39 -4.81 -35.87
C GLY A 109 18.85 -5.36 -34.57
N ARG A 110 18.00 -6.38 -34.65
CA ARG A 110 17.33 -6.93 -33.48
C ARG A 110 16.72 -8.27 -33.87
N ASP A 111 16.45 -9.09 -32.86
CA ASP A 111 15.85 -10.39 -33.09
C ASP A 111 14.51 -10.25 -33.80
N ILE A 112 14.28 -11.10 -34.80
CA ILE A 112 13.06 -10.98 -35.61
C ILE A 112 11.83 -11.33 -34.79
N THR A 113 11.91 -12.38 -33.98
CA THR A 113 10.75 -12.84 -33.22
C THR A 113 10.28 -11.76 -32.25
N SER A 114 11.21 -11.09 -31.59
CA SER A 114 10.83 -10.00 -30.67
C SER A 114 10.15 -8.87 -31.42
N ALA A 115 10.64 -8.54 -32.61
CA ALA A 115 9.99 -7.49 -33.41
C ALA A 115 8.58 -7.89 -33.80
N ARG A 116 8.39 -9.15 -34.21
CA ARG A 116 7.04 -9.63 -34.53
C ARG A 116 6.12 -9.54 -33.32
N ILE A 117 6.62 -9.94 -32.15
CA ILE A 117 5.79 -9.93 -30.94
C ILE A 117 5.41 -8.50 -30.57
N MET A 118 6.37 -7.57 -30.65
CA MET A 118 6.06 -6.17 -30.36
C MET A 118 5.05 -5.61 -31.35
N SER A 119 5.20 -5.94 -32.63
CA SER A 119 4.24 -5.49 -33.63
C SER A 119 2.84 -6.02 -33.33
N ARG A 120 2.76 -7.26 -32.91
CA ARG A 120 1.47 -7.79 -32.55
C ARG A 120 0.93 -6.97 -31.42
N ILE A 121 1.69 -6.87 -30.36
CA ILE A 121 1.21 -6.16 -29.17
C ILE A 121 0.61 -4.81 -29.56
N ILE A 122 1.33 -4.07 -30.41
CA ILE A 122 0.83 -2.77 -30.86
C ILE A 122 -0.45 -2.94 -31.65
N LYS A 123 -0.53 -3.98 -32.48
CA LYS A 123 -1.74 -4.25 -33.25
C LYS A 123 -2.94 -4.41 -32.34
N ILE A 124 -2.83 -5.31 -31.35
CA ILE A 124 -3.95 -5.58 -30.46
C ILE A 124 -4.29 -4.35 -29.63
N THR A 125 -3.28 -3.62 -29.14
CA THR A 125 -3.57 -2.42 -28.36
C THR A 125 -4.31 -1.38 -29.18
N ILE A 126 -3.87 -1.15 -30.42
CA ILE A 126 -4.55 -0.18 -31.28
C ILE A 126 -5.96 -0.62 -31.59
N ILE A 127 -6.16 -1.92 -31.85
CA ILE A 127 -7.49 -2.43 -32.16
C ILE A 127 -8.42 -2.22 -30.98
N VAL A 128 -7.94 -2.51 -29.76
CA VAL A 128 -8.78 -2.35 -28.57
C VAL A 128 -9.12 -0.87 -28.35
N VAL A 129 -8.11 0.00 -28.52
CA VAL A 129 -8.36 1.43 -28.32
C VAL A 129 -9.37 1.95 -29.33
N LEU A 130 -9.24 1.54 -30.60
CA LEU A 130 -10.19 1.98 -31.62
C LEU A 130 -11.59 1.44 -31.35
N VAL A 131 -11.69 0.19 -30.91
CA VAL A 131 -12.99 -0.40 -30.62
C VAL A 131 -13.67 0.36 -29.47
N LEU A 132 -12.92 0.67 -28.42
CA LEU A 132 -13.51 1.39 -27.30
C LEU A 132 -13.86 2.83 -27.70
N LEU A 133 -13.06 3.45 -28.56
CA LEU A 133 -13.36 4.81 -29.01
C LEU A 133 -14.47 4.82 -30.05
N TYR A 134 -14.53 3.82 -30.91
CA TYR A 134 -15.46 3.83 -32.04
C TYR A 134 -16.54 2.77 -31.87
N GLY A 135 -17.04 2.61 -30.65
CA GLY A 135 -17.99 1.55 -30.37
C GLY A 135 -19.41 2.00 -30.14
N GLU A 136 -19.91 2.93 -30.96
CA GLU A 136 -21.31 3.32 -30.90
C GLU A 136 -22.01 3.34 -32.24
N HIS A 137 -21.31 3.64 -33.34
CA HIS A 137 -21.95 3.64 -34.65
C HIS A 137 -22.30 2.23 -35.11
N PHE A 138 -21.38 1.28 -34.94
CA PHE A 138 -21.68 -0.13 -35.09
C PHE A 138 -21.59 -0.85 -33.76
N GLY A 139 -21.65 -0.13 -32.65
CA GLY A 139 -21.15 -0.59 -31.38
C GLY A 139 -22.08 -1.52 -30.61
N MET A 140 -22.18 -1.26 -29.31
CA MET A 140 -22.67 -2.23 -28.35
C MET A 140 -23.57 -1.48 -27.37
N SER A 141 -23.91 -2.12 -26.25
CA SER A 141 -24.61 -1.43 -25.18
C SER A 141 -23.68 -0.45 -24.47
N LEU A 142 -24.16 0.77 -24.27
CA LEU A 142 -23.34 1.83 -23.68
C LEU A 142 -23.04 1.60 -22.20
N SER A 143 -23.43 0.46 -21.65
CA SER A 143 -23.07 0.06 -20.29
C SER A 143 -21.96 -0.97 -20.24
N GLY A 144 -21.90 -1.87 -21.22
CA GLY A 144 -20.85 -2.87 -21.23
C GLY A 144 -19.47 -2.29 -21.47
N LEU A 145 -19.34 -1.37 -22.43
CA LEU A 145 -18.05 -0.76 -22.70
C LEU A 145 -17.55 0.05 -21.52
N LEU A 146 -18.45 0.74 -20.82
CA LEU A 146 -18.03 1.50 -19.66
C LEU A 146 -17.37 0.60 -18.62
N THR A 147 -18.02 -0.52 -18.28
CA THR A 147 -17.46 -1.44 -17.30
C THR A 147 -16.17 -2.07 -17.80
N PHE A 148 -16.16 -2.53 -19.06
CA PHE A 148 -14.98 -3.19 -19.60
C PHE A 148 -13.78 -2.25 -19.62
N GLY A 149 -13.97 -1.04 -20.15
CA GLY A 149 -12.89 -0.08 -20.19
C GLY A 149 -12.46 0.38 -18.81
N GLY A 150 -13.41 0.50 -17.89
CA GLY A 150 -13.03 0.85 -16.53
C GLY A 150 -12.15 -0.20 -15.88
N ILE A 151 -12.52 -1.47 -16.02
CA ILE A 151 -11.71 -2.55 -15.47
C ILE A 151 -10.33 -2.56 -16.12
N GLY A 152 -10.28 -2.46 -17.45
CA GLY A 152 -9.00 -2.50 -18.14
C GLY A 152 -8.10 -1.35 -17.75
N GLY A 153 -8.65 -0.13 -17.75
CA GLY A 153 -7.88 1.03 -17.38
C GLY A 153 -7.43 1.02 -15.94
N LEU A 154 -8.27 0.51 -15.04
CA LEU A 154 -7.89 0.40 -13.64
C LEU A 154 -6.73 -0.57 -13.46
N ALA A 155 -6.80 -1.73 -14.12
CA ALA A 155 -5.70 -2.70 -14.04
C ALA A 155 -4.43 -2.11 -14.64
N VAL A 156 -4.54 -1.44 -15.80
CA VAL A 156 -3.36 -0.85 -16.43
C VAL A 156 -2.80 0.27 -15.55
N GLY A 157 -3.67 1.03 -14.91
CA GLY A 157 -3.21 2.12 -14.07
C GLY A 157 -2.40 1.65 -12.88
N MET A 158 -2.88 0.62 -12.19
CA MET A 158 -2.04 0.12 -11.09
C MET A 158 -0.84 -0.68 -11.58
N ALA A 159 -0.91 -1.29 -12.76
CA ALA A 159 0.22 -2.08 -13.24
C ALA A 159 1.40 -1.22 -13.67
N GLY A 160 1.16 -0.04 -14.23
CA GLY A 160 2.21 0.81 -14.74
C GLY A 160 2.62 1.97 -13.86
N LYS A 161 2.40 1.90 -12.55
CA LYS A 161 2.69 3.04 -11.68
C LYS A 161 4.20 3.32 -11.61
N ASP A 162 5.02 2.28 -11.49
CA ASP A 162 6.45 2.48 -11.27
C ASP A 162 7.13 3.07 -12.50
N ILE A 163 6.79 2.56 -13.69
CA ILE A 163 7.40 3.06 -14.91
C ILE A 163 7.09 4.53 -15.11
N LEU A 164 5.85 4.93 -14.89
CA LEU A 164 5.49 6.34 -15.05
C LEU A 164 6.07 7.20 -13.94
N SER A 165 6.20 6.67 -12.73
CA SER A 165 6.78 7.43 -11.63
C SER A 165 8.25 7.73 -11.91
N ASN A 166 8.97 6.78 -12.51
CA ASN A 166 10.37 7.05 -12.86
C ASN A 166 10.49 8.22 -13.84
N PHE A 167 9.62 8.26 -14.85
CA PHE A 167 9.69 9.35 -15.82
C PHE A 167 9.25 10.68 -15.23
N PHE A 168 8.26 10.65 -14.33
CA PHE A 168 7.85 11.88 -13.66
C PHE A 168 9.00 12.44 -12.81
N SER A 169 9.69 11.56 -12.08
CA SER A 169 10.85 12.00 -11.32
C SER A 169 11.97 12.47 -12.23
N GLY A 170 12.08 11.90 -13.43
CA GLY A 170 13.05 12.41 -14.39
C GLY A 170 12.74 13.82 -14.83
N ILE A 171 11.47 14.12 -15.10
CA ILE A 171 11.07 15.48 -15.43
C ILE A 171 11.37 16.42 -14.27
N MET A 172 11.05 15.99 -13.05
CA MET A 172 11.34 16.80 -11.87
C MET A 172 12.84 17.09 -11.75
N LEU A 173 13.67 16.07 -11.98
CA LEU A 173 15.11 16.25 -11.94
C LEU A 173 15.58 17.21 -13.04
N TYR A 174 14.92 17.16 -14.20
CA TYR A 174 15.25 18.11 -15.26
C TYR A 174 14.98 19.54 -14.82
N PHE A 175 13.86 19.77 -14.13
CA PHE A 175 13.53 21.12 -13.72
C PHE A 175 14.22 21.54 -12.42
N ASP A 176 14.28 20.67 -11.43
CA ASP A 176 14.85 21.00 -10.12
C ASP A 176 15.79 19.85 -9.73
N ARG A 177 17.10 20.06 -9.92
CA ARG A 177 18.07 19.02 -9.65
C ARG A 177 18.98 19.41 -8.50
N PRO A 178 19.16 18.55 -7.51
CA PRO A 178 20.05 18.86 -6.38
C PRO A 178 21.52 18.55 -6.64
N PHE A 179 21.88 18.13 -7.84
CA PHE A 179 23.27 17.81 -8.15
C PHE A 179 23.51 18.08 -9.63
N SER A 180 24.77 17.95 -10.03
CA SER A 180 25.17 18.18 -11.41
C SER A 180 26.12 17.07 -11.83
N ILE A 181 26.48 17.09 -13.11
CA ILE A 181 27.40 16.08 -13.65
C ILE A 181 28.77 16.25 -13.01
N GLY A 182 29.33 15.15 -12.53
CA GLY A 182 30.62 15.16 -11.88
C GLY A 182 30.59 15.31 -10.37
N ASP A 183 29.40 15.43 -9.78
CA ASP A 183 29.30 15.57 -8.34
C ASP A 183 29.30 14.23 -7.65
N TRP A 184 30.08 14.12 -6.58
CA TRP A 184 30.07 12.93 -5.74
C TRP A 184 28.90 13.03 -4.77
N ILE A 185 27.98 12.08 -4.84
CA ILE A 185 26.75 12.11 -4.06
C ILE A 185 26.66 10.86 -3.21
N ARG A 186 25.76 10.91 -2.22
CA ARG A 186 25.64 9.86 -1.23
C ARG A 186 24.24 9.91 -0.63
N SER A 187 23.88 8.85 0.09
CA SER A 187 22.58 8.80 0.76
C SER A 187 22.65 7.90 1.97
N PRO A 188 22.11 8.34 3.12
CA PRO A 188 22.08 7.47 4.30
C PRO A 188 21.01 6.40 4.25
N ASP A 189 20.12 6.42 3.26
CA ASP A 189 19.03 5.45 3.17
C ASP A 189 19.32 4.30 2.20
N ARG A 190 19.96 4.59 1.06
CA ARG A 190 20.25 3.58 0.06
C ARG A 190 21.70 3.71 -0.37
N ASN A 191 22.20 2.67 -1.04
CA ASN A 191 23.58 2.65 -1.53
C ASN A 191 23.58 3.18 -2.96
N ILE A 192 23.90 4.46 -3.11
CA ILE A 192 23.97 5.11 -4.42
C ILE A 192 25.27 5.88 -4.53
N GLU A 193 26.24 5.57 -3.67
CA GLU A 193 27.45 6.36 -3.58
C GLU A 193 28.26 6.31 -4.87
N GLY A 194 28.76 7.46 -5.29
CA GLY A 194 29.54 7.57 -6.49
C GLY A 194 29.49 8.98 -7.04
N THR A 195 30.04 9.14 -8.24
CA THR A 195 30.01 10.42 -8.93
C THR A 195 29.05 10.34 -10.11
N VAL A 196 28.23 11.38 -10.24
CA VAL A 196 27.19 11.39 -11.27
C VAL A 196 27.85 11.44 -12.64
N ALA A 197 27.43 10.55 -13.53
CA ALA A 197 27.92 10.49 -14.91
C ALA A 197 26.89 10.90 -15.93
N GLU A 198 25.64 10.49 -15.77
CA GLU A 198 24.59 10.85 -16.71
C GLU A 198 23.26 10.95 -15.99
N ILE A 199 22.44 11.90 -16.43
CA ILE A 199 21.09 12.09 -15.90
C ILE A 199 20.11 11.91 -17.04
N GLY A 200 19.31 10.84 -16.97
CA GLY A 200 18.37 10.51 -18.01
C GLY A 200 16.92 10.68 -17.58
N TRP A 201 16.02 10.35 -18.50
CA TRP A 201 14.60 10.48 -18.24
C TRP A 201 14.08 9.37 -17.34
N ARG A 202 14.70 8.20 -17.36
CA ARG A 202 14.26 7.06 -16.56
C ARG A 202 15.23 6.72 -15.44
N ILE A 203 16.52 6.65 -15.72
CA ILE A 203 17.51 6.27 -14.71
C ILE A 203 18.67 7.25 -14.75
N THR A 204 19.41 7.29 -13.65
CA THR A 204 20.62 8.08 -13.51
C THR A 204 21.81 7.14 -13.45
N LYS A 205 22.84 7.43 -14.25
CA LYS A 205 24.04 6.61 -14.30
C LYS A 205 25.15 7.26 -13.47
N ILE A 206 25.70 6.47 -12.54
CA ILE A 206 26.67 6.95 -11.56
C ILE A 206 27.89 6.04 -11.61
N THR A 207 29.08 6.62 -11.59
CA THR A 207 30.32 5.86 -11.55
C THR A 207 30.71 5.61 -10.11
N THR A 208 30.79 4.34 -9.71
CA THR A 208 31.18 4.01 -8.35
C THR A 208 32.68 4.21 -8.16
N PHE A 209 33.13 4.03 -6.93
CA PHE A 209 34.53 4.28 -6.60
C PHE A 209 35.44 3.09 -6.89
N ASP A 210 34.87 1.97 -7.35
CA ASP A 210 35.67 0.88 -7.91
C ASP A 210 35.54 0.82 -9.43
N ASN A 211 35.16 1.93 -10.06
CA ASN A 211 35.12 2.08 -11.52
C ASN A 211 34.10 1.13 -12.14
N ARG A 212 32.88 1.14 -11.61
CA ARG A 212 31.78 0.38 -12.17
C ARG A 212 30.57 1.28 -12.37
N PRO A 213 29.78 1.04 -13.40
CA PRO A 213 28.55 1.82 -13.60
C PRO A 213 27.40 1.29 -12.75
N LEU A 214 26.62 2.23 -12.22
CA LEU A 214 25.46 1.92 -11.40
C LEU A 214 24.27 2.71 -11.93
N TYR A 215 23.15 2.04 -12.14
CA TYR A 215 21.96 2.67 -12.69
C TYR A 215 20.91 2.76 -11.59
N VAL A 216 20.49 3.98 -11.29
CA VAL A 216 19.58 4.26 -10.18
C VAL A 216 18.25 4.74 -10.76
N PRO A 217 17.13 4.10 -10.43
CA PRO A 217 15.84 4.63 -10.89
C PRO A 217 15.60 6.03 -10.34
N ASN A 218 14.99 6.87 -11.18
CA ASN A 218 14.83 8.28 -10.83
C ASN A 218 13.90 8.49 -9.65
N SER A 219 12.89 7.63 -9.48
CA SER A 219 11.92 7.80 -8.40
C SER A 219 12.57 7.81 -7.02
N LEU A 220 13.71 7.12 -6.86
CA LEU A 220 14.40 7.13 -5.58
C LEU A 220 14.76 8.53 -5.14
N PHE A 221 15.02 9.43 -6.09
CA PHE A 221 15.38 10.81 -5.74
C PHE A 221 14.18 11.63 -5.31
N SER A 222 13.01 11.02 -5.15
CA SER A 222 11.83 11.71 -4.67
C SER A 222 11.42 11.28 -3.26
N SER A 223 12.12 10.31 -2.66
CA SER A 223 11.74 9.80 -1.36
C SER A 223 12.90 9.61 -0.38
N ILE A 224 14.14 9.82 -0.80
CA ILE A 224 15.29 9.62 0.07
C ILE A 224 16.07 10.92 0.19
N SER A 225 16.84 11.02 1.25
CA SER A 225 17.72 12.17 1.44
C SER A 225 19.02 11.97 0.67
N VAL A 226 19.48 13.03 0.01
CA VAL A 226 20.67 12.98 -0.82
C VAL A 226 21.70 13.92 -0.21
N GLU A 227 22.89 13.38 0.05
CA GLU A 227 24.01 14.16 0.54
C GLU A 227 24.99 14.41 -0.61
N ASN A 228 25.62 15.58 -0.61
CA ASN A 228 26.51 15.99 -1.70
C ASN A 228 27.88 16.31 -1.12
N PRO A 229 28.70 15.29 -0.86
CA PRO A 229 30.08 15.55 -0.41
C PRO A 229 30.91 16.31 -1.44
N GLY A 230 30.51 16.29 -2.72
CA GLY A 230 31.23 17.03 -3.73
C GLY A 230 31.14 18.54 -3.58
N ARG A 231 30.27 19.03 -2.70
CA ARG A 231 30.14 20.46 -2.42
C ARG A 231 30.57 20.79 -0.99
N MET A 232 31.37 19.95 -0.36
CA MET A 232 31.84 20.20 0.99
C MET A 232 32.76 21.41 1.03
N THR A 233 32.82 22.06 2.19
CA THR A 233 33.71 23.20 2.39
C THR A 233 34.97 22.84 3.15
N ASN A 234 34.94 21.79 3.96
CA ASN A 234 36.10 21.38 4.75
C ASN A 234 36.08 19.87 4.91
N ARG A 235 37.23 19.32 5.27
CA ARG A 235 37.36 17.92 5.63
C ARG A 235 37.62 17.81 7.12
N ARG A 236 36.92 16.88 7.77
CA ARG A 236 36.94 16.77 9.22
C ARG A 236 37.94 15.71 9.67
N ILE A 237 38.65 15.99 10.76
CA ILE A 237 39.53 15.04 11.42
C ILE A 237 38.98 14.79 12.82
N THR A 238 38.62 13.55 13.09
CA THR A 238 38.12 13.15 14.41
C THR A 238 38.84 11.88 14.83
N THR A 239 39.27 11.84 16.09
CA THR A 239 39.97 10.66 16.60
C THR A 239 39.81 10.60 18.12
N THR A 240 40.23 9.48 18.69
CA THR A 240 40.17 9.24 20.13
C THR A 240 41.53 8.76 20.62
N ILE A 241 42.03 9.39 21.67
CA ILE A 241 43.28 8.99 22.31
C ILE A 241 42.92 8.24 23.59
N GLY A 242 43.31 6.98 23.65
CA GLY A 242 43.02 6.17 24.83
C GLY A 242 44.24 5.98 25.71
N LEU A 243 44.25 6.61 26.87
CA LEU A 243 45.37 6.54 27.79
C LEU A 243 45.10 5.51 28.89
N ARG A 244 46.17 5.01 29.49
CA ARG A 244 46.04 4.04 30.57
C ARG A 244 45.43 4.69 31.80
N TYR A 245 44.74 3.88 32.60
CA TYR A 245 44.11 4.38 33.82
C TYR A 245 45.12 4.91 34.82
N GLU A 246 46.38 4.48 34.72
CA GLU A 246 47.43 4.97 35.59
C GLU A 246 48.03 6.30 35.12
N ASP A 247 47.55 6.83 33.99
CA ASP A 247 47.99 8.11 33.46
C ASP A 247 46.99 9.22 33.76
N ALA A 248 46.19 9.05 34.82
CA ALA A 248 45.17 10.02 35.15
C ALA A 248 45.74 11.35 35.63
N ALA A 249 46.97 11.36 36.12
CA ALA A 249 47.60 12.58 36.60
C ALA A 249 48.18 13.44 35.49
N LYS A 250 48.19 12.95 34.25
CA LYS A 250 48.77 13.67 33.13
C LYS A 250 47.75 14.01 32.06
N VAL A 251 46.45 13.84 32.33
CA VAL A 251 45.43 14.09 31.30
C VAL A 251 45.40 15.57 30.93
N GLY A 252 45.45 16.46 31.92
CA GLY A 252 45.30 17.89 31.65
C GLY A 252 46.42 18.45 30.80
N VAL A 253 47.66 18.11 31.14
CA VAL A 253 48.81 18.64 30.40
C VAL A 253 48.81 18.09 28.98
N ILE A 254 48.47 16.82 28.81
CA ILE A 254 48.42 16.24 27.46
C ILE A 254 47.33 16.92 26.64
N VAL A 255 46.17 17.16 27.25
CA VAL A 255 45.08 17.83 26.53
C VAL A 255 45.52 19.22 26.11
N GLU A 256 46.16 19.97 27.00
CA GLU A 256 46.62 21.32 26.67
C GLU A 256 47.66 21.29 25.56
N ALA A 257 48.60 20.34 25.61
CA ALA A 257 49.62 20.25 24.59
C ALA A 257 49.02 19.92 23.23
N VAL A 258 48.07 18.98 23.18
CA VAL A 258 47.44 18.64 21.92
C VAL A 258 46.65 19.81 21.38
N ARG A 259 45.93 20.53 22.25
CA ARG A 259 45.17 21.69 21.81
C ARG A 259 46.09 22.77 21.23
N GLU A 260 47.22 23.03 21.89
CA GLU A 260 48.15 24.02 21.37
C GLU A 260 48.74 23.60 20.04
N MET A 261 49.09 22.31 19.91
CA MET A 261 49.61 21.81 18.65
C MET A 261 48.60 21.97 17.52
N LEU A 262 47.34 21.64 17.79
CA LEU A 262 46.31 21.81 16.77
C LEU A 262 46.09 23.28 16.43
N LYS A 263 46.16 24.17 17.42
CA LYS A 263 45.99 25.59 17.17
C LYS A 263 47.15 26.19 16.37
N ASN A 264 48.35 25.64 16.48
CA ASN A 264 49.49 26.16 15.73
C ASN A 264 49.79 25.42 14.44
N HIS A 265 48.97 24.45 14.06
CA HIS A 265 49.24 23.67 12.86
C HIS A 265 48.81 24.46 11.62
N PRO A 266 49.68 24.61 10.62
CA PRO A 266 49.33 25.44 9.45
C PRO A 266 48.22 24.85 8.60
N ALA A 267 47.92 23.57 8.71
CA ALA A 267 46.93 22.92 7.85
C ALA A 267 45.54 22.88 8.45
N ILE A 268 45.34 23.44 9.64
CA ILE A 268 44.06 23.35 10.35
C ILE A 268 43.34 24.68 10.21
N ASP A 269 42.04 24.61 9.90
CA ASP A 269 41.21 25.79 9.79
C ASP A 269 40.82 26.26 11.18
N GLN A 270 41.24 27.47 11.54
CA GLN A 270 41.03 28.00 12.88
C GLN A 270 39.69 28.69 13.05
N ARG A 271 38.89 28.82 11.98
CA ARG A 271 37.57 29.42 12.07
C ARG A 271 36.47 28.40 12.27
N GLN A 272 36.80 27.12 12.35
CA GLN A 272 35.83 26.05 12.53
C GLN A 272 35.96 25.47 13.94
N THR A 273 35.19 24.40 14.19
CA THR A 273 35.21 23.76 15.50
C THR A 273 36.57 23.14 15.77
N LEU A 274 37.03 23.26 17.03
CA LEU A 274 38.31 22.70 17.45
C LEU A 274 38.17 22.31 18.92
N LEU A 275 37.97 21.03 19.18
CA LEU A 275 37.71 20.53 20.52
C LEU A 275 38.70 19.44 20.88
N VAL A 276 39.31 19.56 22.05
CA VAL A 276 40.19 18.53 22.63
C VAL A 276 39.83 18.42 24.10
N TYR A 277 39.14 17.35 24.49
CA TYR A 277 38.69 17.20 25.86
C TYR A 277 38.68 15.73 26.25
N PHE A 278 38.83 15.48 27.56
CA PHE A 278 38.70 14.16 28.14
C PHE A 278 37.23 13.95 28.49
N ASN A 279 36.58 12.97 27.85
CA ASN A 279 35.13 12.88 27.95
C ASN A 279 34.59 11.46 28.08
N GLN A 280 35.41 10.46 28.40
CA GLN A 280 34.86 9.10 28.46
C GLN A 280 35.72 8.20 29.33
N PHE A 281 35.06 7.48 30.23
CA PHE A 281 35.65 6.36 30.97
C PHE A 281 35.38 5.10 30.15
N ALA A 282 36.38 4.62 29.43
CA ALA A 282 36.22 3.40 28.66
C ALA A 282 36.50 2.19 29.54
N ASP A 283 36.37 1.00 28.95
CA ASP A 283 36.57 -0.23 29.72
C ASP A 283 38.00 -0.37 30.20
N SER A 284 38.97 -0.02 29.36
CA SER A 284 40.38 -0.20 29.69
C SER A 284 41.19 1.08 29.57
N SER A 285 40.56 2.23 29.31
CA SER A 285 41.32 3.44 29.03
C SER A 285 40.46 4.67 29.35
N LEU A 286 41.14 5.80 29.47
CA LEU A 286 40.51 7.11 29.56
C LEU A 286 40.60 7.75 28.18
N ASN A 287 39.46 8.18 27.64
CA ASN A 287 39.40 8.61 26.24
C ASN A 287 39.38 10.13 26.13
N ILE A 288 40.17 10.64 25.19
CA ILE A 288 40.23 12.05 24.86
C ILE A 288 39.82 12.23 23.42
N MET A 289 38.82 13.07 23.17
CA MET A 289 38.33 13.30 21.83
C MET A 289 39.12 14.40 21.13
N VAL A 290 39.34 14.23 19.83
CA VAL A 290 39.98 15.24 18.99
C VAL A 290 39.06 15.49 17.80
N TYR A 291 38.77 16.76 17.53
CA TYR A 291 37.72 17.15 16.59
C TYR A 291 38.14 18.46 15.95
N CYS A 292 38.48 18.44 14.67
CA CYS A 292 38.95 19.64 13.99
C CYS A 292 38.66 19.54 12.50
N PHE A 293 39.02 20.57 11.76
CA PHE A 293 38.79 20.66 10.32
C PHE A 293 40.07 21.12 9.63
N THR A 294 40.21 20.74 8.36
CA THR A 294 41.31 21.18 7.52
C THR A 294 40.82 22.20 6.50
N LYS A 295 41.75 23.07 6.07
CA LYS A 295 41.39 24.06 5.06
C LYS A 295 41.10 23.40 3.72
N THR A 296 41.88 22.40 3.34
CA THR A 296 41.76 21.78 2.04
C THR A 296 40.58 20.81 2.00
N THR A 297 40.14 20.51 0.78
CA THR A 297 39.14 19.48 0.53
C THR A 297 39.65 18.38 -0.37
N VAL A 298 40.94 18.39 -0.70
CA VAL A 298 41.52 17.38 -1.57
C VAL A 298 41.80 16.11 -0.77
N TRP A 299 41.58 14.96 -1.39
CA TRP A 299 41.70 13.68 -0.70
C TRP A 299 43.12 13.45 -0.18
N ALA A 300 44.11 13.57 -1.08
CA ALA A 300 45.47 13.25 -0.69
C ALA A 300 46.03 14.25 0.31
N GLU A 301 45.74 15.54 0.12
CA GLU A 301 46.22 16.55 1.05
C GLU A 301 45.61 16.37 2.44
N TRP A 302 44.31 16.07 2.49
CA TRP A 302 43.66 15.81 3.77
C TRP A 302 44.27 14.59 4.46
N LEU A 303 44.52 13.53 3.70
CA LEU A 303 45.13 12.34 4.29
C LEU A 303 46.53 12.62 4.82
N ALA A 304 47.32 13.40 4.06
CA ALA A 304 48.67 13.73 4.52
C ALA A 304 48.64 14.58 5.80
N ALA A 305 47.73 15.56 5.85
CA ALA A 305 47.60 16.36 7.06
C ALA A 305 47.17 15.51 8.25
N GLN A 306 46.24 14.58 8.03
CA GLN A 306 45.81 13.69 9.10
C GLN A 306 46.96 12.84 9.61
N GLN A 307 47.78 12.30 8.70
CA GLN A 307 48.92 11.49 9.11
C GLN A 307 49.91 12.32 9.92
N ASP A 308 50.19 13.55 9.48
CA ASP A 308 51.09 14.43 10.23
C ASP A 308 50.55 14.70 11.63
N VAL A 309 49.25 14.98 11.73
CA VAL A 309 48.64 15.25 13.04
C VAL A 309 48.75 14.02 13.93
N TYR A 310 48.50 12.84 13.38
CA TYR A 310 48.57 11.62 14.17
C TYR A 310 49.98 11.37 14.70
N LEU A 311 50.99 11.57 13.86
CA LEU A 311 52.37 11.37 14.31
C LEU A 311 52.73 12.38 15.39
N LYS A 312 52.32 13.64 15.24
CA LYS A 312 52.58 14.64 16.26
C LYS A 312 51.88 14.28 17.58
N ILE A 313 50.66 13.74 17.49
CA ILE A 313 49.94 13.32 18.69
C ILE A 313 50.69 12.20 19.40
N ILE A 314 51.19 11.23 18.63
CA ILE A 314 51.96 10.14 19.23
C ILE A 314 53.19 10.69 19.96
N ASP A 315 53.91 11.61 19.32
CA ASP A 315 55.09 12.19 19.95
C ASP A 315 54.73 12.94 21.22
N ILE A 316 53.65 13.73 21.18
CA ILE A 316 53.24 14.49 22.36
C ILE A 316 52.88 13.56 23.51
N VAL A 317 52.13 12.51 23.21
CA VAL A 317 51.71 11.57 24.26
C VAL A 317 52.92 10.89 24.87
N GLN A 318 53.86 10.44 24.04
CA GLN A 318 55.00 9.71 24.56
C GLN A 318 56.03 10.60 25.25
N SER A 319 56.05 11.90 24.96
CA SER A 319 57.01 12.77 25.60
C SER A 319 56.62 13.16 27.03
N HIS A 320 55.38 12.92 27.43
CA HIS A 320 54.89 13.28 28.76
C HIS A 320 54.91 12.10 29.72
N GLY A 321 55.42 10.95 29.29
CA GLY A 321 55.50 9.79 30.15
C GLY A 321 54.29 8.88 30.12
N ALA A 322 53.25 9.22 29.38
CA ALA A 322 52.07 8.38 29.26
C ALA A 322 52.26 7.36 28.15
N ASP A 323 51.23 6.55 27.91
CA ASP A 323 51.28 5.55 26.86
C ASP A 323 49.86 5.15 26.47
N PHE A 324 49.73 4.61 25.27
CA PHE A 324 48.44 4.11 24.81
C PHE A 324 48.10 2.79 25.49
N ALA A 325 46.81 2.53 25.62
CA ALA A 325 46.33 1.39 26.39
C ALA A 325 45.84 0.29 25.48
N PHE A 326 46.33 -0.92 25.71
CA PHE A 326 45.77 -2.13 25.13
C PHE A 326 44.53 -2.55 25.91
N PRO A 327 43.68 -3.39 25.32
CA PRO A 327 42.62 -4.02 26.12
C PRO A 327 43.22 -4.76 27.31
N SER A 328 42.61 -4.56 28.48
CA SER A 328 43.19 -5.05 29.73
C SER A 328 42.20 -5.94 30.46
N GLN A 329 42.75 -6.81 31.31
CA GLN A 329 41.95 -7.73 32.09
C GLN A 329 42.65 -8.01 33.41
N THR A 330 41.86 -8.39 34.41
CA THR A 330 42.36 -8.83 35.70
C THR A 330 42.03 -10.30 35.86
N LEU A 331 43.05 -11.11 36.12
CA LEU A 331 42.90 -12.56 36.18
C LEU A 331 43.10 -13.04 37.61
N TYR A 332 42.15 -13.82 38.10
CA TYR A 332 42.24 -14.46 39.41
C TYR A 332 42.48 -15.94 39.20
N MET A 333 43.55 -16.46 39.78
CA MET A 333 43.96 -17.85 39.57
C MET A 333 43.61 -18.69 40.80
N ASP A 334 43.23 -19.93 40.55
CA ASP A 334 42.89 -20.87 41.62
C ASP A 334 44.07 -21.11 42.54
N GLU B 4 -46.40 -9.47 -55.70
CA GLU B 4 -46.05 -9.46 -57.12
C GLU B 4 -44.63 -9.97 -57.34
N LEU B 5 -44.15 -9.87 -58.58
CA LEU B 5 -42.81 -10.30 -58.94
C LEU B 5 -41.92 -9.13 -59.36
N PHE B 6 -42.36 -8.34 -60.36
CA PHE B 6 -41.58 -7.19 -60.78
C PHE B 6 -41.64 -6.07 -59.76
N THR B 7 -42.84 -5.77 -59.25
CA THR B 7 -42.98 -4.72 -58.24
C THR B 7 -42.26 -5.09 -56.96
N ASN B 8 -42.36 -6.35 -56.53
CA ASN B 8 -41.65 -6.79 -55.33
C ASN B 8 -40.13 -6.68 -55.51
N ASN B 9 -39.63 -7.06 -56.68
CA ASN B 9 -38.20 -6.94 -56.94
C ASN B 9 -37.76 -5.48 -56.96
N ALA B 10 -38.57 -4.60 -57.54
CA ALA B 10 -38.24 -3.19 -57.57
C ALA B 10 -38.22 -2.59 -56.16
N LEU B 11 -39.19 -2.98 -55.34
CA LEU B 11 -39.25 -2.47 -53.96
C LEU B 11 -38.17 -3.07 -53.08
N ASN B 12 -37.67 -4.27 -53.41
CA ASN B 12 -36.65 -4.91 -52.60
C ASN B 12 -35.33 -4.15 -52.65
N LEU B 13 -35.02 -3.51 -53.77
CA LEU B 13 -33.79 -2.75 -53.98
C LEU B 13 -32.61 -3.72 -53.83
N VAL B 14 -31.54 -3.37 -53.11
CA VAL B 14 -30.38 -4.23 -52.98
C VAL B 14 -30.44 -5.11 -51.74
N ILE B 15 -31.49 -4.99 -50.93
CA ILE B 15 -31.60 -5.82 -49.74
C ILE B 15 -31.75 -7.29 -50.13
N ILE B 16 -32.59 -7.58 -51.12
CA ILE B 16 -32.79 -8.96 -51.56
C ILE B 16 -31.51 -9.51 -52.17
N PHE B 17 -30.81 -8.71 -52.97
CA PHE B 17 -29.55 -9.15 -53.57
C PHE B 17 -28.45 -9.36 -52.54
N GLY B 18 -28.64 -8.88 -51.30
CA GLY B 18 -27.67 -9.15 -50.26
C GLY B 18 -27.48 -10.63 -49.99
N SER B 19 -28.58 -11.38 -50.04
CA SER B 19 -28.49 -12.83 -49.84
C SER B 19 -27.65 -13.49 -50.93
N CYS B 20 -27.85 -13.09 -52.19
CA CYS B 20 -27.06 -13.65 -53.28
C CYS B 20 -25.59 -13.26 -53.15
N ALA B 21 -25.33 -12.00 -52.79
CA ALA B 21 -23.95 -11.56 -52.60
C ALA B 21 -23.28 -12.34 -51.47
N ALA B 22 -24.02 -12.60 -50.39
CA ALA B 22 -23.48 -13.36 -49.27
C ALA B 22 -23.26 -14.82 -49.66
N LEU B 23 -24.12 -15.38 -50.50
CA LEU B 23 -23.89 -16.73 -51.00
C LEU B 23 -22.62 -16.79 -51.84
N ILE B 24 -22.39 -15.77 -52.69
CA ILE B 24 -21.16 -15.71 -53.46
C ILE B 24 -19.96 -15.59 -52.53
N LEU B 25 -20.08 -14.78 -51.48
CA LEU B 25 -18.99 -14.64 -50.52
C LEU B 25 -18.72 -15.95 -49.79
N MET B 26 -19.77 -16.70 -49.46
CA MET B 26 -19.60 -18.00 -48.82
C MET B 26 -18.93 -18.99 -49.75
N SER B 27 -19.27 -18.96 -51.03
CA SER B 27 -18.58 -19.80 -52.01
C SER B 27 -17.10 -19.42 -52.10
N PHE B 28 -16.81 -18.11 -52.09
CA PHE B 28 -15.42 -17.66 -52.11
C PHE B 28 -14.67 -18.12 -50.86
N TRP B 29 -15.32 -18.06 -49.69
CA TRP B 29 -14.70 -18.53 -48.46
C TRP B 29 -14.49 -20.02 -48.49
N PHE B 30 -15.38 -20.76 -49.15
CA PHE B 30 -15.12 -22.19 -49.39
C PHE B 30 -13.88 -22.36 -50.26
N ARG B 31 -13.73 -21.52 -51.28
CA ARG B 31 -12.47 -21.43 -52.00
C ARG B 31 -11.39 -20.73 -51.19
N ARG B 32 -11.78 -19.97 -50.17
CA ARG B 32 -10.89 -19.32 -49.21
C ARG B 32 -9.97 -18.27 -49.86
N GLY B 33 -10.31 -17.84 -51.07
CA GLY B 33 -9.59 -16.75 -51.72
C GLY B 33 -8.11 -17.00 -51.94
N ASN B 34 -7.27 -16.27 -51.19
CA ASN B 34 -5.83 -16.32 -51.42
C ASN B 34 -5.26 -17.71 -51.13
N ARG B 35 -5.67 -18.32 -50.02
CA ARG B 35 -5.13 -19.62 -49.63
C ARG B 35 -6.23 -20.43 -48.95
N LYS B 36 -6.28 -21.72 -49.29
CA LYS B 36 -7.31 -22.63 -48.75
C LYS B 36 -6.89 -23.03 -47.33
N ARG B 37 -7.16 -22.13 -46.39
CA ARG B 37 -6.86 -22.35 -44.99
C ARG B 37 -8.02 -21.87 -44.15
N LYS B 38 -8.00 -22.23 -42.86
CA LYS B 38 -9.05 -21.83 -41.94
C LYS B 38 -8.45 -21.70 -40.54
N GLY B 39 -9.16 -20.97 -39.69
CA GLY B 39 -8.71 -20.74 -38.33
C GLY B 39 -8.74 -19.29 -37.91
N PHE B 40 -9.35 -19.02 -36.74
CA PHE B 40 -9.39 -17.68 -36.17
C PHE B 40 -10.07 -16.68 -37.11
N LEU B 41 -9.26 -15.96 -37.90
CA LEU B 41 -9.79 -14.90 -38.74
C LEU B 41 -10.84 -15.41 -39.73
N PHE B 42 -10.72 -16.67 -40.17
CA PHE B 42 -11.73 -17.23 -41.06
C PHE B 42 -13.09 -17.28 -40.38
N HIS B 43 -13.14 -17.82 -39.16
CA HIS B 43 -14.38 -17.82 -38.41
C HIS B 43 -14.86 -16.41 -38.13
N ALA B 44 -13.94 -15.47 -37.91
CA ALA B 44 -14.33 -14.09 -37.65
C ALA B 44 -15.04 -13.48 -38.86
N VAL B 45 -14.45 -13.63 -40.05
CA VAL B 45 -15.07 -13.05 -41.24
C VAL B 45 -16.36 -13.77 -41.58
N GLN B 46 -16.43 -15.09 -41.35
CA GLN B 46 -17.68 -15.81 -41.56
C GLN B 46 -18.79 -15.30 -40.64
N PHE B 47 -18.46 -15.10 -39.35
CA PHE B 47 -19.44 -14.54 -38.44
C PHE B 47 -19.85 -13.13 -38.88
N LEU B 48 -18.89 -12.36 -39.38
CA LEU B 48 -19.20 -11.00 -39.84
C LEU B 48 -20.19 -11.02 -41.01
N ILE B 49 -19.97 -11.90 -41.99
CA ILE B 49 -20.86 -11.85 -43.14
C ILE B 49 -22.19 -12.52 -42.80
N TYR B 50 -22.22 -13.42 -41.82
CA TYR B 50 -23.51 -13.89 -41.30
C TYR B 50 -24.28 -12.76 -40.64
N THR B 51 -23.60 -11.92 -39.87
CA THR B 51 -24.27 -10.74 -39.29
C THR B 51 -24.77 -9.81 -40.38
N ILE B 52 -24.00 -9.67 -41.46
CA ILE B 52 -24.46 -8.87 -42.59
C ILE B 52 -25.71 -9.48 -43.21
N ILE B 53 -25.74 -10.81 -43.33
CA ILE B 53 -26.92 -11.51 -43.83
C ILE B 53 -28.14 -11.15 -43.00
N ILE B 54 -28.00 -11.25 -41.67
CA ILE B 54 -29.13 -10.99 -40.79
C ILE B 54 -29.54 -9.53 -40.86
N SER B 55 -28.57 -8.62 -40.96
CA SER B 55 -28.90 -7.19 -41.09
C SER B 55 -29.69 -6.92 -42.35
N ALA B 56 -29.29 -7.53 -43.48
CA ALA B 56 -30.03 -7.38 -44.71
C ALA B 56 -31.43 -7.99 -44.61
N VAL B 57 -31.54 -9.16 -43.97
CA VAL B 57 -32.84 -9.81 -43.80
C VAL B 57 -33.77 -8.95 -42.96
N GLY B 58 -33.21 -8.19 -42.00
CA GLY B 58 -34.03 -7.29 -41.22
C GLY B 58 -34.76 -6.28 -42.08
N SER B 59 -34.04 -5.62 -42.99
CA SER B 59 -34.68 -4.67 -43.90
C SER B 59 -35.58 -5.39 -44.90
N ILE B 60 -35.20 -6.60 -45.32
CA ILE B 60 -36.04 -7.36 -46.24
C ILE B 60 -37.42 -7.59 -45.63
N ILE B 61 -37.47 -8.06 -44.39
CA ILE B 61 -38.75 -8.29 -43.74
C ILE B 61 -39.41 -6.99 -43.32
N ASN B 62 -38.64 -5.93 -43.10
CA ASN B 62 -39.24 -4.62 -42.83
C ASN B 62 -40.03 -4.11 -44.03
N TYR B 63 -39.54 -4.39 -45.24
CA TYR B 63 -40.26 -3.93 -46.43
C TYR B 63 -41.48 -4.80 -46.72
N VAL B 64 -41.46 -6.07 -46.32
CA VAL B 64 -42.56 -6.99 -46.65
C VAL B 64 -43.85 -6.53 -45.99
N ILE B 65 -43.80 -6.23 -44.70
CA ILE B 65 -45.02 -5.82 -44.01
C ILE B 65 -45.33 -4.34 -44.23
N GLU B 66 -44.41 -3.58 -44.83
CA GLU B 66 -44.70 -2.20 -45.15
C GLU B 66 -45.35 -2.03 -46.52
N ASN B 67 -45.05 -2.93 -47.47
CA ASN B 67 -45.59 -2.80 -48.82
C ASN B 67 -46.80 -3.70 -49.08
N TYR B 68 -47.08 -4.67 -48.20
CA TYR B 68 -48.27 -5.51 -48.35
C TYR B 68 -49.29 -5.29 -47.25
N LYS B 69 -48.90 -5.48 -45.99
CA LYS B 69 -49.80 -5.33 -44.86
C LYS B 69 -49.02 -5.36 -43.55
N LEU B 70 -49.34 -4.46 -42.62
CA LEU B 70 -48.60 -4.41 -41.36
C LEU B 70 -48.76 -5.69 -40.56
N LYS B 71 -49.98 -6.24 -40.53
CA LYS B 71 -50.28 -7.52 -39.87
C LYS B 71 -49.95 -7.38 -38.38
N PHE B 72 -49.23 -8.34 -37.77
CA PHE B 72 -48.98 -8.32 -36.34
C PHE B 72 -47.55 -8.75 -36.01
N ILE B 73 -46.58 -8.40 -36.87
CA ILE B 73 -45.22 -8.91 -36.69
C ILE B 73 -44.57 -8.30 -35.46
N THR B 74 -44.85 -7.01 -35.17
CA THR B 74 -44.22 -6.30 -34.05
C THR B 74 -42.70 -6.42 -34.12
N PRO B 75 -42.03 -5.67 -35.01
CA PRO B 75 -40.62 -5.92 -35.33
C PRO B 75 -39.67 -6.00 -34.13
N GLY B 76 -40.15 -5.62 -32.95
CA GLY B 76 -39.36 -5.83 -31.75
C GLY B 76 -38.99 -7.29 -31.56
N VAL B 77 -39.96 -8.20 -31.79
CA VAL B 77 -39.68 -9.61 -31.60
C VAL B 77 -38.71 -10.14 -32.65
N ILE B 78 -38.80 -9.66 -33.89
CA ILE B 78 -37.89 -10.19 -34.91
C ILE B 78 -36.47 -9.67 -34.69
N ASP B 79 -36.32 -8.42 -34.21
CA ASP B 79 -34.97 -7.98 -33.90
C ASP B 79 -34.43 -8.68 -32.65
N PHE B 80 -35.30 -9.01 -31.70
CA PHE B 80 -34.86 -9.84 -30.58
C PHE B 80 -34.39 -11.20 -31.06
N ILE B 81 -35.11 -11.80 -32.00
CA ILE B 81 -34.73 -13.10 -32.54
C ILE B 81 -33.41 -13.00 -33.29
N CYS B 82 -33.21 -11.94 -34.06
CA CYS B 82 -31.96 -11.78 -34.79
C CYS B 82 -30.79 -11.61 -33.84
N THR B 83 -30.96 -10.82 -32.77
CA THR B 83 -29.91 -10.68 -31.78
C THR B 83 -29.62 -12.01 -31.10
N SER B 84 -30.66 -12.79 -30.80
CA SER B 84 -30.46 -14.10 -30.19
C SER B 84 -29.68 -15.02 -31.12
N LEU B 85 -30.00 -15.00 -32.41
CA LEU B 85 -29.27 -15.83 -33.37
C LEU B 85 -27.81 -15.40 -33.47
N ILE B 86 -27.57 -14.08 -33.47
CA ILE B 86 -26.19 -13.59 -33.51
C ILE B 86 -25.43 -14.05 -32.28
N ALA B 87 -26.05 -13.96 -31.11
CA ALA B 87 -25.41 -14.44 -29.89
C ALA B 87 -25.11 -15.92 -29.96
N VAL B 88 -26.06 -16.71 -30.48
CA VAL B 88 -25.88 -18.15 -30.56
C VAL B 88 -24.70 -18.50 -31.46
N ILE B 89 -24.65 -17.87 -32.65
CA ILE B 89 -23.57 -18.20 -33.58
C ILE B 89 -22.23 -17.74 -33.05
N LEU B 90 -22.19 -16.57 -32.38
CA LEU B 90 -20.94 -16.11 -31.78
C LEU B 90 -20.47 -17.06 -30.70
N THR B 91 -21.39 -17.53 -29.84
CA THR B 91 -21.01 -18.48 -28.80
C THR B 91 -20.51 -19.78 -29.40
N ILE B 92 -21.17 -20.26 -30.46
CA ILE B 92 -20.74 -21.51 -31.10
C ILE B 92 -19.33 -21.35 -31.67
N LYS B 93 -19.07 -20.22 -32.35
CA LYS B 93 -17.75 -20.00 -32.93
C LYS B 93 -16.68 -19.94 -31.84
N LEU B 94 -16.94 -19.20 -30.77
CA LEU B 94 -15.97 -19.09 -29.69
C LEU B 94 -15.72 -20.45 -29.03
N PHE B 95 -16.80 -21.22 -28.81
CA PHE B 95 -16.65 -22.53 -28.19
C PHE B 95 -15.82 -23.45 -29.06
N LEU B 96 -16.05 -23.44 -30.37
CA LEU B 96 -15.26 -24.30 -31.26
C LEU B 96 -13.80 -23.84 -31.29
N LEU B 97 -13.56 -22.53 -31.26
CA LEU B 97 -12.19 -22.04 -31.26
C LEU B 97 -11.44 -22.49 -30.01
N ILE B 98 -12.06 -22.33 -28.84
CA ILE B 98 -11.37 -22.74 -27.62
C ILE B 98 -11.29 -24.26 -27.51
N ASN B 99 -12.22 -24.98 -28.13
CA ASN B 99 -12.09 -26.44 -28.18
C ASN B 99 -10.90 -26.86 -29.02
N GLN B 100 -10.69 -26.20 -30.16
CA GLN B 100 -9.50 -26.46 -30.96
C GLN B 100 -8.24 -26.13 -30.17
N PHE B 101 -8.27 -25.03 -29.42
CA PHE B 101 -7.16 -24.70 -28.53
C PHE B 101 -6.92 -25.80 -27.50
N GLU B 102 -7.99 -26.39 -26.98
CA GLU B 102 -7.87 -27.38 -25.92
C GLU B 102 -7.23 -28.66 -26.46
N LYS B 103 -7.71 -29.14 -27.61
CA LYS B 103 -7.05 -30.30 -28.23
C LYS B 103 -5.63 -29.98 -28.66
N GLN B 104 -5.34 -28.73 -29.06
CA GLN B 104 -3.97 -28.35 -29.34
C GLN B 104 -3.10 -28.53 -28.09
N GLN B 105 -3.60 -28.06 -26.94
CA GLN B 105 -2.86 -28.22 -25.69
C GLN B 105 -2.67 -29.69 -25.35
N ILE B 106 -3.70 -30.51 -25.55
CA ILE B 106 -3.58 -31.94 -25.27
C ILE B 106 -2.52 -32.56 -26.16
N LYS B 107 -2.54 -32.25 -27.46
CA LYS B 107 -1.58 -32.84 -28.39
C LYS B 107 -0.16 -32.40 -28.06
N LYS B 108 -0.01 -31.19 -27.51
CA LYS B 108 1.31 -30.76 -27.07
C LYS B 108 1.86 -31.67 -25.98
N GLY B 109 0.98 -32.30 -25.21
CA GLY B 109 1.39 -33.19 -24.13
C GLY B 109 1.25 -32.54 -22.79
N ARG B 110 0.15 -32.84 -22.08
CA ARG B 110 -0.15 -32.19 -20.82
C ARG B 110 -1.26 -32.99 -20.13
N ASP B 111 -1.37 -32.82 -18.83
CA ASP B 111 -2.40 -33.51 -18.06
C ASP B 111 -3.78 -33.14 -18.58
N ILE B 112 -4.64 -34.15 -18.71
CA ILE B 112 -5.96 -33.93 -19.30
C ILE B 112 -6.84 -33.09 -18.38
N THR B 113 -6.80 -33.36 -17.07
CA THR B 113 -7.65 -32.64 -16.13
C THR B 113 -7.34 -31.15 -16.13
N SER B 114 -6.05 -30.79 -16.17
CA SER B 114 -5.68 -29.38 -16.22
C SER B 114 -6.20 -28.72 -17.49
N ALA B 115 -6.12 -29.42 -18.62
CA ALA B 115 -6.66 -28.88 -19.87
C ALA B 115 -8.16 -28.66 -19.78
N ARG B 116 -8.88 -29.62 -19.20
CA ARG B 116 -10.33 -29.44 -19.02
C ARG B 116 -10.62 -28.24 -18.13
N ILE B 117 -9.87 -28.09 -17.04
CA ILE B 117 -10.12 -26.98 -16.13
C ILE B 117 -9.84 -25.64 -16.81
N MET B 118 -8.75 -25.55 -17.56
CA MET B 118 -8.45 -24.31 -18.28
C MET B 118 -9.52 -24.01 -19.31
N SER B 119 -10.00 -25.03 -20.03
CA SER B 119 -11.06 -24.82 -21.00
C SER B 119 -12.33 -24.30 -20.32
N ARG B 120 -12.64 -24.83 -19.16
CA ARG B 120 -13.78 -24.34 -18.45
C ARG B 120 -13.55 -22.89 -18.16
N ILE B 121 -12.45 -22.59 -17.50
CA ILE B 121 -12.19 -21.22 -17.08
C ILE B 121 -12.41 -20.26 -18.25
N ILE B 122 -11.88 -20.61 -19.43
CA ILE B 122 -12.06 -19.77 -20.60
C ILE B 122 -13.54 -19.69 -20.98
N LYS B 123 -14.26 -20.81 -20.87
CA LYS B 123 -15.69 -20.82 -21.16
C LYS B 123 -16.43 -19.81 -20.29
N ILE B 124 -16.24 -19.89 -18.97
CA ILE B 124 -16.95 -18.99 -18.06
C ILE B 124 -16.53 -17.54 -18.28
N THR B 125 -15.24 -17.30 -18.49
CA THR B 125 -14.79 -15.93 -18.72
C THR B 125 -15.42 -15.35 -19.98
N ILE B 126 -15.44 -16.11 -21.07
CA ILE B 126 -16.04 -15.63 -22.31
C ILE B 126 -17.53 -15.40 -22.14
N ILE B 127 -18.21 -16.30 -21.43
CA ILE B 127 -19.65 -16.14 -21.21
C ILE B 127 -19.93 -14.86 -20.43
N VAL B 128 -19.14 -14.61 -19.38
CA VAL B 128 -19.36 -13.40 -18.57
C VAL B 128 -19.08 -12.15 -19.40
N VAL B 129 -18.00 -12.16 -20.18
CA VAL B 129 -17.68 -11.00 -21.00
C VAL B 129 -18.78 -10.72 -22.01
N LEU B 130 -19.28 -11.77 -22.66
CA LEU B 130 -20.35 -11.60 -23.64
C LEU B 130 -21.64 -11.10 -22.97
N VAL B 131 -21.96 -11.63 -21.79
CA VAL B 131 -23.16 -11.19 -21.10
C VAL B 131 -23.06 -9.71 -20.73
N LEU B 132 -21.91 -9.29 -20.24
CA LEU B 132 -21.75 -7.88 -19.87
C LEU B 132 -21.75 -6.99 -21.11
N LEU B 133 -21.18 -7.47 -22.22
CA LEU B 133 -21.18 -6.69 -23.46
C LEU B 133 -22.54 -6.71 -24.14
N TYR B 134 -23.25 -7.84 -24.08
CA TYR B 134 -24.47 -8.01 -24.84
C TYR B 134 -25.69 -8.07 -23.92
N GLY B 135 -25.70 -7.22 -22.90
CA GLY B 135 -26.75 -7.29 -21.90
C GLY B 135 -27.76 -6.16 -21.94
N GLU B 136 -28.20 -5.76 -23.13
CA GLU B 136 -29.26 -4.78 -23.26
C GLU B 136 -30.38 -5.18 -24.19
N HIS B 137 -30.10 -5.94 -25.26
CA HIS B 137 -31.16 -6.38 -26.17
C HIS B 137 -32.09 -7.39 -25.52
N PHE B 138 -31.54 -8.38 -24.81
CA PHE B 138 -32.31 -9.23 -23.94
C PHE B 138 -31.94 -9.00 -22.47
N GLY B 139 -31.34 -7.86 -22.16
CA GLY B 139 -30.57 -7.69 -20.94
C GLY B 139 -31.37 -7.40 -19.70
N MET B 140 -30.87 -6.45 -18.93
CA MET B 140 -31.24 -6.28 -17.52
C MET B 140 -31.40 -4.79 -17.26
N SER B 141 -31.47 -4.41 -16.00
CA SER B 141 -31.44 -3.00 -15.64
C SER B 141 -30.05 -2.42 -15.84
N LEU B 142 -29.98 -1.27 -16.51
CA LEU B 142 -28.71 -0.64 -16.85
C LEU B 142 -27.96 -0.10 -15.64
N SER B 143 -28.45 -0.35 -14.44
CA SER B 143 -27.74 -0.01 -13.21
C SER B 143 -27.10 -1.21 -12.53
N GLY B 144 -27.72 -2.39 -12.64
CA GLY B 144 -27.13 -3.57 -12.04
C GLY B 144 -25.84 -4.01 -12.70
N LEU B 145 -25.81 -4.01 -14.03
CA LEU B 145 -24.60 -4.42 -14.74
C LEU B 145 -23.45 -3.47 -14.47
N LEU B 146 -23.74 -2.16 -14.37
CA LEU B 146 -22.68 -1.22 -14.08
C LEU B 146 -22.00 -1.56 -12.75
N THR B 147 -22.79 -1.76 -11.69
CA THR B 147 -22.22 -2.08 -10.39
C THR B 147 -21.51 -3.43 -10.42
N PHE B 148 -22.13 -4.44 -11.02
CA PHE B 148 -21.53 -5.78 -11.04
C PHE B 148 -20.20 -5.76 -11.78
N GLY B 149 -20.18 -5.19 -12.97
CA GLY B 149 -18.95 -5.11 -13.74
C GLY B 149 -17.90 -4.25 -13.08
N GLY B 150 -18.32 -3.16 -12.42
CA GLY B 150 -17.36 -2.35 -11.70
C GLY B 150 -16.69 -3.11 -10.57
N ILE B 151 -17.47 -3.84 -9.79
CA ILE B 151 -16.91 -4.64 -8.70
C ILE B 151 -15.97 -5.70 -9.25
N GLY B 152 -16.41 -6.41 -10.30
CA GLY B 152 -15.57 -7.47 -10.86
C GLY B 152 -14.28 -6.94 -11.44
N GLY B 153 -14.36 -5.86 -12.22
CA GLY B 153 -13.18 -5.29 -12.81
C GLY B 153 -12.24 -4.68 -11.78
N LEU B 154 -12.79 -4.11 -10.71
CA LEU B 154 -11.95 -3.57 -9.65
C LEU B 154 -11.19 -4.68 -8.93
N ALA B 155 -11.88 -5.78 -8.61
CA ALA B 155 -11.21 -6.91 -7.98
C ALA B 155 -10.15 -7.51 -8.90
N VAL B 156 -10.48 -7.67 -10.18
CA VAL B 156 -9.51 -8.23 -11.13
C VAL B 156 -8.33 -7.28 -11.31
N GLY B 157 -8.59 -5.97 -11.29
CA GLY B 157 -7.51 -5.01 -11.47
C GLY B 157 -6.50 -5.05 -10.33
N MET B 158 -6.98 -5.09 -9.09
CA MET B 158 -6.00 -5.21 -8.01
C MET B 158 -5.40 -6.62 -7.90
N ALA B 159 -6.12 -7.65 -8.33
CA ALA B 159 -5.58 -9.00 -8.22
C ALA B 159 -4.46 -9.27 -9.20
N GLY B 160 -4.50 -8.69 -10.40
CA GLY B 160 -3.50 -8.96 -11.43
C GLY B 160 -2.44 -7.90 -11.61
N LYS B 161 -2.15 -7.09 -10.59
CA LYS B 161 -1.20 -6.00 -10.75
C LYS B 161 0.23 -6.51 -11.00
N ASP B 162 0.64 -7.54 -10.26
CA ASP B 162 2.03 -7.99 -10.34
C ASP B 162 2.34 -8.64 -11.68
N ILE B 163 1.42 -9.48 -12.17
CA ILE B 163 1.63 -10.16 -13.45
C ILE B 163 1.77 -9.15 -14.57
N LEU B 164 0.91 -8.14 -14.60
CA LEU B 164 0.98 -7.13 -15.64
C LEU B 164 2.20 -6.24 -15.48
N SER B 165 2.60 -5.95 -14.24
CA SER B 165 3.78 -5.12 -14.01
C SER B 165 5.04 -5.82 -14.52
N ASN B 166 5.13 -7.13 -14.36
CA ASN B 166 6.29 -7.86 -14.89
C ASN B 166 6.39 -7.70 -16.40
N PHE B 167 5.26 -7.81 -17.11
CA PHE B 167 5.29 -7.70 -18.57
C PHE B 167 5.57 -6.27 -19.00
N PHE B 168 5.05 -5.28 -18.27
CA PHE B 168 5.35 -3.89 -18.59
C PHE B 168 6.85 -3.61 -18.43
N SER B 169 7.45 -4.12 -17.35
CA SER B 169 8.88 -3.98 -17.18
C SER B 169 9.66 -4.74 -18.24
N GLY B 170 9.10 -5.86 -18.73
CA GLY B 170 9.73 -6.55 -19.84
C GLY B 170 9.75 -5.72 -21.11
N ILE B 171 8.65 -5.04 -21.41
CA ILE B 171 8.62 -4.14 -22.56
C ILE B 171 9.63 -3.01 -22.38
N MET B 172 9.68 -2.44 -21.18
CA MET B 172 10.65 -1.39 -20.90
C MET B 172 12.09 -1.88 -21.11
N LEU B 173 12.39 -3.09 -20.64
CA LEU B 173 13.71 -3.67 -20.84
C LEU B 173 14.00 -3.88 -22.31
N TYR B 174 12.97 -4.26 -23.09
CA TYR B 174 13.15 -4.40 -24.52
C TYR B 174 13.54 -3.08 -25.16
N PHE B 175 12.91 -1.98 -24.73
CA PHE B 175 13.23 -0.70 -25.35
C PHE B 175 14.47 -0.02 -24.74
N ASP B 176 14.61 -0.06 -23.41
CA ASP B 176 15.72 0.61 -22.73
C ASP B 176 16.31 -0.39 -21.73
N ARG B 177 17.42 -1.01 -22.09
CA ARG B 177 18.05 -2.03 -21.26
C ARG B 177 19.40 -1.56 -20.76
N PRO B 178 19.65 -1.66 -19.45
CA PRO B 178 20.96 -1.25 -18.91
C PRO B 178 22.03 -2.33 -18.98
N PHE B 179 21.74 -3.47 -19.60
CA PHE B 179 22.72 -4.54 -19.70
C PHE B 179 22.44 -5.33 -20.97
N SER B 180 23.35 -6.27 -21.28
CA SER B 180 23.23 -7.11 -22.45
C SER B 180 23.53 -8.55 -22.08
N ILE B 181 23.36 -9.45 -23.05
CA ILE B 181 23.62 -10.86 -22.82
C ILE B 181 25.11 -11.07 -22.56
N GLY B 182 25.42 -11.80 -21.49
CA GLY B 182 26.79 -12.05 -21.11
C GLY B 182 27.38 -11.09 -20.11
N ASP B 183 26.63 -10.08 -19.68
CA ASP B 183 27.14 -9.12 -18.73
C ASP B 183 26.97 -9.61 -17.31
N TRP B 184 28.02 -9.47 -16.51
CA TRP B 184 27.96 -9.76 -15.09
C TRP B 184 27.35 -8.55 -14.37
N ILE B 185 26.21 -8.77 -13.71
CA ILE B 185 25.47 -7.69 -13.08
C ILE B 185 25.32 -7.98 -11.59
N ARG B 186 24.93 -6.95 -10.85
CA ARG B 186 24.87 -7.01 -9.40
C ARG B 186 23.91 -5.93 -8.90
N SER B 187 23.54 -6.03 -7.63
CA SER B 187 22.65 -5.04 -7.03
C SER B 187 22.89 -4.97 -5.53
N PRO B 188 23.01 -3.78 -4.96
CA PRO B 188 23.15 -3.66 -3.50
C PRO B 188 21.86 -3.86 -2.72
N ASP B 189 20.72 -3.96 -3.40
CA ASP B 189 19.43 -4.11 -2.74
C ASP B 189 18.94 -5.55 -2.68
N ARG B 190 19.14 -6.33 -3.74
CA ARG B 190 18.68 -7.71 -3.80
C ARG B 190 19.82 -8.59 -4.30
N ASN B 191 19.65 -9.90 -4.12
CA ASN B 191 20.64 -10.88 -4.55
C ASN B 191 20.27 -11.34 -5.95
N ILE B 192 20.90 -10.75 -6.96
CA ILE B 192 20.66 -11.09 -8.36
C ILE B 192 22.00 -11.31 -9.06
N GLU B 193 23.07 -11.51 -8.29
CA GLU B 193 24.41 -11.54 -8.85
C GLU B 193 24.59 -12.71 -9.81
N GLY B 194 25.24 -12.44 -10.93
CA GLY B 194 25.48 -13.45 -11.93
C GLY B 194 25.68 -12.80 -13.29
N THR B 195 25.74 -13.65 -14.31
CA THR B 195 25.87 -13.19 -15.69
C THR B 195 24.56 -13.43 -16.43
N VAL B 196 24.13 -12.42 -17.18
CA VAL B 196 22.84 -12.49 -17.87
C VAL B 196 22.89 -13.56 -18.94
N ALA B 197 21.90 -14.44 -18.94
CA ALA B 197 21.78 -15.50 -19.93
C ALA B 197 20.63 -15.30 -20.89
N GLU B 198 19.47 -14.86 -20.41
CA GLU B 198 18.32 -14.64 -21.27
C GLU B 198 17.49 -13.49 -20.72
N ILE B 199 16.91 -12.70 -21.63
CA ILE B 199 16.01 -11.62 -21.28
C ILE B 199 14.67 -11.90 -21.92
N GLY B 200 13.65 -12.16 -21.09
CA GLY B 200 12.33 -12.50 -21.55
C GLY B 200 11.30 -11.42 -21.24
N TRP B 201 10.06 -11.72 -21.63
CA TRP B 201 8.97 -10.77 -21.44
C TRP B 201 8.51 -10.73 -19.98
N ARG B 202 8.67 -11.81 -19.25
CA ARG B 202 8.23 -11.89 -17.85
C ARG B 202 9.38 -11.95 -16.87
N ILE B 203 10.37 -12.80 -17.11
CA ILE B 203 11.50 -12.98 -16.19
C ILE B 203 12.80 -12.93 -16.97
N THR B 204 13.87 -12.65 -16.25
CA THR B 204 15.23 -12.65 -16.77
C THR B 204 15.98 -13.83 -16.17
N LYS B 205 16.66 -14.60 -17.02
CA LYS B 205 17.41 -15.77 -16.58
C LYS B 205 18.88 -15.42 -16.49
N ILE B 206 19.47 -15.69 -15.32
CA ILE B 206 20.84 -15.29 -15.00
C ILE B 206 21.59 -16.53 -14.49
N THR B 207 22.81 -16.72 -14.96
CA THR B 207 23.64 -17.82 -14.49
C THR B 207 24.47 -17.36 -13.31
N THR B 208 24.28 -18.00 -12.16
CA THR B 208 25.03 -17.64 -10.97
C THR B 208 26.47 -18.15 -11.07
N PHE B 209 27.27 -17.79 -10.08
CA PHE B 209 28.69 -18.14 -10.11
C PHE B 209 28.97 -19.54 -9.57
N ASP B 210 27.95 -20.26 -9.11
CA ASP B 210 28.08 -21.68 -8.83
C ASP B 210 27.36 -22.52 -9.88
N ASN B 211 27.15 -21.95 -11.07
CA ASN B 211 26.59 -22.66 -12.22
C ASN B 211 25.16 -23.13 -11.96
N ARG B 212 24.32 -22.22 -11.50
CA ARG B 212 22.91 -22.48 -11.31
C ARG B 212 22.08 -21.42 -11.98
N PRO B 213 20.91 -21.77 -12.51
CA PRO B 213 20.03 -20.75 -13.10
C PRO B 213 19.20 -20.05 -12.06
N LEU B 214 19.03 -18.73 -12.25
CA LEU B 214 18.24 -17.90 -11.36
C LEU B 214 17.26 -17.09 -12.21
N TYR B 215 16.00 -17.09 -11.83
CA TYR B 215 14.95 -16.40 -12.57
C TYR B 215 14.50 -15.19 -11.76
N VAL B 216 14.65 -14.01 -12.35
CA VAL B 216 14.38 -12.75 -11.66
C VAL B 216 13.16 -12.10 -12.33
N PRO B 217 12.11 -11.77 -11.57
CA PRO B 217 10.99 -11.05 -12.18
C PRO B 217 11.44 -9.70 -12.71
N ASN B 218 10.87 -9.31 -13.86
CA ASN B 218 11.32 -8.11 -14.55
C ASN B 218 11.04 -6.84 -13.77
N SER B 219 9.95 -6.81 -12.99
CA SER B 219 9.58 -5.60 -12.27
C SER B 219 10.67 -5.14 -11.31
N LEU B 220 11.51 -6.06 -10.80
CA LEU B 220 12.60 -5.67 -9.92
C LEU B 220 13.53 -4.68 -10.59
N PHE B 221 13.68 -4.76 -11.91
CA PHE B 221 14.57 -3.84 -12.62
C PHE B 221 13.97 -2.45 -12.79
N SER B 222 12.82 -2.19 -12.18
CA SER B 222 12.21 -0.87 -12.22
C SER B 222 12.26 -0.16 -10.87
N SER B 223 12.78 -0.80 -9.82
CA SER B 223 12.79 -0.20 -8.49
C SER B 223 14.10 -0.35 -7.74
N ILE B 224 15.09 -1.07 -8.27
CA ILE B 224 16.35 -1.27 -7.58
C ILE B 224 17.48 -0.75 -8.43
N SER B 225 18.60 -0.46 -7.79
CA SER B 225 19.80 -0.03 -8.48
C SER B 225 20.56 -1.25 -9.00
N VAL B 226 21.05 -1.15 -10.24
CA VAL B 226 21.74 -2.25 -10.90
C VAL B 226 23.16 -1.81 -11.17
N GLU B 227 24.13 -2.60 -10.69
CA GLU B 227 25.54 -2.37 -10.94
C GLU B 227 26.01 -3.35 -12.01
N ASN B 228 26.94 -2.90 -12.85
CA ASN B 228 27.42 -3.68 -13.99
C ASN B 228 28.94 -3.82 -13.88
N PRO B 229 29.42 -4.76 -13.06
CA PRO B 229 30.87 -5.02 -13.01
C PRO B 229 31.43 -5.53 -14.32
N GLY B 230 30.59 -6.05 -15.21
CA GLY B 230 31.06 -6.50 -16.51
C GLY B 230 31.53 -5.39 -17.42
N ARG B 231 31.27 -4.13 -17.06
CA ARG B 231 31.73 -2.98 -17.82
C ARG B 231 32.75 -2.16 -17.04
N MET B 232 33.42 -2.76 -16.07
CA MET B 232 34.43 -2.05 -15.28
C MET B 232 35.63 -1.70 -16.15
N THR B 233 36.33 -0.64 -15.75
CA THR B 233 37.54 -0.23 -16.44
C THR B 233 38.82 -0.65 -15.73
N ASN B 234 38.76 -0.87 -14.42
CA ASN B 234 39.94 -1.27 -13.65
C ASN B 234 39.50 -2.15 -12.50
N ARG B 235 40.46 -2.89 -11.95
CA ARG B 235 40.25 -3.66 -10.73
C ARG B 235 41.01 -3.02 -9.59
N ARG B 236 40.36 -2.90 -8.44
CA ARG B 236 40.90 -2.16 -7.30
C ARG B 236 41.59 -3.11 -6.33
N ILE B 237 42.71 -2.65 -5.77
CA ILE B 237 43.43 -3.33 -4.70
C ILE B 237 43.41 -2.43 -3.48
N THR B 238 42.80 -2.91 -2.40
CA THR B 238 42.75 -2.19 -1.14
C THR B 238 43.13 -3.14 -0.02
N THR B 239 43.97 -2.66 0.90
CA THR B 239 44.39 -3.48 2.03
C THR B 239 44.82 -2.58 3.18
N THR B 240 45.04 -3.21 4.33
CA THR B 240 45.46 -2.52 5.54
C THR B 240 46.68 -3.22 6.13
N ILE B 241 47.71 -2.46 6.45
CA ILE B 241 48.92 -2.97 7.08
C ILE B 241 48.85 -2.57 8.55
N GLY B 242 48.80 -3.55 9.44
CA GLY B 242 48.76 -3.27 10.86
C GLY B 242 50.08 -3.50 11.55
N LEU B 243 50.74 -2.42 11.96
CA LEU B 243 52.04 -2.51 12.61
C LEU B 243 51.90 -2.44 14.12
N ARG B 244 52.90 -2.95 14.83
CA ARG B 244 52.89 -2.91 16.28
C ARG B 244 53.04 -1.47 16.78
N TYR B 245 52.49 -1.20 17.96
CA TYR B 245 52.57 0.12 18.55
C TYR B 245 54.00 0.54 18.84
N GLU B 246 54.92 -0.42 18.97
CA GLU B 246 56.33 -0.14 19.20
C GLU B 246 57.08 0.16 17.91
N ASP B 247 56.40 0.11 16.76
CA ASP B 247 56.99 0.43 15.47
C ASP B 247 56.61 1.83 15.00
N ALA B 248 56.27 2.71 15.94
CA ALA B 248 55.83 4.05 15.59
C ALA B 248 56.94 4.91 14.98
N ALA B 249 58.19 4.58 15.26
CA ALA B 249 59.31 5.35 14.73
C ALA B 249 59.66 4.99 13.30
N LYS B 250 59.04 3.94 12.73
CA LYS B 250 59.34 3.50 11.38
C LYS B 250 58.15 3.62 10.44
N VAL B 251 57.08 4.31 10.84
CA VAL B 251 55.89 4.40 9.99
C VAL B 251 56.19 5.18 8.72
N GLY B 252 56.90 6.29 8.83
CA GLY B 252 57.13 7.14 7.66
C GLY B 252 57.95 6.47 6.59
N VAL B 253 59.04 5.83 6.98
CA VAL B 253 59.92 5.18 6.00
C VAL B 253 59.21 4.02 5.33
N ILE B 254 58.43 3.25 6.11
CA ILE B 254 57.68 2.14 5.54
C ILE B 254 56.64 2.65 4.54
N VAL B 255 55.95 3.74 4.90
CA VAL B 255 54.95 4.32 4.00
C VAL B 255 55.62 4.77 2.70
N GLU B 256 56.75 5.44 2.81
CA GLU B 256 57.46 5.91 1.61
C GLU B 256 57.91 4.74 0.74
N ALA B 257 58.45 3.69 1.37
CA ALA B 257 58.91 2.53 0.61
C ALA B 257 57.76 1.84 -0.11
N VAL B 258 56.62 1.67 0.56
CA VAL B 258 55.47 1.04 -0.07
C VAL B 258 54.95 1.90 -1.21
N ARG B 259 54.91 3.23 -1.02
CA ARG B 259 54.46 4.11 -2.09
C ARG B 259 55.37 4.03 -3.30
N GLU B 260 56.69 4.02 -3.08
CA GLU B 260 57.62 3.91 -4.20
C GLU B 260 57.47 2.58 -4.92
N MET B 261 57.31 1.48 -4.16
CA MET B 261 57.11 0.18 -4.77
C MET B 261 55.85 0.15 -5.63
N LEU B 262 54.76 0.72 -5.12
CA LEU B 262 53.53 0.77 -5.91
C LEU B 262 53.69 1.64 -7.15
N LYS B 263 54.41 2.75 -7.03
CA LYS B 263 54.64 3.63 -8.18
C LYS B 263 55.51 2.99 -9.24
N ASN B 264 56.42 2.08 -8.88
CA ASN B 264 57.29 1.45 -9.85
C ASN B 264 56.81 0.08 -10.30
N HIS B 265 55.64 -0.37 -9.86
CA HIS B 265 55.16 -1.69 -10.23
C HIS B 265 54.57 -1.66 -11.64
N PRO B 266 54.99 -2.57 -12.53
CA PRO B 266 54.50 -2.52 -13.91
C PRO B 266 53.02 -2.85 -14.07
N ALA B 267 52.39 -3.46 -13.08
CA ALA B 267 51.00 -3.89 -13.20
C ALA B 267 50.00 -2.88 -12.63
N ILE B 268 50.47 -1.74 -12.14
CA ILE B 268 49.62 -0.76 -11.48
C ILE B 268 49.36 0.40 -12.43
N ASP B 269 48.10 0.81 -12.52
CA ASP B 269 47.72 1.94 -13.35
C ASP B 269 48.07 3.24 -12.63
N GLN B 270 48.97 4.03 -13.22
CA GLN B 270 49.47 5.24 -12.59
C GLN B 270 48.59 6.45 -12.85
N ARG B 271 47.54 6.33 -13.65
CA ARG B 271 46.63 7.43 -13.92
C ARG B 271 45.42 7.42 -13.00
N GLN B 272 45.32 6.46 -12.09
CA GLN B 272 44.21 6.35 -11.16
C GLN B 272 44.67 6.71 -9.75
N THR B 273 43.77 6.53 -8.79
CA THR B 273 44.08 6.84 -7.40
C THR B 273 45.16 5.91 -6.87
N LEU B 274 46.08 6.49 -6.06
CA LEU B 274 47.17 5.71 -5.47
C LEU B 274 47.48 6.36 -4.12
N LEU B 275 47.00 5.77 -3.04
CA LEU B 275 47.13 6.34 -1.71
C LEU B 275 47.77 5.32 -0.77
N VAL B 276 48.79 5.77 -0.04
CA VAL B 276 49.43 4.99 1.02
C VAL B 276 49.66 5.93 2.19
N TYR B 277 48.87 5.79 3.25
CA TYR B 277 48.96 6.70 4.39
C TYR B 277 48.63 5.97 5.67
N PHE B 278 49.19 6.46 6.77
CA PHE B 278 48.86 6.00 8.11
C PHE B 278 47.66 6.79 8.61
N ASN B 279 46.54 6.11 8.86
CA ASN B 279 45.29 6.82 9.10
C ASN B 279 44.42 6.24 10.21
N GLN B 280 44.93 5.35 11.06
CA GLN B 280 44.04 4.78 12.06
C GLN B 280 44.84 4.25 13.25
N PHE B 281 44.37 4.62 14.45
CA PHE B 281 44.80 4.01 15.70
C PHE B 281 43.84 2.86 16.00
N ALA B 282 44.28 1.63 15.73
CA ALA B 282 43.46 0.48 16.01
C ALA B 282 43.65 0.04 17.46
N ASP B 283 42.92 -1.01 17.86
CA ASP B 283 42.99 -1.47 19.24
C ASP B 283 44.37 -2.00 19.58
N SER B 284 45.00 -2.73 18.66
CA SER B 284 46.28 -3.37 18.92
C SER B 284 47.36 -3.00 17.91
N SER B 285 47.07 -2.09 16.98
CA SER B 285 48.01 -1.81 15.91
C SER B 285 47.80 -0.42 15.36
N LEU B 286 48.79 0.06 14.61
CA LEU B 286 48.70 1.29 13.83
C LEU B 286 48.46 0.88 12.39
N ASN B 287 47.41 1.42 11.78
CA ASN B 287 46.95 0.93 10.48
C ASN B 287 47.38 1.87 9.36
N ILE B 288 47.86 1.28 8.27
CA ILE B 288 48.25 2.00 7.06
C ILE B 288 47.39 1.49 5.92
N MET B 289 46.71 2.41 5.24
CA MET B 289 45.84 2.03 4.13
C MET B 289 46.61 1.96 2.82
N VAL B 290 46.25 1.00 1.98
CA VAL B 290 46.79 0.87 0.64
C VAL B 290 45.62 0.81 -0.33
N TYR B 291 45.68 1.63 -1.37
CA TYR B 291 44.53 1.88 -2.26
C TYR B 291 45.08 2.17 -3.65
N CYS B 292 44.87 1.25 -4.59
CA CYS B 292 45.40 1.44 -5.94
C CYS B 292 44.54 0.65 -6.92
N PHE B 293 44.91 0.74 -8.20
CA PHE B 293 44.18 0.09 -9.29
C PHE B 293 45.16 -0.63 -10.20
N THR B 294 44.67 -1.68 -10.86
CA THR B 294 45.44 -2.41 -11.85
C THR B 294 44.96 -2.08 -13.27
N LYS B 295 45.87 -2.22 -14.22
CA LYS B 295 45.50 -1.97 -15.62
C LYS B 295 44.51 -3.01 -16.12
N THR B 296 44.73 -4.28 -15.78
CA THR B 296 43.91 -5.37 -16.29
C THR B 296 42.57 -5.43 -15.57
N THR B 297 41.61 -6.10 -16.22
CA THR B 297 40.32 -6.41 -15.62
C THR B 297 40.07 -7.91 -15.56
N VAL B 298 41.05 -8.73 -15.90
CA VAL B 298 40.90 -10.18 -15.88
C VAL B 298 41.05 -10.68 -14.46
N TRP B 299 40.24 -11.69 -14.11
CA TRP B 299 40.19 -12.19 -12.74
C TRP B 299 41.54 -12.76 -12.30
N ALA B 300 42.09 -13.68 -13.09
CA ALA B 300 43.33 -14.35 -12.71
C ALA B 300 44.51 -13.39 -12.69
N GLU B 301 44.60 -12.52 -13.69
CA GLU B 301 45.70 -11.56 -13.74
C GLU B 301 45.65 -10.59 -12.57
N TRP B 302 44.45 -10.12 -12.23
CA TRP B 302 44.30 -9.24 -11.08
C TRP B 302 44.70 -9.95 -9.79
N LEU B 303 44.28 -11.21 -9.64
CA LEU B 303 44.65 -11.95 -8.43
C LEU B 303 46.16 -12.16 -8.34
N ALA B 304 46.80 -12.47 -9.46
CA ALA B 304 48.25 -12.66 -9.46
C ALA B 304 48.98 -11.38 -9.11
N ALA B 305 48.54 -10.25 -9.67
CA ALA B 305 49.15 -8.96 -9.34
C ALA B 305 48.96 -8.64 -7.86
N GLN B 306 47.77 -8.91 -7.32
CA GLN B 306 47.53 -8.67 -5.90
C GLN B 306 48.44 -9.52 -5.03
N GLN B 307 48.63 -10.79 -5.39
CA GLN B 307 49.52 -11.64 -4.61
C GLN B 307 50.95 -11.14 -4.66
N ASP B 308 51.42 -10.72 -5.84
CA ASP B 308 52.76 -10.18 -5.95
C ASP B 308 52.93 -8.93 -5.08
N VAL B 309 51.94 -8.03 -5.11
CA VAL B 309 52.00 -6.82 -4.30
C VAL B 309 52.04 -7.17 -2.82
N TYR B 310 51.23 -8.14 -2.40
CA TYR B 310 51.19 -8.52 -0.99
C TYR B 310 52.54 -9.08 -0.53
N LEU B 311 53.16 -9.94 -1.36
CA LEU B 311 54.46 -10.48 -0.99
C LEU B 311 55.51 -9.39 -0.91
N LYS B 312 55.50 -8.45 -1.86
CA LYS B 312 56.45 -7.35 -1.81
C LYS B 312 56.23 -6.49 -0.57
N ILE B 313 54.97 -6.28 -0.17
CA ILE B 313 54.67 -5.52 1.04
C ILE B 313 55.23 -6.22 2.27
N ILE B 314 55.06 -7.54 2.33
CA ILE B 314 55.61 -8.31 3.46
C ILE B 314 57.13 -8.13 3.53
N ASP B 315 57.79 -8.26 2.39
CA ASP B 315 59.24 -8.11 2.37
C ASP B 315 59.66 -6.71 2.80
N ILE B 316 58.97 -5.68 2.31
CA ILE B 316 59.33 -4.30 2.67
C ILE B 316 59.15 -4.08 4.17
N VAL B 317 58.04 -4.56 4.74
CA VAL B 317 57.79 -4.38 6.16
C VAL B 317 58.85 -5.08 6.98
N GLN B 318 59.20 -6.32 6.61
CA GLN B 318 60.14 -7.07 7.42
C GLN B 318 61.59 -6.61 7.24
N SER B 319 61.91 -5.93 6.14
CA SER B 319 63.28 -5.46 5.95
C SER B 319 63.61 -4.21 6.75
N HIS B 320 62.61 -3.51 7.29
CA HIS B 320 62.82 -2.29 8.04
C HIS B 320 62.82 -2.53 9.55
N GLY B 321 62.73 -3.77 9.99
CA GLY B 321 62.75 -4.09 11.40
C GLY B 321 61.40 -4.10 12.08
N ALA B 322 60.33 -3.79 11.38
CA ALA B 322 59.00 -3.80 11.95
C ALA B 322 58.41 -5.21 11.83
N ASP B 323 57.16 -5.36 12.27
CA ASP B 323 56.47 -6.64 12.19
C ASP B 323 54.97 -6.40 12.29
N PHE B 324 54.21 -7.38 11.79
CA PHE B 324 52.77 -7.33 11.88
C PHE B 324 52.31 -7.64 13.30
N ALA B 325 51.16 -7.09 13.66
CA ALA B 325 50.67 -7.15 15.03
C ALA B 325 49.54 -8.16 15.16
N PHE B 326 49.66 -9.06 16.13
CA PHE B 326 48.56 -9.90 16.56
C PHE B 326 47.65 -9.12 17.50
N PRO B 327 46.42 -9.59 17.71
CA PRO B 327 45.61 -9.01 18.79
C PRO B 327 46.35 -9.12 20.12
N SER B 328 46.34 -8.03 20.88
CA SER B 328 47.17 -7.93 22.07
C SER B 328 46.30 -7.60 23.28
N GLN B 329 46.82 -7.96 24.46
CA GLN B 329 46.13 -7.73 25.72
C GLN B 329 47.16 -7.50 26.81
N THR B 330 46.73 -6.79 27.86
CA THR B 330 47.53 -6.59 29.06
C THR B 330 46.83 -7.31 30.20
N LEU B 331 47.54 -8.19 30.87
CA LEU B 331 46.98 -9.03 31.92
C LEU B 331 47.54 -8.64 33.28
N TYR B 332 46.66 -8.39 34.23
CA TYR B 332 47.03 -8.12 35.61
C TYR B 332 46.69 -9.33 36.45
N MET B 333 47.66 -9.87 37.15
CA MET B 333 47.49 -11.09 37.92
C MET B 333 47.39 -10.78 39.41
N ASP B 334 46.57 -11.55 40.11
CA ASP B 334 46.38 -11.39 41.55
C ASP B 334 47.68 -11.61 42.31
N GLU C 4 -64.63 -14.76 -30.83
CA GLU C 4 -64.87 -15.73 -31.89
C GLU C 4 -63.89 -16.89 -31.80
N LEU C 5 -63.93 -17.77 -32.80
CA LEU C 5 -63.04 -18.93 -32.87
C LEU C 5 -62.06 -18.84 -34.03
N PHE C 6 -62.57 -18.67 -35.26
CA PHE C 6 -61.68 -18.56 -36.41
C PHE C 6 -60.98 -17.20 -36.43
N THR C 7 -61.73 -16.13 -36.18
CA THR C 7 -61.12 -14.79 -36.16
C THR C 7 -60.12 -14.66 -35.02
N ASN C 8 -60.45 -15.20 -33.84
CA ASN C 8 -59.51 -15.16 -32.71
C ASN C 8 -58.24 -15.94 -33.03
N ASN C 9 -58.38 -17.11 -33.65
CA ASN C 9 -57.21 -17.89 -34.02
C ASN C 9 -56.36 -17.15 -35.06
N ALA C 10 -57.01 -16.52 -36.03
CA ALA C 10 -56.27 -15.76 -37.04
C ALA C 10 -55.53 -14.59 -36.42
N LEU C 11 -56.17 -13.88 -35.49
CA LEU C 11 -55.52 -12.75 -34.84
C LEU C 11 -54.44 -13.17 -33.86
N ASN C 12 -54.53 -14.40 -33.32
CA ASN C 12 -53.54 -14.85 -32.36
C ASN C 12 -52.17 -15.05 -33.01
N LEU C 13 -52.13 -15.42 -34.28
CA LEU C 13 -50.89 -15.65 -35.04
C LEU C 13 -50.14 -16.79 -34.34
N VAL C 14 -48.82 -16.69 -34.14
CA VAL C 14 -48.04 -17.76 -33.54
C VAL C 14 -47.90 -17.60 -32.03
N ILE C 15 -48.46 -16.53 -31.45
CA ILE C 15 -48.36 -16.35 -30.00
C ILE C 15 -49.12 -17.45 -29.27
N ILE C 16 -50.32 -17.79 -29.74
CA ILE C 16 -51.10 -18.84 -29.10
C ILE C 16 -50.41 -20.19 -29.26
N PHE C 17 -49.85 -20.47 -30.43
CA PHE C 17 -49.13 -21.72 -30.66
C PHE C 17 -47.86 -21.82 -29.84
N GLY C 18 -47.39 -20.72 -29.25
CA GLY C 18 -46.23 -20.78 -28.39
C GLY C 18 -46.45 -21.69 -27.19
N SER C 19 -47.67 -21.67 -26.63
CA SER C 19 -47.98 -22.55 -25.51
C SER C 19 -47.88 -24.01 -25.91
N CYS C 20 -48.42 -24.37 -27.08
CA CYS C 20 -48.33 -25.76 -27.54
C CYS C 20 -46.88 -26.15 -27.82
N ALA C 21 -46.11 -25.25 -28.44
CA ALA C 21 -44.70 -25.54 -28.69
C ALA C 21 -43.94 -25.74 -27.38
N ALA C 22 -44.25 -24.93 -26.37
CA ALA C 22 -43.60 -25.06 -25.08
C ALA C 22 -44.02 -26.35 -24.38
N LEU C 23 -45.27 -26.77 -24.55
CA LEU C 23 -45.70 -28.06 -24.00
C LEU C 23 -44.95 -29.20 -24.67
N ILE C 24 -44.75 -29.12 -25.99
CA ILE C 24 -43.96 -30.13 -26.68
C ILE C 24 -42.52 -30.13 -26.17
N LEU C 25 -41.96 -28.94 -25.95
CA LEU C 25 -40.61 -28.84 -25.42
C LEU C 25 -40.51 -29.42 -24.01
N MET C 26 -41.54 -29.20 -23.19
CA MET C 26 -41.56 -29.77 -21.85
C MET C 26 -41.66 -31.29 -21.90
N SER C 27 -42.45 -31.83 -22.83
CA SER C 27 -42.49 -33.28 -23.01
C SER C 27 -41.12 -33.81 -23.44
N PHE C 28 -40.45 -33.10 -24.34
CA PHE C 28 -39.11 -33.50 -24.77
C PHE C 28 -38.12 -33.47 -23.60
N TRP C 29 -38.22 -32.44 -22.74
CA TRP C 29 -37.36 -32.35 -21.57
C TRP C 29 -37.67 -33.46 -20.58
N PHE C 30 -38.93 -33.88 -20.49
CA PHE C 30 -39.26 -35.08 -19.72
C PHE C 30 -38.58 -36.30 -20.32
N ARG C 31 -38.57 -36.40 -21.64
CA ARG C 31 -37.73 -37.39 -22.31
C ARG C 31 -36.26 -37.00 -22.28
N ARG C 32 -35.96 -35.72 -22.03
CA ARG C 32 -34.61 -35.19 -21.84
C ARG C 32 -33.73 -35.34 -23.08
N GLY C 33 -34.34 -35.58 -24.25
CA GLY C 33 -33.62 -35.60 -25.50
C GLY C 33 -32.51 -36.62 -25.60
N ASN C 34 -31.26 -36.14 -25.61
CA ASN C 34 -30.12 -37.01 -25.84
C ASN C 34 -29.96 -38.04 -24.72
N ARG C 35 -30.09 -37.61 -23.47
CA ARG C 35 -29.89 -38.50 -22.34
C ARG C 35 -30.84 -38.11 -21.21
N LYS C 36 -31.43 -39.11 -20.57
CA LYS C 36 -32.40 -38.89 -19.49
C LYS C 36 -31.63 -38.56 -18.21
N ARG C 37 -31.21 -37.29 -18.12
CA ARG C 37 -30.48 -36.80 -16.97
C ARG C 37 -31.00 -35.42 -16.61
N LYS C 38 -30.60 -34.94 -15.44
CA LYS C 38 -31.03 -33.63 -14.96
C LYS C 38 -29.93 -33.05 -14.07
N GLY C 39 -29.97 -31.73 -13.91
CA GLY C 39 -28.99 -31.04 -13.10
C GLY C 39 -28.39 -29.84 -13.79
N PHE C 40 -28.37 -28.70 -13.08
CA PHE C 40 -27.77 -27.47 -13.57
C PHE C 40 -28.39 -27.01 -14.90
N LEU C 41 -27.77 -27.39 -16.01
CA LEU C 41 -28.20 -26.90 -17.32
C LEU C 41 -29.65 -27.28 -17.62
N PHE C 42 -30.12 -28.41 -17.08
CA PHE C 42 -31.52 -28.78 -17.29
C PHE C 42 -32.45 -27.76 -16.66
N HIS C 43 -32.19 -27.39 -15.40
CA HIS C 43 -32.98 -26.34 -14.77
C HIS C 43 -32.83 -25.02 -15.49
N ALA C 44 -31.65 -24.74 -16.04
CA ALA C 44 -31.44 -23.49 -16.77
C ALA C 44 -32.32 -23.42 -18.01
N VAL C 45 -32.33 -24.50 -18.81
CA VAL C 45 -33.14 -24.48 -20.03
C VAL C 45 -34.61 -24.51 -19.70
N GLN C 46 -35.01 -25.20 -18.62
CA GLN C 46 -36.40 -25.18 -18.20
C GLN C 46 -36.84 -23.76 -17.80
N PHE C 47 -35.99 -23.07 -17.03
CA PHE C 47 -36.31 -21.69 -16.68
C PHE C 47 -36.38 -20.81 -17.92
N LEU C 48 -35.49 -21.07 -18.89
CA LEU C 48 -35.50 -20.29 -20.12
C LEU C 48 -36.81 -20.47 -20.90
N ILE C 49 -37.28 -21.72 -21.03
CA ILE C 49 -38.48 -21.90 -21.83
C ILE C 49 -39.72 -21.48 -21.04
N TYR C 50 -39.65 -21.49 -19.70
CA TYR C 50 -40.72 -20.87 -18.92
C TYR C 50 -40.77 -19.36 -19.17
N THR C 51 -39.61 -18.71 -19.21
CA THR C 51 -39.58 -17.29 -19.55
C THR C 51 -40.14 -17.04 -20.95
N ILE C 52 -39.84 -17.95 -21.89
CA ILE C 52 -40.42 -17.85 -23.22
C ILE C 52 -41.93 -17.97 -23.17
N ILE C 53 -42.44 -18.90 -22.34
CA ILE C 53 -43.88 -19.05 -22.16
C ILE C 53 -44.50 -17.73 -21.70
N ILE C 54 -43.89 -17.12 -20.68
CA ILE C 54 -44.45 -15.88 -20.15
C ILE C 54 -44.35 -14.75 -21.16
N SER C 55 -43.26 -14.70 -21.92
CA SER C 55 -43.13 -13.68 -22.96
C SER C 55 -44.22 -13.83 -24.02
N ALA C 56 -44.51 -15.06 -24.44
CA ALA C 56 -45.57 -15.29 -25.40
C ALA C 56 -46.93 -14.94 -24.81
N VAL C 57 -47.17 -15.29 -23.54
CA VAL C 57 -48.43 -14.96 -22.89
C VAL C 57 -48.63 -13.46 -22.80
N GLY C 58 -47.53 -12.71 -22.66
CA GLY C 58 -47.65 -11.26 -22.64
C GLY C 58 -48.29 -10.72 -23.91
N SER C 59 -47.80 -11.16 -25.06
CA SER C 59 -48.41 -10.74 -26.33
C SER C 59 -49.81 -11.33 -26.51
N ILE C 60 -50.03 -12.55 -26.01
CA ILE C 60 -51.35 -13.16 -26.10
C ILE C 60 -52.38 -12.27 -25.41
N ILE C 61 -52.10 -11.85 -24.18
CA ILE C 61 -53.03 -11.00 -23.46
C ILE C 61 -53.02 -9.57 -24.00
N ASN C 62 -51.92 -9.14 -24.63
CA ASN C 62 -51.92 -7.83 -25.27
C ASN C 62 -52.90 -7.79 -26.44
N TYR C 63 -53.03 -8.90 -27.16
CA TYR C 63 -53.96 -8.92 -28.28
C TYR C 63 -55.41 -9.03 -27.82
N VAL C 64 -55.66 -9.66 -26.67
CA VAL C 64 -57.02 -9.91 -26.21
C VAL C 64 -57.74 -8.58 -25.95
N ILE C 65 -57.09 -7.67 -25.22
CA ILE C 65 -57.76 -6.41 -24.92
C ILE C 65 -57.63 -5.40 -26.06
N GLU C 66 -56.83 -5.71 -27.08
CA GLU C 66 -56.75 -4.85 -28.25
C GLU C 66 -57.79 -5.20 -29.30
N ASN C 67 -58.18 -6.47 -29.40
CA ASN C 67 -59.13 -6.88 -30.43
C ASN C 67 -60.56 -7.01 -29.92
N TYR C 68 -60.78 -7.01 -28.61
CA TYR C 68 -62.14 -7.07 -28.06
C TYR C 68 -62.53 -5.78 -27.34
N LYS C 69 -61.77 -5.39 -26.32
CA LYS C 69 -62.06 -4.19 -25.54
C LYS C 69 -60.89 -3.86 -24.62
N LEU C 70 -60.52 -2.59 -24.54
CA LEU C 70 -59.38 -2.19 -23.70
C LEU C 70 -59.62 -2.50 -22.24
N LYS C 71 -60.83 -2.24 -21.75
CA LYS C 71 -61.26 -2.55 -20.38
C LYS C 71 -60.35 -1.78 -19.42
N PHE C 72 -59.80 -2.42 -18.38
CA PHE C 72 -59.03 -1.72 -17.36
C PHE C 72 -57.80 -2.52 -16.93
N ILE C 73 -57.19 -3.27 -17.85
CA ILE C 73 -56.11 -4.18 -17.47
C ILE C 73 -54.88 -3.39 -17.03
N THR C 74 -54.58 -2.26 -17.69
CA THR C 74 -53.38 -1.47 -17.40
C THR C 74 -52.14 -2.34 -17.47
N PRO C 75 -51.65 -2.68 -18.69
CA PRO C 75 -50.64 -3.73 -18.84
C PRO C 75 -49.39 -3.59 -17.98
N GLY C 76 -49.22 -2.42 -17.34
CA GLY C 76 -48.15 -2.28 -16.38
C GLY C 76 -48.22 -3.31 -15.27
N VAL C 77 -49.43 -3.54 -14.76
CA VAL C 77 -49.58 -4.50 -13.67
C VAL C 77 -49.32 -5.93 -14.14
N ILE C 78 -49.72 -6.28 -15.37
CA ILE C 78 -49.49 -7.66 -15.80
C ILE C 78 -48.02 -7.89 -16.10
N ASP C 79 -47.30 -6.88 -16.62
CA ASP C 79 -45.87 -7.09 -16.79
C ASP C 79 -45.15 -7.11 -15.44
N PHE C 80 -45.64 -6.34 -14.46
CA PHE C 80 -45.09 -6.47 -13.11
C PHE C 80 -45.31 -7.87 -12.56
N ILE C 81 -46.49 -8.44 -12.79
CA ILE C 81 -46.79 -9.79 -12.32
C ILE C 81 -45.90 -10.80 -13.02
N CYS C 82 -45.68 -10.64 -14.32
CA CYS C 82 -44.84 -11.58 -15.05
C CYS C 82 -43.40 -11.51 -14.55
N THR C 83 -42.89 -10.31 -14.30
CA THR C 83 -41.55 -10.17 -13.74
C THR C 83 -41.47 -10.79 -12.36
N SER C 84 -42.51 -10.62 -11.54
CA SER C 84 -42.52 -11.23 -10.21
C SER C 84 -42.50 -12.75 -10.31
N LEU C 85 -43.27 -13.32 -11.24
CA LEU C 85 -43.27 -14.76 -11.43
C LEU C 85 -41.91 -15.27 -11.90
N ILE C 86 -41.27 -14.52 -12.81
CA ILE C 86 -39.94 -14.91 -13.28
C ILE C 86 -38.96 -14.90 -12.12
N ALA C 87 -39.01 -13.85 -11.28
CA ALA C 87 -38.14 -13.79 -10.12
C ALA C 87 -38.39 -14.96 -9.17
N VAL C 88 -39.67 -15.30 -8.95
CA VAL C 88 -40.01 -16.38 -8.03
C VAL C 88 -39.45 -17.70 -8.54
N ILE C 89 -39.66 -18.00 -9.83
CA ILE C 89 -39.19 -19.28 -10.35
C ILE C 89 -37.67 -19.33 -10.38
N LEU C 90 -37.01 -18.21 -10.69
CA LEU C 90 -35.55 -18.18 -10.65
C LEU C 90 -35.03 -18.44 -9.25
N THR C 91 -35.65 -17.80 -8.25
CA THR C 91 -35.22 -18.02 -6.87
C THR C 91 -35.45 -19.46 -6.45
N ILE C 92 -36.57 -20.05 -6.84
CA ILE C 92 -36.85 -21.44 -6.49
C ILE C 92 -35.80 -22.36 -7.11
N LYS C 93 -35.48 -22.15 -8.39
CA LYS C 93 -34.48 -22.98 -9.06
C LYS C 93 -33.12 -22.86 -8.39
N LEU C 94 -32.70 -21.63 -8.08
CA LEU C 94 -31.41 -21.44 -7.45
C LEU C 94 -31.38 -22.06 -6.05
N PHE C 95 -32.47 -21.91 -5.29
CA PHE C 95 -32.53 -22.49 -3.96
C PHE C 95 -32.44 -24.00 -4.02
N LEU C 96 -33.14 -24.63 -4.97
CA LEU C 96 -33.07 -26.09 -5.08
C LEU C 96 -31.68 -26.54 -5.51
N LEU C 97 -31.03 -25.78 -6.40
CA LEU C 97 -29.69 -26.13 -6.84
C LEU C 97 -28.71 -26.10 -5.67
N ILE C 98 -28.74 -25.02 -4.88
CA ILE C 98 -27.81 -24.94 -3.76
C ILE C 98 -28.19 -25.91 -2.66
N ASN C 99 -29.47 -26.28 -2.55
CA ASN C 99 -29.85 -27.32 -1.60
C ASN C 99 -29.26 -28.66 -2.01
N GLN C 100 -29.32 -28.99 -3.30
CA GLN C 100 -28.68 -30.21 -3.79
C GLN C 100 -27.18 -30.16 -3.51
N PHE C 101 -26.56 -29.00 -3.72
CA PHE C 101 -25.15 -28.84 -3.38
C PHE C 101 -24.90 -29.09 -1.90
N GLU C 102 -25.82 -28.64 -1.04
CA GLU C 102 -25.62 -28.75 0.39
C GLU C 102 -25.69 -30.21 0.83
N LYS C 103 -26.71 -30.95 0.36
CA LYS C 103 -26.75 -32.38 0.66
C LYS C 103 -25.58 -33.13 0.02
N GLN C 104 -25.08 -32.68 -1.14
CA GLN C 104 -23.88 -33.27 -1.70
C GLN C 104 -22.71 -33.12 -0.72
N GLN C 105 -22.54 -31.91 -0.18
CA GLN C 105 -21.48 -31.67 0.79
C GLN C 105 -21.66 -32.53 2.03
N ILE C 106 -22.89 -32.67 2.51
CA ILE C 106 -23.13 -33.51 3.69
C ILE C 106 -22.77 -34.95 3.39
N LYS C 107 -23.19 -35.47 2.24
CA LYS C 107 -22.91 -36.86 1.91
C LYS C 107 -21.41 -37.10 1.73
N LYS C 108 -20.68 -36.08 1.30
CA LYS C 108 -19.22 -36.20 1.23
C LYS C 108 -18.62 -36.45 2.61
N GLY C 109 -19.29 -35.98 3.66
CA GLY C 109 -18.81 -36.15 5.02
C GLY C 109 -18.19 -34.88 5.57
N ARG C 110 -18.97 -34.15 6.35
CA ARG C 110 -18.54 -32.85 6.86
C ARG C 110 -19.49 -32.43 7.97
N ASP C 111 -19.03 -31.51 8.82
CA ASP C 111 -19.85 -31.02 9.92
C ASP C 111 -21.13 -30.39 9.38
N ILE C 112 -22.24 -30.70 10.04
CA ILE C 112 -23.54 -30.24 9.55
C ILE C 112 -23.67 -28.72 9.71
N THR C 113 -23.22 -28.18 10.84
CA THR C 113 -23.36 -26.76 11.09
C THR C 113 -22.61 -25.93 10.06
N SER C 114 -21.40 -26.35 9.69
CA SER C 114 -20.64 -25.65 8.67
C SER C 114 -21.36 -25.67 7.33
N ALA C 115 -21.97 -26.81 6.99
CA ALA C 115 -22.73 -26.90 5.73
C ALA C 115 -23.92 -25.96 5.75
N ARG C 116 -24.64 -25.90 6.88
CA ARG C 116 -25.76 -24.96 6.99
C ARG C 116 -25.28 -23.52 6.83
N ILE C 117 -24.16 -23.18 7.47
CA ILE C 117 -23.67 -21.80 7.40
C ILE C 117 -23.25 -21.45 5.97
N MET C 118 -22.58 -22.36 5.29
CA MET C 118 -22.20 -22.11 3.90
C MET C 118 -23.42 -21.97 3.01
N SER C 119 -24.44 -22.81 3.22
CA SER C 119 -25.67 -22.69 2.45
C SER C 119 -26.33 -21.34 2.67
N ARG C 120 -26.32 -20.87 3.90
CA ARG C 120 -26.88 -19.58 4.15
C ARG C 120 -26.10 -18.56 3.38
N ILE C 121 -24.80 -18.55 3.57
CA ILE C 121 -23.96 -17.55 2.91
C ILE C 121 -24.30 -17.47 1.42
N ILE C 122 -24.41 -18.63 0.78
CA ILE C 122 -24.75 -18.65 -0.64
C ILE C 122 -26.14 -18.08 -0.87
N LYS C 123 -27.08 -18.40 0.03
CA LYS C 123 -28.43 -17.85 -0.08
C LYS C 123 -28.42 -16.34 -0.09
N ILE C 124 -27.76 -15.73 0.90
CA ILE C 124 -27.75 -14.28 1.02
C ILE C 124 -27.00 -13.66 -0.16
N THR C 125 -25.88 -14.26 -0.58
CA THR C 125 -25.14 -13.71 -1.71
C THR C 125 -25.97 -13.73 -2.98
N ILE C 126 -26.67 -14.85 -3.25
CA ILE C 126 -27.50 -14.94 -4.44
C ILE C 126 -28.65 -13.94 -4.37
N ILE C 127 -29.26 -13.79 -3.19
CA ILE C 127 -30.36 -12.84 -3.04
C ILE C 127 -29.90 -11.42 -3.33
N VAL C 128 -28.73 -11.05 -2.79
CA VAL C 128 -28.22 -9.70 -3.01
C VAL C 128 -27.89 -9.48 -4.49
N VAL C 129 -27.26 -10.48 -5.12
CA VAL C 129 -26.92 -10.34 -6.54
C VAL C 129 -28.17 -10.19 -7.39
N LEU C 130 -29.20 -10.99 -7.11
CA LEU C 130 -30.45 -10.90 -7.86
C LEU C 130 -31.14 -9.56 -7.63
N VAL C 131 -31.13 -9.07 -6.39
CA VAL C 131 -31.76 -7.79 -6.10
C VAL C 131 -31.06 -6.67 -6.85
N LEU C 132 -29.73 -6.68 -6.86
CA LEU C 132 -29.00 -5.63 -7.56
C LEU C 132 -29.19 -5.75 -9.08
N LEU C 133 -29.29 -6.98 -9.59
CA LEU C 133 -29.50 -7.17 -11.03
C LEU C 133 -30.95 -6.90 -11.41
N TYR C 134 -31.91 -7.25 -10.55
CA TYR C 134 -33.31 -7.18 -10.90
C TYR C 134 -34.02 -6.09 -10.10
N GLY C 135 -33.37 -4.95 -9.94
CA GLY C 135 -33.92 -3.90 -9.09
C GLY C 135 -34.43 -2.68 -9.83
N GLU C 136 -35.16 -2.89 -10.94
CA GLU C 136 -35.80 -1.78 -11.63
C GLU C 136 -37.26 -2.02 -11.95
N HIS C 137 -37.67 -3.26 -12.22
CA HIS C 137 -39.08 -3.54 -12.51
C HIS C 137 -39.96 -3.36 -11.29
N PHE C 138 -39.53 -3.89 -10.14
CA PHE C 138 -40.14 -3.57 -8.86
C PHE C 138 -39.18 -2.77 -7.99
N GLY C 139 -38.17 -2.14 -8.57
CA GLY C 139 -36.98 -1.72 -7.87
C GLY C 139 -37.10 -0.43 -7.10
N MET C 140 -36.06 0.39 -7.22
CA MET C 140 -35.79 1.47 -6.29
C MET C 140 -35.34 2.68 -7.11
N SER C 141 -34.79 3.69 -6.44
CA SER C 141 -34.17 4.80 -7.14
C SER C 141 -32.87 4.37 -7.79
N LEU C 142 -32.69 4.72 -9.07
CA LEU C 142 -31.52 4.29 -9.83
C LEU C 142 -30.23 4.96 -9.37
N SER C 143 -30.27 5.73 -8.29
CA SER C 143 -29.08 6.30 -7.68
C SER C 143 -28.65 5.56 -6.42
N GLY C 144 -29.60 5.05 -5.64
CA GLY C 144 -29.25 4.32 -4.44
C GLY C 144 -28.53 3.02 -4.72
N LEU C 145 -29.02 2.23 -5.68
CA LEU C 145 -28.38 0.97 -6.01
C LEU C 145 -26.97 1.19 -6.53
N LEU C 146 -26.76 2.23 -7.33
CA LEU C 146 -25.42 2.49 -7.84
C LEU C 146 -24.43 2.69 -6.69
N THR C 147 -24.77 3.55 -5.72
CA THR C 147 -23.88 3.79 -4.60
C THR C 147 -23.71 2.54 -3.75
N PHE C 148 -24.81 1.85 -3.45
CA PHE C 148 -24.73 0.65 -2.59
C PHE C 148 -23.86 -0.42 -3.23
N GLY C 149 -24.11 -0.72 -4.50
CA GLY C 149 -23.33 -1.72 -5.19
C GLY C 149 -21.89 -1.31 -5.37
N GLY C 150 -21.64 -0.01 -5.61
CA GLY C 150 -20.27 0.45 -5.70
C GLY C 150 -19.51 0.25 -4.41
N ILE C 151 -20.12 0.62 -3.28
CA ILE C 151 -19.47 0.43 -2.00
C ILE C 151 -19.21 -1.05 -1.73
N GLY C 152 -20.22 -1.88 -1.97
CA GLY C 152 -20.06 -3.31 -1.71
C GLY C 152 -19.00 -3.95 -2.58
N GLY C 153 -19.02 -3.64 -3.88
CA GLY C 153 -18.03 -4.18 -4.79
C GLY C 153 -16.63 -3.67 -4.52
N LEU C 154 -16.50 -2.41 -4.10
CA LEU C 154 -15.20 -1.87 -3.75
C LEU C 154 -14.62 -2.57 -2.52
N ALA C 155 -15.45 -2.76 -1.50
CA ALA C 155 -15.00 -3.48 -0.31
C ALA C 155 -14.62 -4.92 -0.64
N VAL C 156 -15.46 -5.60 -1.44
CA VAL C 156 -15.16 -6.98 -1.81
C VAL C 156 -13.90 -7.05 -2.67
N GLY C 157 -13.70 -6.05 -3.54
CA GLY C 157 -12.53 -6.06 -4.39
C GLY C 157 -11.23 -5.94 -3.62
N MET C 158 -11.19 -5.03 -2.65
CA MET C 158 -9.95 -4.98 -1.85
C MET C 158 -9.85 -6.14 -0.85
N ALA C 159 -10.97 -6.70 -0.42
CA ALA C 159 -10.90 -7.79 0.55
C ALA C 159 -10.39 -9.09 -0.06
N GLY C 160 -10.70 -9.37 -1.32
CA GLY C 160 -10.32 -10.62 -1.96
C GLY C 160 -9.13 -10.56 -2.88
N LYS C 161 -8.22 -9.59 -2.72
CA LYS C 161 -7.11 -9.45 -3.65
C LYS C 161 -6.14 -10.62 -3.56
N ASP C 162 -5.83 -11.09 -2.35
CA ASP C 162 -4.81 -12.12 -2.20
C ASP C 162 -5.27 -13.46 -2.75
N ILE C 163 -6.52 -13.84 -2.48
CA ILE C 163 -7.05 -15.11 -2.95
C ILE C 163 -7.04 -15.16 -4.47
N LEU C 164 -7.47 -14.09 -5.12
CA LEU C 164 -7.47 -14.05 -6.58
C LEU C 164 -6.07 -13.98 -7.16
N SER C 165 -5.15 -13.28 -6.47
CA SER C 165 -3.78 -13.20 -6.95
C SER C 165 -3.12 -14.57 -6.94
N ASN C 166 -3.40 -15.38 -5.92
CA ASN C 166 -2.84 -16.73 -5.89
C ASN C 166 -3.29 -17.55 -7.11
N PHE C 167 -4.57 -17.47 -7.46
CA PHE C 167 -5.06 -18.23 -8.61
C PHE C 167 -4.52 -17.68 -9.92
N PHE C 168 -4.38 -16.36 -10.03
CA PHE C 168 -3.78 -15.78 -11.24
C PHE C 168 -2.34 -16.25 -11.41
N SER C 169 -1.57 -16.26 -10.32
CA SER C 169 -0.22 -16.79 -10.39
C SER C 169 -0.21 -18.28 -10.70
N GLY C 170 -1.24 -19.02 -10.25
CA GLY C 170 -1.34 -20.41 -10.63
C GLY C 170 -1.54 -20.60 -12.12
N ILE C 171 -2.40 -19.77 -12.73
CA ILE C 171 -2.58 -19.82 -14.18
C ILE C 171 -1.26 -19.48 -14.88
N MET C 172 -0.58 -18.44 -14.40
CA MET C 172 0.71 -18.09 -14.99
C MET C 172 1.71 -19.24 -14.90
N LEU C 173 1.76 -19.92 -13.75
CA LEU C 173 2.64 -21.07 -13.60
C LEU C 173 2.25 -22.19 -14.54
N TYR C 174 0.94 -22.36 -14.78
CA TYR C 174 0.50 -23.37 -15.73
C TYR C 174 1.02 -23.05 -17.12
N PHE C 175 1.00 -21.77 -17.53
CA PHE C 175 1.45 -21.44 -18.87
C PHE C 175 2.97 -21.27 -18.97
N ASP C 176 3.59 -20.62 -17.99
CA ASP C 176 5.02 -20.34 -18.03
C ASP C 176 5.60 -20.72 -16.66
N ARG C 177 6.23 -21.89 -16.59
CA ARG C 177 6.76 -22.39 -15.33
C ARG C 177 8.27 -22.47 -15.37
N PRO C 178 8.96 -21.92 -14.37
CA PRO C 178 10.43 -22.00 -14.35
C PRO C 178 10.98 -23.28 -13.74
N PHE C 179 10.13 -24.23 -13.39
CA PHE C 179 10.58 -25.48 -12.79
C PHE C 179 9.60 -26.59 -13.16
N SER C 180 9.96 -27.82 -12.80
CA SER C 180 9.14 -28.98 -13.08
C SER C 180 9.08 -29.86 -11.84
N ILE C 181 8.27 -30.91 -11.92
CA ILE C 181 8.12 -31.84 -10.81
C ILE C 181 9.44 -32.56 -10.58
N GLY C 182 9.89 -32.59 -9.33
CA GLY C 182 11.13 -33.24 -8.97
C GLY C 182 12.35 -32.33 -8.95
N ASP C 183 12.18 -31.05 -9.26
CA ASP C 183 13.31 -30.13 -9.27
C ASP C 183 13.55 -29.55 -7.89
N TRP C 184 14.81 -29.54 -7.48
CA TRP C 184 15.21 -28.89 -6.24
C TRP C 184 15.35 -27.39 -6.50
N ILE C 185 14.55 -26.58 -5.79
CA ILE C 185 14.50 -25.15 -6.02
C ILE C 185 14.85 -24.42 -4.74
N ARG C 186 15.13 -23.12 -4.87
CA ARG C 186 15.62 -22.31 -3.77
C ARG C 186 15.33 -20.85 -4.08
N SER C 187 15.46 -20.01 -3.05
CA SER C 187 15.24 -18.58 -3.23
C SER C 187 16.05 -17.80 -2.20
N PRO C 188 16.76 -16.75 -2.62
CA PRO C 188 17.49 -15.91 -1.65
C PRO C 188 16.61 -14.96 -0.87
N ASP C 189 15.32 -14.84 -1.20
CA ASP C 189 14.41 -13.93 -0.53
C ASP C 189 13.55 -14.59 0.53
N ARG C 190 13.06 -15.81 0.28
CA ARG C 190 12.20 -16.52 1.21
C ARG C 190 12.70 -17.94 1.36
N ASN C 191 12.21 -18.61 2.41
CA ASN C 191 12.59 -19.99 2.69
C ASN C 191 11.57 -20.91 2.01
N ILE C 192 11.92 -21.40 0.83
CA ILE C 192 11.06 -22.31 0.07
C ILE C 192 11.88 -23.50 -0.39
N GLU C 193 13.04 -23.73 0.24
CA GLU C 193 13.97 -24.74 -0.24
C GLU C 193 13.38 -26.14 -0.15
N GLY C 194 13.60 -26.92 -1.20
CA GLY C 194 13.09 -28.27 -1.26
C GLY C 194 12.95 -28.72 -2.70
N THR C 195 12.34 -29.89 -2.87
CA THR C 195 12.06 -30.45 -4.19
C THR C 195 10.57 -30.35 -4.47
N VAL C 196 10.24 -29.91 -5.68
CA VAL C 196 8.84 -29.70 -6.05
C VAL C 196 8.13 -31.04 -6.10
N ALA C 197 6.98 -31.13 -5.43
CA ALA C 197 6.15 -32.32 -5.41
C ALA C 197 4.85 -32.17 -6.17
N GLU C 198 4.18 -31.02 -6.04
CA GLU C 198 2.92 -30.80 -6.74
C GLU C 198 2.78 -29.32 -7.06
N ILE C 199 2.19 -29.03 -8.22
CA ILE C 199 1.89 -27.67 -8.64
C ILE C 199 0.40 -27.55 -8.83
N GLY C 200 -0.24 -26.74 -7.98
CA GLY C 200 -1.67 -26.58 -7.99
C GLY C 200 -2.10 -25.17 -8.43
N TRP C 201 -3.42 -24.98 -8.43
CA TRP C 201 -3.98 -23.71 -8.85
C TRP C 201 -3.80 -22.62 -7.79
N ARG C 202 -3.73 -22.99 -6.52
CA ARG C 202 -3.60 -22.03 -5.43
C ARG C 202 -2.24 -22.09 -4.75
N ILE C 203 -1.75 -23.27 -4.42
CA ILE C 203 -0.48 -23.42 -3.71
C ILE C 203 0.35 -24.49 -4.39
N THR C 204 1.66 -24.43 -4.14
CA THR C 204 2.62 -25.41 -4.61
C THR C 204 3.12 -26.21 -3.42
N LYS C 205 3.14 -27.52 -3.56
CA LYS C 205 3.57 -28.42 -2.49
C LYS C 205 5.00 -28.88 -2.77
N ILE C 206 5.88 -28.68 -1.78
CA ILE C 206 7.30 -28.92 -1.90
C ILE C 206 7.75 -29.81 -0.75
N THR C 207 8.56 -30.81 -1.04
CA THR C 207 9.11 -31.69 -0.01
C THR C 207 10.43 -31.12 0.48
N THR C 208 10.50 -30.80 1.77
CA THR C 208 11.73 -30.25 2.34
C THR C 208 12.76 -31.36 2.51
N PHE C 209 13.96 -30.97 2.92
CA PHE C 209 15.06 -31.91 3.05
C PHE C 209 15.06 -32.66 4.38
N ASP C 210 14.12 -32.36 5.28
CA ASP C 210 13.87 -33.20 6.45
C ASP C 210 12.58 -33.99 6.30
N ASN C 211 12.12 -34.19 5.07
CA ASN C 211 10.97 -35.04 4.75
C ASN C 211 9.68 -34.49 5.36
N ARG C 212 9.43 -33.20 5.12
CA ARG C 212 8.19 -32.57 5.55
C ARG C 212 7.56 -31.83 4.39
N PRO C 213 6.24 -31.78 4.32
CA PRO C 213 5.57 -31.02 3.26
C PRO C 213 5.49 -29.54 3.60
N LEU C 214 5.69 -28.71 2.57
CA LEU C 214 5.61 -27.26 2.70
C LEU C 214 4.70 -26.73 1.60
N TYR C 215 3.76 -25.89 1.97
CA TYR C 215 2.79 -25.33 1.03
C TYR C 215 3.10 -23.86 0.82
N VAL C 216 3.39 -23.48 -0.42
CA VAL C 216 3.82 -22.14 -0.77
C VAL C 216 2.73 -21.49 -1.61
N PRO C 217 2.21 -20.33 -1.21
CA PRO C 217 1.25 -19.63 -2.07
C PRO C 217 1.86 -19.27 -3.41
N ASN C 218 1.06 -19.38 -4.47
CA ASN C 218 1.56 -19.22 -5.83
C ASN C 218 2.03 -17.80 -6.11
N SER C 219 1.40 -16.80 -5.49
CA SER C 219 1.76 -15.41 -5.76
C SER C 219 3.21 -15.11 -5.45
N LEU C 220 3.83 -15.84 -4.51
CA LEU C 220 5.24 -15.62 -4.22
C LEU C 220 6.11 -15.82 -5.44
N PHE C 221 5.71 -16.69 -6.36
CA PHE C 221 6.49 -16.95 -7.56
C PHE C 221 6.36 -15.82 -8.59
N SER C 222 5.68 -14.73 -8.24
CA SER C 222 5.57 -13.59 -9.13
C SER C 222 6.36 -12.38 -8.64
N SER C 223 7.01 -12.46 -7.48
CA SER C 223 7.72 -11.32 -6.93
C SER C 223 9.10 -11.64 -6.36
N ILE C 224 9.52 -12.90 -6.33
CA ILE C 224 10.80 -13.27 -5.77
C ILE C 224 11.63 -13.99 -6.83
N SER C 225 12.94 -13.98 -6.63
CA SER C 225 13.84 -14.70 -7.52
C SER C 225 13.91 -16.17 -7.12
N VAL C 226 13.88 -17.04 -8.11
CA VAL C 226 13.87 -18.49 -7.89
C VAL C 226 15.14 -19.06 -8.49
N GLU C 227 15.90 -19.78 -7.66
CA GLU C 227 17.10 -20.49 -8.11
C GLU C 227 16.78 -21.97 -8.25
N ASN C 228 17.40 -22.62 -9.23
CA ASN C 228 17.13 -24.02 -9.55
C ASN C 228 18.43 -24.79 -9.48
N PRO C 229 18.86 -25.19 -8.28
CA PRO C 229 20.05 -26.05 -8.17
C PRO C 229 19.87 -27.40 -8.81
N GLY C 230 18.63 -27.84 -9.05
CA GLY C 230 18.39 -29.10 -9.71
C GLY C 230 18.80 -29.12 -11.17
N ARG C 231 19.13 -27.97 -11.75
CA ARG C 231 19.61 -27.88 -13.13
C ARG C 231 21.06 -27.40 -13.19
N MET C 232 21.81 -27.57 -12.11
CA MET C 232 23.21 -27.17 -12.09
C MET C 232 24.03 -28.03 -13.04
N THR C 233 25.13 -27.46 -13.53
CA THR C 233 26.05 -28.18 -14.40
C THR C 233 27.28 -28.70 -13.68
N ASN C 234 27.67 -28.06 -12.57
CA ASN C 234 28.86 -28.47 -11.82
C ASN C 234 28.64 -28.18 -10.35
N ARG C 235 29.44 -28.82 -9.52
CA ARG C 235 29.49 -28.54 -8.09
C ARG C 235 30.79 -27.84 -7.75
N ARG C 236 30.71 -26.79 -6.94
CA ARG C 236 31.85 -25.93 -6.66
C ARG C 236 32.52 -26.33 -5.36
N ILE C 237 33.86 -26.28 -5.35
CA ILE C 237 34.66 -26.48 -4.15
C ILE C 237 35.40 -25.18 -3.88
N THR C 238 35.14 -24.58 -2.73
CA THR C 238 35.81 -23.36 -2.30
C THR C 238 36.27 -23.53 -0.86
N THR C 239 37.50 -23.12 -0.58
CA THR C 239 38.03 -23.23 0.78
C THR C 239 39.14 -22.19 0.98
N THR C 240 39.57 -22.06 2.22
CA THR C 240 40.63 -21.12 2.60
C THR C 240 41.68 -21.86 3.43
N ILE C 241 42.94 -21.70 3.06
CA ILE C 241 44.06 -22.27 3.80
C ILE C 241 44.70 -21.15 4.59
N GLY C 242 44.68 -21.26 5.91
CA GLY C 242 45.28 -20.24 6.76
C GLY C 242 46.62 -20.66 7.33
N LEU C 243 47.70 -20.05 6.85
CA LEU C 243 49.04 -20.39 7.28
C LEU C 243 49.52 -19.41 8.34
N ARG C 244 50.50 -19.84 9.13
CA ARG C 244 51.06 -18.99 10.16
C ARG C 244 51.85 -17.84 9.54
N TYR C 245 51.91 -16.72 10.25
CA TYR C 245 52.64 -15.56 9.76
C TYR C 245 54.12 -15.83 9.60
N GLU C 246 54.65 -16.84 10.29
CA GLU C 246 56.05 -17.23 10.15
C GLU C 246 56.30 -18.13 8.96
N ASP C 247 55.26 -18.48 8.21
CA ASP C 247 55.37 -19.30 7.01
C ASP C 247 55.31 -18.46 5.74
N ALA C 248 55.67 -17.17 5.85
CA ALA C 248 55.58 -16.27 4.71
C ALA C 248 56.58 -16.61 3.61
N ALA C 249 57.66 -17.30 3.94
CA ALA C 249 58.68 -17.66 2.95
C ALA C 249 58.31 -18.88 2.13
N LYS C 250 57.22 -19.57 2.48
CA LYS C 250 56.81 -20.78 1.78
C LYS C 250 55.46 -20.65 1.10
N VAL C 251 54.91 -19.43 0.98
CA VAL C 251 53.59 -19.26 0.39
C VAL C 251 53.61 -19.63 -1.08
N GLY C 252 54.63 -19.19 -1.81
CA GLY C 252 54.64 -19.40 -3.26
C GLY C 252 54.73 -20.87 -3.64
N VAL C 253 55.62 -21.61 -2.99
CA VAL C 253 55.79 -23.02 -3.33
C VAL C 253 54.54 -23.81 -2.96
N ILE C 254 53.92 -23.48 -1.83
CA ILE C 254 52.69 -24.16 -1.43
C ILE C 254 51.57 -23.87 -2.42
N VAL C 255 51.46 -22.62 -2.86
CA VAL C 255 50.44 -22.26 -3.84
C VAL C 255 50.66 -23.03 -5.14
N GLU C 256 51.90 -23.09 -5.60
CA GLU C 256 52.20 -23.81 -6.84
C GLU C 256 51.88 -25.30 -6.70
N ALA C 257 52.24 -25.90 -5.56
CA ALA C 257 51.98 -27.33 -5.36
C ALA C 257 50.49 -27.61 -5.33
N VAL C 258 49.71 -26.76 -4.65
CA VAL C 258 48.26 -26.97 -4.60
C VAL C 258 47.66 -26.80 -5.98
N ARG C 259 48.12 -25.80 -6.74
CA ARG C 259 47.60 -25.60 -8.10
C ARG C 259 47.91 -26.80 -8.99
N GLU C 260 49.12 -27.34 -8.91
CA GLU C 260 49.46 -28.51 -9.71
C GLU C 260 48.62 -29.72 -9.31
N MET C 261 48.43 -29.91 -8.01
CA MET C 261 47.60 -31.03 -7.55
C MET C 261 46.17 -30.90 -8.07
N LEU C 262 45.60 -29.70 -8.00
CA LEU C 262 44.25 -29.51 -8.53
C LEU C 262 44.19 -29.71 -10.04
N LYS C 263 45.22 -29.28 -10.76
CA LYS C 263 45.25 -29.47 -12.20
C LYS C 263 45.40 -30.93 -12.61
N ASN C 264 46.03 -31.77 -11.78
CA ASN C 264 46.20 -33.17 -12.12
C ASN C 264 45.17 -34.09 -11.48
N HIS C 265 44.19 -33.54 -10.77
CA HIS C 265 43.20 -34.38 -10.10
C HIS C 265 42.16 -34.87 -11.10
N PRO C 266 41.89 -36.17 -11.16
CA PRO C 266 40.94 -36.69 -12.16
C PRO C 266 39.50 -36.25 -11.95
N ALA C 267 39.14 -35.78 -10.77
CA ALA C 267 37.75 -35.43 -10.47
C ALA C 267 37.44 -33.96 -10.68
N ILE C 268 38.40 -33.16 -11.13
CA ILE C 268 38.23 -31.72 -11.26
C ILE C 268 38.01 -31.38 -12.72
N ASP C 269 37.02 -30.53 -12.99
CA ASP C 269 36.74 -30.06 -14.34
C ASP C 269 37.74 -28.98 -14.73
N GLN C 270 38.54 -29.25 -15.76
CA GLN C 270 39.61 -28.35 -16.16
C GLN C 270 39.15 -27.26 -17.12
N ARG C 271 37.88 -27.28 -17.54
CA ARG C 271 37.34 -26.25 -18.43
C ARG C 271 36.65 -25.14 -17.66
N GLN C 272 36.61 -25.19 -16.34
CA GLN C 272 35.97 -24.19 -15.51
C GLN C 272 37.03 -23.38 -14.76
N THR C 273 36.56 -22.50 -13.88
CA THR C 273 37.47 -21.67 -13.10
C THR C 273 38.31 -22.51 -12.16
N LEU C 274 39.59 -22.14 -12.02
CA LEU C 274 40.52 -22.84 -11.14
C LEU C 274 41.52 -21.81 -10.63
N LEU C 275 41.32 -21.35 -9.40
CA LEU C 275 42.13 -20.28 -8.83
C LEU C 275 42.73 -20.72 -7.50
N VAL C 276 44.03 -20.53 -7.34
CA VAL C 276 44.74 -20.76 -6.08
C VAL C 276 45.70 -19.58 -5.90
N TYR C 277 45.37 -18.68 -4.98
CA TYR C 277 46.19 -17.49 -4.78
C TYR C 277 46.15 -17.07 -3.31
N PHE C 278 47.22 -16.40 -2.90
CA PHE C 278 47.31 -15.78 -1.58
C PHE C 278 46.72 -14.38 -1.67
N ASN C 279 45.62 -14.13 -0.95
CA ASN C 279 44.87 -12.90 -1.18
C ASN C 279 44.35 -12.23 0.08
N GLN C 280 44.83 -12.58 1.28
CA GLN C 280 44.27 -11.94 2.46
C GLN C 280 45.24 -12.01 3.63
N PHE C 281 45.42 -10.86 4.28
CA PHE C 281 46.07 -10.76 5.58
C PHE C 281 44.99 -10.86 6.64
N ALA C 282 44.87 -12.04 7.26
CA ALA C 282 43.89 -12.23 8.31
C ALA C 282 44.47 -11.78 9.65
N ASP C 283 43.66 -11.89 10.70
CA ASP C 283 44.11 -11.44 12.02
C ASP C 283 45.26 -12.27 12.54
N SER C 284 45.21 -13.59 12.32
CA SER C 284 46.22 -14.49 12.86
C SER C 284 46.88 -15.36 11.79
N SER C 285 46.57 -15.15 10.52
CA SER C 285 47.05 -16.06 9.49
C SER C 285 47.11 -15.34 8.14
N LEU C 286 47.84 -15.94 7.21
CA LEU C 286 47.85 -15.54 5.81
C LEU C 286 46.95 -16.51 5.06
N ASN C 287 45.98 -15.98 4.31
CA ASN C 287 44.93 -16.80 3.73
C ASN C 287 45.17 -17.04 2.25
N ILE C 288 44.98 -18.29 1.83
CA ILE C 288 45.08 -18.70 0.43
C ILE C 288 43.73 -19.25 0.01
N MET C 289 43.17 -18.70 -1.07
CA MET C 289 41.88 -19.13 -1.56
C MET C 289 42.02 -20.31 -2.52
N VAL C 290 41.07 -21.24 -2.45
CA VAL C 290 40.98 -22.36 -3.37
C VAL C 290 39.57 -22.37 -3.95
N TYR C 291 39.49 -22.45 -5.28
CA TYR C 291 38.24 -22.21 -6.01
C TYR C 291 38.26 -23.10 -7.25
N CYS C 292 37.43 -24.13 -7.29
CA CYS C 292 37.42 -25.04 -8.44
C CYS C 292 36.04 -25.68 -8.56
N PHE C 293 35.90 -26.53 -9.58
CA PHE C 293 34.65 -27.21 -9.87
C PHE C 293 34.91 -28.69 -10.11
N THR C 294 33.90 -29.51 -9.85
CA THR C 294 33.95 -30.94 -10.12
C THR C 294 33.09 -31.28 -11.33
N LYS C 295 33.46 -32.37 -12.00
CA LYS C 295 32.68 -32.82 -13.17
C LYS C 295 31.30 -33.29 -12.75
N THR C 296 31.21 -34.03 -11.64
CA THR C 296 29.96 -34.63 -11.21
C THR C 296 29.05 -33.60 -10.56
N THR C 297 27.76 -33.93 -10.50
CA THR C 297 26.77 -33.15 -9.76
C THR C 297 26.09 -33.97 -8.69
N VAL C 298 26.54 -35.19 -8.43
CA VAL C 298 25.95 -36.06 -7.42
C VAL C 298 26.47 -35.66 -6.06
N TRP C 299 25.58 -35.70 -5.05
CA TRP C 299 25.91 -35.24 -3.72
C TRP C 299 27.06 -36.03 -3.10
N ALA C 300 26.93 -37.36 -3.09
CA ALA C 300 27.93 -38.19 -2.44
C ALA C 300 29.27 -38.15 -3.16
N GLU C 301 29.25 -38.18 -4.49
CA GLU C 301 30.49 -38.14 -5.26
C GLU C 301 31.21 -36.81 -5.06
N TRP C 302 30.45 -35.71 -5.06
CA TRP C 302 31.05 -34.40 -4.81
C TRP C 302 31.66 -34.33 -3.41
N LEU C 303 30.95 -34.86 -2.41
CA LEU C 303 31.49 -34.85 -1.05
C LEU C 303 32.77 -35.68 -0.95
N ALA C 304 32.78 -36.85 -1.60
CA ALA C 304 33.98 -37.69 -1.57
C ALA C 304 35.17 -37.01 -2.24
N ALA C 305 34.94 -36.37 -3.40
CA ALA C 305 36.00 -35.65 -4.07
C ALA C 305 36.52 -34.50 -3.21
N GLN C 306 35.60 -33.78 -2.54
CA GLN C 306 36.02 -32.70 -1.66
C GLN C 306 36.87 -33.21 -0.51
N GLN C 307 36.49 -34.34 0.08
CA GLN C 307 37.27 -34.90 1.17
C GLN C 307 38.66 -35.31 0.69
N ASP C 308 38.74 -35.94 -0.48
CA ASP C 308 40.04 -36.31 -1.03
C ASP C 308 40.92 -35.08 -1.26
N VAL C 309 40.34 -34.02 -1.82
CA VAL C 309 41.10 -32.80 -2.07
C VAL C 309 41.60 -32.20 -0.76
N TYR C 310 40.74 -32.19 0.27
CA TYR C 310 41.14 -31.63 1.55
C TYR C 310 42.29 -32.41 2.18
N LEU C 311 42.23 -33.74 2.12
CA LEU C 311 43.32 -34.54 2.68
C LEU C 311 44.61 -34.31 1.91
N LYS C 312 44.54 -34.23 0.59
CA LYS C 312 45.74 -33.94 -0.21
C LYS C 312 46.31 -32.56 0.13
N ILE C 313 45.43 -31.58 0.36
CA ILE C 313 45.89 -30.24 0.74
C ILE C 313 46.62 -30.29 2.08
N ILE C 314 46.07 -31.03 3.03
CA ILE C 314 46.73 -31.16 4.34
C ILE C 314 48.12 -31.75 4.17
N ASP C 315 48.22 -32.82 3.37
CA ASP C 315 49.52 -33.45 3.16
C ASP C 315 50.50 -32.50 2.50
N ILE C 316 50.05 -31.76 1.48
CA ILE C 316 50.93 -30.83 0.78
C ILE C 316 51.43 -29.75 1.73
N VAL C 317 50.53 -29.20 2.54
CA VAL C 317 50.92 -28.14 3.47
C VAL C 317 51.94 -28.66 4.47
N GLN C 318 51.69 -29.85 5.03
CA GLN C 318 52.57 -30.36 6.06
C GLN C 318 53.90 -30.87 5.52
N SER C 319 53.98 -31.21 4.23
CA SER C 319 55.24 -31.70 3.68
C SER C 319 56.23 -30.59 3.38
N HIS C 320 55.80 -29.33 3.37
CA HIS C 320 56.68 -28.20 3.06
C HIS C 320 57.18 -27.50 4.32
N GLY C 321 56.87 -28.02 5.50
CA GLY C 321 57.33 -27.43 6.74
C GLY C 321 56.42 -26.38 7.33
N ALA C 322 55.32 -26.05 6.68
CA ALA C 322 54.38 -25.07 7.21
C ALA C 322 53.37 -25.77 8.12
N ASP C 323 52.41 -24.99 8.64
CA ASP C 323 51.38 -25.54 9.49
C ASP C 323 50.19 -24.59 9.50
N PHE C 324 49.03 -25.13 9.86
CA PHE C 324 47.83 -24.32 9.99
C PHE C 324 47.89 -23.49 11.26
N ALA C 325 47.20 -22.35 11.24
CA ALA C 325 47.30 -21.37 12.31
C ALA C 325 46.03 -21.39 13.17
N PHE C 326 46.22 -21.50 14.48
CA PHE C 326 45.17 -21.26 15.44
C PHE C 326 45.00 -19.76 15.65
N PRO C 327 43.87 -19.33 16.21
CA PRO C 327 43.76 -17.93 16.66
C PRO C 327 44.88 -17.61 17.65
N SER C 328 45.51 -16.46 17.46
CA SER C 328 46.73 -16.13 18.19
C SER C 328 46.55 -14.80 18.92
N GLN C 329 47.34 -14.64 19.98
CA GLN C 329 47.30 -13.42 20.78
C GLN C 329 48.68 -13.16 21.36
N THR C 330 48.95 -11.89 21.65
CA THR C 330 50.16 -11.47 22.34
C THR C 330 49.77 -10.94 23.71
N LEU C 331 50.36 -11.49 24.75
CA LEU C 331 50.00 -11.17 26.13
C LEU C 331 51.14 -10.43 26.81
N TYR C 332 50.82 -9.28 27.39
CA TYR C 332 51.76 -8.49 28.18
C TYR C 332 51.40 -8.64 29.65
N MET C 333 52.34 -9.09 30.46
CA MET C 333 52.09 -9.36 31.87
C MET C 333 52.68 -8.26 32.74
N ASP C 334 51.99 -7.95 33.83
CA ASP C 334 52.43 -6.95 34.78
C ASP C 334 53.78 -7.30 35.39
N GLU D 4 -72.51 4.99 -7.88
CA GLU D 4 -73.43 3.87 -7.97
C GLU D 4 -72.93 2.67 -7.18
N LEU D 5 -73.63 1.54 -7.31
CA LEU D 5 -73.26 0.31 -6.63
C LEU D 5 -72.84 -0.78 -7.60
N PHE D 6 -73.69 -1.11 -8.57
CA PHE D 6 -73.33 -2.14 -9.55
C PHE D 6 -72.30 -1.61 -10.54
N THR D 7 -72.50 -0.39 -11.04
CA THR D 7 -71.54 0.19 -11.97
C THR D 7 -70.19 0.43 -11.30
N ASN D 8 -70.20 0.91 -10.06
CA ASN D 8 -68.93 1.11 -9.34
C ASN D 8 -68.21 -0.21 -9.12
N ASN D 9 -68.95 -1.27 -8.76
CA ASN D 9 -68.33 -2.57 -8.58
C ASN D 9 -67.76 -3.10 -9.89
N ALA D 10 -68.48 -2.91 -10.99
CA ALA D 10 -68.00 -3.36 -12.29
C ALA D 10 -66.73 -2.61 -12.69
N LEU D 11 -66.70 -1.29 -12.45
CA LEU D 11 -65.52 -0.50 -12.80
C LEU D 11 -64.35 -0.76 -11.87
N ASN D 12 -64.61 -1.21 -10.63
CA ASN D 12 -63.54 -1.47 -9.69
C ASN D 12 -62.67 -2.64 -10.13
N LEU D 13 -63.25 -3.63 -10.80
CA LEU D 13 -62.54 -4.82 -11.28
C LEU D 13 -61.99 -5.56 -10.05
N VAL D 14 -60.73 -6.02 -10.06
CA VAL D 14 -60.17 -6.76 -8.95
C VAL D 14 -59.41 -5.88 -7.98
N ILE D 15 -59.34 -4.58 -8.23
CA ILE D 15 -58.64 -3.68 -7.32
C ILE D 15 -59.36 -3.62 -5.98
N ILE D 16 -60.69 -3.50 -6.01
CA ILE D 16 -61.47 -3.44 -4.77
C ILE D 16 -61.36 -4.75 -4.01
N PHE D 17 -61.42 -5.89 -4.71
CA PHE D 17 -61.29 -7.19 -4.07
C PHE D 17 -59.90 -7.43 -3.50
N GLY D 18 -58.92 -6.60 -3.85
CA GLY D 18 -57.60 -6.73 -3.26
C GLY D 18 -57.62 -6.52 -1.76
N SER D 19 -58.45 -5.60 -1.28
CA SER D 19 -58.57 -5.38 0.16
C SER D 19 -59.12 -6.62 0.86
N CYS D 20 -60.15 -7.25 0.29
CA CYS D 20 -60.69 -8.46 0.89
C CYS D 20 -59.68 -9.60 0.86
N ALA D 21 -58.96 -9.74 -0.26
CA ALA D 21 -57.93 -10.78 -0.34
C ALA D 21 -56.83 -10.54 0.69
N ALA D 22 -56.45 -9.29 0.89
CA ALA D 22 -55.43 -8.96 1.89
C ALA D 22 -55.94 -9.19 3.31
N LEU D 23 -57.23 -8.95 3.55
CA LEU D 23 -57.80 -9.27 4.85
C LEU D 23 -57.77 -10.77 5.11
N ILE D 24 -58.09 -11.56 4.08
CA ILE D 24 -58.00 -13.02 4.21
C ILE D 24 -56.56 -13.44 4.48
N LEU D 25 -55.60 -12.81 3.79
CA LEU D 25 -54.20 -13.13 4.01
C LEU D 25 -53.76 -12.75 5.42
N MET D 26 -54.26 -11.63 5.94
CA MET D 26 -53.94 -11.23 7.30
C MET D 26 -54.54 -12.20 8.32
N SER D 27 -55.75 -12.70 8.07
CA SER D 27 -56.33 -13.72 8.93
C SER D 27 -55.49 -15.00 8.88
N PHE D 28 -55.02 -15.37 7.69
CA PHE D 28 -54.15 -16.55 7.57
C PHE D 28 -52.84 -16.36 8.32
N TRP D 29 -52.26 -15.16 8.24
CA TRP D 29 -51.04 -14.85 8.99
C TRP D 29 -51.29 -14.86 10.48
N PHE D 30 -52.48 -14.45 10.92
CA PHE D 30 -52.85 -14.63 12.32
C PHE D 30 -52.88 -16.12 12.67
N ARG D 31 -53.42 -16.95 11.78
CA ARG D 31 -53.26 -18.39 11.90
C ARG D 31 -51.85 -18.84 11.56
N ARG D 32 -51.09 -18.02 10.85
CA ARG D 32 -49.68 -18.24 10.54
C ARG D 32 -49.45 -19.48 9.68
N GLY D 33 -50.50 -19.99 9.04
CA GLY D 33 -50.37 -21.07 8.08
C GLY D 33 -49.77 -22.35 8.63
N ASN D 34 -48.54 -22.66 8.20
CA ASN D 34 -47.93 -23.94 8.56
C ASN D 34 -47.69 -24.05 10.07
N ARG D 35 -47.18 -23.00 10.69
CA ARG D 35 -46.86 -23.03 12.10
C ARG D 35 -47.12 -21.67 12.72
N LYS D 36 -47.71 -21.66 13.92
CA LYS D 36 -48.06 -20.43 14.61
C LYS D 36 -46.79 -19.86 15.27
N ARG D 37 -45.98 -19.19 14.44
CA ARG D 37 -44.75 -18.58 14.88
C ARG D 37 -44.62 -17.21 14.24
N LYS D 38 -43.67 -16.43 14.75
CA LYS D 38 -43.42 -15.08 14.22
C LYS D 38 -41.95 -14.75 14.40
N GLY D 39 -41.50 -13.77 13.62
CA GLY D 39 -40.11 -13.34 13.67
C GLY D 39 -39.47 -13.24 12.30
N PHE D 40 -38.82 -12.11 12.03
CA PHE D 40 -38.09 -11.88 10.79
C PHE D 40 -38.98 -12.02 9.57
N LEU D 41 -39.00 -13.21 8.97
CA LEU D 41 -39.72 -13.43 7.73
C LEU D 41 -41.21 -13.12 7.86
N PHE D 42 -41.78 -13.32 9.05
CA PHE D 42 -43.19 -12.99 9.25
C PHE D 42 -43.42 -11.49 9.08
N HIS D 43 -42.59 -10.67 9.72
CA HIS D 43 -42.69 -9.23 9.53
C HIS D 43 -42.42 -8.84 8.08
N ALA D 44 -41.51 -9.56 7.41
CA ALA D 44 -41.21 -9.26 6.01
C ALA D 44 -42.44 -9.49 5.13
N VAL D 45 -43.09 -10.63 5.28
CA VAL D 45 -44.25 -10.92 4.44
C VAL D 45 -45.41 -10.02 4.80
N GLN D 46 -45.56 -9.66 6.08
CA GLN D 46 -46.60 -8.72 6.47
C GLN D 46 -46.36 -7.35 5.82
N PHE D 47 -45.11 -6.87 5.85
CA PHE D 47 -44.80 -5.61 5.19
C PHE D 47 -45.07 -5.70 3.69
N LEU D 48 -44.75 -6.86 3.10
CA LEU D 48 -44.98 -7.05 1.66
C LEU D 48 -46.47 -6.95 1.33
N ILE D 49 -47.33 -7.62 2.11
CA ILE D 49 -48.73 -7.59 1.73
C ILE D 49 -49.37 -6.25 2.11
N TYR D 50 -48.79 -5.54 3.08
CA TYR D 50 -49.21 -4.16 3.30
C TYR D 50 -48.87 -3.28 2.10
N THR D 51 -47.67 -3.45 1.53
CA THR D 51 -47.32 -2.73 0.31
C THR D 51 -48.27 -3.08 -0.83
N ILE D 52 -48.66 -4.35 -0.91
CA ILE D 52 -49.63 -4.76 -1.92
C ILE D 52 -50.97 -4.06 -1.69
N ILE D 53 -51.38 -3.95 -0.42
CA ILE D 53 -52.61 -3.23 -0.07
C ILE D 53 -52.55 -1.80 -0.60
N ILE D 54 -51.43 -1.11 -0.32
CA ILE D 54 -51.30 0.28 -0.73
C ILE D 54 -51.25 0.39 -2.26
N SER D 55 -50.58 -0.55 -2.93
CA SER D 55 -50.54 -0.52 -4.38
C SER D 55 -51.94 -0.69 -4.98
N ALA D 56 -52.74 -1.60 -4.42
CA ALA D 56 -54.11 -1.75 -4.88
C ALA D 56 -54.95 -0.51 -4.60
N VAL D 57 -54.77 0.10 -3.42
CA VAL D 57 -55.51 1.31 -3.07
C VAL D 57 -55.16 2.44 -4.03
N GLY D 58 -53.91 2.47 -4.52
CA GLY D 58 -53.54 3.49 -5.49
C GLY D 58 -54.41 3.44 -6.73
N SER D 59 -54.58 2.24 -7.32
CA SER D 59 -55.45 2.10 -8.47
C SER D 59 -56.92 2.31 -8.11
N ILE D 60 -57.31 1.90 -6.90
CA ILE D 60 -58.69 2.12 -6.45
C ILE D 60 -59.03 3.60 -6.48
N ILE D 61 -58.17 4.44 -5.90
CA ILE D 61 -58.43 5.87 -5.89
C ILE D 61 -58.17 6.48 -7.26
N ASN D 62 -57.31 5.87 -8.08
CA ASN D 62 -57.14 6.36 -9.45
C ASN D 62 -58.42 6.22 -10.26
N TYR D 63 -59.17 5.14 -10.01
CA TYR D 63 -60.42 4.95 -10.76
C TYR D 63 -61.53 5.86 -10.24
N VAL D 64 -61.50 6.23 -8.95
CA VAL D 64 -62.58 7.01 -8.36
C VAL D 64 -62.67 8.38 -9.02
N ILE D 65 -61.54 9.07 -9.17
CA ILE D 65 -61.59 10.40 -9.76
C ILE D 65 -61.60 10.34 -11.29
N GLU D 66 -61.40 9.16 -11.87
CA GLU D 66 -61.49 9.04 -13.32
C GLU D 66 -62.92 8.71 -13.77
N ASN D 67 -63.70 8.02 -12.95
CA ASN D 67 -65.06 7.64 -13.35
C ASN D 67 -66.14 8.55 -12.79
N TYR D 68 -65.82 9.42 -11.82
CA TYR D 68 -66.80 10.36 -11.30
C TYR D 68 -66.45 11.81 -11.62
N LYS D 69 -65.27 12.27 -11.20
CA LYS D 69 -64.83 13.65 -11.42
C LYS D 69 -63.36 13.80 -11.07
N LEU D 70 -62.60 14.50 -11.90
CA LEU D 70 -61.16 14.65 -11.64
C LEU D 70 -60.91 15.41 -10.35
N LYS D 71 -61.69 16.46 -10.09
CA LYS D 71 -61.62 17.25 -8.86
C LYS D 71 -60.22 17.84 -8.74
N PHE D 72 -59.55 17.75 -7.58
CA PHE D 72 -58.27 18.40 -7.37
C PHE D 72 -57.30 17.51 -6.59
N ILE D 73 -57.37 16.19 -6.81
CA ILE D 73 -56.58 15.28 -5.98
C ILE D 73 -55.09 15.42 -6.28
N THR D 74 -54.72 15.65 -7.55
CA THR D 74 -53.32 15.73 -7.97
C THR D 74 -52.56 14.49 -7.51
N PRO D 75 -52.71 13.35 -8.20
CA PRO D 75 -52.23 12.06 -7.66
C PRO D 75 -50.77 12.02 -7.22
N GLY D 76 -50.01 13.06 -7.56
CA GLY D 76 -48.66 13.17 -7.04
C GLY D 76 -48.63 13.16 -5.53
N VAL D 77 -49.56 13.90 -4.90
CA VAL D 77 -49.58 13.98 -3.44
C VAL D 77 -49.99 12.64 -2.84
N ILE D 78 -50.92 11.91 -3.46
CA ILE D 78 -51.34 10.64 -2.86
C ILE D 78 -50.26 9.59 -3.01
N ASP D 79 -49.51 9.60 -4.12
CA ASP D 79 -48.40 8.66 -4.20
C ASP D 79 -47.26 9.05 -3.26
N PHE D 80 -47.06 10.34 -3.04
CA PHE D 80 -46.11 10.76 -2.01
C PHE D 80 -46.54 10.26 -0.64
N ILE D 81 -47.83 10.36 -0.33
CA ILE D 81 -48.34 9.89 0.95
C ILE D 81 -48.18 8.38 1.08
N CYS D 82 -48.44 7.64 0.00
CA CYS D 82 -48.29 6.19 0.06
C CYS D 82 -46.83 5.80 0.27
N THR D 83 -45.90 6.48 -0.41
CA THR D 83 -44.49 6.21 -0.19
C THR D 83 -44.08 6.55 1.24
N SER D 84 -44.61 7.65 1.79
CA SER D 84 -44.31 8.01 3.17
C SER D 84 -44.82 6.94 4.14
N LEU D 85 -46.02 6.42 3.90
CA LEU D 85 -46.57 5.37 4.76
C LEU D 85 -45.73 4.11 4.66
N ILE D 86 -45.30 3.75 3.45
CA ILE D 86 -44.44 2.57 3.28
C ILE D 86 -43.14 2.75 4.04
N ALA D 87 -42.54 3.94 3.95
CA ALA D 87 -41.31 4.20 4.69
C ALA D 87 -41.54 4.10 6.19
N VAL D 88 -42.67 4.64 6.67
CA VAL D 88 -42.96 4.63 8.10
C VAL D 88 -43.10 3.19 8.60
N ILE D 89 -43.87 2.37 7.88
CA ILE D 89 -44.08 1.00 8.34
C ILE D 89 -42.79 0.19 8.25
N LEU D 90 -41.98 0.42 7.22
CA LEU D 90 -40.70 -0.28 7.12
C LEU D 90 -39.79 0.11 8.28
N THR D 91 -39.73 1.40 8.61
CA THR D 91 -38.90 1.83 9.74
C THR D 91 -39.40 1.23 11.04
N ILE D 92 -40.71 1.19 11.23
CA ILE D 92 -41.26 0.61 12.46
C ILE D 92 -40.90 -0.87 12.57
N LYS D 93 -41.04 -1.62 11.46
CA LYS D 93 -40.70 -3.03 11.48
C LYS D 93 -39.23 -3.25 11.79
N LEU D 94 -38.35 -2.49 11.14
CA LEU D 94 -36.93 -2.64 11.39
C LEU D 94 -36.57 -2.27 12.83
N PHE D 95 -37.17 -1.20 13.35
CA PHE D 95 -36.89 -0.79 14.72
C PHE D 95 -37.33 -1.87 15.70
N LEU D 96 -38.51 -2.46 15.49
CA LEU D 96 -38.96 -3.52 16.39
C LEU D 96 -38.07 -4.75 16.30
N LEU D 97 -37.61 -5.08 15.09
CA LEU D 97 -36.73 -6.23 14.92
C LEU D 97 -35.41 -6.03 15.67
N ILE D 98 -34.79 -4.86 15.51
CA ILE D 98 -33.53 -4.64 16.20
C ILE D 98 -33.75 -4.46 17.70
N ASN D 99 -34.93 -3.99 18.12
CA ASN D 99 -35.22 -3.95 19.55
C ASN D 99 -35.31 -5.35 20.13
N GLN D 100 -35.96 -6.26 19.42
CA GLN D 100 -35.99 -7.65 19.85
C GLN D 100 -34.58 -8.23 19.91
N PHE D 101 -33.74 -7.89 18.92
CA PHE D 101 -32.34 -8.30 18.96
C PHE D 101 -31.64 -7.74 20.20
N GLU D 102 -31.95 -6.50 20.58
CA GLU D 102 -31.27 -5.86 21.69
C GLU D 102 -31.63 -6.54 23.01
N LYS D 103 -32.93 -6.77 23.23
CA LYS D 103 -33.31 -7.53 24.43
C LYS D 103 -32.79 -8.97 24.40
N GLN D 104 -32.66 -9.57 23.22
CA GLN D 104 -32.02 -10.87 23.13
C GLN D 104 -30.59 -10.80 23.65
N GLN D 105 -29.84 -9.79 23.21
CA GLN D 105 -28.47 -9.61 23.67
C GLN D 105 -28.42 -9.37 25.18
N ILE D 106 -29.35 -8.58 25.71
CA ILE D 106 -29.38 -8.34 27.15
C ILE D 106 -29.64 -9.63 27.90
N LYS D 107 -30.61 -10.42 27.44
CA LYS D 107 -30.96 -11.66 28.14
C LYS D 107 -29.80 -12.66 28.07
N LYS D 108 -29.00 -12.60 27.00
CA LYS D 108 -27.81 -13.44 26.93
C LYS D 108 -26.84 -13.13 28.06
N GLY D 109 -26.86 -11.89 28.56
CA GLY D 109 -25.98 -11.47 29.63
C GLY D 109 -24.83 -10.64 29.12
N ARG D 110 -24.95 -9.31 29.24
CA ARG D 110 -23.98 -8.40 28.70
C ARG D 110 -24.24 -7.01 29.29
N ASP D 111 -23.21 -6.17 29.25
CA ASP D 111 -23.34 -4.81 29.77
C ASP D 111 -24.44 -4.06 29.03
N ILE D 112 -25.26 -3.34 29.80
CA ILE D 112 -26.42 -2.65 29.22
C ILE D 112 -25.98 -1.52 28.29
N THR D 113 -24.98 -0.75 28.72
CA THR D 113 -24.55 0.40 27.94
C THR D 113 -24.03 -0.02 26.58
N SER D 114 -23.26 -1.11 26.52
CA SER D 114 -22.77 -1.60 25.23
C SER D 114 -23.92 -2.02 24.33
N ALA D 115 -24.94 -2.67 24.90
CA ALA D 115 -26.11 -3.05 24.11
C ALA D 115 -26.83 -1.83 23.55
N ARG D 116 -27.00 -0.79 24.38
CA ARG D 116 -27.61 0.45 23.89
C ARG D 116 -26.80 1.06 22.77
N ILE D 117 -25.48 1.10 22.92
CA ILE D 117 -24.63 1.70 21.89
C ILE D 117 -24.71 0.92 20.60
N MET D 118 -24.69 -0.41 20.67
CA MET D 118 -24.81 -1.22 19.46
C MET D 118 -26.17 -1.02 18.80
N SER D 119 -27.24 -0.95 19.60
CA SER D 119 -28.55 -0.70 19.04
C SER D 119 -28.61 0.65 18.32
N ARG D 120 -27.98 1.65 18.90
CA ARG D 120 -27.94 2.91 18.24
C ARG D 120 -27.25 2.74 16.93
N ILE D 121 -26.04 2.22 16.96
CA ILE D 121 -25.25 2.09 15.75
C ILE D 121 -26.09 1.46 14.63
N ILE D 122 -26.80 0.38 14.96
CA ILE D 122 -27.65 -0.27 13.97
C ILE D 122 -28.76 0.67 13.51
N LYS D 123 -29.33 1.45 14.45
CA LYS D 123 -30.37 2.41 14.09
C LYS D 123 -29.86 3.39 13.04
N ILE D 124 -28.72 4.03 13.31
CA ILE D 124 -28.19 5.03 12.39
C ILE D 124 -27.80 4.40 11.06
N THR D 125 -27.19 3.21 11.09
CA THR D 125 -26.81 2.56 9.85
C THR D 125 -28.02 2.25 8.99
N ILE D 126 -29.08 1.71 9.61
CA ILE D 126 -30.30 1.38 8.87
C ILE D 126 -30.94 2.65 8.31
N ILE D 127 -30.97 3.72 9.11
CA ILE D 127 -31.56 4.97 8.65
C ILE D 127 -30.81 5.51 7.44
N VAL D 128 -29.47 5.48 7.49
CA VAL D 128 -28.68 5.99 6.38
C VAL D 128 -28.90 5.13 5.14
N VAL D 129 -28.91 3.80 5.30
CA VAL D 129 -29.12 2.92 4.16
C VAL D 129 -30.48 3.16 3.52
N LEU D 130 -31.52 3.30 4.35
CA LEU D 130 -32.86 3.56 3.83
C LEU D 130 -32.93 4.90 3.12
N VAL D 131 -32.29 5.93 3.69
CA VAL D 131 -32.31 7.24 3.07
C VAL D 131 -31.63 7.21 1.71
N LEU D 132 -30.49 6.53 1.62
CA LEU D 132 -29.80 6.45 0.34
C LEU D 132 -30.58 5.61 -0.66
N LEU D 133 -31.26 4.56 -0.19
CA LEU D 133 -32.06 3.73 -1.09
C LEU D 133 -33.37 4.41 -1.46
N TYR D 134 -33.98 5.15 -0.52
CA TYR D 134 -35.31 5.69 -0.73
C TYR D 134 -35.27 7.21 -0.85
N GLY D 135 -34.26 7.73 -1.55
CA GLY D 135 -34.08 9.16 -1.61
C GLY D 135 -34.41 9.80 -2.94
N GLU D 136 -35.53 9.40 -3.56
CA GLU D 136 -35.99 10.05 -4.78
C GLU D 136 -37.46 10.43 -4.75
N HIS D 137 -38.33 9.67 -4.06
CA HIS D 137 -39.74 10.02 -4.00
C HIS D 137 -39.97 11.28 -3.16
N PHE D 138 -39.33 11.37 -1.99
CA PHE D 138 -39.26 12.61 -1.24
C PHE D 138 -37.83 13.16 -1.22
N GLY D 139 -36.99 12.72 -2.14
CA GLY D 139 -35.55 12.82 -2.00
C GLY D 139 -34.94 14.16 -2.32
N MET D 140 -33.82 14.11 -3.04
CA MET D 140 -32.89 15.21 -3.11
C MET D 140 -32.42 15.31 -4.57
N SER D 141 -31.36 16.07 -4.80
CA SER D 141 -30.74 16.10 -6.13
C SER D 141 -30.00 14.81 -6.39
N LEU D 142 -30.23 14.21 -7.57
CA LEU D 142 -29.65 12.92 -7.91
C LEU D 142 -28.14 12.98 -8.12
N SER D 143 -27.51 14.11 -7.86
CA SER D 143 -26.06 14.24 -7.88
C SER D 143 -25.43 14.27 -6.50
N GLY D 144 -26.13 14.85 -5.51
CA GLY D 144 -25.59 14.88 -4.17
C GLY D 144 -25.50 13.50 -3.53
N LEU D 145 -26.54 12.68 -3.67
CA LEU D 145 -26.52 11.36 -3.08
C LEU D 145 -25.44 10.49 -3.70
N LEU D 146 -25.23 10.62 -5.01
CA LEU D 146 -24.18 9.84 -5.66
C LEU D 146 -22.82 10.12 -5.02
N THR D 147 -22.47 11.41 -4.88
CA THR D 147 -21.19 11.77 -4.29
C THR D 147 -21.11 11.35 -2.83
N PHE D 148 -22.18 11.61 -2.06
CA PHE D 148 -22.15 11.28 -0.64
C PHE D 148 -22.00 9.78 -0.42
N GLY D 149 -22.81 8.98 -1.12
CA GLY D 149 -22.72 7.54 -0.99
C GLY D 149 -21.40 7.00 -1.51
N GLY D 150 -20.87 7.59 -2.58
CA GLY D 150 -19.57 7.16 -3.07
C GLY D 150 -18.47 7.38 -2.05
N ILE D 151 -18.45 8.56 -1.43
CA ILE D 151 -17.45 8.85 -0.41
C ILE D 151 -17.61 7.90 0.77
N GLY D 152 -18.84 7.72 1.24
CA GLY D 152 -19.06 6.84 2.39
C GLY D 152 -18.68 5.41 2.11
N GLY D 153 -19.10 4.88 0.96
CA GLY D 153 -18.77 3.52 0.60
C GLY D 153 -17.29 3.30 0.36
N LEU D 154 -16.62 4.30 -0.21
CA LEU D 154 -15.18 4.22 -0.41
C LEU D 154 -14.44 4.16 0.92
N ALA D 155 -14.82 5.04 1.86
CA ALA D 155 -14.20 5.01 3.18
C ALA D 155 -14.47 3.69 3.90
N VAL D 156 -15.71 3.21 3.83
CA VAL D 156 -16.05 1.95 4.48
C VAL D 156 -15.32 0.79 3.82
N GLY D 157 -15.15 0.85 2.50
CA GLY D 157 -14.47 -0.23 1.80
C GLY D 157 -13.01 -0.35 2.19
N MET D 158 -12.30 0.77 2.27
CA MET D 158 -10.92 0.64 2.74
C MET D 158 -10.82 0.40 4.24
N ALA D 159 -11.80 0.84 5.03
CA ALA D 159 -11.71 0.64 6.46
C ALA D 159 -11.93 -0.81 6.88
N GLY D 160 -12.77 -1.56 6.17
CA GLY D 160 -13.09 -2.93 6.53
C GLY D 160 -12.40 -4.01 5.74
N LYS D 161 -11.24 -3.73 5.13
CA LYS D 161 -10.59 -4.72 4.28
C LYS D 161 -10.10 -5.93 5.08
N ASP D 162 -9.52 -5.70 6.26
CA ASP D 162 -8.91 -6.79 7.00
C ASP D 162 -9.95 -7.75 7.55
N ILE D 163 -11.05 -7.22 8.09
CA ILE D 163 -12.10 -8.06 8.65
C ILE D 163 -12.69 -8.97 7.58
N LEU D 164 -12.96 -8.41 6.40
CA LEU D 164 -13.52 -9.22 5.32
C LEU D 164 -12.50 -10.19 4.76
N SER D 165 -11.22 -9.81 4.71
CA SER D 165 -10.20 -10.71 4.21
C SER D 165 -10.06 -11.94 5.11
N ASN D 166 -10.18 -11.75 6.42
CA ASN D 166 -10.11 -12.90 7.33
C ASN D 166 -11.23 -13.90 7.03
N PHE D 167 -12.45 -13.41 6.80
CA PHE D 167 -13.57 -14.32 6.53
C PHE D 167 -13.43 -14.97 5.16
N PHE D 168 -12.92 -14.23 4.17
CA PHE D 168 -12.68 -14.84 2.86
C PHE D 168 -11.65 -15.96 2.95
N SER D 169 -10.58 -15.73 3.71
CA SER D 169 -9.60 -16.79 3.92
C SER D 169 -10.19 -17.95 4.71
N GLY D 170 -11.14 -17.67 5.61
CA GLY D 170 -11.83 -18.74 6.29
C GLY D 170 -12.64 -19.62 5.35
N ILE D 171 -13.35 -18.99 4.41
CA ILE D 171 -14.07 -19.75 3.40
C ILE D 171 -13.11 -20.59 2.56
N MET D 172 -11.99 -19.98 2.15
CA MET D 172 -10.99 -20.72 1.40
C MET D 172 -10.46 -21.91 2.18
N LEU D 173 -10.19 -21.73 3.47
CA LEU D 173 -9.74 -22.84 4.31
C LEU D 173 -10.81 -23.92 4.42
N TYR D 174 -12.08 -23.51 4.46
CA TYR D 174 -13.16 -24.49 4.47
C TYR D 174 -13.14 -25.34 3.21
N PHE D 175 -12.91 -24.72 2.05
CA PHE D 175 -12.93 -25.49 0.82
C PHE D 175 -11.60 -26.19 0.52
N ASP D 176 -10.47 -25.51 0.74
CA ASP D 176 -9.16 -26.07 0.42
C ASP D 176 -8.25 -25.83 1.64
N ARG D 177 -8.06 -26.86 2.45
CA ARG D 177 -7.28 -26.73 3.67
C ARG D 177 -6.01 -27.56 3.58
N PRO D 178 -4.85 -26.98 3.89
CA PRO D 178 -3.60 -27.75 3.86
C PRO D 178 -3.30 -28.52 5.14
N PHE D 179 -4.21 -28.52 6.11
CA PHE D 179 -3.99 -29.23 7.36
C PHE D 179 -5.34 -29.67 7.91
N SER D 180 -5.28 -30.46 8.99
CA SER D 180 -6.48 -30.97 9.64
C SER D 180 -6.33 -30.80 11.14
N ILE D 181 -7.41 -31.14 11.86
CA ILE D 181 -7.40 -31.04 13.31
C ILE D 181 -6.41 -32.04 13.89
N GLY D 182 -5.55 -31.57 14.78
CA GLY D 182 -4.54 -32.41 15.40
C GLY D 182 -3.20 -32.41 14.71
N ASP D 183 -3.04 -31.67 13.62
CA ASP D 183 -1.77 -31.63 12.90
C ASP D 183 -0.85 -30.58 13.50
N TRP D 184 0.41 -30.96 13.70
CA TRP D 184 1.43 -30.04 14.13
C TRP D 184 1.94 -29.27 12.91
N ILE D 185 1.78 -27.95 12.93
CA ILE D 185 2.11 -27.11 11.78
C ILE D 185 3.14 -26.07 12.20
N ARG D 186 3.75 -25.45 11.20
CA ARG D 186 4.86 -24.54 11.40
C ARG D 186 4.96 -23.60 10.20
N SER D 187 5.74 -22.54 10.36
CA SER D 187 5.95 -21.59 9.27
C SER D 187 7.30 -20.90 9.43
N PRO D 188 8.09 -20.80 8.36
CA PRO D 188 9.36 -20.06 8.45
C PRO D 188 9.21 -18.56 8.43
N ASP D 189 8.00 -18.03 8.20
CA ASP D 189 7.77 -16.60 8.12
C ASP D 189 7.22 -16.00 9.41
N ARG D 190 6.32 -16.69 10.08
CA ARG D 190 5.69 -16.20 11.30
C ARG D 190 5.73 -17.30 12.35
N ASN D 191 5.49 -16.90 13.60
CA ASN D 191 5.48 -17.83 14.73
C ASN D 191 4.04 -18.32 14.93
N ILE D 192 3.73 -19.49 14.38
CA ILE D 192 2.40 -20.08 14.51
C ILE D 192 2.54 -21.53 14.94
N GLU D 193 3.71 -21.90 15.47
CA GLU D 193 4.02 -23.29 15.74
C GLU D 193 3.09 -23.87 16.80
N GLY D 194 2.61 -25.08 16.57
CA GLY D 194 1.72 -25.75 17.48
C GLY D 194 0.90 -26.79 16.74
N THR D 195 -0.07 -27.35 17.46
CA THR D 195 -1.00 -28.32 16.90
C THR D 195 -2.37 -27.69 16.74
N VAL D 196 -2.98 -27.91 15.58
CA VAL D 196 -4.26 -27.29 15.26
C VAL D 196 -5.33 -27.85 16.19
N ALA D 197 -6.09 -26.95 16.81
CA ALA D 197 -7.19 -27.31 17.70
C ALA D 197 -8.55 -26.99 17.13
N GLU D 198 -8.71 -25.83 16.50
CA GLU D 198 -10.00 -25.45 15.92
C GLU D 198 -9.76 -24.61 14.68
N ILE D 199 -10.64 -24.78 13.69
CA ILE D 199 -10.61 -23.98 12.47
C ILE D 199 -11.94 -23.26 12.36
N GLY D 200 -11.90 -21.93 12.47
CA GLY D 200 -13.09 -21.11 12.45
C GLY D 200 -13.18 -20.24 11.19
N TRP D 201 -14.25 -19.45 11.15
CA TRP D 201 -14.49 -18.58 10.02
C TRP D 201 -13.58 -17.35 10.03
N ARG D 202 -13.15 -16.91 11.21
CA ARG D 202 -12.30 -15.72 11.33
C ARG D 202 -10.88 -16.05 11.77
N ILE D 203 -10.72 -16.88 12.80
CA ILE D 203 -9.40 -17.21 13.32
C ILE D 203 -9.28 -18.71 13.49
N THR D 204 -8.03 -19.18 13.55
CA THR D 204 -7.70 -20.56 13.81
C THR D 204 -7.06 -20.67 15.18
N LYS D 205 -7.53 -21.61 15.99
CA LYS D 205 -7.03 -21.81 17.34
C LYS D 205 -6.06 -22.98 17.36
N ILE D 206 -4.85 -22.72 17.88
CA ILE D 206 -3.74 -23.66 17.85
C ILE D 206 -3.20 -23.80 19.27
N THR D 207 -2.93 -25.04 19.69
CA THR D 207 -2.35 -25.30 21.00
C THR D 207 -0.83 -25.30 20.87
N THR D 208 -0.16 -24.39 21.58
CA THR D 208 1.29 -24.33 21.54
C THR D 208 1.89 -25.47 22.35
N PHE D 209 3.21 -25.57 22.30
CA PHE D 209 3.90 -26.67 22.97
C PHE D 209 4.18 -26.41 24.44
N ASP D 210 3.81 -25.23 24.95
CA ASP D 210 3.78 -24.99 26.39
C ASP D 210 2.35 -24.95 26.92
N ASN D 211 1.41 -25.56 26.18
CA ASN D 211 0.02 -25.72 26.61
C ASN D 211 -0.68 -24.36 26.77
N ARG D 212 -0.58 -23.53 25.74
CA ARG D 212 -1.28 -22.26 25.70
C ARG D 212 -2.03 -22.13 24.39
N PRO D 213 -3.19 -21.47 24.40
CA PRO D 213 -3.93 -21.25 23.15
C PRO D 213 -3.39 -20.04 22.40
N LEU D 214 -3.35 -20.17 21.07
CA LEU D 214 -2.89 -19.11 20.19
C LEU D 214 -3.93 -18.94 19.09
N TYR D 215 -4.34 -17.71 18.84
CA TYR D 215 -5.35 -17.39 17.84
C TYR D 215 -4.70 -16.71 16.67
N VAL D 216 -4.80 -17.30 15.48
CA VAL D 216 -4.12 -16.84 14.29
C VAL D 216 -5.18 -16.35 13.30
N PRO D 217 -5.10 -15.11 12.83
CA PRO D 217 -6.04 -14.65 11.80
C PRO D 217 -5.91 -15.49 10.54
N ASN D 218 -7.06 -15.77 9.90
CA ASN D 218 -7.08 -16.68 8.77
C ASN D 218 -6.34 -16.14 7.57
N SER D 219 -6.32 -14.82 7.37
CA SER D 219 -5.66 -14.23 6.21
C SER D 219 -4.18 -14.59 6.12
N LEU D 220 -3.53 -14.85 7.26
CA LEU D 220 -2.13 -15.23 7.23
C LEU D 220 -1.91 -16.50 6.41
N PHE D 221 -2.89 -17.39 6.37
CA PHE D 221 -2.76 -18.62 5.61
C PHE D 221 -2.91 -18.41 4.11
N SER D 222 -3.01 -17.16 3.66
CA SER D 222 -3.08 -16.86 2.24
C SER D 222 -1.82 -16.19 1.72
N SER D 223 -0.83 -15.90 2.57
CA SER D 223 0.36 -15.19 2.15
C SER D 223 1.66 -15.77 2.68
N ILE D 224 1.63 -16.78 3.55
CA ILE D 224 2.84 -17.35 4.11
C ILE D 224 2.92 -18.83 3.76
N SER D 225 4.12 -19.37 3.82
CA SER D 225 4.34 -20.79 3.60
C SER D 225 4.07 -21.55 4.90
N VAL D 226 3.38 -22.68 4.78
CA VAL D 226 3.00 -23.50 5.92
C VAL D 226 3.68 -24.85 5.79
N GLU D 227 4.42 -25.23 6.82
CA GLU D 227 5.06 -26.53 6.90
C GLU D 227 4.25 -27.42 7.84
N ASN D 228 4.20 -28.72 7.52
CA ASN D 228 3.39 -29.68 8.26
C ASN D 228 4.29 -30.81 8.76
N PRO D 229 5.00 -30.59 9.87
CA PRO D 229 5.79 -31.68 10.46
C PRO D 229 4.95 -32.85 10.93
N GLY D 230 3.64 -32.65 11.14
CA GLY D 230 2.78 -33.74 11.53
C GLY D 230 2.57 -34.79 10.46
N ARG D 231 3.00 -34.52 9.23
CA ARG D 231 2.91 -35.47 8.13
C ARG D 231 4.29 -35.92 7.66
N MET D 232 5.31 -35.80 8.50
CA MET D 232 6.65 -36.21 8.15
C MET D 232 6.72 -37.73 7.98
N THR D 233 7.66 -38.18 7.17
CA THR D 233 7.89 -39.61 6.97
C THR D 233 9.07 -40.15 7.75
N ASN D 234 10.04 -39.30 8.09
CA ASN D 234 11.22 -39.73 8.84
C ASN D 234 11.69 -38.59 9.73
N ARG D 235 12.50 -38.93 10.72
CA ARG D 235 13.17 -37.97 11.56
C ARG D 235 14.66 -37.97 11.24
N ARG D 236 15.24 -36.78 11.11
CA ARG D 236 16.61 -36.62 10.66
C ARG D 236 17.56 -36.48 11.83
N ILE D 237 18.74 -37.10 11.71
CA ILE D 237 19.84 -36.95 12.66
C ILE D 237 21.00 -36.32 11.92
N THR D 238 21.41 -35.13 12.37
CA THR D 238 22.55 -34.43 11.80
C THR D 238 23.44 -33.96 12.93
N THR D 239 24.75 -34.13 12.76
CA THR D 239 25.70 -33.70 13.79
C THR D 239 27.06 -33.46 13.15
N THR D 240 27.97 -32.88 13.93
CA THR D 240 29.32 -32.58 13.49
C THR D 240 30.31 -33.11 14.54
N ILE D 241 31.31 -33.85 14.07
CA ILE D 241 32.38 -34.37 14.91
C ILE D 241 33.61 -33.49 14.67
N GLY D 242 34.06 -32.81 15.71
CA GLY D 242 35.23 -31.96 15.60
C GLY D 242 36.47 -32.57 16.21
N LEU D 243 37.41 -32.98 15.36
CA LEU D 243 38.63 -33.63 15.82
C LEU D 243 39.77 -32.62 15.89
N ARG D 244 40.78 -32.94 16.69
CA ARG D 244 41.94 -32.07 16.81
C ARG D 244 42.75 -32.08 15.52
N TYR D 245 43.44 -30.96 15.27
CA TYR D 245 44.26 -30.85 14.07
C TYR D 245 45.39 -31.85 14.03
N GLU D 246 45.79 -32.39 15.19
CA GLU D 246 46.82 -33.41 15.26
C GLU D 246 46.29 -34.81 14.99
N ASP D 247 44.98 -34.95 14.77
CA ASP D 247 44.35 -36.22 14.44
C ASP D 247 44.09 -36.36 12.94
N ALA D 248 44.85 -35.64 12.12
CA ALA D 248 44.62 -35.65 10.68
C ALA D 248 44.95 -36.99 10.05
N ALA D 249 45.79 -37.80 10.68
CA ALA D 249 46.18 -39.09 10.14
C ALA D 249 45.15 -40.18 10.40
N LYS D 250 44.12 -39.90 11.20
CA LYS D 250 43.11 -40.88 11.55
C LYS D 250 41.72 -40.50 11.05
N VAL D 251 41.60 -39.50 10.18
CA VAL D 251 40.28 -39.07 9.72
C VAL D 251 39.60 -40.16 8.91
N GLY D 252 40.35 -40.79 7.99
CA GLY D 252 39.74 -41.76 7.09
C GLY D 252 39.19 -42.98 7.81
N VAL D 253 39.97 -43.54 8.72
CA VAL D 253 39.53 -44.74 9.44
C VAL D 253 38.33 -44.42 10.33
N ILE D 254 38.34 -43.26 10.97
CA ILE D 254 37.21 -42.86 11.81
C ILE D 254 35.96 -42.69 10.96
N VAL D 255 36.10 -42.06 9.80
CA VAL D 255 34.95 -41.87 8.91
C VAL D 255 34.40 -43.22 8.47
N GLU D 256 35.27 -44.15 8.10
CA GLU D 256 34.82 -45.47 7.67
C GLU D 256 34.12 -46.21 8.81
N ALA D 257 34.67 -46.14 10.02
CA ALA D 257 34.07 -46.82 11.16
C ALA D 257 32.69 -46.25 11.47
N VAL D 258 32.55 -44.92 11.45
CA VAL D 258 31.26 -44.30 11.73
C VAL D 258 30.26 -44.68 10.64
N ARG D 259 30.69 -44.69 9.37
CA ARG D 259 29.78 -45.06 8.30
C ARG D 259 29.32 -46.51 8.44
N GLU D 260 30.22 -47.41 8.79
CA GLU D 260 29.83 -48.81 8.97
C GLU D 260 28.87 -48.96 10.15
N MET D 261 29.14 -48.25 11.25
CA MET D 261 28.24 -48.31 12.40
C MET D 261 26.85 -47.80 12.04
N LEU D 262 26.77 -46.70 11.30
CA LEU D 262 25.46 -46.20 10.88
C LEU D 262 24.77 -47.16 9.93
N LYS D 263 25.51 -47.80 9.04
CA LYS D 263 24.92 -48.76 8.11
C LYS D 263 24.43 -50.02 8.80
N ASN D 264 25.02 -50.42 9.93
CA ASN D 264 24.58 -51.61 10.64
C ASN D 264 23.65 -51.33 11.80
N HIS D 265 23.24 -50.09 12.01
CA HIS D 265 22.38 -49.76 13.14
C HIS D 265 20.93 -50.13 12.82
N PRO D 266 20.25 -50.88 13.68
CA PRO D 266 18.88 -51.33 13.37
C PRO D 266 17.86 -50.20 13.33
N ALA D 267 18.15 -49.04 13.89
CA ALA D 267 17.18 -47.96 13.97
C ALA D 267 17.31 -46.95 12.83
N ILE D 268 18.22 -47.16 11.89
CA ILE D 268 18.49 -46.21 10.82
C ILE D 268 17.85 -46.70 9.54
N ASP D 269 17.16 -45.81 8.83
CA ASP D 269 16.54 -46.13 7.56
C ASP D 269 17.61 -46.14 6.46
N GLN D 270 17.82 -47.30 5.85
CA GLN D 270 18.88 -47.47 4.86
C GLN D 270 18.46 -47.07 3.45
N ARG D 271 17.20 -46.69 3.24
CA ARG D 271 16.73 -46.25 1.94
C ARG D 271 16.78 -44.74 1.78
N GLN D 272 17.24 -44.01 2.78
CA GLN D 272 17.32 -42.57 2.75
C GLN D 272 18.79 -42.13 2.67
N THR D 273 19.01 -40.82 2.74
CA THR D 273 20.37 -40.29 2.67
C THR D 273 21.18 -40.71 3.87
N LEU D 274 22.46 -41.04 3.63
CA LEU D 274 23.38 -41.46 4.68
C LEU D 274 24.77 -40.99 4.29
N LEU D 275 25.23 -39.89 4.87
CA LEU D 275 26.49 -39.27 4.50
C LEU D 275 27.37 -39.10 5.73
N VAL D 276 28.62 -39.55 5.62
CA VAL D 276 29.65 -39.32 6.65
C VAL D 276 30.92 -38.93 5.92
N TYR D 277 31.29 -37.65 5.99
CA TYR D 277 32.45 -37.16 5.27
C TYR D 277 33.12 -36.04 6.05
N PHE D 278 34.42 -35.89 5.82
CA PHE D 278 35.20 -34.78 6.35
C PHE D 278 35.11 -33.62 5.37
N ASN D 279 34.53 -32.51 5.79
CA ASN D 279 34.18 -31.46 4.84
C ASN D 279 34.44 -30.03 5.34
N GLN D 280 35.20 -29.83 6.40
CA GLN D 280 35.38 -28.46 6.87
C GLN D 280 36.64 -28.32 7.70
N PHE D 281 37.42 -27.28 7.38
CA PHE D 281 38.53 -26.81 8.20
C PHE D 281 37.96 -25.73 9.13
N ALA D 282 37.71 -26.10 10.39
CA ALA D 282 37.21 -25.13 11.35
C ALA D 282 38.37 -24.37 11.98
N ASP D 283 38.05 -23.43 12.86
CA ASP D 283 39.08 -22.61 13.49
C ASP D 283 40.01 -23.44 14.36
N SER D 284 39.46 -24.40 15.10
CA SER D 284 40.25 -25.20 16.04
C SER D 284 40.12 -26.70 15.81
N SER D 285 39.43 -27.13 14.77
CA SER D 285 39.16 -28.54 14.60
C SER D 285 38.93 -28.86 13.12
N LEU D 286 39.00 -30.16 12.82
CA LEU D 286 38.60 -30.70 11.52
C LEU D 286 37.22 -31.31 11.70
N ASN D 287 36.27 -30.91 10.86
CA ASN D 287 34.87 -31.25 11.07
C ASN D 287 34.43 -32.36 10.13
N ILE D 288 33.70 -33.33 10.70
CA ILE D 288 33.12 -34.44 9.95
C ILE D 288 31.61 -34.37 10.12
N MET D 289 30.89 -34.34 9.00
CA MET D 289 29.44 -34.26 9.03
C MET D 289 28.81 -35.64 9.12
N VAL D 290 27.72 -35.74 9.88
CA VAL D 290 26.92 -36.96 9.98
C VAL D 290 25.48 -36.60 9.66
N TYR D 291 24.87 -37.36 8.75
CA TYR D 291 23.59 -37.00 8.15
C TYR D 291 22.84 -38.30 7.84
N CYS D 292 21.77 -38.58 8.57
CA CYS D 292 21.03 -39.82 8.37
C CYS D 292 19.59 -39.63 8.81
N PHE D 293 18.80 -40.69 8.66
CA PHE D 293 17.38 -40.69 9.00
C PHE D 293 17.04 -41.91 9.83
N THR D 294 16.00 -41.80 10.64
CA THR D 294 15.47 -42.91 11.41
C THR D 294 14.16 -43.40 10.82
N LYS D 295 13.87 -44.69 11.05
CA LYS D 295 12.61 -45.25 10.57
C LYS D 295 11.41 -44.64 11.30
N THR D 296 11.52 -44.45 12.60
CA THR D 296 10.42 -43.98 13.41
C THR D 296 10.22 -42.47 13.25
N THR D 297 9.01 -42.02 13.61
CA THR D 297 8.69 -40.60 13.68
C THR D 297 8.26 -40.17 15.07
N VAL D 298 8.36 -41.06 16.05
CA VAL D 298 7.95 -40.76 17.43
C VAL D 298 9.05 -39.97 18.11
N TRP D 299 8.66 -39.00 18.93
CA TRP D 299 9.61 -38.09 19.56
C TRP D 299 10.58 -38.84 20.47
N ALA D 300 10.05 -39.64 21.39
CA ALA D 300 10.90 -40.30 22.37
C ALA D 300 11.79 -41.36 21.73
N GLU D 301 11.24 -42.12 20.78
CA GLU D 301 12.04 -43.15 20.11
C GLU D 301 13.16 -42.52 19.29
N TRP D 302 12.87 -41.42 18.60
CA TRP D 302 13.91 -40.73 17.84
C TRP D 302 14.99 -40.20 18.76
N LEU D 303 14.59 -39.62 19.90
CA LEU D 303 15.59 -39.11 20.84
C LEU D 303 16.46 -40.23 21.40
N ALA D 304 15.85 -41.38 21.72
CA ALA D 304 16.62 -42.50 22.24
C ALA D 304 17.61 -43.02 21.21
N ALA D 305 17.17 -43.15 19.95
CA ALA D 305 18.06 -43.59 18.89
C ALA D 305 19.21 -42.60 18.70
N GLN D 306 18.91 -41.30 18.75
CA GLN D 306 19.96 -40.29 18.62
C GLN D 306 20.97 -40.40 19.75
N GLN D 307 20.51 -40.60 20.99
CA GLN D 307 21.42 -40.75 22.10
C GLN D 307 22.31 -41.98 21.94
N ASP D 308 21.72 -43.10 21.51
CA ASP D 308 22.51 -44.30 21.27
C ASP D 308 23.58 -44.07 20.21
N VAL D 309 23.21 -43.40 19.12
CA VAL D 309 24.16 -43.12 18.05
C VAL D 309 25.29 -42.22 18.56
N TYR D 310 24.95 -41.21 19.35
CA TYR D 310 25.96 -40.31 19.88
C TYR D 310 26.96 -41.05 20.78
N LEU D 311 26.45 -41.92 21.65
CA LEU D 311 27.34 -42.67 22.53
C LEU D 311 28.25 -43.59 21.72
N LYS D 312 27.70 -44.26 20.71
CA LYS D 312 28.52 -45.12 19.86
C LYS D 312 29.59 -44.31 19.12
N ILE D 313 29.24 -43.09 18.68
CA ILE D 313 30.20 -42.23 18.01
C ILE D 313 31.34 -41.87 18.96
N ILE D 314 31.00 -41.53 20.20
CA ILE D 314 32.03 -41.20 21.20
C ILE D 314 32.98 -42.39 21.38
N ASP D 315 32.41 -43.59 21.52
CA ASP D 315 33.24 -44.77 21.71
C ASP D 315 34.14 -45.01 20.51
N ILE D 316 33.60 -44.87 19.30
CA ILE D 316 34.39 -45.11 18.10
C ILE D 316 35.54 -44.11 18.01
N VAL D 317 35.25 -42.83 18.29
CA VAL D 317 36.29 -41.81 18.21
C VAL D 317 37.38 -42.09 19.23
N GLN D 318 37.00 -42.43 20.46
CA GLN D 318 38.00 -42.62 21.49
C GLN D 318 38.78 -43.93 21.36
N SER D 319 38.23 -44.91 20.65
CA SER D 319 38.95 -46.18 20.49
C SER D 319 40.06 -46.11 19.45
N HIS D 320 40.09 -45.08 18.61
CA HIS D 320 41.09 -44.94 17.56
C HIS D 320 42.24 -44.02 17.96
N GLY D 321 42.25 -43.54 19.20
CA GLY D 321 43.31 -42.68 19.67
C GLY D 321 43.10 -41.20 19.44
N ALA D 322 42.01 -40.80 18.81
CA ALA D 322 41.71 -39.40 18.60
C ALA D 322 40.96 -38.84 19.80
N ASP D 323 40.59 -37.56 19.70
CA ASP D 323 39.85 -36.91 20.78
C ASP D 323 39.14 -35.69 20.21
N PHE D 324 38.09 -35.27 20.93
CA PHE D 324 37.36 -34.06 20.56
C PHE D 324 38.17 -32.82 20.91
N ALA D 325 37.94 -31.75 20.17
CA ALA D 325 38.74 -30.54 20.27
C ALA D 325 37.98 -29.45 20.99
N PHE D 326 38.62 -28.86 22.00
CA PHE D 326 38.15 -27.64 22.62
C PHE D 326 38.57 -26.44 21.75
N PRO D 327 37.94 -25.29 21.94
CA PRO D 327 38.48 -24.07 21.32
C PRO D 327 39.93 -23.85 21.75
N SER D 328 40.78 -23.52 20.78
CA SER D 328 42.21 -23.48 21.00
C SER D 328 42.77 -22.12 20.63
N GLN D 329 43.91 -21.79 21.24
CA GLN D 329 44.58 -20.52 21.00
C GLN D 329 46.08 -20.72 21.14
N THR D 330 46.83 -19.85 20.47
CA THR D 330 48.28 -19.79 20.60
C THR D 330 48.64 -18.47 21.27
N LEU D 331 49.38 -18.53 22.36
CA LEU D 331 49.70 -17.36 23.16
C LEU D 331 51.18 -17.06 23.06
N TYR D 332 51.50 -15.81 22.73
CA TYR D 332 52.88 -15.32 22.70
C TYR D 332 53.08 -14.39 23.90
N MET D 333 54.06 -14.70 24.73
CA MET D 333 54.30 -13.95 25.96
C MET D 333 55.50 -13.03 25.80
N ASP D 334 55.42 -11.87 26.43
CA ASP D 334 56.50 -10.89 26.40
C ASP D 334 57.78 -11.45 26.99
N GLU E 4 -64.11 34.90 -4.11
CA GLU E 4 -65.31 34.57 -3.36
C GLU E 4 -64.96 33.98 -1.99
N LEU E 5 -65.97 33.52 -1.27
CA LEU E 5 -65.79 32.91 0.04
C LEU E 5 -66.15 31.43 0.05
N PHE E 6 -67.37 31.09 -0.37
CA PHE E 6 -67.77 29.69 -0.41
C PHE E 6 -67.08 28.95 -1.56
N THR E 7 -67.06 29.57 -2.74
CA THR E 7 -66.40 28.95 -3.88
C THR E 7 -64.90 28.81 -3.66
N ASN E 8 -64.27 29.83 -3.07
CA ASN E 8 -62.83 29.75 -2.77
C ASN E 8 -62.55 28.65 -1.76
N ASN E 9 -63.39 28.53 -0.73
CA ASN E 9 -63.21 27.46 0.25
C ASN E 9 -63.40 26.08 -0.38
N ALA E 10 -64.38 25.94 -1.26
CA ALA E 10 -64.60 24.67 -1.94
C ALA E 10 -63.43 24.30 -2.83
N LEU E 11 -62.88 25.28 -3.56
CA LEU E 11 -61.74 25.02 -4.42
C LEU E 11 -60.46 24.80 -3.65
N ASN E 12 -60.35 25.33 -2.43
CA ASN E 12 -59.14 25.17 -1.65
C ASN E 12 -58.93 23.72 -1.23
N LEU E 13 -60.01 22.98 -1.00
CA LEU E 13 -59.97 21.57 -0.58
C LEU E 13 -59.25 21.52 0.77
N VAL E 14 -58.33 20.58 1.00
CA VAL E 14 -57.66 20.44 2.28
C VAL E 14 -56.34 21.20 2.33
N ILE E 15 -55.95 21.86 1.25
CA ILE E 15 -54.70 22.63 1.25
C ILE E 15 -54.79 23.79 2.22
N ILE E 16 -55.91 24.51 2.22
CA ILE E 16 -56.09 25.64 3.13
C ILE E 16 -56.12 25.16 4.57
N PHE E 17 -56.81 24.05 4.84
CA PHE E 17 -56.87 23.50 6.19
C PHE E 17 -55.53 22.97 6.67
N GLY E 18 -54.55 22.82 5.78
CA GLY E 18 -53.23 22.42 6.21
C GLY E 18 -52.60 23.41 7.17
N SER E 19 -52.84 24.71 6.94
CA SER E 19 -52.31 25.72 7.85
C SER E 19 -52.91 25.59 9.24
N CYS E 20 -54.22 25.36 9.32
CA CYS E 20 -54.86 25.18 10.63
C CYS E 20 -54.36 23.91 11.31
N ALA E 21 -54.22 22.83 10.56
CA ALA E 21 -53.69 21.58 11.13
C ALA E 21 -52.27 21.78 11.64
N ALA E 22 -51.45 22.53 10.90
CA ALA E 22 -50.09 22.80 11.33
C ALA E 22 -50.06 23.71 12.56
N LEU E 23 -50.99 24.65 12.65
CA LEU E 23 -51.09 25.46 13.86
C LEU E 23 -51.46 24.61 15.07
N ILE E 24 -52.38 23.66 14.88
CA ILE E 24 -52.72 22.74 15.96
C ILE E 24 -51.51 21.89 16.35
N LEU E 25 -50.74 21.44 15.36
CA LEU E 25 -49.55 20.66 15.64
C LEU E 25 -48.51 21.49 16.37
N MET E 26 -48.37 22.77 16.02
CA MET E 26 -47.44 23.66 16.72
C MET E 26 -47.88 23.88 18.15
N SER E 27 -49.18 24.02 18.39
CA SER E 27 -49.68 24.12 19.76
C SER E 27 -49.39 22.85 20.55
N PHE E 28 -49.56 21.69 19.90
CA PHE E 28 -49.24 20.42 20.55
C PHE E 28 -47.75 20.33 20.88
N TRP E 29 -46.89 20.78 19.96
CA TRP E 29 -45.46 20.79 20.21
C TRP E 29 -45.09 21.75 21.32
N PHE E 30 -45.82 22.86 21.44
CA PHE E 30 -45.66 23.73 22.61
C PHE E 30 -46.03 22.97 23.88
N ARG E 31 -47.11 22.19 23.83
CA ARG E 31 -47.39 21.24 24.90
C ARG E 31 -46.45 20.04 24.86
N ARG E 32 -45.80 19.80 23.73
CA ARG E 32 -44.77 18.77 23.56
C ARG E 32 -45.30 17.36 23.76
N GLY E 33 -46.63 17.19 23.72
CA GLY E 33 -47.23 15.87 23.76
C GLY E 33 -46.91 15.04 24.99
N ASN E 34 -46.12 13.98 24.81
CA ASN E 34 -45.85 13.04 25.88
C ASN E 34 -45.11 13.71 27.04
N ARG E 35 -44.09 14.50 26.74
CA ARG E 35 -43.28 15.12 27.79
C ARG E 35 -42.82 16.49 27.32
N LYS E 36 -42.88 17.46 28.22
CA LYS E 36 -42.51 18.85 27.91
C LYS E 36 -40.98 18.95 27.90
N ARG E 37 -40.38 18.52 26.79
CA ARG E 37 -38.95 18.56 26.61
C ARG E 37 -38.64 19.03 25.20
N LYS E 38 -37.37 19.35 24.96
CA LYS E 38 -36.93 19.82 23.65
C LYS E 38 -35.48 19.41 23.45
N GLY E 39 -35.07 19.38 22.18
CA GLY E 39 -33.72 19.00 21.83
C GLY E 39 -33.65 17.97 20.72
N PHE E 40 -32.83 18.24 19.71
CA PHE E 40 -32.60 17.31 18.60
C PHE E 40 -33.90 16.97 17.87
N LEU E 41 -34.53 15.86 18.25
CA LEU E 41 -35.70 15.37 17.54
C LEU E 41 -36.83 16.39 17.53
N PHE E 42 -36.93 17.22 18.57
CA PHE E 42 -37.96 18.26 18.59
C PHE E 42 -37.74 19.25 17.46
N HIS E 43 -36.52 19.74 17.30
CA HIS E 43 -36.21 20.62 16.18
C HIS E 43 -36.41 19.91 14.86
N ALA E 44 -36.11 18.62 14.79
CA ALA E 44 -36.30 17.87 13.55
C ALA E 44 -37.77 17.83 13.14
N VAL E 45 -38.65 17.48 14.08
CA VAL E 45 -40.07 17.39 13.74
C VAL E 45 -40.64 18.77 13.47
N GLN E 46 -40.16 19.81 14.17
CA GLN E 46 -40.60 21.16 13.87
C GLN E 46 -40.21 21.58 12.46
N PHE E 47 -38.96 21.29 12.07
CA PHE E 47 -38.54 21.58 10.70
C PHE E 47 -39.38 20.79 9.69
N LEU E 48 -39.71 19.55 10.03
CA LEU E 48 -40.52 18.73 9.14
C LEU E 48 -41.91 19.33 8.93
N ILE E 49 -42.56 19.77 10.01
CA ILE E 49 -43.91 20.27 9.81
C ILE E 49 -43.88 21.68 9.22
N TYR E 50 -42.78 22.42 9.40
CA TYR E 50 -42.61 23.66 8.65
C TYR E 50 -42.50 23.38 7.15
N THR E 51 -41.74 22.35 6.78
CA THR E 51 -41.67 21.96 5.37
C THR E 51 -43.04 21.54 4.84
N ILE E 52 -43.82 20.85 5.68
CA ILE E 52 -45.19 20.51 5.30
C ILE E 52 -46.02 21.76 5.07
N ILE E 53 -45.85 22.76 5.94
CA ILE E 53 -46.55 24.03 5.79
C ILE E 53 -46.24 24.64 4.43
N ILE E 54 -44.95 24.69 4.09
CA ILE E 54 -44.55 25.31 2.83
C ILE E 54 -45.05 24.50 1.63
N SER E 55 -45.03 23.16 1.75
CA SER E 55 -45.56 22.33 0.67
C SER E 55 -47.04 22.58 0.44
N ALA E 56 -47.81 22.70 1.52
CA ALA E 56 -49.22 23.02 1.39
C ALA E 56 -49.44 24.41 0.81
N VAL E 57 -48.64 25.39 1.24
CA VAL E 57 -48.75 26.74 0.71
C VAL E 57 -48.45 26.78 -0.78
N GLY E 58 -47.56 25.89 -1.24
CA GLY E 58 -47.29 25.82 -2.66
C GLY E 58 -48.52 25.52 -3.48
N SER E 59 -49.27 24.49 -3.07
CA SER E 59 -50.52 24.18 -3.76
C SER E 59 -51.59 25.25 -3.53
N ILE E 60 -51.59 25.86 -2.35
CA ILE E 60 -52.54 26.94 -2.07
C ILE E 60 -52.37 28.06 -3.09
N ILE E 61 -51.13 28.51 -3.30
CA ILE E 61 -50.89 29.59 -4.25
C ILE E 61 -50.99 29.09 -5.68
N ASN E 62 -50.77 27.79 -5.92
CA ASN E 62 -50.99 27.25 -7.26
C ASN E 62 -52.46 27.34 -7.66
N TYR E 63 -53.36 27.14 -6.70
CA TYR E 63 -54.78 27.22 -7.03
C TYR E 63 -55.25 28.66 -7.19
N VAL E 64 -54.61 29.61 -6.51
CA VAL E 64 -55.06 31.00 -6.54
C VAL E 64 -54.96 31.57 -7.95
N ILE E 65 -53.81 31.38 -8.59
CA ILE E 65 -53.65 31.94 -9.94
C ILE E 65 -54.27 31.03 -11.01
N GLU E 66 -54.70 29.83 -10.64
CA GLU E 66 -55.38 28.97 -11.60
C GLU E 66 -56.89 29.22 -11.62
N ASN E 67 -57.48 29.61 -10.49
CA ASN E 67 -58.92 29.82 -10.42
C ASN E 67 -59.34 31.27 -10.57
N TYR E 68 -58.42 32.23 -10.47
CA TYR E 68 -58.76 33.64 -10.67
C TYR E 68 -58.11 34.22 -11.92
N LYS E 69 -56.78 34.17 -12.01
CA LYS E 69 -56.05 34.73 -13.14
C LYS E 69 -54.59 34.31 -13.09
N LEU E 70 -54.02 33.91 -14.23
CA LEU E 70 -52.63 33.44 -14.24
C LEU E 70 -51.68 34.55 -13.83
N LYS E 71 -51.91 35.77 -14.31
CA LYS E 71 -51.12 36.96 -13.96
C LYS E 71 -49.67 36.71 -14.37
N PHE E 72 -48.68 36.98 -13.51
CA PHE E 72 -47.28 36.88 -13.89
C PHE E 72 -46.43 36.26 -12.79
N ILE E 73 -46.99 35.31 -12.04
CA ILE E 73 -46.29 34.78 -10.87
C ILE E 73 -45.07 33.97 -11.29
N THR E 74 -45.17 33.21 -12.40
CA THR E 74 -44.09 32.32 -12.85
C THR E 74 -43.65 31.40 -11.73
N PRO E 75 -44.42 30.34 -11.43
CA PRO E 75 -44.22 29.56 -10.19
C PRO E 75 -42.79 29.05 -9.95
N GLY E 76 -41.93 29.16 -10.96
CA GLY E 76 -40.53 28.86 -10.74
C GLY E 76 -39.92 29.71 -9.64
N VAL E 77 -40.25 31.00 -9.63
CA VAL E 77 -39.67 31.89 -8.62
C VAL E 77 -40.23 31.56 -7.23
N ILE E 78 -41.51 31.19 -7.13
CA ILE E 78 -42.05 30.91 -5.79
C ILE E 78 -41.51 29.60 -5.26
N ASP E 79 -41.29 28.60 -6.13
CA ASP E 79 -40.67 27.38 -5.62
C ASP E 79 -39.19 27.62 -5.28
N PHE E 80 -38.52 28.49 -6.02
CA PHE E 80 -37.16 28.87 -5.62
C PHE E 80 -37.17 29.54 -4.25
N ILE E 81 -38.14 30.42 -4.00
CA ILE E 81 -38.24 31.09 -2.71
C ILE E 81 -38.53 30.09 -1.61
N CYS E 82 -39.41 29.12 -1.86
CA CYS E 82 -39.73 28.13 -0.84
C CYS E 82 -38.52 27.27 -0.52
N THR E 83 -37.75 26.87 -1.54
CA THR E 83 -36.53 26.12 -1.30
C THR E 83 -35.52 26.95 -0.52
N SER E 84 -35.41 28.24 -0.84
CA SER E 84 -34.50 29.12 -0.10
C SER E 84 -34.91 29.21 1.37
N LEU E 85 -36.21 29.34 1.63
CA LEU E 85 -36.69 29.41 3.01
C LEU E 85 -36.41 28.11 3.75
N ILE E 86 -36.62 26.98 3.08
CA ILE E 86 -36.32 25.68 3.70
C ILE E 86 -34.85 25.59 4.05
N ALA E 87 -33.98 26.01 3.12
CA ALA E 87 -32.55 25.99 3.39
C ALA E 87 -32.21 26.89 4.57
N VAL E 88 -32.82 28.08 4.64
CA VAL E 88 -32.53 29.02 5.71
C VAL E 88 -32.91 28.44 7.06
N ILE E 89 -34.12 27.87 7.14
CA ILE E 89 -34.58 27.34 8.43
C ILE E 89 -33.76 26.12 8.84
N LEU E 90 -33.38 25.28 7.86
CA LEU E 90 -32.52 24.14 8.18
C LEU E 90 -31.18 24.59 8.70
N THR E 91 -30.57 25.59 8.05
CA THR E 91 -29.29 26.10 8.53
C THR E 91 -29.40 26.70 9.91
N ILE E 92 -30.49 27.44 10.18
CA ILE E 92 -30.67 28.02 11.50
C ILE E 92 -30.80 26.93 12.57
N LYS E 93 -31.58 25.90 12.27
CA LYS E 93 -31.75 24.80 13.24
C LYS E 93 -30.42 24.11 13.52
N LEU E 94 -29.66 23.81 12.46
CA LEU E 94 -28.39 23.13 12.64
C LEU E 94 -27.40 24.01 13.41
N PHE E 95 -27.37 25.31 13.10
CA PHE E 95 -26.48 26.22 13.80
C PHE E 95 -26.82 26.29 15.28
N LEU E 96 -28.11 26.36 15.61
CA LEU E 96 -28.49 26.41 17.02
C LEU E 96 -28.16 25.11 17.72
N LEU E 97 -28.34 23.97 17.04
CA LEU E 97 -28.01 22.68 17.64
C LEU E 97 -26.52 22.59 17.97
N ILE E 98 -25.67 22.95 17.01
CA ILE E 98 -24.24 22.86 17.27
C ILE E 98 -23.79 23.94 18.25
N ASN E 99 -24.50 25.07 18.32
CA ASN E 99 -24.19 26.06 19.35
C ASN E 99 -24.49 25.52 20.74
N GLN E 100 -25.63 24.84 20.89
CA GLN E 100 -25.94 24.18 22.16
C GLN E 100 -24.87 23.14 22.49
N PHE E 101 -24.43 22.39 21.49
CA PHE E 101 -23.33 21.44 21.69
C PHE E 101 -22.07 22.16 22.17
N GLU E 102 -21.79 23.34 21.61
CA GLU E 102 -20.56 24.06 21.94
C GLU E 102 -20.58 24.54 23.38
N LYS E 103 -21.70 25.17 23.80
CA LYS E 103 -21.81 25.53 25.21
C LYS E 103 -21.84 24.32 26.14
N GLN E 104 -22.37 23.19 25.68
CA GLN E 104 -22.29 21.96 26.47
C GLN E 104 -20.82 21.60 26.69
N GLN E 105 -20.02 21.64 25.63
CA GLN E 105 -18.59 21.33 25.75
C GLN E 105 -17.89 22.32 26.68
N ILE E 106 -18.23 23.60 26.59
CA ILE E 106 -17.63 24.59 27.47
C ILE E 106 -17.98 24.30 28.92
N LYS E 107 -19.26 24.01 29.20
CA LYS E 107 -19.69 23.76 30.57
C LYS E 107 -19.03 22.50 31.12
N LYS E 108 -18.74 21.53 30.25
CA LYS E 108 -18.00 20.34 30.69
C LYS E 108 -16.63 20.72 31.23
N GLY E 109 -16.06 21.81 30.74
CA GLY E 109 -14.74 22.26 31.18
C GLY E 109 -13.68 21.94 30.16
N ARG E 110 -13.31 22.95 29.36
CA ARG E 110 -12.38 22.75 28.26
C ARG E 110 -11.93 24.11 27.77
N ASP E 111 -10.79 24.14 27.08
CA ASP E 111 -10.26 25.38 26.54
C ASP E 111 -11.26 26.00 25.57
N ILE E 112 -11.43 27.32 25.69
CA ILE E 112 -12.44 28.01 24.89
C ILE E 112 -12.05 28.02 23.42
N THR E 113 -10.77 28.27 23.13
CA THR E 113 -10.32 28.36 21.73
C THR E 113 -10.54 27.05 21.00
N SER E 114 -10.25 25.92 21.65
CA SER E 114 -10.48 24.63 21.02
C SER E 114 -11.96 24.41 20.73
N ALA E 115 -12.83 24.82 21.65
CA ALA E 115 -14.27 24.70 21.42
C ALA E 115 -14.71 25.54 20.23
N ARG E 116 -14.20 26.78 20.14
CA ARG E 116 -14.53 27.62 18.99
C ARG E 116 -14.05 26.98 17.69
N ILE E 117 -12.84 26.43 17.69
CA ILE E 117 -12.31 25.82 16.47
C ILE E 117 -13.13 24.62 16.06
N MET E 118 -13.51 23.77 17.02
CA MET E 118 -14.34 22.61 16.70
C MET E 118 -15.71 23.05 16.18
N SER E 119 -16.30 24.09 16.78
CA SER E 119 -17.58 24.58 16.30
C SER E 119 -17.47 25.08 14.86
N ARG E 120 -16.37 25.76 14.55
CA ARG E 120 -16.19 26.19 13.21
C ARG E 120 -16.15 24.99 12.32
N ILE E 121 -15.26 24.06 12.63
CA ILE E 121 -15.09 22.89 11.77
C ILE E 121 -16.44 22.27 11.45
N ILE E 122 -17.28 22.10 12.48
CA ILE E 122 -18.61 21.53 12.26
C ILE E 122 -19.44 22.44 11.36
N LYS E 123 -19.32 23.76 11.55
CA LYS E 123 -20.05 24.71 10.70
C LYS E 123 -19.69 24.51 9.23
N ILE E 124 -18.40 24.51 8.92
CA ILE E 124 -17.97 24.38 7.52
C ILE E 124 -18.35 23.02 6.97
N THR E 125 -18.19 21.96 7.76
CA THR E 125 -18.56 20.62 7.27
C THR E 125 -20.04 20.54 6.95
N ILE E 126 -20.89 21.07 7.84
CA ILE E 126 -22.33 21.03 7.59
C ILE E 126 -22.69 21.87 6.38
N ILE E 127 -22.06 23.04 6.23
CA ILE E 127 -22.35 23.89 5.08
C ILE E 127 -21.99 23.18 3.78
N VAL E 128 -20.82 22.53 3.75
CA VAL E 128 -20.40 21.83 2.54
C VAL E 128 -21.35 20.67 2.23
N VAL E 129 -21.73 19.91 3.27
CA VAL E 129 -22.63 18.78 3.05
C VAL E 129 -23.97 19.25 2.51
N LEU E 130 -24.51 20.34 3.09
CA LEU E 130 -25.79 20.86 2.63
C LEU E 130 -25.68 21.39 1.20
N VAL E 131 -24.58 22.06 0.87
CA VAL E 131 -24.41 22.59 -0.48
C VAL E 131 -24.36 21.45 -1.49
N LEU E 132 -23.63 20.38 -1.17
CA LEU E 132 -23.54 19.26 -2.10
C LEU E 132 -24.88 18.53 -2.20
N LEU E 133 -25.63 18.45 -1.09
CA LEU E 133 -26.93 17.79 -1.12
C LEU E 133 -27.99 18.68 -1.76
N TYR E 134 -27.92 19.99 -1.55
CA TYR E 134 -28.97 20.89 -1.97
C TYR E 134 -28.49 21.81 -3.10
N GLY E 135 -27.73 21.25 -4.03
CA GLY E 135 -27.12 22.06 -5.08
C GLY E 135 -27.72 21.89 -6.45
N GLU E 136 -29.05 21.83 -6.55
CA GLU E 136 -29.72 21.80 -7.84
C GLU E 136 -30.85 22.80 -7.98
N HIS E 137 -31.58 23.11 -6.91
CA HIS E 137 -32.66 24.09 -7.00
C HIS E 137 -32.14 25.50 -7.23
N PHE E 138 -31.10 25.90 -6.49
CA PHE E 138 -30.34 27.11 -6.80
C PHE E 138 -28.93 26.77 -7.26
N GLY E 139 -28.70 25.54 -7.69
CA GLY E 139 -27.37 24.96 -7.75
C GLY E 139 -26.53 25.36 -8.94
N MET E 140 -25.86 24.36 -9.51
CA MET E 140 -24.71 24.58 -10.38
C MET E 140 -24.85 23.59 -11.53
N SER E 141 -23.78 23.42 -12.30
CA SER E 141 -23.74 22.38 -13.32
C SER E 141 -23.62 21.01 -12.68
N LEU E 142 -24.46 20.07 -13.12
CA LEU E 142 -24.51 18.74 -12.52
C LEU E 142 -23.27 17.90 -12.82
N SER E 143 -22.26 18.48 -13.45
CA SER E 143 -20.97 17.83 -13.66
C SER E 143 -19.89 18.33 -12.71
N GLY E 144 -19.93 19.61 -12.34
CA GLY E 144 -18.93 20.13 -11.42
C GLY E 144 -19.05 19.54 -10.02
N LEU E 145 -20.27 19.45 -9.49
CA LEU E 145 -20.46 18.90 -8.15
C LEU E 145 -20.04 17.44 -8.09
N LEU E 146 -20.32 16.67 -9.16
CA LEU E 146 -19.91 15.28 -9.16
C LEU E 146 -18.40 15.15 -8.98
N THR E 147 -17.62 15.90 -9.79
CA THR E 147 -16.17 15.83 -9.69
C THR E 147 -15.68 16.34 -8.34
N PHE E 148 -16.22 17.48 -7.88
CA PHE E 148 -15.76 18.07 -6.63
C PHE E 148 -16.03 17.12 -5.46
N GLY E 149 -17.25 16.61 -5.37
CA GLY E 149 -17.59 15.69 -4.30
C GLY E 149 -16.82 14.39 -4.39
N GLY E 150 -16.59 13.89 -5.62
CA GLY E 150 -15.79 12.70 -5.76
C GLY E 150 -14.37 12.87 -5.25
N ILE E 151 -13.74 13.99 -5.60
CA ILE E 151 -12.39 14.26 -5.13
C ILE E 151 -12.37 14.39 -3.61
N GLY E 152 -13.32 15.15 -3.06
CA GLY E 152 -13.35 15.34 -1.62
C GLY E 152 -13.59 14.05 -0.86
N GLY E 153 -14.57 13.26 -1.31
CA GLY E 153 -14.86 12.00 -0.67
C GLY E 153 -13.74 10.99 -0.79
N LEU E 154 -13.06 10.98 -1.94
CA LEU E 154 -11.92 10.09 -2.13
C LEU E 154 -10.78 10.44 -1.18
N ALA E 155 -10.47 11.74 -1.07
CA ALA E 155 -9.43 12.17 -0.13
C ALA E 155 -9.81 11.84 1.31
N VAL E 156 -11.07 12.11 1.68
CA VAL E 156 -11.52 11.82 3.04
C VAL E 156 -11.51 10.32 3.30
N GLY E 157 -11.86 9.52 2.29
CA GLY E 157 -11.89 8.08 2.47
C GLY E 157 -10.52 7.50 2.74
N MET E 158 -9.51 7.92 1.97
CA MET E 158 -8.18 7.42 2.31
C MET E 158 -7.59 8.06 3.56
N ALA E 159 -7.99 9.28 3.89
CA ALA E 159 -7.43 9.93 5.07
C ALA E 159 -7.92 9.32 6.38
N GLY E 160 -9.17 8.85 6.44
CA GLY E 160 -9.74 8.32 7.66
C GLY E 160 -9.80 6.81 7.76
N LYS E 161 -8.94 6.09 7.06
CA LYS E 161 -9.03 4.62 7.07
C LYS E 161 -8.69 4.04 8.44
N ASP E 162 -7.66 4.56 9.10
CA ASP E 162 -7.20 3.96 10.35
C ASP E 162 -8.20 4.17 11.48
N ILE E 163 -8.76 5.37 11.58
CA ILE E 163 -9.73 5.66 12.64
C ILE E 163 -10.94 4.75 12.52
N LEU E 164 -11.46 4.58 11.31
CA LEU E 164 -12.62 3.72 11.11
C LEU E 164 -12.27 2.25 11.29
N SER E 165 -11.05 1.85 10.91
CA SER E 165 -10.64 0.47 11.08
C SER E 165 -10.57 0.10 12.56
N ASN E 166 -10.11 1.03 13.41
CA ASN E 166 -10.08 0.75 14.84
C ASN E 166 -11.49 0.48 15.39
N PHE E 167 -12.47 1.29 14.97
CA PHE E 167 -13.83 1.09 15.46
C PHE E 167 -14.45 -0.18 14.91
N PHE E 168 -14.15 -0.52 13.65
CA PHE E 168 -14.65 -1.77 13.09
C PHE E 168 -14.09 -2.97 13.86
N SER E 169 -12.79 -2.93 14.17
CA SER E 169 -12.21 -3.99 14.98
C SER E 169 -12.78 -4.00 16.39
N GLY E 170 -13.17 -2.84 16.92
CA GLY E 170 -13.85 -2.81 18.19
C GLY E 170 -15.19 -3.51 18.16
N ILE E 171 -15.97 -3.28 17.10
CA ILE E 171 -17.23 -4.00 16.94
C ILE E 171 -16.98 -5.50 16.83
N MET E 172 -15.98 -5.89 16.05
CA MET E 172 -15.64 -7.31 15.92
C MET E 172 -15.28 -7.91 17.28
N LEU E 173 -14.48 -7.19 18.07
CA LEU E 173 -14.13 -7.66 19.40
C LEU E 173 -15.35 -7.78 20.29
N TYR E 174 -16.31 -6.86 20.13
CA TYR E 174 -17.56 -6.96 20.89
C TYR E 174 -18.30 -8.24 20.55
N PHE E 175 -18.34 -8.60 19.27
CA PHE E 175 -19.08 -9.80 18.90
C PHE E 175 -18.27 -11.09 19.06
N ASP E 176 -17.00 -11.09 18.69
CA ASP E 176 -16.16 -12.28 18.74
C ASP E 176 -14.84 -11.88 19.41
N ARG E 177 -14.69 -12.19 20.68
CA ARG E 177 -13.50 -11.81 21.43
C ARG E 177 -12.71 -13.03 21.86
N PRO E 178 -11.40 -13.05 21.59
CA PRO E 178 -10.58 -14.20 22.01
C PRO E 178 -10.08 -14.12 23.45
N PHE E 179 -10.49 -13.11 24.21
CA PHE E 179 -10.04 -12.97 25.60
C PHE E 179 -11.14 -12.28 26.39
N SER E 180 -10.93 -12.21 27.70
CA SER E 180 -11.88 -11.58 28.61
C SER E 180 -11.12 -10.69 29.58
N ILE E 181 -11.88 -9.97 30.40
CA ILE E 181 -11.28 -9.08 31.39
C ILE E 181 -10.53 -9.92 32.43
N GLY E 182 -9.29 -9.53 32.70
CA GLY E 182 -8.45 -10.22 33.65
C GLY E 182 -7.55 -11.29 33.05
N ASP E 183 -7.61 -11.50 31.75
CA ASP E 183 -6.77 -12.50 31.11
C ASP E 183 -5.40 -11.93 30.77
N TRP E 184 -4.36 -12.70 31.08
CA TRP E 184 -3.01 -12.36 30.69
C TRP E 184 -2.79 -12.80 29.24
N ILE E 185 -2.49 -11.85 28.37
CA ILE E 185 -2.38 -12.11 26.94
C ILE E 185 -0.99 -11.70 26.46
N ARG E 186 -0.65 -12.17 25.27
CA ARG E 186 0.68 -12.01 24.71
C ARG E 186 0.61 -12.13 23.20
N SER E 187 1.69 -11.73 22.53
CA SER E 187 1.75 -11.84 21.09
C SER E 187 3.20 -11.97 20.63
N PRO E 188 3.50 -12.90 19.72
CA PRO E 188 4.87 -13.00 19.20
C PRO E 188 5.22 -11.95 18.17
N ASP E 189 4.26 -11.13 17.72
CA ASP E 189 4.49 -10.13 16.70
C ASP E 189 4.71 -8.73 17.26
N ARG E 190 3.96 -8.35 18.30
CA ARG E 190 4.05 -7.03 18.89
C ARG E 190 4.13 -7.16 20.40
N ASN E 191 4.54 -6.08 21.06
CA ASN E 191 4.66 -6.03 22.51
C ASN E 191 3.34 -5.52 23.09
N ILE E 192 2.48 -6.44 23.51
CA ILE E 192 1.19 -6.10 24.11
C ILE E 192 1.01 -6.88 25.40
N GLU E 193 2.11 -7.40 25.95
CA GLU E 193 2.02 -8.32 27.08
C GLU E 193 1.44 -7.62 28.31
N GLY E 194 0.55 -8.32 29.00
CA GLY E 194 -0.09 -7.80 30.19
C GLY E 194 -1.42 -8.48 30.42
N THR E 195 -2.16 -7.95 31.38
CA THR E 195 -3.49 -8.45 31.71
C THR E 195 -4.53 -7.44 31.24
N VAL E 196 -5.58 -7.95 30.60
CA VAL E 196 -6.61 -7.08 30.04
C VAL E 196 -7.35 -6.38 31.16
N ALA E 197 -7.48 -5.06 31.05
CA ALA E 197 -8.21 -4.25 32.03
C ALA E 197 -9.50 -3.69 31.49
N GLU E 198 -9.51 -3.21 30.24
CA GLU E 198 -10.72 -2.65 29.66
C GLU E 198 -10.72 -2.91 28.16
N ILE E 199 -11.91 -3.16 27.61
CA ILE E 199 -12.10 -3.34 26.18
C ILE E 199 -13.06 -2.26 25.70
N GLY E 200 -12.56 -1.35 24.87
CA GLY E 200 -13.33 -0.24 24.37
C GLY E 200 -13.61 -0.33 22.88
N TRP E 201 -14.30 0.69 22.38
CA TRP E 201 -14.65 0.74 20.97
C TRP E 201 -13.47 1.09 20.08
N ARG E 202 -12.50 1.84 20.61
CA ARG E 202 -11.34 2.27 19.84
C ARG E 202 -10.05 1.60 20.28
N ILE E 203 -9.79 1.55 21.58
CA ILE E 203 -8.54 0.98 22.09
C ILE E 203 -8.86 0.03 23.24
N THR E 204 -7.91 -0.86 23.50
CA THR E 204 -7.97 -1.80 24.62
C THR E 204 -6.92 -1.39 25.65
N LYS E 205 -7.32 -1.32 26.91
CA LYS E 205 -6.43 -0.93 27.99
C LYS E 205 -5.95 -2.17 28.73
N ILE E 206 -4.64 -2.31 28.86
CA ILE E 206 -3.99 -3.50 29.41
C ILE E 206 -3.02 -3.05 30.50
N THR E 207 -3.03 -3.75 31.62
CA THR E 207 -2.09 -3.47 32.70
C THR E 207 -0.84 -4.30 32.52
N THR E 208 0.31 -3.63 32.36
CA THR E 208 1.57 -4.33 32.19
C THR E 208 2.02 -4.93 33.53
N PHE E 209 3.12 -5.68 33.46
CA PHE E 209 3.62 -6.36 34.64
C PHE E 209 4.51 -5.49 35.52
N ASP E 210 4.76 -4.25 35.12
CA ASP E 210 5.37 -3.25 36.00
C ASP E 210 4.35 -2.21 36.45
N ASN E 211 3.06 -2.57 36.40
CA ASN E 211 1.98 -1.73 36.91
C ASN E 211 1.86 -0.41 36.16
N ARG E 212 1.83 -0.50 34.83
CA ARG E 212 1.62 0.66 33.98
C ARG E 212 0.50 0.38 32.99
N PRO E 213 -0.28 1.39 32.63
CA PRO E 213 -1.32 1.20 31.62
C PRO E 213 -0.77 1.29 30.21
N LEU E 214 -1.28 0.42 29.33
CA LEU E 214 -0.89 0.39 27.94
C LEU E 214 -2.16 0.39 27.09
N TYR E 215 -2.20 1.26 26.10
CA TYR E 215 -3.37 1.41 25.23
C TYR E 215 -3.03 0.86 23.85
N VAL E 216 -3.77 -0.15 23.41
CA VAL E 216 -3.49 -0.86 22.18
C VAL E 216 -4.63 -0.56 21.19
N PRO E 217 -4.33 -0.06 20.00
CA PRO E 217 -5.41 0.12 19.01
C PRO E 217 -6.05 -1.21 18.66
N ASN E 218 -7.37 -1.18 18.46
CA ASN E 218 -8.12 -2.41 18.26
C ASN E 218 -7.77 -3.12 16.96
N SER E 219 -7.40 -2.37 15.92
CA SER E 219 -7.10 -2.98 14.63
C SER E 219 -5.97 -3.99 14.71
N LEU E 220 -5.04 -3.84 15.66
CA LEU E 220 -3.97 -4.81 15.82
C LEU E 220 -4.50 -6.20 16.06
N PHE E 221 -5.66 -6.33 16.72
CA PHE E 221 -6.23 -7.63 17.00
C PHE E 221 -6.87 -8.27 15.77
N SER E 222 -6.73 -7.66 14.60
CA SER E 222 -7.23 -8.23 13.36
C SER E 222 -6.13 -8.73 12.43
N SER E 223 -4.86 -8.54 12.79
CA SER E 223 -3.76 -8.90 11.92
C SER E 223 -2.61 -9.63 12.61
N ILE E 224 -2.64 -9.79 13.93
CA ILE E 224 -1.56 -10.44 14.64
C ILE E 224 -2.10 -11.65 15.40
N SER E 225 -1.21 -12.57 15.72
CA SER E 225 -1.57 -13.72 16.53
C SER E 225 -1.55 -13.36 18.00
N VAL E 226 -2.55 -13.82 18.73
CA VAL E 226 -2.71 -13.51 20.15
C VAL E 226 -2.60 -14.82 20.93
N GLU E 227 -1.69 -14.85 21.89
CA GLU E 227 -1.52 -15.98 22.79
C GLU E 227 -2.15 -15.63 24.14
N ASN E 228 -2.74 -16.63 24.79
CA ASN E 228 -3.47 -16.44 26.05
C ASN E 228 -2.85 -17.33 27.11
N PRO E 229 -1.74 -16.92 27.72
CA PRO E 229 -1.18 -17.70 28.84
C PRO E 229 -2.11 -17.78 30.04
N GLY E 230 -3.09 -16.87 30.15
CA GLY E 230 -4.04 -16.93 31.24
C GLY E 230 -4.97 -18.12 31.19
N ARG E 231 -4.99 -18.86 30.08
CA ARG E 231 -5.80 -20.07 29.94
C ARG E 231 -4.93 -21.32 29.81
N MET E 232 -3.69 -21.26 30.27
CA MET E 232 -2.80 -22.41 30.20
C MET E 232 -3.29 -23.52 31.12
N THR E 233 -2.93 -24.76 30.76
CA THR E 233 -3.27 -25.92 31.58
C THR E 233 -2.13 -26.42 32.43
N ASN E 234 -0.88 -26.15 32.04
CA ASN E 234 0.29 -26.59 32.79
C ASN E 234 1.40 -25.58 32.62
N ARG E 235 2.38 -25.65 33.52
CA ARG E 235 3.60 -24.86 33.43
C ARG E 235 4.75 -25.79 33.09
N ARG E 236 5.59 -25.37 32.14
CA ARG E 236 6.65 -26.21 31.61
C ARG E 236 7.97 -25.91 32.31
N ILE E 237 8.75 -26.97 32.56
CA ILE E 237 10.10 -26.89 33.08
C ILE E 237 11.03 -27.47 32.03
N THR E 238 11.94 -26.65 31.51
CA THR E 238 12.93 -27.08 30.54
C THR E 238 14.30 -26.57 30.97
N THR E 239 15.30 -27.43 30.89
CA THR E 239 16.66 -27.04 31.27
C THR E 239 17.67 -27.92 30.55
N THR E 240 18.93 -27.54 30.66
CA THR E 240 20.04 -28.27 30.04
C THR E 240 21.12 -28.52 31.09
N ILE E 241 21.57 -29.76 31.19
CA ILE E 241 22.66 -30.15 32.08
C ILE E 241 23.90 -30.32 31.22
N GLY E 242 24.92 -29.52 31.48
CA GLY E 242 26.16 -29.61 30.74
C GLY E 242 27.26 -30.29 31.52
N LEU E 243 27.62 -31.50 31.12
CA LEU E 243 28.64 -32.26 31.80
C LEU E 243 29.98 -32.15 31.08
N ARG E 244 31.06 -32.40 31.82
CA ARG E 244 32.39 -32.34 31.23
C ARG E 244 32.59 -33.48 30.23
N TYR E 245 33.45 -33.24 29.25
CA TYR E 245 33.74 -34.24 28.24
C TYR E 245 34.37 -35.49 28.83
N GLU E 246 34.99 -35.38 30.01
CA GLU E 246 35.58 -36.53 30.68
C GLU E 246 34.57 -37.32 31.48
N ASP E 247 33.30 -36.89 31.49
CA ASP E 247 32.22 -37.60 32.18
C ASP E 247 31.37 -38.41 31.20
N ALA E 248 31.94 -38.78 30.06
CA ALA E 248 31.20 -39.49 29.03
C ALA E 248 30.80 -40.90 29.47
N ALA E 249 31.51 -41.49 30.41
CA ALA E 249 31.22 -42.84 30.88
C ALA E 249 30.08 -42.88 31.89
N LYS E 250 29.59 -41.73 32.34
CA LYS E 250 28.53 -41.68 33.33
C LYS E 250 27.26 -41.02 32.82
N VAL E 251 27.14 -40.80 31.51
CA VAL E 251 25.96 -40.12 30.97
C VAL E 251 24.71 -40.97 31.16
N GLY E 252 24.80 -42.26 30.89
CA GLY E 252 23.62 -43.10 30.93
C GLY E 252 23.02 -43.23 32.32
N VAL E 253 23.87 -43.46 33.32
CA VAL E 253 23.38 -43.62 34.69
C VAL E 253 22.79 -42.32 35.20
N ILE E 254 23.42 -41.19 34.87
CA ILE E 254 22.89 -39.89 35.30
C ILE E 254 21.54 -39.64 34.65
N VAL E 255 21.42 -39.95 33.36
CA VAL E 255 20.14 -39.77 32.66
C VAL E 255 19.06 -40.62 33.31
N GLU E 256 19.37 -41.88 33.60
CA GLU E 256 18.39 -42.76 34.23
C GLU E 256 17.98 -42.25 35.61
N ALA E 257 18.96 -41.79 36.40
CA ALA E 257 18.65 -41.29 37.74
C ALA E 257 17.77 -40.05 37.67
N VAL E 258 18.06 -39.13 36.76
CA VAL E 258 17.25 -37.92 36.63
C VAL E 258 15.85 -38.29 36.17
N ARG E 259 15.73 -39.22 35.22
CA ARG E 259 14.41 -39.63 34.75
C ARG E 259 13.59 -40.26 35.88
N GLU E 260 14.21 -41.12 36.69
CA GLU E 260 13.50 -41.73 37.80
C GLU E 260 13.07 -40.67 38.82
N MET E 261 13.96 -39.72 39.12
CA MET E 261 13.61 -38.66 40.06
C MET E 261 12.42 -37.84 39.55
N LEU E 262 12.43 -37.50 38.27
CA LEU E 262 11.30 -36.76 37.71
C LEU E 262 10.02 -37.58 37.72
N LYS E 263 10.12 -38.89 37.46
CA LYS E 263 8.94 -39.74 37.48
C LYS E 263 8.37 -39.93 38.88
N ASN E 264 9.19 -39.84 39.92
CA ASN E 264 8.70 -40.00 41.29
C ASN E 264 8.43 -38.70 42.01
N HIS E 265 8.56 -37.56 41.33
CA HIS E 265 8.36 -36.27 42.00
C HIS E 265 6.86 -35.98 42.11
N PRO E 266 6.36 -35.63 43.31
CA PRO E 266 4.92 -35.43 43.48
C PRO E 266 4.38 -34.22 42.74
N ALA E 267 5.22 -33.27 42.34
CA ALA E 267 4.76 -32.04 41.72
C ALA E 267 4.75 -32.08 40.20
N ILE E 268 5.12 -33.21 39.60
CA ILE E 268 5.25 -33.33 38.15
C ILE E 268 4.04 -34.06 37.61
N ASP E 269 3.47 -33.54 36.52
CA ASP E 269 2.34 -34.16 35.86
C ASP E 269 2.83 -35.32 34.99
N GLN E 270 2.40 -36.53 35.32
CA GLN E 270 2.88 -37.74 34.66
C GLN E 270 2.11 -38.06 33.38
N ARG E 271 1.06 -37.30 33.06
CA ARG E 271 0.29 -37.52 31.84
C ARG E 271 0.76 -36.65 30.69
N GLN E 272 1.78 -35.83 30.89
CA GLN E 272 2.31 -34.95 29.87
C GLN E 272 3.68 -35.44 29.42
N THR E 273 4.32 -34.65 28.56
CA THR E 273 5.64 -35.01 28.05
C THR E 273 6.67 -35.02 29.16
N LEU E 274 7.58 -36.00 29.11
CA LEU E 274 8.64 -36.14 30.11
C LEU E 274 9.84 -36.75 29.40
N LEU E 275 10.82 -35.91 29.04
CA LEU E 275 11.97 -36.35 28.26
C LEU E 275 13.25 -35.98 28.99
N VAL E 276 14.15 -36.96 29.12
CA VAL E 276 15.51 -36.74 29.65
C VAL E 276 16.46 -37.53 28.76
N TYR E 277 17.22 -36.83 27.91
CA TYR E 277 18.10 -37.50 26.96
C TYR E 277 19.34 -36.66 26.73
N PHE E 278 20.43 -37.34 26.37
CA PHE E 278 21.67 -36.70 25.94
C PHE E 278 21.58 -36.46 24.44
N ASN E 279 21.60 -35.18 24.03
CA ASN E 279 21.27 -34.86 22.65
C ASN E 279 22.14 -33.78 22.01
N GLN E 280 23.27 -33.42 22.60
CA GLN E 280 24.05 -32.34 21.99
C GLN E 280 25.51 -32.42 22.41
N PHE E 281 26.40 -32.31 21.41
CA PHE E 281 27.82 -32.07 21.62
C PHE E 281 28.03 -30.56 21.59
N ALA E 282 28.19 -29.97 22.77
CA ALA E 282 28.43 -28.54 22.85
C ALA E 282 29.93 -28.26 22.71
N ASP E 283 30.29 -26.97 22.73
CA ASP E 283 31.69 -26.60 22.55
C ASP E 283 32.56 -27.11 23.69
N SER E 284 32.06 -27.04 24.93
CA SER E 284 32.85 -27.42 26.09
C SER E 284 32.17 -28.48 26.96
N SER E 285 31.03 -29.00 26.54
CA SER E 285 30.27 -29.90 27.41
C SER E 285 29.40 -30.82 26.57
N LEU E 286 28.92 -31.88 27.22
CA LEU E 286 27.91 -32.78 26.67
C LEU E 286 26.59 -32.40 27.32
N ASN E 287 25.57 -32.13 26.49
CA ASN E 287 24.33 -31.54 26.98
C ASN E 287 23.23 -32.58 27.10
N ILE E 288 22.50 -32.53 28.22
CA ILE E 288 21.36 -33.39 28.48
C ILE E 288 20.14 -32.50 28.65
N MET E 289 19.10 -32.76 27.87
CA MET E 289 17.88 -31.97 27.93
C MET E 289 16.93 -32.51 28.99
N VAL E 290 16.24 -31.60 29.68
CA VAL E 290 15.20 -31.95 30.64
C VAL E 290 13.94 -31.17 30.26
N TYR E 291 12.82 -31.88 30.16
CA TYR E 291 11.59 -31.35 29.57
C TYR E 291 10.42 -32.00 30.28
N CYS E 292 9.68 -31.24 31.08
CA CYS E 292 8.56 -31.80 31.83
C CYS E 292 7.54 -30.71 32.12
N PHE E 293 6.46 -31.09 32.79
CA PHE E 293 5.37 -30.19 33.13
C PHE E 293 5.00 -30.36 34.60
N THR E 294 4.44 -29.30 35.19
CA THR E 294 3.93 -29.33 36.54
C THR E 294 2.41 -29.34 36.54
N LYS E 295 1.83 -29.90 37.60
CA LYS E 295 0.37 -29.91 37.72
C LYS E 295 -0.18 -28.50 37.91
N THR E 296 0.48 -27.69 38.73
CA THR E 296 -0.01 -26.37 39.07
C THR E 296 0.24 -25.38 37.94
N THR E 297 -0.52 -24.28 37.97
CA THR E 297 -0.31 -23.15 37.07
C THR E 297 -0.01 -21.86 37.83
N VAL E 298 0.16 -21.94 39.14
CA VAL E 298 0.44 -20.77 39.96
C VAL E 298 1.91 -20.40 39.84
N TRP E 299 2.20 -19.10 39.80
CA TRP E 299 3.55 -18.62 39.58
C TRP E 299 4.51 -19.08 40.68
N ALA E 300 4.14 -18.82 41.93
CA ALA E 300 5.04 -19.12 43.04
C ALA E 300 5.22 -20.62 43.23
N GLU E 301 4.13 -21.39 43.11
CA GLU E 301 4.24 -22.83 43.26
C GLU E 301 5.09 -23.45 42.16
N TRP E 302 4.92 -22.98 40.93
CA TRP E 302 5.76 -23.47 39.83
C TRP E 302 7.22 -23.13 40.06
N LEU E 303 7.50 -21.91 40.52
CA LEU E 303 8.89 -21.53 40.79
C LEU E 303 9.50 -22.38 41.90
N ALA E 304 8.73 -22.65 42.95
CA ALA E 304 9.23 -23.48 44.05
C ALA E 304 9.51 -24.91 43.59
N ALA E 305 8.61 -25.48 42.79
CA ALA E 305 8.83 -26.81 42.26
C ALA E 305 10.07 -26.85 41.37
N GLN E 306 10.25 -25.82 40.53
CA GLN E 306 11.43 -25.76 39.68
C GLN E 306 12.71 -25.68 40.50
N GLN E 307 12.71 -24.89 41.58
CA GLN E 307 13.89 -24.80 42.42
C GLN E 307 14.20 -26.14 43.08
N ASP E 308 13.16 -26.83 43.57
CA ASP E 308 13.37 -28.15 44.17
C ASP E 308 13.95 -29.13 43.17
N VAL E 309 13.42 -29.13 41.94
CA VAL E 309 13.93 -30.02 40.91
C VAL E 309 15.39 -29.71 40.59
N TYR E 310 15.73 -28.42 40.50
CA TYR E 310 17.11 -28.04 40.19
C TYR E 310 18.07 -28.50 41.28
N LEU E 311 17.69 -28.32 42.55
CA LEU E 311 18.56 -28.76 43.63
C LEU E 311 18.73 -30.28 43.62
N LYS E 312 17.65 -31.02 43.37
CA LYS E 312 17.75 -32.47 43.28
C LYS E 312 18.65 -32.89 42.12
N ILE E 313 18.57 -32.17 41.00
CA ILE E 313 19.43 -32.47 39.85
C ILE E 313 20.89 -32.25 40.22
N ILE E 314 21.18 -31.16 40.92
CA ILE E 314 22.56 -30.90 41.34
C ILE E 314 23.07 -32.03 42.22
N ASP E 315 22.25 -32.45 43.18
CA ASP E 315 22.66 -33.54 44.07
C ASP E 315 22.89 -34.83 43.30
N ILE E 316 22.00 -35.16 42.36
CA ILE E 316 22.15 -36.39 41.59
C ILE E 316 23.43 -36.35 40.76
N VAL E 317 23.71 -35.22 40.11
CA VAL E 317 24.90 -35.11 39.29
C VAL E 317 26.15 -35.26 40.14
N GLN E 318 26.19 -34.58 41.30
CA GLN E 318 27.39 -34.62 42.11
C GLN E 318 27.59 -35.94 42.85
N SER E 319 26.52 -36.72 43.05
CA SER E 319 26.68 -37.99 43.75
C SER E 319 27.25 -39.10 42.87
N HIS E 320 27.28 -38.92 41.55
CA HIS E 320 27.79 -39.92 40.62
C HIS E 320 29.23 -39.66 40.21
N GLY E 321 29.88 -38.65 40.77
CA GLY E 321 31.26 -38.34 40.46
C GLY E 321 31.46 -37.40 39.30
N ALA E 322 30.40 -36.96 38.64
CA ALA E 322 30.52 -36.01 37.54
C ALA E 322 30.52 -34.58 38.09
N ASP E 323 30.57 -33.61 37.17
CA ASP E 323 30.55 -32.20 37.57
C ASP E 323 30.11 -31.37 36.37
N PHE E 324 29.62 -30.17 36.68
CA PHE E 324 29.23 -29.23 35.64
C PHE E 324 30.47 -28.62 34.98
N ALA E 325 30.32 -28.23 33.72
CA ALA E 325 31.45 -27.78 32.92
C ALA E 325 31.43 -26.26 32.75
N PHE E 326 32.55 -25.63 33.05
CA PHE E 326 32.78 -24.24 32.68
C PHE E 326 33.20 -24.16 31.21
N PRO E 327 33.10 -22.98 30.61
CA PRO E 327 33.72 -22.80 29.28
C PRO E 327 35.21 -23.14 29.35
N SER E 328 35.67 -23.89 28.36
CA SER E 328 37.01 -24.46 28.39
C SER E 328 37.79 -24.06 27.15
N GLN E 329 39.11 -24.07 27.30
CA GLN E 329 40.01 -23.71 26.21
C GLN E 329 41.30 -24.50 26.33
N THR E 330 41.97 -24.68 25.20
CA THR E 330 43.30 -25.29 25.16
C THR E 330 44.29 -24.23 24.71
N LEU E 331 45.33 -24.01 25.49
CA LEU E 331 46.29 -22.95 25.26
C LEU E 331 47.64 -23.55 24.88
N TYR E 332 48.19 -23.07 23.77
CA TYR E 332 49.52 -23.45 23.31
C TYR E 332 50.45 -22.27 23.54
N MET E 333 51.52 -22.48 24.28
CA MET E 333 52.45 -21.42 24.65
C MET E 333 53.72 -21.51 23.82
N ASP E 334 54.27 -20.34 23.49
CA ASP E 334 55.51 -20.25 22.73
C ASP E 334 56.66 -20.92 23.45
N GLU F 4 -45.76 52.45 -22.38
CA GLU F 4 -46.61 53.26 -21.52
C GLU F 4 -45.97 53.48 -20.15
N LEU F 5 -46.72 54.08 -19.24
CA LEU F 5 -46.25 54.34 -17.88
C LEU F 5 -47.03 53.56 -16.85
N PHE F 6 -48.36 53.71 -16.83
CA PHE F 6 -49.18 52.96 -15.87
C PHE F 6 -49.26 51.48 -16.25
N THR F 7 -49.50 51.20 -17.54
CA THR F 7 -49.57 49.81 -17.99
C THR F 7 -48.23 49.11 -17.83
N ASN F 8 -47.13 49.80 -18.15
CA ASN F 8 -45.80 49.20 -17.97
C ASN F 8 -45.52 48.91 -16.51
N ASN F 9 -45.89 49.84 -15.62
CA ASN F 9 -45.70 49.60 -14.19
C ASN F 9 -46.55 48.43 -13.69
N ALA F 10 -47.79 48.34 -14.17
CA ALA F 10 -48.65 47.22 -13.77
C ALA F 10 -48.09 45.89 -14.26
N LEU F 11 -47.58 45.85 -15.49
CA LEU F 11 -47.02 44.62 -16.02
C LEU F 11 -45.68 44.27 -15.40
N ASN F 12 -44.95 45.27 -14.88
CA ASN F 12 -43.65 44.99 -14.28
C ASN F 12 -43.77 44.18 -13.00
N LEU F 13 -44.86 44.36 -12.25
CA LEU F 13 -45.12 43.66 -10.99
C LEU F 13 -44.00 44.03 -10.02
N VAL F 14 -43.41 43.08 -9.28
CA VAL F 14 -42.38 43.39 -8.31
C VAL F 14 -40.98 43.27 -8.87
N ILE F 15 -40.84 42.88 -10.15
CA ILE F 15 -39.51 42.76 -10.75
C ILE F 15 -38.84 44.13 -10.83
N ILE F 16 -39.59 45.15 -11.24
CA ILE F 16 -39.02 46.50 -11.34
C ILE F 16 -38.65 47.03 -9.96
N PHE F 17 -39.50 46.79 -8.96
CA PHE F 17 -39.21 47.22 -7.60
C PHE F 17 -38.03 46.49 -6.98
N GLY F 18 -37.58 45.40 -7.59
CA GLY F 18 -36.40 44.71 -7.10
C GLY F 18 -35.16 45.60 -7.13
N SER F 19 -35.05 46.43 -8.16
CA SER F 19 -33.91 47.36 -8.23
C SER F 19 -33.94 48.37 -7.08
N CYS F 20 -35.11 48.91 -6.78
CA CYS F 20 -35.22 49.85 -5.66
C CYS F 20 -34.93 49.16 -4.33
N ALA F 21 -35.45 47.94 -4.15
CA ALA F 21 -35.17 47.20 -2.92
C ALA F 21 -33.69 46.90 -2.78
N ALA F 22 -33.02 46.57 -3.89
CA ALA F 22 -31.59 46.31 -3.86
C ALA F 22 -30.80 47.59 -3.59
N LEU F 23 -31.27 48.73 -4.09
CA LEU F 23 -30.62 49.99 -3.77
C LEU F 23 -30.75 50.30 -2.28
N ILE F 24 -31.92 50.03 -1.70
CA ILE F 24 -32.10 50.22 -0.26
C ILE F 24 -31.17 49.28 0.51
N LEU F 25 -31.04 48.04 0.04
CA LEU F 25 -30.15 47.09 0.70
C LEU F 25 -28.69 47.54 0.59
N MET F 26 -28.31 48.10 -0.54
CA MET F 26 -26.95 48.62 -0.71
C MET F 26 -26.70 49.80 0.21
N SER F 27 -27.70 50.67 0.39
CA SER F 27 -27.56 51.77 1.34
C SER F 27 -27.41 51.23 2.76
N PHE F 28 -28.19 50.19 3.10
CA PHE F 28 -28.07 49.57 4.42
C PHE F 28 -26.69 48.95 4.62
N TRP F 29 -26.15 48.31 3.58
CA TRP F 29 -24.82 47.73 3.66
C TRP F 29 -23.76 48.82 3.78
N PHE F 30 -23.98 49.98 3.16
CA PHE F 30 -23.12 51.12 3.41
C PHE F 30 -23.19 51.54 4.87
N ARG F 31 -24.39 51.54 5.45
CA ARG F 31 -24.54 51.66 6.90
C ARG F 31 -24.13 50.39 7.63
N ARG F 32 -24.07 49.26 6.91
CA ARG F 32 -23.58 47.98 7.43
C ARG F 32 -24.42 47.43 8.57
N GLY F 33 -25.64 47.95 8.75
CA GLY F 33 -26.57 47.40 9.72
C GLY F 33 -26.08 47.41 11.16
N ASN F 34 -25.81 46.21 11.69
CA ASN F 34 -25.47 46.08 13.10
C ASN F 34 -24.17 46.80 13.44
N ARG F 35 -23.14 46.64 12.61
CA ARG F 35 -21.84 47.24 12.88
C ARG F 35 -21.19 47.65 11.58
N LYS F 36 -20.57 48.82 11.57
CA LYS F 36 -19.92 49.37 10.37
C LYS F 36 -18.57 48.68 10.19
N ARG F 37 -18.62 47.47 9.64
CA ARG F 37 -17.44 46.68 9.38
C ARG F 37 -17.56 46.03 8.01
N LYS F 38 -16.45 45.48 7.53
CA LYS F 38 -16.42 44.82 6.23
C LYS F 38 -15.39 43.70 6.26
N GLY F 39 -15.53 42.76 5.33
CA GLY F 39 -14.62 41.64 5.24
C GLY F 39 -15.32 40.31 5.14
N PHE F 40 -14.91 39.49 4.15
CA PHE F 40 -15.44 38.14 3.97
C PHE F 40 -16.95 38.15 3.76
N LEU F 41 -17.71 37.95 4.84
CA LEU F 41 -19.16 37.80 4.74
C LEU F 41 -19.81 39.04 4.12
N PHE F 42 -19.23 40.22 4.32
CA PHE F 42 -19.77 41.42 3.68
C PHE F 42 -19.70 41.33 2.17
N HIS F 43 -18.54 40.95 1.64
CA HIS F 43 -18.42 40.73 0.20
C HIS F 43 -19.34 39.62 -0.26
N ALA F 44 -19.52 38.58 0.55
CA ALA F 44 -20.40 37.48 0.17
C ALA F 44 -21.85 37.96 0.01
N VAL F 45 -22.35 38.70 0.99
CA VAL F 45 -23.74 39.16 0.90
C VAL F 45 -23.90 40.20 -0.20
N GLN F 46 -22.88 41.03 -0.43
CA GLN F 46 -22.93 41.97 -1.54
C GLN F 46 -23.01 41.24 -2.88
N PHE F 47 -22.17 40.21 -3.05
CA PHE F 47 -22.24 39.41 -4.28
C PHE F 47 -23.61 38.74 -4.41
N LEU F 48 -24.16 38.27 -3.29
CA LEU F 48 -25.47 37.64 -3.33
C LEU F 48 -26.56 38.61 -3.80
N ILE F 49 -26.56 39.84 -3.27
CA ILE F 49 -27.65 40.72 -3.66
C ILE F 49 -27.40 41.29 -5.05
N TYR F 50 -26.14 41.33 -5.50
CA TYR F 50 -25.89 41.63 -6.91
C TYR F 50 -26.45 40.54 -7.82
N THR F 51 -26.27 39.27 -7.44
CA THR F 51 -26.88 38.19 -8.19
C THR F 51 -28.40 38.30 -8.20
N ILE F 52 -28.98 38.71 -7.08
CA ILE F 52 -30.42 38.94 -7.02
C ILE F 52 -30.82 40.06 -7.97
N ILE F 53 -30.02 41.12 -8.04
CA ILE F 53 -30.26 42.22 -8.98
C ILE F 53 -30.33 41.68 -10.40
N ILE F 54 -29.33 40.88 -10.77
CA ILE F 54 -29.26 40.37 -12.14
C ILE F 54 -30.42 39.41 -12.41
N SER F 55 -30.79 38.59 -11.42
CA SER F 55 -31.93 37.69 -11.60
C SER F 55 -33.22 38.47 -11.83
N ALA F 56 -33.43 39.55 -11.07
CA ALA F 56 -34.61 40.38 -11.29
C ALA F 56 -34.56 41.07 -12.65
N VAL F 57 -33.39 41.55 -13.06
CA VAL F 57 -33.26 42.20 -14.36
C VAL F 57 -33.56 41.23 -15.49
N GLY F 58 -33.25 39.94 -15.28
CA GLY F 58 -33.58 38.95 -16.30
C GLY F 58 -35.07 38.90 -16.59
N SER F 59 -35.89 38.83 -15.54
CA SER F 59 -37.34 38.86 -15.73
C SER F 59 -37.82 40.22 -16.24
N ILE F 60 -37.17 41.30 -15.79
CA ILE F 60 -37.53 42.63 -16.26
C ILE F 60 -37.42 42.70 -17.78
N ILE F 61 -36.28 42.27 -18.32
CA ILE F 61 -36.10 42.31 -19.76
C ILE F 61 -36.89 41.22 -20.46
N ASN F 62 -37.22 40.12 -19.76
CA ASN F 62 -38.10 39.11 -20.35
C ASN F 62 -39.49 39.68 -20.60
N TYR F 63 -39.96 40.54 -19.70
CA TYR F 63 -41.29 41.11 -19.89
C TYR F 63 -41.30 42.20 -20.96
N VAL F 64 -40.17 42.89 -21.17
CA VAL F 64 -40.13 44.01 -22.10
C VAL F 64 -40.39 43.54 -23.52
N ILE F 65 -39.72 42.47 -23.95
CA ILE F 65 -39.92 41.99 -25.32
C ILE F 65 -41.15 41.10 -25.44
N GLU F 66 -41.77 40.73 -24.31
CA GLU F 66 -43.01 39.97 -24.37
C GLU F 66 -44.24 40.87 -24.45
N ASN F 67 -44.18 42.06 -23.86
CA ASN F 67 -45.34 42.95 -23.85
C ASN F 67 -45.30 44.04 -24.92
N TYR F 68 -44.15 44.25 -25.58
CA TYR F 68 -44.06 45.23 -26.65
C TYR F 68 -43.80 44.59 -28.00
N LYS F 69 -42.70 43.84 -28.13
CA LYS F 69 -42.32 43.19 -29.38
C LYS F 69 -41.18 42.23 -29.15
N LEU F 70 -41.25 41.04 -29.76
CA LEU F 70 -40.21 40.02 -29.54
C LEU F 70 -38.87 40.51 -30.06
N LYS F 71 -38.86 41.14 -31.23
CA LYS F 71 -37.65 41.73 -31.85
C LYS F 71 -36.64 40.62 -32.08
N PHE F 72 -35.37 40.79 -31.70
CA PHE F 72 -34.34 39.81 -32.01
C PHE F 72 -33.38 39.61 -30.84
N ILE F 73 -33.88 39.69 -29.60
CA ILE F 73 -32.99 39.65 -28.45
C ILE F 73 -32.36 38.28 -28.28
N THR F 74 -33.12 37.21 -28.56
CA THR F 74 -32.65 35.84 -28.36
C THR F 74 -32.13 35.65 -26.94
N PRO F 75 -33.03 35.50 -25.94
CA PRO F 75 -32.62 35.59 -24.53
C PRO F 75 -31.47 34.69 -24.11
N GLY F 76 -31.07 33.75 -24.98
CA GLY F 76 -29.88 32.98 -24.71
C GLY F 76 -28.65 33.87 -24.52
N VAL F 77 -28.51 34.88 -25.38
CA VAL F 77 -27.35 35.75 -25.28
C VAL F 77 -27.39 36.60 -24.02
N ILE F 78 -28.58 37.06 -23.60
CA ILE F 78 -28.61 37.90 -22.41
C ILE F 78 -28.38 37.07 -21.15
N ASP F 79 -28.84 35.82 -21.12
CA ASP F 79 -28.50 35.00 -19.96
C ASP F 79 -27.02 34.61 -19.97
N PHE F 80 -26.44 34.42 -21.16
CA PHE F 80 -24.99 34.22 -21.23
C PHE F 80 -24.25 35.45 -20.68
N ILE F 81 -24.71 36.64 -21.04
CA ILE F 81 -24.08 37.87 -20.55
C ILE F 81 -24.23 37.99 -19.04
N CYS F 82 -25.40 37.65 -18.51
CA CYS F 82 -25.60 37.74 -17.07
C CYS F 82 -24.71 36.75 -16.33
N THR F 83 -24.57 35.52 -16.85
CA THR F 83 -23.65 34.57 -16.25
C THR F 83 -22.22 35.05 -16.32
N SER F 84 -21.83 35.66 -17.44
CA SER F 84 -20.48 36.20 -17.55
C SER F 84 -20.23 37.31 -16.53
N LEU F 85 -21.22 38.19 -16.33
CA LEU F 85 -21.08 39.25 -15.35
C LEU F 85 -20.98 38.68 -13.93
N ILE F 86 -21.78 37.66 -13.64
CA ILE F 86 -21.70 37.01 -12.32
C ILE F 86 -20.32 36.42 -12.11
N ALA F 87 -19.79 35.73 -13.12
CA ALA F 87 -18.45 35.17 -13.02
C ALA F 87 -17.42 36.25 -12.80
N VAL F 88 -17.53 37.37 -13.53
CA VAL F 88 -16.56 38.46 -13.41
C VAL F 88 -16.57 39.03 -12.00
N ILE F 89 -17.77 39.31 -11.46
CA ILE F 89 -17.83 39.93 -10.14
C ILE F 89 -17.36 38.94 -9.07
N LEU F 90 -17.67 37.66 -9.23
CA LEU F 90 -17.19 36.66 -8.27
C LEU F 90 -15.67 36.58 -8.30
N THR F 91 -15.09 36.57 -9.49
CA THR F 91 -13.62 36.53 -9.59
C THR F 91 -12.99 37.77 -8.98
N ILE F 92 -13.59 38.94 -9.21
CA ILE F 92 -13.05 40.17 -8.65
C ILE F 92 -13.10 40.12 -7.12
N LYS F 93 -14.23 39.67 -6.57
CA LYS F 93 -14.35 39.58 -5.11
C LYS F 93 -13.32 38.62 -4.52
N LEU F 94 -13.18 37.44 -5.13
CA LEU F 94 -12.22 36.48 -4.63
C LEU F 94 -10.78 36.99 -4.74
N PHE F 95 -10.46 37.66 -5.85
CA PHE F 95 -9.12 38.20 -6.03
C PHE F 95 -8.83 39.27 -4.98
N LEU F 96 -9.79 40.15 -4.70
CA LEU F 96 -9.56 41.17 -3.68
C LEU F 96 -9.42 40.55 -2.29
N LEU F 97 -10.21 39.49 -2.00
CA LEU F 97 -10.11 38.83 -0.71
C LEU F 97 -8.72 38.22 -0.52
N ILE F 98 -8.24 37.49 -1.52
CA ILE F 98 -6.93 36.86 -1.37
C ILE F 98 -5.81 37.90 -1.43
N ASN F 99 -6.04 39.04 -2.10
CA ASN F 99 -5.06 40.12 -2.04
C ASN F 99 -4.96 40.71 -0.64
N GLN F 100 -6.10 40.91 0.01
CA GLN F 100 -6.09 41.34 1.40
C GLN F 100 -5.38 40.33 2.28
N PHE F 101 -5.63 39.04 2.04
CA PHE F 101 -4.90 37.99 2.76
C PHE F 101 -3.40 38.10 2.52
N GLU F 102 -2.99 38.42 1.30
CA GLU F 102 -1.57 38.47 0.96
C GLU F 102 -0.88 39.62 1.68
N LYS F 103 -1.48 40.81 1.64
CA LYS F 103 -0.91 41.92 2.42
C LYS F 103 -0.97 41.65 3.92
N GLN F 104 -1.97 40.93 4.39
CA GLN F 104 -1.99 40.53 5.80
C GLN F 104 -0.75 39.69 6.12
N GLN F 105 -0.45 38.71 5.25
CA GLN F 105 0.72 37.87 5.45
C GLN F 105 2.00 38.69 5.41
N ILE F 106 2.09 39.65 4.49
CA ILE F 106 3.27 40.50 4.42
C ILE F 106 3.43 41.32 5.69
N LYS F 107 2.34 41.91 6.17
CA LYS F 107 2.42 42.73 7.38
C LYS F 107 2.79 41.90 8.59
N LYS F 108 2.40 40.62 8.59
CA LYS F 108 2.81 39.74 9.68
C LYS F 108 4.34 39.60 9.72
N GLY F 109 4.99 39.76 8.58
CA GLY F 109 6.44 39.64 8.50
C GLY F 109 6.87 38.33 7.90
N ARG F 110 7.20 38.35 6.61
CA ARG F 110 7.52 37.13 5.88
C ARG F 110 8.16 37.52 4.56
N ASP F 111 8.89 36.57 3.96
CA ASP F 111 9.54 36.82 2.68
C ASP F 111 8.50 37.19 1.63
N ILE F 112 8.83 38.19 0.82
CA ILE F 112 7.87 38.69 -0.16
C ILE F 112 7.64 37.66 -1.26
N THR F 113 8.72 37.03 -1.74
CA THR F 113 8.60 36.08 -2.84
C THR F 113 7.70 34.91 -2.47
N SER F 114 7.84 34.39 -1.24
CA SER F 114 6.98 33.30 -0.81
C SER F 114 5.52 33.72 -0.76
N ALA F 115 5.26 34.95 -0.31
CA ALA F 115 3.88 35.46 -0.30
C ALA F 115 3.31 35.56 -1.70
N ARG F 116 4.12 36.07 -2.65
CA ARG F 116 3.66 36.12 -4.04
C ARG F 116 3.36 34.73 -4.58
N ILE F 117 4.23 33.76 -4.29
CA ILE F 117 4.03 32.41 -4.81
C ILE F 117 2.77 31.79 -4.21
N MET F 118 2.54 31.97 -2.91
CA MET F 118 1.32 31.45 -2.29
C MET F 118 0.08 32.11 -2.87
N SER F 119 0.13 33.43 -3.10
CA SER F 119 -0.99 34.12 -3.71
C SER F 119 -1.29 33.57 -5.10
N ARG F 120 -0.24 33.30 -5.86
CA ARG F 120 -0.46 32.73 -7.16
C ARG F 120 -1.16 31.41 -6.97
N ILE F 121 -0.57 30.54 -6.19
CA ILE F 121 -1.13 29.20 -6.02
C ILE F 121 -2.63 29.29 -5.73
N ILE F 122 -3.01 30.18 -4.81
CA ILE F 122 -4.42 30.34 -4.50
C ILE F 122 -5.20 30.84 -5.71
N LYS F 123 -4.59 31.76 -6.49
CA LYS F 123 -5.25 32.25 -7.69
C LYS F 123 -5.57 31.11 -8.65
N ILE F 124 -4.57 30.29 -8.97
CA ILE F 124 -4.78 29.20 -9.93
C ILE F 124 -5.76 28.18 -9.37
N THR F 125 -5.66 27.85 -8.08
CA THR F 125 -6.59 26.89 -7.50
C THR F 125 -8.03 27.38 -7.58
N ILE F 126 -8.25 28.66 -7.23
CA ILE F 126 -9.60 29.22 -7.28
C ILE F 126 -10.11 29.25 -8.72
N ILE F 127 -9.24 29.62 -9.67
CA ILE F 127 -9.66 29.67 -11.07
C ILE F 127 -10.08 28.28 -11.55
N VAL F 128 -9.30 27.25 -11.20
CA VAL F 128 -9.63 25.90 -11.64
C VAL F 128 -10.93 25.44 -11.01
N VAL F 129 -11.11 25.71 -9.71
CA VAL F 129 -12.34 25.31 -9.03
C VAL F 129 -13.55 25.99 -9.65
N LEU F 130 -13.45 27.29 -9.93
CA LEU F 130 -14.56 28.01 -10.54
C LEU F 130 -14.85 27.49 -11.94
N VAL F 131 -13.81 27.19 -12.73
CA VAL F 131 -14.00 26.69 -14.08
C VAL F 131 -14.72 25.35 -14.03
N LEU F 132 -14.31 24.45 -13.13
CA LEU F 132 -14.96 23.15 -13.03
C LEU F 132 -16.38 23.29 -12.52
N LEU F 133 -16.63 24.23 -11.60
CA LEU F 133 -17.98 24.43 -11.09
C LEU F 133 -18.86 25.17 -12.09
N TYR F 134 -18.29 26.12 -12.83
CA TYR F 134 -19.07 26.99 -13.69
C TYR F 134 -18.80 26.71 -15.16
N GLY F 135 -18.68 25.43 -15.52
CA GLY F 135 -18.30 25.07 -16.87
C GLY F 135 -19.40 24.48 -17.71
N GLU F 136 -20.61 25.05 -17.65
CA GLU F 136 -21.69 24.62 -18.52
C GLU F 136 -22.40 25.76 -19.23
N HIS F 137 -22.51 26.94 -18.61
CA HIS F 137 -23.17 28.07 -19.27
C HIS F 137 -22.35 28.61 -20.44
N PHE F 138 -21.04 28.76 -20.25
CA PHE F 138 -20.12 29.01 -21.34
C PHE F 138 -19.18 27.83 -21.54
N GLY F 139 -19.54 26.65 -21.04
CA GLY F 139 -18.60 25.58 -20.77
C GLY F 139 -18.20 24.75 -21.98
N MET F 140 -18.17 23.44 -21.75
CA MET F 140 -17.45 22.51 -22.61
C MET F 140 -18.32 21.28 -22.77
N SER F 141 -17.75 20.19 -23.29
CA SER F 141 -18.44 18.92 -23.32
C SER F 141 -18.54 18.32 -21.92
N LEU F 142 -19.73 17.88 -21.55
CA LEU F 142 -19.98 17.36 -20.19
C LEU F 142 -19.29 16.03 -19.93
N SER F 143 -18.47 15.55 -20.85
CA SER F 143 -17.65 14.37 -20.65
C SER F 143 -16.18 14.69 -20.37
N GLY F 144 -15.66 15.76 -20.98
CA GLY F 144 -14.28 16.13 -20.73
C GLY F 144 -14.03 16.60 -19.31
N LEU F 145 -14.91 17.45 -18.77
CA LEU F 145 -14.73 17.94 -17.42
C LEU F 145 -14.82 16.80 -16.40
N LEU F 146 -15.72 15.84 -16.63
CA LEU F 146 -15.82 14.72 -15.71
C LEU F 146 -14.49 13.98 -15.60
N THR F 147 -13.89 13.64 -16.74
CA THR F 147 -12.62 12.92 -16.73
C THR F 147 -11.51 13.78 -16.14
N PHE F 148 -11.43 15.05 -16.54
CA PHE F 148 -10.36 15.91 -16.05
C PHE F 148 -10.44 16.10 -14.55
N GLY F 149 -11.63 16.42 -14.04
CA GLY F 149 -11.81 16.60 -12.61
C GLY F 149 -11.60 15.31 -11.84
N GLY F 150 -12.03 14.18 -12.41
CA GLY F 150 -11.78 12.91 -11.75
C GLY F 150 -10.30 12.61 -11.60
N ILE F 151 -9.53 12.82 -12.66
CA ILE F 151 -8.10 12.59 -12.60
C ILE F 151 -7.45 13.54 -11.59
N GLY F 152 -7.82 14.82 -11.64
CA GLY F 152 -7.22 15.78 -10.72
C GLY F 152 -7.56 15.48 -9.27
N GLY F 153 -8.83 15.20 -8.99
CA GLY F 153 -9.24 14.89 -7.64
C GLY F 153 -8.65 13.59 -7.12
N LEU F 154 -8.50 12.60 -7.99
CA LEU F 154 -7.88 11.35 -7.60
C LEU F 154 -6.41 11.55 -7.23
N ALA F 155 -5.68 12.30 -8.05
CA ALA F 155 -4.28 12.60 -7.74
C ALA F 155 -4.16 13.40 -6.45
N VAL F 156 -5.03 14.41 -6.27
CA VAL F 156 -4.98 15.21 -5.05
C VAL F 156 -5.36 14.37 -3.84
N GLY F 157 -6.31 13.45 -4.00
CA GLY F 157 -6.73 12.62 -2.89
C GLY F 157 -5.62 11.71 -2.40
N MET F 158 -4.91 11.05 -3.31
CA MET F 158 -3.80 10.24 -2.81
C MET F 158 -2.59 11.08 -2.39
N ALA F 159 -2.42 12.28 -2.94
CA ALA F 159 -1.27 13.10 -2.56
C ALA F 159 -1.39 13.68 -1.16
N GLY F 160 -2.59 14.02 -0.72
CA GLY F 160 -2.80 14.66 0.57
C GLY F 160 -3.29 13.76 1.68
N LYS F 161 -3.05 12.45 1.61
CA LYS F 161 -3.60 11.55 2.62
C LYS F 161 -2.96 11.77 3.99
N ASP F 162 -1.65 11.97 4.04
CA ASP F 162 -0.96 12.06 5.33
C ASP F 162 -1.33 13.33 6.08
N ILE F 163 -1.39 14.46 5.37
CA ILE F 163 -1.72 15.73 6.01
C ILE F 163 -3.12 15.67 6.63
N LEU F 164 -4.07 15.13 5.89
CA LEU F 164 -5.43 15.03 6.42
C LEU F 164 -5.54 14.00 7.53
N SER F 165 -4.76 12.91 7.44
CA SER F 165 -4.79 11.90 8.50
C SER F 165 -4.28 12.47 9.81
N ASN F 166 -3.25 13.32 9.75
CA ASN F 166 -2.76 13.95 10.98
C ASN F 166 -3.85 14.78 11.66
N PHE F 167 -4.61 15.56 10.88
CA PHE F 167 -5.65 16.38 11.47
C PHE F 167 -6.82 15.54 11.98
N PHE F 168 -7.15 14.45 11.27
CA PHE F 168 -8.20 13.57 11.75
C PHE F 168 -7.81 12.94 13.09
N SER F 169 -6.55 12.50 13.21
CA SER F 169 -6.08 11.98 14.48
C SER F 169 -6.04 13.06 15.55
N GLY F 170 -5.79 14.31 15.16
CA GLY F 170 -5.88 15.39 16.12
C GLY F 170 -7.28 15.58 16.67
N ILE F 171 -8.28 15.51 15.79
CA ILE F 171 -9.67 15.58 16.25
C ILE F 171 -9.98 14.42 17.19
N MET F 172 -9.55 13.21 16.81
CA MET F 172 -9.75 12.05 17.67
C MET F 172 -9.11 12.25 19.04
N LEU F 173 -7.89 12.77 19.07
CA LEU F 173 -7.22 13.04 20.33
C LEU F 173 -7.97 14.08 21.14
N TYR F 174 -8.57 15.07 20.47
CA TYR F 174 -9.38 16.06 21.16
C TYR F 174 -10.57 15.39 21.84
N PHE F 175 -11.22 14.45 21.17
CA PHE F 175 -12.39 13.81 21.77
C PHE F 175 -12.04 12.67 22.71
N ASP F 176 -11.09 11.82 22.35
CA ASP F 176 -10.72 10.65 23.15
C ASP F 176 -9.19 10.63 23.26
N ARG F 177 -8.67 11.08 24.40
CA ARG F 177 -7.23 11.17 24.60
C ARG F 177 -6.78 10.21 25.68
N PRO F 178 -5.75 9.40 25.42
CA PRO F 178 -5.25 8.48 26.45
C PRO F 178 -4.24 9.09 27.41
N PHE F 179 -3.98 10.39 27.30
CA PHE F 179 -3.02 11.04 28.18
C PHE F 179 -3.44 12.49 28.37
N SER F 180 -2.72 13.18 29.26
CA SER F 180 -2.99 14.58 29.55
C SER F 180 -1.67 15.34 29.60
N ILE F 181 -1.78 16.66 29.75
CA ILE F 181 -0.60 17.50 29.82
C ILE F 181 0.19 17.17 31.09
N GLY F 182 1.49 16.96 30.94
CA GLY F 182 2.35 16.63 32.05
C GLY F 182 2.56 15.15 32.28
N ASP F 183 1.94 14.29 31.47
CA ASP F 183 2.09 12.85 31.64
C ASP F 183 3.33 12.35 30.91
N TRP F 184 4.10 11.51 31.59
CA TRP F 184 5.23 10.83 30.98
C TRP F 184 4.71 9.63 30.22
N ILE F 185 4.95 9.60 28.90
CA ILE F 185 4.40 8.55 28.05
C ILE F 185 5.55 7.86 27.33
N ARG F 186 5.24 6.70 26.74
CA ARG F 186 6.23 5.83 26.14
C ARG F 186 5.54 4.93 25.13
N SER F 187 6.35 4.28 24.29
CA SER F 187 5.81 3.35 23.30
C SER F 187 6.85 2.29 22.97
N PRO F 188 6.46 1.01 22.92
CA PRO F 188 7.41 -0.03 22.52
C PRO F 188 7.65 -0.10 21.02
N ASP F 189 6.91 0.66 20.21
CA ASP F 189 7.05 0.61 18.76
C ASP F 189 7.90 1.75 18.21
N ARG F 190 7.77 2.95 18.75
CA ARG F 190 8.50 4.11 18.27
C ARG F 190 9.12 4.85 19.45
N ASN F 191 10.07 5.73 19.15
CA ASN F 191 10.74 6.52 20.18
C ASN F 191 10.00 7.84 20.34
N ILE F 192 9.12 7.91 21.34
CA ILE F 192 8.34 9.10 21.62
C ILE F 192 8.43 9.43 23.11
N GLU F 193 9.42 8.84 23.79
CA GLU F 193 9.49 8.93 25.24
C GLU F 193 9.69 10.37 25.70
N GLY F 194 8.95 10.75 26.75
CA GLY F 194 9.03 12.09 27.29
C GLY F 194 7.75 12.43 28.02
N THR F 195 7.65 13.69 28.42
CA THR F 195 6.46 14.21 29.09
C THR F 195 5.71 15.14 28.14
N VAL F 196 4.39 14.96 28.08
CA VAL F 196 3.57 15.71 27.15
C VAL F 196 3.58 17.19 27.54
N ALA F 197 3.85 18.05 26.58
CA ALA F 197 3.86 19.50 26.77
C ALA F 197 2.72 20.21 26.09
N GLU F 198 2.39 19.82 24.86
CA GLU F 198 1.29 20.45 24.13
C GLU F 198 0.63 19.43 23.22
N ILE F 199 -0.69 19.55 23.07
CA ILE F 199 -1.46 18.71 22.17
C ILE F 199 -2.13 19.62 21.16
N GLY F 200 -1.72 19.50 19.89
CA GLY F 200 -2.22 20.33 18.83
C GLY F 200 -3.06 19.55 17.81
N TRP F 201 -3.52 20.29 16.81
CA TRP F 201 -4.36 19.70 15.77
C TRP F 201 -3.56 18.84 14.80
N ARG F 202 -2.28 19.14 14.61
CA ARG F 202 -1.44 18.41 13.68
C ARG F 202 -0.37 17.57 14.36
N ILE F 203 0.35 18.15 15.32
CA ILE F 203 1.43 17.45 16.00
C ILE F 203 1.30 17.63 17.50
N THR F 204 1.93 16.73 18.24
CA THR F 204 2.01 16.78 19.69
C THR F 204 3.44 17.11 20.09
N LYS F 205 3.60 18.07 21.00
CA LYS F 205 4.92 18.50 21.45
C LYS F 205 5.21 17.87 22.81
N ILE F 206 6.36 17.19 22.89
CA ILE F 206 6.74 16.40 24.06
C ILE F 206 8.14 16.83 24.49
N THR F 207 8.35 17.02 25.78
CA THR F 207 9.66 17.36 26.31
C THR F 207 10.41 16.07 26.65
N THR F 208 11.55 15.86 26.01
CA THR F 208 12.35 14.67 26.27
C THR F 208 13.07 14.81 27.61
N PHE F 209 13.75 13.74 28.00
CA PHE F 209 14.42 13.72 29.30
C PHE F 209 15.81 14.34 29.28
N ASP F 210 16.27 14.80 28.12
CA ASP F 210 17.46 15.65 28.04
C ASP F 210 17.09 17.09 27.73
N ASN F 211 15.84 17.48 28.02
CA ASN F 211 15.37 18.86 27.90
C ASN F 211 15.41 19.36 26.45
N ARG F 212 14.83 18.56 25.56
CA ARG F 212 14.70 18.94 24.16
C ARG F 212 13.26 18.74 23.71
N PRO F 213 12.77 19.60 22.81
CA PRO F 213 11.41 19.41 22.29
C PRO F 213 11.39 18.40 21.15
N LEU F 214 10.33 17.58 21.14
CA LEU F 214 10.11 16.57 20.13
C LEU F 214 8.69 16.73 19.59
N TYR F 215 8.56 16.76 18.27
CA TYR F 215 7.26 16.94 17.62
C TYR F 215 6.85 15.63 16.98
N VAL F 216 5.71 15.09 17.40
CA VAL F 216 5.24 13.78 16.97
C VAL F 216 3.97 13.98 16.14
N PRO F 217 3.93 13.49 14.90
CA PRO F 217 2.68 13.57 14.13
C PRO F 217 1.56 12.82 14.82
N ASN F 218 0.35 13.39 14.75
CA ASN F 218 -0.77 12.85 15.50
C ASN F 218 -1.19 11.46 15.01
N SER F 219 -1.04 11.18 13.73
CA SER F 219 -1.47 9.90 13.18
C SER F 219 -0.79 8.72 13.85
N LEU F 220 0.43 8.90 14.37
CA LEU F 220 1.11 7.81 15.07
C LEU F 220 0.29 7.30 16.25
N PHE F 221 -0.50 8.17 16.88
CA PHE F 221 -1.31 7.75 18.02
C PHE F 221 -2.54 6.96 17.60
N SER F 222 -2.67 6.62 16.32
CA SER F 222 -3.77 5.80 15.85
C SER F 222 -3.33 4.40 15.43
N SER F 223 -2.04 4.10 15.48
CA SER F 223 -1.54 2.81 15.02
C SER F 223 -0.51 2.15 15.93
N ILE F 224 -0.08 2.81 17.01
CA ILE F 224 0.92 2.25 17.90
C ILE F 224 0.35 2.16 19.31
N SER F 225 0.95 1.30 20.11
CA SER F 225 0.58 1.18 21.51
C SER F 225 1.28 2.24 22.33
N VAL F 226 0.54 2.86 23.25
CA VAL F 226 1.05 3.94 24.09
C VAL F 226 1.02 3.48 25.53
N GLU F 227 2.18 3.55 26.19
CA GLU F 227 2.30 3.25 27.61
C GLU F 227 2.38 4.55 28.39
N ASN F 228 1.81 4.56 29.59
CA ASN F 228 1.73 5.75 30.42
C ASN F 228 2.38 5.46 31.77
N PRO F 229 3.71 5.53 31.85
CA PRO F 229 4.37 5.38 33.15
C PRO F 229 4.01 6.47 34.15
N GLY F 230 3.49 7.61 33.68
CA GLY F 230 3.07 8.67 34.58
C GLY F 230 1.86 8.32 35.41
N ARG F 231 1.18 7.21 35.11
CA ARG F 231 0.04 6.75 35.89
C ARG F 231 0.34 5.42 36.59
N MET F 232 1.61 5.11 36.80
CA MET F 232 1.98 3.87 37.48
C MET F 232 1.55 3.90 38.93
N THR F 233 1.33 2.72 39.50
CA THR F 233 0.97 2.59 40.90
C THR F 233 2.13 2.18 41.79
N ASN F 234 3.14 1.51 41.23
CA ASN F 234 4.30 1.07 42.00
C ASN F 234 5.52 1.08 41.11
N ARG F 235 6.69 1.06 41.74
CA ARG F 235 7.96 0.92 41.05
C ARG F 235 8.53 -0.46 41.36
N ARG F 236 9.03 -1.13 40.33
CA ARG F 236 9.46 -2.52 40.44
C ARG F 236 10.97 -2.60 40.65
N ILE F 237 11.40 -3.53 41.51
CA ILE F 237 12.79 -3.85 41.73
C ILE F 237 13.00 -5.30 41.30
N THR F 238 13.86 -5.50 40.30
CA THR F 238 14.20 -6.83 39.82
C THR F 238 15.71 -6.92 39.69
N THR F 239 16.27 -8.04 40.15
CA THR F 239 17.72 -8.24 40.06
C THR F 239 18.03 -9.74 40.08
N THR F 240 19.28 -10.06 39.81
CA THR F 240 19.77 -11.42 39.78
C THR F 240 21.03 -11.54 40.64
N ILE F 241 21.05 -12.52 41.53
CA ILE F 241 22.21 -12.81 42.37
C ILE F 241 22.90 -14.03 41.78
N GLY F 242 24.14 -13.85 41.34
CA GLY F 242 24.90 -14.96 40.77
C GLY F 242 25.93 -15.51 41.73
N LEU F 243 25.69 -16.71 42.25
CA LEU F 243 26.60 -17.33 43.19
C LEU F 243 27.52 -18.33 42.49
N ARG F 244 28.65 -18.61 43.13
CA ARG F 244 29.59 -19.57 42.57
C ARG F 244 29.02 -20.98 42.61
N TYR F 245 29.46 -21.81 41.67
CA TYR F 245 28.99 -23.19 41.60
C TYR F 245 29.37 -23.99 42.83
N GLU F 246 30.39 -23.55 43.58
CA GLU F 246 30.79 -24.22 44.80
C GLU F 246 29.96 -23.78 46.00
N ASP F 247 29.01 -22.86 45.81
CA ASP F 247 28.12 -22.40 46.86
C ASP F 247 26.74 -23.05 46.76
N ALA F 248 26.68 -24.23 46.15
CA ALA F 248 25.41 -24.91 45.94
C ALA F 248 24.78 -25.39 47.24
N ALA F 249 25.56 -25.60 48.29
CA ALA F 249 25.06 -26.07 49.57
C ALA F 249 24.44 -24.96 50.41
N LYS F 250 24.57 -23.70 49.98
CA LYS F 250 24.06 -22.57 50.74
C LYS F 250 22.96 -21.80 50.02
N VAL F 251 22.43 -22.35 48.91
CA VAL F 251 21.42 -21.62 48.14
C VAL F 251 20.15 -21.44 48.94
N GLY F 252 19.69 -22.50 49.62
CA GLY F 252 18.42 -22.42 50.31
C GLY F 252 18.40 -21.42 51.44
N VAL F 253 19.44 -21.43 52.28
CA VAL F 253 19.48 -20.52 53.42
C VAL F 253 19.60 -19.07 52.94
N ILE F 254 20.39 -18.83 51.89
CA ILE F 254 20.51 -17.48 51.34
C ILE F 254 19.17 -17.01 50.79
N VAL F 255 18.47 -17.89 50.08
CA VAL F 255 17.16 -17.53 49.53
C VAL F 255 16.20 -17.18 50.66
N GLU F 256 16.17 -17.99 51.72
CA GLU F 256 15.28 -17.72 52.84
C GLU F 256 15.63 -16.41 53.52
N ALA F 257 16.92 -16.14 53.71
CA ALA F 257 17.33 -14.90 54.37
C ALA F 257 16.94 -13.68 53.54
N VAL F 258 17.15 -13.75 52.21
CA VAL F 258 16.78 -12.62 51.35
C VAL F 258 15.27 -12.42 51.37
N ARG F 259 14.50 -13.52 51.33
CA ARG F 259 13.05 -13.40 51.35
C ARG F 259 12.58 -12.77 52.65
N GLU F 260 13.15 -13.18 53.79
CA GLU F 260 12.76 -12.58 55.07
C GLU F 260 13.13 -11.10 55.12
N MET F 261 14.32 -10.75 54.63
CA MET F 261 14.72 -9.34 54.60
C MET F 261 13.76 -8.51 53.76
N LEU F 262 13.38 -9.02 52.59
CA LEU F 262 12.43 -8.29 51.75
C LEU F 262 11.06 -8.18 52.42
N LYS F 263 10.62 -9.23 53.12
CA LYS F 263 9.34 -9.20 53.79
C LYS F 263 9.33 -8.24 54.98
N ASN F 264 10.47 -7.99 55.62
CA ASN F 264 10.51 -7.08 56.76
C ASN F 264 10.98 -5.68 56.41
N HIS F 265 11.20 -5.38 55.13
CA HIS F 265 11.69 -4.06 54.75
C HIS F 265 10.54 -3.06 54.73
N PRO F 266 10.68 -1.92 55.41
CA PRO F 266 9.56 -0.96 55.48
C PRO F 266 9.21 -0.31 54.16
N ALA F 267 10.08 -0.34 53.17
CA ALA F 267 9.85 0.34 51.90
C ALA F 267 9.24 -0.55 50.83
N ILE F 268 8.96 -1.81 51.14
CA ILE F 268 8.47 -2.78 50.16
C ILE F 268 6.98 -2.96 50.35
N ASP F 269 6.24 -2.95 49.23
CA ASP F 269 4.80 -3.17 49.26
C ASP F 269 4.53 -4.66 49.39
N GLN F 270 3.89 -5.06 50.48
CA GLN F 270 3.66 -6.47 50.78
C GLN F 270 2.39 -7.02 50.14
N ARG F 271 1.61 -6.19 49.46
CA ARG F 271 0.40 -6.63 48.78
C ARG F 271 0.64 -6.95 47.32
N GLN F 272 1.87 -6.81 46.83
CA GLN F 272 2.22 -7.07 45.44
C GLN F 272 3.08 -8.33 45.36
N THR F 273 3.55 -8.63 44.15
CA THR F 273 4.38 -9.81 43.93
C THR F 273 5.69 -9.70 44.67
N LEU F 274 6.14 -10.82 45.25
CA LEU F 274 7.40 -10.87 45.99
C LEU F 274 7.97 -12.28 45.81
N LEU F 275 8.95 -12.41 44.92
CA LEU F 275 9.50 -13.72 44.57
C LEU F 275 11.01 -13.70 44.76
N VAL F 276 11.53 -14.71 45.44
CA VAL F 276 12.97 -14.95 45.59
C VAL F 276 13.19 -16.45 45.42
N TYR F 277 13.74 -16.84 44.28
CA TYR F 277 13.93 -18.27 43.98
C TYR F 277 15.18 -18.46 43.15
N PHE F 278 15.76 -19.65 43.28
CA PHE F 278 16.87 -20.10 42.45
C PHE F 278 16.30 -20.74 41.19
N ASN F 279 16.56 -20.15 40.03
CA ASN F 279 15.85 -20.57 38.82
C ASN F 279 16.71 -20.65 37.57
N GLN F 280 18.04 -20.65 37.66
CA GLN F 280 18.82 -20.68 36.43
C GLN F 280 20.22 -21.21 36.68
N PHE F 281 20.64 -22.14 35.82
CA PHE F 281 22.03 -22.58 35.71
C PHE F 281 22.68 -21.71 34.65
N ALA F 282 23.47 -20.73 35.09
CA ALA F 282 24.17 -19.88 34.15
C ALA F 282 25.49 -20.51 33.76
N ASP F 283 26.23 -19.84 32.88
CA ASP F 283 27.50 -20.38 32.39
C ASP F 283 28.52 -20.52 33.50
N SER F 284 28.59 -19.52 34.39
CA SER F 284 29.60 -19.50 35.44
C SER F 284 29.00 -19.35 36.84
N SER F 285 27.68 -19.37 36.98
CA SER F 285 27.08 -19.08 38.27
C SER F 285 25.70 -19.73 38.36
N LEU F 286 25.20 -19.82 39.59
CA LEU F 286 23.82 -20.22 39.87
C LEU F 286 23.05 -18.94 40.16
N ASN F 287 21.95 -18.73 39.45
CA ASN F 287 21.25 -17.44 39.50
C ASN F 287 20.00 -17.51 40.36
N ILE F 288 19.82 -16.49 41.19
CA ILE F 288 18.65 -16.33 42.05
C ILE F 288 17.96 -15.04 41.65
N MET F 289 16.67 -15.13 41.33
CA MET F 289 15.90 -13.97 40.93
C MET F 289 15.30 -13.26 42.13
N VAL F 290 15.27 -11.93 42.06
CA VAL F 290 14.63 -11.09 43.07
C VAL F 290 13.65 -10.17 42.34
N TYR F 291 12.41 -10.13 42.83
CA TYR F 291 11.29 -9.51 42.13
C TYR F 291 10.34 -8.95 43.17
N CYS F 292 10.25 -7.63 43.28
CA CYS F 292 9.40 -7.01 44.29
C CYS F 292 8.98 -5.62 43.82
N PHE F 293 8.18 -4.96 44.64
CA PHE F 293 7.65 -3.63 44.36
C PHE F 293 7.84 -2.72 45.57
N THR F 294 7.94 -1.43 45.30
CA THR F 294 8.01 -0.41 46.34
C THR F 294 6.69 0.34 46.45
N LYS F 295 6.42 0.86 47.64
CA LYS F 295 5.20 1.65 47.84
C LYS F 295 5.25 2.96 47.06
N THR F 296 6.40 3.62 47.05
CA THR F 296 6.52 4.93 46.44
C THR F 296 6.63 4.81 44.91
N THR F 297 6.34 5.93 44.24
CA THR F 297 6.54 6.05 42.80
C THR F 297 7.50 7.17 42.46
N VAL F 298 8.13 7.79 43.45
CA VAL F 298 9.07 8.88 43.22
C VAL F 298 10.41 8.32 42.79
N TRP F 299 11.06 9.00 41.85
CA TRP F 299 12.30 8.52 41.27
C TRP F 299 13.40 8.36 42.31
N ALA F 300 13.65 9.44 43.07
CA ALA F 300 14.77 9.43 44.02
C ALA F 300 14.51 8.46 45.17
N GLU F 301 13.27 8.42 45.68
CA GLU F 301 12.95 7.51 46.77
C GLU F 301 13.07 6.05 46.33
N TRP F 302 12.60 5.75 45.13
CA TRP F 302 12.74 4.39 44.61
C TRP F 302 14.21 4.01 44.44
N LEU F 303 15.02 4.93 43.93
CA LEU F 303 16.45 4.64 43.76
C LEU F 303 17.13 4.41 45.11
N ALA F 304 16.78 5.23 46.12
CA ALA F 304 17.37 5.05 47.45
C ALA F 304 16.98 3.71 48.06
N ALA F 305 15.70 3.33 47.93
CA ALA F 305 15.26 2.05 48.45
C ALA F 305 15.97 0.90 47.74
N GLN F 306 16.14 1.01 46.42
CA GLN F 306 16.86 -0.02 45.67
C GLN F 306 18.29 -0.14 46.13
N GLN F 307 18.97 0.98 46.37
CA GLN F 307 20.35 0.94 46.84
C GLN F 307 20.43 0.29 48.21
N ASP F 308 19.50 0.62 49.11
CA ASP F 308 19.49 0.00 50.43
C ASP F 308 19.29 -1.51 50.33
N VAL F 309 18.36 -1.94 49.47
CA VAL F 309 18.11 -3.36 49.30
C VAL F 309 19.35 -4.07 48.75
N TYR F 310 20.02 -3.43 47.79
CA TYR F 310 21.22 -4.05 47.21
C TYR F 310 22.33 -4.21 48.25
N LEU F 311 22.55 -3.18 49.07
CA LEU F 311 23.57 -3.29 50.11
C LEU F 311 23.22 -4.38 51.12
N LYS F 312 21.95 -4.47 51.52
CA LYS F 312 21.54 -5.52 52.43
C LYS F 312 21.73 -6.90 51.82
N ILE F 313 21.46 -7.03 50.52
CA ILE F 313 21.66 -8.31 49.83
C ILE F 313 23.14 -8.68 49.84
N ILE F 314 24.02 -7.71 49.58
CA ILE F 314 25.46 -7.98 49.62
C ILE F 314 25.87 -8.48 51.00
N ASP F 315 25.39 -7.81 52.04
CA ASP F 315 25.74 -8.22 53.40
C ASP F 315 25.23 -9.62 53.70
N ILE F 316 23.99 -9.92 53.31
CA ILE F 316 23.42 -11.25 53.58
C ILE F 316 24.23 -12.32 52.87
N VAL F 317 24.58 -12.08 51.60
CA VAL F 317 25.33 -13.08 50.84
C VAL F 317 26.69 -13.31 51.47
N GLN F 318 27.38 -12.24 51.86
CA GLN F 318 28.73 -12.39 52.38
C GLN F 318 28.75 -12.94 53.82
N SER F 319 27.66 -12.81 54.56
CA SER F 319 27.66 -13.32 55.92
C SER F 319 27.46 -14.83 56.00
N HIS F 320 27.03 -15.47 54.92
CA HIS F 320 26.79 -16.91 54.90
C HIS F 320 27.96 -17.69 54.31
N GLY F 321 29.06 -17.03 54.00
CA GLY F 321 30.23 -17.70 53.46
C GLY F 321 30.27 -17.84 51.95
N ALA F 322 29.24 -17.40 51.25
CA ALA F 322 29.22 -17.46 49.80
C ALA F 322 29.89 -16.21 49.22
N ASP F 323 29.90 -16.12 47.88
CA ASP F 323 30.48 -14.97 47.21
C ASP F 323 29.91 -14.88 45.81
N PHE F 324 30.00 -13.67 45.24
CA PHE F 324 29.56 -13.46 43.87
C PHE F 324 30.58 -14.04 42.90
N ALA F 325 30.09 -14.42 41.72
CA ALA F 325 30.90 -15.15 40.75
C ALA F 325 31.31 -14.25 39.59
N PHE F 326 32.60 -14.22 39.30
CA PHE F 326 33.10 -13.63 38.07
C PHE F 326 32.92 -14.62 36.92
N PRO F 327 32.99 -14.15 35.67
CA PRO F 327 33.07 -15.09 34.55
C PRO F 327 34.27 -16.01 34.72
N SER F 328 34.05 -17.30 34.48
CA SER F 328 35.04 -18.32 34.80
C SER F 328 35.36 -19.14 33.58
N GLN F 329 36.56 -19.73 33.59
CA GLN F 329 37.03 -20.57 32.49
C GLN F 329 37.94 -21.65 33.04
N THR F 330 38.03 -22.75 32.29
CA THR F 330 38.96 -23.83 32.58
C THR F 330 39.98 -23.88 31.47
N LEU F 331 41.26 -23.81 31.82
CA LEU F 331 42.34 -23.73 30.85
C LEU F 331 43.16 -25.01 30.89
N TYR F 332 43.37 -25.60 29.72
CA TYR F 332 44.22 -26.77 29.56
C TYR F 332 45.50 -26.33 28.85
N MET F 333 46.64 -26.59 29.46
CA MET F 333 47.92 -26.14 28.94
C MET F 333 48.67 -27.30 28.31
N ASP F 334 49.40 -27.00 27.23
CA ASP F 334 50.20 -27.99 26.53
C ASP F 334 51.26 -28.59 27.44
N GLU G 4 -31.26 44.42 -48.93
CA GLU G 4 -31.40 45.88 -48.80
C GLU G 4 -30.26 46.47 -48.00
N LEU G 5 -30.35 47.77 -47.70
CA LEU G 5 -29.35 48.47 -46.92
C LEU G 5 -29.87 48.94 -45.57
N PHE G 6 -30.97 49.70 -45.57
CA PHE G 6 -31.55 50.16 -44.31
C PHE G 6 -32.24 49.02 -43.57
N THR G 7 -33.03 48.23 -44.30
CA THR G 7 -33.71 47.09 -43.68
C THR G 7 -32.72 46.06 -43.17
N ASN G 8 -31.67 45.78 -43.95
CA ASN G 8 -30.65 44.83 -43.50
C ASN G 8 -29.94 45.33 -42.25
N ASN G 9 -29.61 46.63 -42.22
CA ASN G 9 -28.97 47.19 -41.03
C ASN G 9 -29.89 47.13 -39.82
N ALA G 10 -31.18 47.40 -40.01
CA ALA G 10 -32.13 47.33 -38.90
C ALA G 10 -32.26 45.91 -38.39
N LEU G 11 -32.31 44.93 -39.29
CA LEU G 11 -32.43 43.54 -38.87
C LEU G 11 -31.15 43.00 -38.27
N ASN G 12 -29.99 43.57 -38.63
CA ASN G 12 -28.72 43.09 -38.10
C ASN G 12 -28.60 43.35 -36.60
N LEU G 13 -29.19 44.44 -36.11
CA LEU G 13 -29.15 44.82 -34.69
C LEU G 13 -27.69 45.06 -34.32
N VAL G 14 -27.20 44.57 -33.17
CA VAL G 14 -25.84 44.81 -32.74
C VAL G 14 -24.89 43.70 -33.17
N ILE G 15 -25.38 42.66 -33.85
CA ILE G 15 -24.51 41.58 -34.29
C ILE G 15 -23.51 42.10 -35.33
N ILE G 16 -23.99 42.91 -36.28
CA ILE G 16 -23.10 43.45 -37.31
C ILE G 16 -22.08 44.39 -36.69
N PHE G 17 -22.51 45.23 -35.74
CA PHE G 17 -21.59 46.15 -35.07
C PHE G 17 -20.57 45.43 -34.20
N GLY G 18 -20.77 44.14 -33.93
CA GLY G 18 -19.78 43.38 -33.18
C GLY G 18 -18.43 43.34 -33.89
N SER G 19 -18.45 43.24 -35.23
CA SER G 19 -17.21 43.23 -35.98
C SER G 19 -16.47 44.56 -35.83
N CYS G 20 -17.19 45.68 -35.91
CA CYS G 20 -16.54 46.98 -35.73
C CYS G 20 -16.00 47.14 -34.31
N ALA G 21 -16.78 46.70 -33.31
CA ALA G 21 -16.31 46.77 -31.93
C ALA G 21 -15.06 45.92 -31.73
N ALA G 22 -15.02 44.74 -32.36
CA ALA G 22 -13.85 43.88 -32.25
C ALA G 22 -12.66 44.48 -32.98
N LEU G 23 -12.89 45.17 -34.09
CA LEU G 23 -11.80 45.86 -34.76
C LEU G 23 -11.23 46.97 -33.89
N ILE G 24 -12.11 47.71 -33.20
CA ILE G 24 -11.65 48.74 -32.27
C ILE G 24 -10.85 48.10 -31.14
N LEU G 25 -11.32 46.96 -30.63
CA LEU G 25 -10.61 46.26 -29.57
C LEU G 25 -9.24 45.77 -30.05
N MET G 26 -9.16 45.30 -31.30
CA MET G 26 -7.89 44.87 -31.86
C MET G 26 -6.93 46.05 -32.01
N SER G 27 -7.44 47.21 -32.42
CA SER G 27 -6.61 48.40 -32.47
C SER G 27 -6.11 48.78 -31.08
N PHE G 28 -6.98 48.69 -30.07
CA PHE G 28 -6.57 48.96 -28.71
C PHE G 28 -5.50 47.98 -28.23
N TRP G 29 -5.65 46.71 -28.58
CA TRP G 29 -4.64 45.71 -28.22
C TRP G 29 -3.34 45.96 -28.95
N PHE G 30 -3.39 46.49 -30.17
CA PHE G 30 -2.18 46.95 -30.84
C PHE G 30 -1.54 48.09 -30.05
N ARG G 31 -2.36 49.01 -29.55
CA ARG G 31 -1.89 49.98 -28.57
C ARG G 31 -1.66 49.36 -27.20
N ARG G 32 -2.25 48.19 -26.95
CA ARG G 32 -2.05 47.39 -25.74
C ARG G 32 -2.51 48.11 -24.47
N GLY G 33 -3.32 49.15 -24.61
CA GLY G 33 -3.93 49.81 -23.48
C GLY G 33 -2.96 50.39 -22.46
N ASN G 34 -2.90 49.77 -21.27
CA ASN G 34 -2.10 50.31 -20.18
C ASN G 34 -0.61 50.33 -20.52
N ARG G 35 -0.10 49.25 -21.09
CA ARG G 35 1.32 49.14 -21.39
C ARG G 35 1.52 48.34 -22.66
N LYS G 36 2.43 48.80 -23.51
CA LYS G 36 2.70 48.17 -24.80
C LYS G 36 3.58 46.93 -24.55
N ARG G 37 2.93 45.85 -24.12
CA ARG G 37 3.60 44.59 -23.86
C ARG G 37 2.75 43.45 -24.40
N LYS G 38 3.35 42.26 -24.44
CA LYS G 38 2.66 41.08 -24.94
C LYS G 38 3.21 39.85 -24.23
N GLY G 39 2.42 38.77 -24.25
CA GLY G 39 2.82 37.54 -23.62
C GLY G 39 1.74 36.95 -22.73
N PHE G 40 1.45 35.66 -22.92
CA PHE G 40 0.48 34.93 -22.09
C PHE G 40 -0.90 35.57 -22.15
N LEU G 41 -1.20 36.43 -21.17
CA LEU G 41 -2.54 37.01 -21.05
C LEU G 41 -2.95 37.78 -22.30
N PHE G 42 -1.98 38.37 -23.00
CA PHE G 42 -2.31 39.08 -24.24
C PHE G 42 -2.86 38.12 -25.28
N HIS G 43 -2.19 36.99 -25.49
CA HIS G 43 -2.71 35.98 -26.40
C HIS G 43 -4.04 35.44 -25.92
N ALA G 44 -4.22 35.31 -24.60
CA ALA G 44 -5.48 34.82 -24.06
C ALA G 44 -6.64 35.74 -24.41
N VAL G 45 -6.46 37.05 -24.17
CA VAL G 45 -7.55 37.99 -24.45
C VAL G 45 -7.77 38.11 -25.94
N GLN G 46 -6.71 38.03 -26.75
CA GLN G 46 -6.88 38.04 -28.20
C GLN G 46 -7.69 36.84 -28.67
N PHE G 47 -7.37 35.64 -28.15
CA PHE G 47 -8.16 34.46 -28.49
C PHE G 47 -9.62 34.63 -28.03
N LEU G 48 -9.81 35.24 -26.86
CA LEU G 48 -11.16 35.46 -26.36
C LEU G 48 -11.97 36.36 -27.29
N ILE G 49 -11.37 37.47 -27.75
CA ILE G 49 -12.17 38.37 -28.56
C ILE G 49 -12.32 37.82 -29.98
N TYR G 50 -11.38 36.97 -30.43
CA TYR G 50 -11.61 36.23 -31.67
C TYR G 50 -12.80 35.29 -31.54
N THR G 51 -12.91 34.58 -30.41
CA THR G 51 -14.08 33.75 -30.18
C THR G 51 -15.36 34.57 -30.15
N ILE G 52 -15.29 35.77 -29.58
CA ILE G 52 -16.44 36.67 -29.59
C ILE G 52 -16.79 37.05 -31.03
N ILE G 53 -15.78 37.33 -31.85
CA ILE G 53 -16.01 37.63 -33.26
C ILE G 53 -16.78 36.50 -33.94
N ILE G 54 -16.32 35.26 -33.72
CA ILE G 54 -16.95 34.12 -34.37
C ILE G 54 -18.37 33.91 -33.84
N SER G 55 -18.57 34.13 -32.53
CA SER G 55 -19.91 34.00 -31.96
C SER G 55 -20.87 35.02 -32.58
N ALA G 56 -20.41 36.27 -32.75
CA ALA G 56 -21.24 37.27 -33.40
C ALA G 56 -21.50 36.93 -34.86
N VAL G 57 -20.49 36.42 -35.57
CA VAL G 57 -20.67 36.04 -36.96
C VAL G 57 -21.68 34.91 -37.09
N GLY G 58 -21.75 34.04 -36.09
CA GLY G 58 -22.75 32.97 -36.12
C GLY G 58 -24.15 33.52 -36.21
N SER G 59 -24.49 34.48 -35.34
CA SER G 59 -25.81 35.10 -35.40
C SER G 59 -25.98 35.95 -36.65
N ILE G 60 -24.90 36.59 -37.12
CA ILE G 60 -24.96 37.38 -38.35
C ILE G 60 -25.42 36.51 -39.51
N ILE G 61 -24.79 35.35 -39.68
CA ILE G 61 -25.17 34.46 -40.77
C ILE G 61 -26.49 33.75 -40.47
N ASN G 62 -26.84 33.58 -39.20
CA ASN G 62 -28.16 33.03 -38.88
C ASN G 62 -29.28 33.95 -39.34
N TYR G 63 -29.07 35.26 -39.25
CA TYR G 63 -30.10 36.19 -39.69
C TYR G 63 -30.17 36.29 -41.21
N VAL G 64 -29.05 36.07 -41.90
CA VAL G 64 -29.01 36.26 -43.36
C VAL G 64 -29.94 35.26 -44.05
N ILE G 65 -29.87 33.99 -43.67
CA ILE G 65 -30.72 33.00 -44.33
C ILE G 65 -32.12 32.96 -43.72
N GLU G 66 -32.34 33.67 -42.61
CA GLU G 66 -33.68 33.75 -42.05
C GLU G 66 -34.49 34.91 -42.63
N ASN G 67 -33.82 36.00 -43.03
CA ASN G 67 -34.53 37.16 -43.54
C ASN G 67 -34.56 37.24 -45.06
N TYR G 68 -33.75 36.44 -45.77
CA TYR G 68 -33.77 36.43 -47.22
C TYR G 68 -34.27 35.10 -47.79
N LYS G 69 -33.61 34.00 -47.44
CA LYS G 69 -33.98 32.67 -47.94
C LYS G 69 -33.21 31.60 -47.19
N LEU G 70 -33.90 30.52 -46.80
CA LEU G 70 -33.24 29.46 -46.03
C LEU G 70 -32.12 28.81 -46.84
N LYS G 71 -32.35 28.56 -48.12
CA LYS G 71 -31.36 28.00 -49.05
C LYS G 71 -30.94 26.63 -48.53
N PHE G 72 -29.63 26.33 -48.46
CA PHE G 72 -29.17 24.99 -48.09
C PHE G 72 -27.96 25.05 -47.16
N ILE G 73 -27.89 26.06 -46.29
CA ILE G 73 -26.69 26.25 -45.48
C ILE G 73 -26.52 25.13 -44.47
N THR G 74 -27.63 24.64 -43.89
CA THR G 74 -27.59 23.62 -42.84
C THR G 74 -26.66 24.05 -41.71
N PRO G 75 -27.10 24.96 -40.82
CA PRO G 75 -26.17 25.62 -39.89
C PRO G 75 -25.30 24.69 -39.05
N GLY G 76 -25.59 23.40 -39.07
CA GLY G 76 -24.71 22.45 -38.43
C GLY G 76 -23.29 22.52 -38.98
N VAL G 77 -23.18 22.62 -40.31
CA VAL G 77 -21.85 22.66 -40.92
C VAL G 77 -21.13 23.96 -40.57
N ILE G 78 -21.84 25.10 -40.49
CA ILE G 78 -21.14 26.35 -40.20
C ILE G 78 -20.72 26.39 -38.74
N ASP G 79 -21.51 25.82 -37.83
CA ASP G 79 -21.04 25.77 -36.45
C ASP G 79 -19.89 24.78 -36.29
N PHE G 80 -19.90 23.69 -37.07
CA PHE G 80 -18.74 22.80 -37.08
C PHE G 80 -17.50 23.54 -37.57
N ILE G 81 -17.64 24.36 -38.62
CA ILE G 81 -16.52 25.12 -39.15
C ILE G 81 -16.02 26.13 -38.12
N CYS G 82 -16.94 26.80 -37.42
CA CYS G 82 -16.53 27.77 -36.42
C CYS G 82 -15.79 27.10 -35.27
N THR G 83 -16.28 25.93 -34.81
CA THR G 83 -15.56 25.19 -33.78
C THR G 83 -14.19 24.76 -34.26
N SER G 84 -14.08 24.33 -35.53
CA SER G 84 -12.79 23.95 -36.07
C SER G 84 -11.83 25.12 -36.10
N LEU G 85 -12.32 26.30 -36.49
CA LEU G 85 -11.48 27.49 -36.51
C LEU G 85 -11.03 27.87 -35.10
N ILE G 86 -11.93 27.77 -34.13
CA ILE G 86 -11.57 28.05 -32.74
C ILE G 86 -10.49 27.09 -32.27
N ALA G 87 -10.64 25.81 -32.57
CA ALA G 87 -9.63 24.84 -32.20
C ALA G 87 -8.29 25.15 -32.87
N VAL G 88 -8.31 25.53 -34.15
CA VAL G 88 -7.08 25.82 -34.87
C VAL G 88 -6.35 27.00 -34.24
N ILE G 89 -7.10 28.09 -33.95
CA ILE G 89 -6.44 29.28 -33.41
C ILE G 89 -5.94 29.00 -31.99
N LEU G 90 -6.69 28.23 -31.20
CA LEU G 90 -6.22 27.88 -29.86
C LEU G 90 -4.95 27.06 -29.93
N THR G 91 -4.90 26.08 -30.84
CA THR G 91 -3.69 25.27 -30.97
C THR G 91 -2.51 26.11 -31.43
N ILE G 92 -2.74 27.04 -32.35
CA ILE G 92 -1.66 27.91 -32.82
C ILE G 92 -1.13 28.76 -31.67
N LYS G 93 -2.03 29.35 -30.88
CA LYS G 93 -1.60 30.18 -29.76
C LYS G 93 -0.80 29.37 -28.74
N LEU G 94 -1.29 28.17 -28.40
CA LEU G 94 -0.58 27.35 -27.43
C LEU G 94 0.79 26.92 -27.97
N PHE G 95 0.85 26.56 -29.25
CA PHE G 95 2.12 26.15 -29.85
C PHE G 95 3.12 27.30 -29.83
N LEU G 96 2.67 28.51 -30.16
CA LEU G 96 3.59 29.64 -30.13
C LEU G 96 4.05 29.95 -28.70
N LEU G 97 3.15 29.82 -27.73
CA LEU G 97 3.52 30.07 -26.34
C LEU G 97 4.59 29.09 -25.88
N ILE G 98 4.38 27.79 -26.14
CA ILE G 98 5.38 26.83 -25.69
C ILE G 98 6.65 26.92 -26.52
N ASN G 99 6.56 27.40 -27.76
CA ASN G 99 7.78 27.64 -28.53
C ASN G 99 8.59 28.77 -27.92
N GLN G 100 7.92 29.84 -27.51
CA GLN G 100 8.61 30.92 -26.80
C GLN G 100 9.24 30.40 -25.51
N PHE G 101 8.52 29.54 -24.79
CA PHE G 101 9.08 28.90 -23.61
C PHE G 101 10.33 28.09 -23.96
N GLU G 102 10.31 27.40 -25.09
CA GLU G 102 11.42 26.53 -25.47
C GLU G 102 12.67 27.35 -25.78
N LYS G 103 12.52 28.41 -26.58
CA LYS G 103 13.66 29.29 -26.81
C LYS G 103 14.11 30.00 -25.54
N GLN G 104 13.19 30.29 -24.62
CA GLN G 104 13.59 30.83 -23.33
C GLN G 104 14.51 29.85 -22.61
N GLN G 105 14.12 28.57 -22.58
CA GLN G 105 14.94 27.55 -21.95
C GLN G 105 16.29 27.43 -22.63
N ILE G 106 16.33 27.49 -23.96
CA ILE G 106 17.60 27.42 -24.68
C ILE G 106 18.49 28.60 -24.31
N LYS G 107 17.92 29.80 -24.30
CA LYS G 107 18.72 31.00 -23.99
C LYS G 107 19.24 30.95 -22.56
N LYS G 108 18.49 30.31 -21.66
CA LYS G 108 18.98 30.13 -20.29
C LYS G 108 20.27 29.32 -20.27
N GLY G 109 20.45 28.45 -21.26
CA GLY G 109 21.63 27.60 -21.34
C GLY G 109 21.35 26.18 -20.91
N ARG G 110 21.14 25.30 -21.88
CA ARG G 110 20.74 23.93 -21.60
C ARG G 110 20.91 23.11 -22.87
N ASP G 111 21.01 21.80 -22.71
CA ASP G 111 21.16 20.90 -23.85
C ASP G 111 19.97 21.05 -24.80
N ILE G 112 20.27 21.11 -26.10
CA ILE G 112 19.22 21.34 -27.09
C ILE G 112 18.27 20.16 -27.17
N THR G 113 18.81 18.94 -27.15
CA THR G 113 17.98 17.75 -27.30
C THR G 113 16.97 17.64 -26.17
N SER G 114 17.40 17.93 -24.94
CA SER G 114 16.47 17.89 -23.81
C SER G 114 15.36 18.92 -23.97
N ALA G 115 15.70 20.12 -24.46
CA ALA G 115 14.68 21.13 -24.70
C ALA G 115 13.68 20.68 -25.76
N ARG G 116 14.17 20.07 -26.84
CA ARG G 116 13.26 19.54 -27.86
C ARG G 116 12.35 18.48 -27.28
N ILE G 117 12.89 17.57 -26.47
CA ILE G 117 12.09 16.51 -25.91
C ILE G 117 11.02 17.06 -24.97
N MET G 118 11.39 18.03 -24.13
CA MET G 118 10.41 18.65 -23.24
C MET G 118 9.32 19.36 -24.03
N SER G 119 9.71 20.07 -25.10
CA SER G 119 8.72 20.75 -25.94
C SER G 119 7.75 19.74 -26.55
N ARG G 120 8.28 18.61 -26.99
CA ARG G 120 7.40 17.61 -27.53
C ARG G 120 6.44 17.19 -26.45
N ILE G 121 6.98 16.78 -25.32
CA ILE G 121 6.12 16.28 -24.24
C ILE G 121 4.97 17.24 -23.98
N ILE G 122 5.28 18.54 -23.90
CA ILE G 122 4.23 19.53 -23.68
C ILE G 122 3.25 19.55 -24.85
N LYS G 123 3.77 19.41 -26.08
CA LYS G 123 2.91 19.37 -27.26
C LYS G 123 1.88 18.24 -27.15
N ILE G 124 2.36 17.03 -26.89
CA ILE G 124 1.47 15.87 -26.83
C ILE G 124 0.50 16.00 -25.66
N THR G 125 0.98 16.48 -24.51
CA THR G 125 0.08 16.64 -23.36
C THR G 125 -1.02 17.63 -23.66
N ILE G 126 -0.67 18.78 -24.26
CA ILE G 126 -1.68 19.79 -24.59
C ILE G 126 -2.66 19.25 -25.62
N ILE G 127 -2.16 18.52 -26.61
CA ILE G 127 -3.05 17.96 -27.63
C ILE G 127 -4.04 16.98 -27.02
N VAL G 128 -3.56 16.12 -26.12
CA VAL G 128 -4.45 15.15 -25.49
C VAL G 128 -5.49 15.86 -24.62
N VAL G 129 -5.05 16.87 -23.85
CA VAL G 129 -5.99 17.59 -23.00
C VAL G 129 -7.05 18.29 -23.82
N LEU G 130 -6.65 18.93 -24.93
CA LEU G 130 -7.61 19.60 -25.78
C LEU G 130 -8.57 18.62 -26.43
N VAL G 131 -8.07 17.46 -26.87
CA VAL G 131 -8.93 16.46 -27.48
C VAL G 131 -9.96 15.96 -26.49
N LEU G 132 -9.54 15.69 -25.26
CA LEU G 132 -10.49 15.20 -24.26
C LEU G 132 -11.48 16.30 -23.87
N LEU G 133 -11.03 17.56 -23.83
CA LEU G 133 -11.94 18.66 -23.50
C LEU G 133 -12.84 19.01 -24.68
N TYR G 134 -12.33 18.92 -25.91
CA TYR G 134 -13.06 19.40 -27.07
C TYR G 134 -13.47 18.25 -27.97
N GLY G 135 -13.92 17.15 -27.36
CA GLY G 135 -14.23 15.95 -28.12
C GLY G 135 -15.70 15.63 -28.25
N GLU G 136 -16.53 16.64 -28.52
CA GLU G 136 -17.94 16.40 -28.78
C GLU G 136 -18.46 17.11 -30.03
N HIS G 137 -17.94 18.28 -30.38
CA HIS G 137 -18.40 18.97 -31.58
C HIS G 137 -17.97 18.25 -32.85
N PHE G 138 -16.71 17.81 -32.91
CA PHE G 138 -16.26 16.89 -33.95
C PHE G 138 -15.91 15.53 -33.34
N GLY G 139 -16.40 15.23 -32.15
CA GLY G 139 -15.83 14.21 -31.30
C GLY G 139 -16.22 12.79 -31.62
N MET G 140 -16.52 12.04 -30.56
CA MET G 140 -16.54 10.59 -30.61
C MET G 140 -17.75 10.12 -29.82
N SER G 141 -17.80 8.84 -29.49
CA SER G 141 -18.83 8.32 -28.59
C SER G 141 -18.56 8.78 -27.17
N LEU G 142 -19.59 9.29 -26.51
CA LEU G 142 -19.45 9.85 -25.16
C LEU G 142 -19.18 8.78 -24.10
N SER G 143 -18.99 7.53 -24.50
CA SER G 143 -18.58 6.47 -23.60
C SER G 143 -17.10 6.11 -23.72
N GLY G 144 -16.54 6.20 -24.93
CA GLY G 144 -15.13 5.90 -25.10
C GLY G 144 -14.21 6.89 -24.40
N LEU G 145 -14.49 8.18 -24.53
CA LEU G 145 -13.66 9.19 -23.89
C LEU G 145 -13.71 9.07 -22.37
N LEU G 146 -14.89 8.76 -21.82
CA LEU G 146 -14.98 8.60 -20.38
C LEU G 146 -14.02 7.50 -19.89
N THR G 147 -14.06 6.33 -20.52
CA THR G 147 -13.18 5.25 -20.11
C THR G 147 -11.72 5.59 -20.35
N PHE G 148 -11.40 6.16 -21.52
CA PHE G 148 -10.00 6.47 -21.83
C PHE G 148 -9.44 7.48 -20.85
N GLY G 149 -10.17 8.57 -20.62
CA GLY G 149 -9.71 9.58 -19.69
C GLY G 149 -9.66 9.08 -18.26
N GLY G 150 -10.61 8.23 -17.88
CA GLY G 150 -10.55 7.65 -16.55
C GLY G 150 -9.31 6.80 -16.33
N ILE G 151 -8.99 5.95 -17.30
CA ILE G 151 -7.79 5.12 -17.20
C ILE G 151 -6.54 5.99 -17.15
N GLY G 152 -6.46 6.98 -18.05
CA GLY G 152 -5.28 7.84 -18.07
C GLY G 152 -5.11 8.64 -16.79
N GLY G 153 -6.19 9.25 -16.31
CA GLY G 153 -6.13 10.01 -15.08
C GLY G 153 -5.84 9.17 -13.86
N LEU G 154 -6.36 7.95 -13.83
CA LEU G 154 -6.08 7.04 -12.73
C LEU G 154 -4.61 6.64 -12.69
N ALA G 155 -4.04 6.32 -13.87
CA ALA G 155 -2.62 5.99 -13.94
C ALA G 155 -1.76 7.19 -13.55
N VAL G 156 -2.11 8.38 -14.05
CA VAL G 156 -1.34 9.58 -13.72
C VAL G 156 -1.47 9.90 -12.24
N GLY G 157 -2.66 9.67 -11.66
CA GLY G 157 -2.86 9.97 -10.25
C GLY G 157 -2.01 9.11 -9.35
N MET G 158 -1.96 7.80 -9.61
CA MET G 158 -1.05 7.01 -8.78
C MET G 158 0.41 7.20 -9.12
N ALA G 159 0.73 7.58 -10.35
CA ALA G 159 2.14 7.75 -10.72
C ALA G 159 2.76 8.99 -10.09
N GLY G 160 2.00 10.07 -9.91
CA GLY G 160 2.53 11.32 -9.40
C GLY G 160 2.25 11.61 -7.95
N LYS G 161 2.00 10.59 -7.12
CA LYS G 161 1.62 10.85 -5.73
C LYS G 161 2.77 11.46 -4.93
N ASP G 162 3.99 10.96 -5.12
CA ASP G 162 5.12 11.40 -4.30
C ASP G 162 5.49 12.86 -4.59
N ILE G 163 5.53 13.22 -5.88
CA ILE G 163 5.90 14.58 -6.25
C ILE G 163 4.92 15.58 -5.67
N LEU G 164 3.63 15.29 -5.77
CA LEU G 164 2.62 16.20 -5.22
C LEU G 164 2.63 16.20 -3.70
N SER G 165 2.92 15.06 -3.08
CA SER G 165 2.97 15.01 -1.62
C SER G 165 4.11 15.88 -1.08
N ASN G 166 5.24 15.89 -1.78
CA ASN G 166 6.35 16.76 -1.35
C ASN G 166 5.93 18.22 -1.35
N PHE G 167 5.23 18.66 -2.39
CA PHE G 167 4.82 20.06 -2.46
C PHE G 167 3.73 20.38 -1.43
N PHE G 168 2.83 19.43 -1.18
CA PHE G 168 1.81 19.65 -0.15
C PHE G 168 2.47 19.80 1.22
N SER G 169 3.46 18.95 1.52
CA SER G 169 4.18 19.10 2.77
C SER G 169 4.98 20.40 2.81
N GLY G 170 5.45 20.87 1.65
CA GLY G 170 6.10 22.18 1.62
C GLY G 170 5.16 23.31 1.98
N ILE G 171 3.93 23.26 1.47
CA ILE G 171 2.93 24.26 1.85
C ILE G 171 2.64 24.18 3.34
N MET G 172 2.48 22.96 3.86
CA MET G 172 2.26 22.79 5.29
C MET G 172 3.41 23.37 6.11
N LEU G 173 4.65 23.13 5.69
CA LEU G 173 5.80 23.69 6.38
C LEU G 173 5.80 25.21 6.31
N TYR G 174 5.34 25.77 5.18
CA TYR G 174 5.23 27.21 5.07
C TYR G 174 4.25 27.76 6.10
N PHE G 175 3.12 27.08 6.30
CA PHE G 175 2.13 27.59 7.25
C PHE G 175 2.43 27.20 8.70
N ASP G 176 2.84 25.96 8.95
CA ASP G 176 3.09 25.47 10.30
C ASP G 176 4.44 24.75 10.29
N ARG G 177 5.48 25.44 10.77
CA ARG G 177 6.83 24.89 10.76
C ARG G 177 7.32 24.65 12.17
N PRO G 178 7.85 23.46 12.47
CA PRO G 178 8.38 23.19 13.80
C PRO G 178 9.82 23.64 14.01
N PHE G 179 10.43 24.30 13.03
CA PHE G 179 11.81 24.75 13.16
C PHE G 179 11.99 26.01 12.33
N SER G 180 13.17 26.61 12.46
CA SER G 180 13.50 27.84 11.74
C SER G 180 14.90 27.70 11.17
N ILE G 181 15.30 28.71 10.38
CA ILE G 181 16.62 28.71 9.77
C ILE G 181 17.68 28.82 10.87
N GLY G 182 18.68 27.95 10.81
CA GLY G 182 19.74 27.94 11.79
C GLY G 182 19.54 26.99 12.95
N ASP G 183 18.42 26.28 12.99
CA ASP G 183 18.15 25.36 14.09
C ASP G 183 18.77 24.00 13.81
N TRP G 184 19.43 23.45 14.83
CA TRP G 184 19.96 22.10 14.77
C TRP G 184 18.83 21.13 15.07
N ILE G 185 18.51 20.25 14.12
CA ILE G 185 17.37 19.35 14.25
C ILE G 185 17.86 17.91 14.12
N ARG G 186 16.99 16.98 14.51
CA ARG G 186 17.34 15.58 14.59
C ARG G 186 16.06 14.75 14.52
N SER G 187 16.23 13.44 14.30
CA SER G 187 15.09 12.55 14.25
C SER G 187 15.50 11.14 14.66
N PRO G 188 14.75 10.47 15.53
CA PRO G 188 15.07 9.08 15.88
C PRO G 188 14.68 8.06 14.82
N ASP G 189 13.97 8.48 13.78
CA ASP G 189 13.52 7.56 12.74
C ASP G 189 14.40 7.55 11.50
N ARG G 190 14.89 8.72 11.08
CA ARG G 190 15.71 8.84 9.89
C ARG G 190 16.94 9.69 10.21
N ASN G 191 17.93 9.62 9.33
CA ASN G 191 19.17 10.39 9.48
C ASN G 191 19.01 11.71 8.75
N ILE G 192 18.65 12.76 9.49
CA ILE G 192 18.48 14.10 8.92
C ILE G 192 19.23 15.11 9.79
N GLU G 193 20.17 14.62 10.61
CA GLU G 193 20.82 15.48 11.60
C GLU G 193 21.63 16.58 10.93
N GLY G 194 21.51 17.78 11.49
CA GLY G 194 22.22 18.93 10.96
C GLY G 194 21.51 20.21 11.35
N THR G 195 21.98 21.31 10.78
CA THR G 195 21.38 22.62 11.00
C THR G 195 20.66 23.06 9.73
N VAL G 196 19.44 23.57 9.90
CA VAL G 196 18.62 23.95 8.76
C VAL G 196 19.25 25.13 8.05
N ALA G 197 19.40 25.00 6.72
CA ALA G 197 19.94 26.06 5.89
C ALA G 197 18.92 26.70 4.98
N GLU G 198 18.04 25.92 4.37
CA GLU G 198 17.01 26.47 3.49
C GLU G 198 15.76 25.61 3.57
N ILE G 199 14.61 26.26 3.47
CA ILE G 199 13.31 25.59 3.44
C ILE G 199 12.64 25.94 2.13
N GLY G 200 12.47 24.94 1.26
CA GLY G 200 11.89 25.13 -0.04
C GLY G 200 10.53 24.46 -0.19
N TRP G 201 9.97 24.59 -1.39
CA TRP G 201 8.66 24.04 -1.68
C TRP G 201 8.70 22.52 -1.86
N ARG G 202 9.83 21.98 -2.30
CA ARG G 202 9.96 20.54 -2.53
C ARG G 202 10.88 19.86 -1.53
N ILE G 203 12.06 20.43 -1.28
CA ILE G 203 13.04 19.81 -0.38
C ILE G 203 13.55 20.86 0.59
N THR G 204 14.09 20.36 1.70
CA THR G 204 14.74 21.19 2.72
C THR G 204 16.23 20.91 2.69
N LYS G 205 17.03 21.98 2.67
CA LYS G 205 18.48 21.86 2.63
C LYS G 205 19.06 22.07 4.02
N ILE G 206 19.86 21.11 4.46
CA ILE G 206 20.40 21.06 5.82
C ILE G 206 21.91 20.89 5.75
N THR G 207 22.64 21.64 6.55
CA THR G 207 24.09 21.51 6.61
C THR G 207 24.46 20.50 7.68
N THR G 208 25.13 19.42 7.28
CA THR G 208 25.53 18.39 8.23
C THR G 208 26.72 18.89 9.06
N PHE G 209 27.11 18.07 10.02
CA PHE G 209 28.18 18.46 10.94
C PHE G 209 29.57 18.16 10.40
N ASP G 210 29.68 17.57 9.21
CA ASP G 210 30.95 17.49 8.49
C ASP G 210 30.97 18.45 7.30
N ASN G 211 30.12 19.49 7.34
CA ASN G 211 30.12 20.56 6.34
C ASN G 211 29.76 20.05 4.95
N ARG G 212 28.66 19.30 4.88
CA ARG G 212 28.13 18.82 3.62
C ARG G 212 26.65 19.15 3.52
N PRO G 213 26.15 19.44 2.32
CA PRO G 213 24.72 19.70 2.15
C PRO G 213 23.93 18.40 2.03
N LEU G 214 22.75 18.39 2.64
CA LEU G 214 21.84 17.26 2.61
C LEU G 214 20.46 17.76 2.22
N TYR G 215 19.84 17.10 1.26
CA TYR G 215 18.53 17.51 0.75
C TYR G 215 17.50 16.48 1.20
N VAL G 216 16.50 16.93 1.96
CA VAL G 216 15.52 16.06 2.56
C VAL G 216 14.16 16.35 1.91
N PRO G 217 13.49 15.34 1.35
CA PRO G 217 12.14 15.58 0.82
C PRO G 217 11.20 16.05 1.91
N ASN G 218 10.31 16.98 1.56
CA ASN G 218 9.45 17.61 2.56
C ASN G 218 8.45 16.64 3.17
N SER G 219 8.00 15.64 2.42
CA SER G 219 7.00 14.70 2.92
C SER G 219 7.47 13.97 4.17
N LEU G 220 8.78 13.78 4.34
CA LEU G 220 9.28 13.13 5.55
C LEU G 220 8.86 13.87 6.81
N PHE G 221 8.71 15.19 6.73
CA PHE G 221 8.31 15.97 7.89
C PHE G 221 6.84 15.83 8.22
N SER G 222 6.12 14.95 7.53
CA SER G 222 4.72 14.68 7.82
C SER G 222 4.49 13.31 8.45
N SER G 223 5.52 12.49 8.60
CA SER G 223 5.36 11.14 9.11
C SER G 223 6.39 10.72 10.15
N ILE G 224 7.39 11.55 10.46
CA ILE G 224 8.42 11.18 11.41
C ILE G 224 8.44 12.21 12.54
N SER G 225 8.99 11.81 13.67
CA SER G 225 9.17 12.71 14.79
C SER G 225 10.44 13.52 14.62
N VAL G 226 10.34 14.81 14.92
CA VAL G 226 11.46 15.74 14.75
C VAL G 226 11.84 16.28 16.11
N GLU G 227 13.12 16.12 16.47
CA GLU G 227 13.67 16.66 17.70
C GLU G 227 14.47 17.92 17.37
N ASN G 228 14.44 18.90 18.28
CA ASN G 228 15.07 20.19 18.07
C ASN G 228 16.06 20.44 19.20
N PRO G 229 17.26 19.87 19.13
CA PRO G 229 18.29 20.18 20.13
C PRO G 229 18.71 21.64 20.13
N GLY G 230 18.45 22.38 19.04
CA GLY G 230 18.77 23.79 19.01
C GLY G 230 17.94 24.64 19.94
N ARG G 231 16.88 24.08 20.52
CA ARG G 231 16.04 24.79 21.49
C ARG G 231 16.14 24.17 22.87
N MET G 232 17.21 23.45 23.16
CA MET G 232 17.40 22.84 24.47
C MET G 232 17.60 23.91 25.54
N THR G 233 17.24 23.56 26.77
CA THR G 233 17.43 24.45 27.91
C THR G 233 18.64 24.10 28.75
N ASN G 234 19.08 22.85 28.73
CA ASN G 234 20.24 22.42 29.51
C ASN G 234 20.96 21.32 28.77
N ARG G 235 22.21 21.09 29.16
CA ARG G 235 22.99 19.96 28.68
C ARG G 235 23.16 18.95 29.80
N ARG G 236 22.97 17.67 29.48
CA ARG G 236 22.95 16.61 30.47
C ARG G 236 24.31 15.94 30.57
N ILE G 237 24.71 15.60 31.81
CA ILE G 237 25.90 14.81 32.09
C ILE G 237 25.44 13.52 32.75
N THR G 238 25.74 12.40 32.10
CA THR G 238 25.42 11.08 32.64
C THR G 238 26.64 10.19 32.51
N THR G 239 26.94 9.44 33.56
CA THR G 239 28.09 8.54 33.54
C THR G 239 27.89 7.42 34.54
N THR G 240 28.77 6.43 34.48
CA THR G 240 28.73 5.28 35.37
C THR G 240 30.12 5.06 35.98
N ILE G 241 30.16 4.90 37.29
CA ILE G 241 31.39 4.63 38.02
C ILE G 241 31.37 3.15 38.38
N GLY G 242 32.32 2.39 37.86
CA GLY G 242 32.41 0.97 38.15
C GLY G 242 33.49 0.63 39.14
N LEU G 243 33.10 0.26 40.35
CA LEU G 243 34.04 -0.06 41.41
C LEU G 243 34.25 -1.57 41.51
N ARG G 244 35.38 -1.95 42.09
CA ARG G 244 35.67 -3.37 42.27
C ARG G 244 34.74 -3.98 43.31
N TYR G 245 34.49 -5.28 43.16
CA TYR G 245 33.61 -5.99 44.08
C TYR G 245 34.15 -6.00 45.50
N GLU G 246 35.46 -5.80 45.67
CA GLU G 246 36.07 -5.74 46.99
C GLU G 246 35.95 -4.36 47.62
N ASP G 247 35.36 -3.39 46.92
CA ASP G 247 35.13 -2.04 47.43
C ASP G 247 33.70 -1.85 47.90
N ALA G 248 33.02 -2.94 48.26
CA ALA G 248 31.63 -2.87 48.66
C ALA G 248 31.43 -2.13 49.98
N ALA G 249 32.45 -2.07 50.82
CA ALA G 249 32.35 -1.40 52.11
C ALA G 249 32.50 0.12 52.01
N LYS G 250 32.85 0.64 50.84
CA LYS G 250 33.07 2.06 50.65
C LYS G 250 32.09 2.70 49.67
N VAL G 251 31.02 1.98 49.28
CA VAL G 251 30.10 2.52 48.28
C VAL G 251 29.36 3.73 48.84
N GLY G 252 28.89 3.65 50.08
CA GLY G 252 28.07 4.72 50.63
C GLY G 252 28.82 6.03 50.77
N VAL G 253 30.04 5.98 51.30
CA VAL G 253 30.81 7.20 51.51
C VAL G 253 31.19 7.83 50.17
N ILE G 254 31.54 6.99 49.19
CA ILE G 254 31.87 7.50 47.86
C ILE G 254 30.66 8.16 47.22
N VAL G 255 29.49 7.53 47.35
CA VAL G 255 28.27 8.11 46.80
C VAL G 255 27.98 9.46 47.45
N GLU G 256 28.10 9.54 48.77
CA GLU G 256 27.85 10.80 49.47
C GLU G 256 28.84 11.88 49.04
N ALA G 257 30.12 11.52 48.91
CA ALA G 257 31.12 12.50 48.51
C ALA G 257 30.86 13.01 47.11
N VAL G 258 30.51 12.12 46.17
CA VAL G 258 30.22 12.55 44.80
C VAL G 258 28.98 13.43 44.78
N ARG G 259 27.95 13.08 45.55
CA ARG G 259 26.75 13.90 45.59
C ARG G 259 27.04 15.29 46.14
N GLU G 260 27.84 15.38 47.20
CA GLU G 260 28.19 16.68 47.75
C GLU G 260 29.01 17.51 46.75
N MET G 261 29.96 16.86 46.08
CA MET G 261 30.75 17.57 45.07
C MET G 261 29.86 18.12 43.96
N LEU G 262 28.92 17.31 43.48
CA LEU G 262 28.02 17.78 42.43
C LEU G 262 27.12 18.91 42.94
N LYS G 263 26.67 18.84 44.19
CA LYS G 263 25.83 19.88 44.76
C LYS G 263 26.59 21.20 44.96
N ASN G 264 27.90 21.15 45.18
CA ASN G 264 28.67 22.37 45.38
C ASN G 264 29.39 22.86 44.14
N HIS G 265 29.18 22.22 42.99
CA HIS G 265 29.89 22.62 41.78
C HIS G 265 29.21 23.84 41.16
N PRO G 266 29.96 24.91 40.86
CA PRO G 266 29.34 26.14 40.34
C PRO G 266 28.73 25.98 38.95
N ALA G 267 29.09 24.96 38.19
CA ALA G 267 28.62 24.81 36.82
C ALA G 267 27.40 23.92 36.69
N ILE G 268 26.86 23.41 37.80
CA ILE G 268 25.75 22.46 37.78
C ILE G 268 24.48 23.19 38.15
N ASP G 269 23.42 22.94 37.38
CA ASP G 269 22.11 23.52 37.66
C ASP G 269 21.44 22.74 38.79
N GLN G 270 21.18 23.43 39.90
CA GLN G 270 20.64 22.80 41.10
C GLN G 270 19.12 22.70 41.09
N ARG G 271 18.44 23.25 40.08
CA ARG G 271 17.00 23.16 39.97
C ARG G 271 16.55 22.01 39.11
N GLN G 272 17.46 21.21 38.57
CA GLN G 272 17.14 20.08 37.72
C GLN G 272 17.44 18.78 38.47
N THR G 273 17.30 17.67 37.74
CA THR G 273 17.54 16.35 38.34
C THR G 273 19.01 16.19 38.71
N LEU G 274 19.26 15.56 39.87
CA LEU G 274 20.61 15.32 40.35
C LEU G 274 20.58 14.03 41.15
N LEU G 275 21.03 12.93 40.52
CA LEU G 275 20.96 11.61 41.12
C LEU G 275 22.34 10.96 41.14
N VAL G 276 22.73 10.44 42.30
CA VAL G 276 23.96 9.65 42.46
C VAL G 276 23.60 8.46 43.34
N TYR G 277 23.50 7.28 42.75
CA TYR G 277 23.10 6.09 43.50
C TYR G 277 23.79 4.86 42.94
N PHE G 278 23.96 3.87 43.81
CA PHE G 278 24.46 2.55 43.42
C PHE G 278 23.27 1.69 42.99
N ASN G 279 23.24 1.29 41.72
CA ASN G 279 22.03 0.69 41.18
C ASN G 279 22.26 -0.51 40.26
N GLN G 280 23.44 -1.12 40.24
CA GLN G 280 23.64 -2.22 39.31
C GLN G 280 24.77 -3.13 39.76
N PHE G 281 24.49 -4.43 39.75
CA PHE G 281 25.51 -5.48 39.87
C PHE G 281 25.96 -5.83 38.46
N ALA G 282 27.12 -5.34 38.05
CA ALA G 282 27.64 -5.65 36.73
C ALA G 282 28.42 -6.96 36.80
N ASP G 283 28.95 -7.38 35.63
CA ASP G 283 29.68 -8.65 35.57
C ASP G 283 30.95 -8.61 36.40
N SER G 284 31.67 -7.48 36.36
CA SER G 284 32.95 -7.37 37.04
C SER G 284 33.03 -6.19 38.00
N SER G 285 31.93 -5.46 38.21
CA SER G 285 31.99 -4.24 39.00
C SER G 285 30.63 -3.93 39.59
N LEU G 286 30.64 -3.04 40.58
CA LEU G 286 29.43 -2.45 41.15
C LEU G 286 29.29 -1.07 40.55
N ASN G 287 28.13 -0.78 39.96
CA ASN G 287 27.96 0.43 39.16
C ASN G 287 27.19 1.50 39.92
N ILE G 288 27.69 2.73 39.84
CA ILE G 288 27.06 3.90 40.44
C ILE G 288 26.72 4.88 39.32
N MET G 289 25.45 5.27 39.25
CA MET G 289 25.00 6.17 38.20
C MET G 289 25.18 7.63 38.63
N VAL G 290 25.56 8.47 37.67
CA VAL G 290 25.66 9.92 37.87
C VAL G 290 24.83 10.60 36.80
N TYR G 291 23.97 11.52 37.21
CA TYR G 291 22.92 12.08 36.35
C TYR G 291 22.68 13.51 36.79
N CYS G 292 23.08 14.48 35.97
CA CYS G 292 22.92 15.89 36.34
C CYS G 292 22.83 16.74 35.08
N PHE G 293 22.68 18.04 35.28
CA PHE G 293 22.54 19.01 34.20
C PHE G 293 23.45 20.19 34.45
N THR G 294 23.86 20.85 33.36
CA THR G 294 24.64 22.07 33.43
C THR G 294 23.79 23.28 33.08
N LYS G 295 24.18 24.44 33.62
CA LYS G 295 23.46 25.67 33.30
C LYS G 295 23.62 26.06 31.84
N THR G 296 24.83 25.92 31.30
CA THR G 296 25.12 26.36 29.95
C THR G 296 24.58 25.37 28.92
N THR G 297 24.44 25.86 27.69
CA THR G 297 24.09 25.03 26.55
C THR G 297 25.16 25.09 25.45
N VAL G 298 26.28 25.74 25.72
CA VAL G 298 27.36 25.86 24.74
C VAL G 298 28.17 24.57 24.71
N TRP G 299 28.59 24.17 23.52
CA TRP G 299 29.29 22.90 23.34
C TRP G 299 30.59 22.86 24.13
N ALA G 300 31.45 23.86 23.92
CA ALA G 300 32.77 23.83 24.55
C ALA G 300 32.68 23.98 26.07
N GLU G 301 31.79 24.86 26.55
CA GLU G 301 31.64 25.05 27.99
C GLU G 301 31.11 23.78 28.65
N TRP G 302 30.13 23.13 28.02
CA TRP G 302 29.62 21.88 28.56
C TRP G 302 30.70 20.81 28.59
N LEU G 303 31.50 20.71 27.53
CA LEU G 303 32.58 19.72 27.51
C LEU G 303 33.61 19.99 28.61
N ALA G 304 33.96 21.27 28.80
CA ALA G 304 34.92 21.62 29.85
C ALA G 304 34.39 21.29 31.24
N ALA G 305 33.12 21.60 31.49
CA ALA G 305 32.52 21.26 32.77
C ALA G 305 32.49 19.76 32.99
N GLN G 306 32.17 19.00 31.94
CA GLN G 306 32.16 17.54 32.05
C GLN G 306 33.54 17.01 32.38
N GLN G 307 34.59 17.54 31.73
CA GLN G 307 35.94 17.11 32.02
C GLN G 307 36.33 17.41 33.45
N ASP G 308 35.99 18.61 33.94
CA ASP G 308 36.28 18.95 35.32
C ASP G 308 35.59 18.01 36.29
N VAL G 309 34.31 17.70 36.03
CA VAL G 309 33.56 16.79 36.90
C VAL G 309 34.20 15.41 36.89
N TYR G 310 34.62 14.93 35.71
CA TYR G 310 35.23 13.60 35.62
C TYR G 310 36.53 13.53 36.41
N LEU G 311 37.37 14.57 36.31
CA LEU G 311 38.62 14.58 37.05
C LEU G 311 38.35 14.62 38.56
N LYS G 312 37.39 15.42 38.99
CA LYS G 312 37.05 15.45 40.41
C LYS G 312 36.53 14.10 40.89
N ILE G 313 35.75 13.41 40.05
CA ILE G 313 35.25 12.08 40.41
C ILE G 313 36.41 11.11 40.58
N ILE G 314 37.37 11.16 39.66
CA ILE G 314 38.55 10.28 39.77
C ILE G 314 39.27 10.54 41.09
N ASP G 315 39.49 11.82 41.42
CA ASP G 315 40.18 12.14 42.66
C ASP G 315 39.40 11.65 43.87
N ILE G 316 38.08 11.84 43.88
CA ILE G 316 37.27 11.41 45.02
C ILE G 316 37.34 9.90 45.17
N VAL G 317 37.23 9.16 44.07
CA VAL G 317 37.27 7.71 44.15
C VAL G 317 38.61 7.23 44.68
N GLN G 318 39.70 7.81 44.17
CA GLN G 318 41.02 7.34 44.57
C GLN G 318 41.42 7.79 45.97
N SER G 319 40.81 8.84 46.51
CA SER G 319 41.16 9.29 47.85
C SER G 319 40.53 8.44 48.95
N HIS G 320 39.54 7.61 48.63
CA HIS G 320 38.85 6.78 49.62
C HIS G 320 39.39 5.35 49.65
N GLY G 321 40.44 5.05 48.88
CA GLY G 321 41.02 3.72 48.87
C GLY G 321 40.43 2.76 47.87
N ALA G 322 39.41 3.16 47.13
CA ALA G 322 38.82 2.31 46.11
C ALA G 322 39.57 2.46 44.79
N ASP G 323 39.10 1.76 43.76
CA ASP G 323 39.72 1.84 42.44
C ASP G 323 38.71 1.39 41.40
N PHE G 324 38.95 1.80 40.16
CA PHE G 324 38.12 1.38 39.04
C PHE G 324 38.43 -0.05 38.66
N ALA G 325 37.43 -0.73 38.11
CA ALA G 325 37.53 -2.16 37.85
C ALA G 325 37.72 -2.43 36.36
N PHE G 326 38.73 -3.22 36.03
CA PHE G 326 38.88 -3.78 34.71
C PHE G 326 37.97 -4.99 34.55
N PRO G 327 37.70 -5.42 33.32
CA PRO G 327 37.03 -6.72 33.14
C PRO G 327 37.84 -7.83 33.81
N SER G 328 37.14 -8.69 34.54
CA SER G 328 37.79 -9.67 35.40
C SER G 328 37.33 -11.08 35.04
N GLN G 329 38.18 -12.05 35.37
CA GLN G 329 37.90 -13.44 35.11
C GLN G 329 38.54 -14.30 36.18
N THR G 330 37.97 -15.49 36.39
CA THR G 330 38.55 -16.50 37.27
C THR G 330 38.98 -17.68 36.43
N LEU G 331 40.24 -18.06 36.54
CA LEU G 331 40.84 -19.10 35.71
C LEU G 331 41.15 -20.33 36.55
N TYR G 332 40.68 -21.48 36.10
CA TYR G 332 40.98 -22.77 36.72
C TYR G 332 41.95 -23.51 35.81
N MET G 333 43.09 -23.90 36.36
CA MET G 333 44.14 -24.54 35.58
C MET G 333 44.18 -26.03 35.86
N ASP G 334 44.49 -26.81 34.83
CA ASP G 334 44.59 -28.26 34.94
C ASP G 334 45.67 -28.67 35.93
C1 PTY H . 13.55 3.85 -26.09
C2 PTY H . 18.10 4.63 -30.06
C3 PTY H . 17.12 5.73 -30.42
O4 PTY H . 12.99 4.87 -25.26
C5 PTY H . 14.92 5.59 -27.26
C6 PTY H . 13.91 4.48 -27.42
O7 PTY H . 12.68 4.96 -27.98
C8 PTY H . 12.44 4.74 -29.28
O10 PTY H . 13.29 4.66 -30.11
C11 PTY H . 10.97 4.59 -29.53
C12 PTY H . 10.24 3.85 -28.40
C13 PTY H . 8.79 3.55 -28.75
C14 PTY H . 8.03 2.97 -27.58
C15 PTY H . 6.67 2.41 -27.94
C16 PTY H . 5.84 2.04 -26.72
C17 PTY H . 5.13 0.70 -26.83
C18 PTY H . 3.82 0.67 -26.04
C19 PTY H . 3.18 -0.71 -25.96
C20 PTY H . 1.69 -0.64 -25.67
C21 PTY H . 1.07 -1.97 -25.26
C22 PTY H . 1.00 -2.15 -23.75
C23 PTY H . -0.38 -1.84 -23.16
C24 PTY H . -0.62 -0.35 -22.92
C25 PTY H . -2.04 -0.02 -22.53
C30 PTY H . 12.42 4.49 -24.12
C31 PTY H . 11.15 3.73 -24.35
O30 PTY H . 12.89 4.75 -23.04
C32 PTY H . 10.49 3.27 -23.06
C33 PTY H . 9.16 2.57 -23.30
C34 PTY H . 8.47 2.19 -22.00
C35 PTY H . 7.13 1.49 -22.18
C36 PTY H . 6.48 1.14 -20.85
C37 PTY H . 5.41 0.06 -20.96
C38 PTY H . 4.12 0.55 -21.60
C39 PTY H . 2.91 -0.30 -21.24
P1 PTY H . 15.29 7.22 -29.29
O11 PTY H . 16.12 5.82 -29.42
O12 PTY H . 16.22 8.33 -28.94
O13 PTY H . 14.34 7.38 -30.44
O14 PTY H . 14.47 6.73 -27.95
N1 PTY H . 17.45 3.33 -30.11
C1 PTY I . 9.89 8.44 -34.57
C2 PTY I . 16.12 8.02 -33.31
C3 PTY I . 14.94 7.17 -33.68
O4 PTY I . 9.94 7.04 -34.81
C5 PTY I . 11.37 9.81 -36.06
C6 PTY I . 10.02 9.13 -35.91
O7 PTY I . 8.95 10.09 -35.97
C8 PTY I . 7.94 9.88 -36.82
O10 PTY I . 8.06 9.27 -37.85
C11 PTY I . 6.67 10.52 -36.32
C12 PTY I . 5.82 9.59 -35.47
C13 PTY I . 4.55 10.27 -34.98
C14 PTY I . 3.63 9.32 -34.23
C15 PTY I . 2.67 8.54 -35.13
C16 PTY I . 1.80 7.56 -34.35
C17 PTY I . 0.90 8.19 -33.31
C18 PTY I . 0.21 7.17 -32.43
C19 PTY I . -0.64 7.75 -31.32
C20 PTY I . -1.97 8.31 -31.82
C21 PTY I . -2.87 7.26 -32.46
C22 PTY I . -3.32 6.18 -31.47
C23 PTY I . -4.57 6.55 -30.69
C24 PTY I . -5.83 6.58 -31.56
C30 PTY I . 9.64 6.23 -33.79
C31 PTY I . 8.16 6.00 -33.66
O30 PTY I . 10.48 5.76 -33.07
C32 PTY I . 7.53 6.70 -32.48
C33 PTY I . 6.01 6.51 -32.42
C34 PTY I . 5.63 5.23 -31.67
C35 PTY I . 4.14 5.13 -31.37
C36 PTY I . 3.78 3.95 -30.48
C37 PTY I . 2.31 3.88 -30.11
C38 PTY I . 1.97 2.69 -29.22
C39 PTY I . 0.49 2.52 -28.96
C40 PTY I . -0.12 3.66 -28.14
C41 PTY I . -1.59 3.45 -27.83
C42 PTY I . -2.24 4.64 -27.12
P1 PTY I . 13.46 8.37 -35.48
O11 PTY I . 13.82 8.02 -33.92
O12 PTY I . 14.58 9.17 -36.09
O13 PTY I . 12.92 7.18 -36.20
O14 PTY I . 12.23 9.37 -35.05
N1 PTY I . 15.86 8.80 -32.11
C1 PTY J . 4.67 -12.53 -24.64
C2 PTY J . 9.20 -14.69 -20.16
C3 PTY J . 8.87 -14.44 -21.63
O4 PTY J . 3.90 -11.39 -24.32
C5 PTY J . 4.92 -14.97 -24.17
C6 PTY J . 4.04 -13.74 -23.96
O7 PTY J . 2.76 -13.95 -24.53
C8 PTY J . 1.69 -13.76 -23.56
O10 PTY J . 0.96 -14.70 -23.29
C11 PTY J . 1.48 -12.42 -22.90
C12 PTY J . 0.34 -12.55 -21.90
C13 PTY J . 0.05 -11.22 -21.22
C14 PTY J . -0.23 -11.43 -19.74
C15 PTY J . -1.33 -10.52 -19.24
C16 PTY J . -1.64 -10.82 -17.78
C17 PTY J . -2.98 -10.21 -17.37
C18 PTY J . -3.35 -10.63 -15.95
C19 PTY J . -4.74 -10.12 -15.59
C20 PTY J . -4.80 -8.62 -15.80
C21 PTY J . -6.23 -8.16 -16.05
C22 PTY J . -6.24 -6.73 -16.55
C23 PTY J . -7.65 -6.28 -16.94
C24 PTY J . -8.24 -7.20 -18.00
C25 PTY J . -9.43 -6.56 -18.69
C26 PTY J . -10.33 -7.60 -19.34
C27 PTY J . -11.00 -8.46 -18.27
C30 PTY J . 4.27 -10.09 -24.85
C31 PTY J . 4.32 -8.88 -23.96
O30 PTY J . 4.55 -10.01 -26.04
C32 PTY J . 2.92 -8.57 -23.44
C33 PTY J . 2.95 -7.44 -22.44
C34 PTY J . 1.67 -7.41 -21.63
C35 PTY J . 0.47 -7.09 -22.50
C36 PTY J . 0.43 -5.60 -22.83
C37 PTY J . -1.00 -5.14 -23.10
C38 PTY J . -1.87 -5.30 -21.86
C39 PTY J . -2.52 -6.68 -21.82
C40 PTY J . -3.56 -6.75 -20.71
C41 PTY J . -4.54 -5.59 -20.80
C42 PTY J . -5.54 -5.61 -19.66
P1 PTY J . 6.52 -15.51 -22.15
O11 PTY J . 8.13 -15.54 -22.16
O12 PTY J . 6.03 -16.93 -22.27
O13 PTY J . 6.05 -14.65 -21.01
O14 PTY J . 6.17 -14.75 -23.53
N1 PTY J . 10.33 -15.60 -20.06
C1 PTY K . 1.95 -14.81 -29.72
C2 PTY K . 5.77 -18.82 -32.98
C3 PTY K . 5.03 -17.53 -32.68
O4 PTY K . 1.40 -13.64 -29.10
C5 PTY K . 0.58 -16.59 -30.85
C6 PTY K . 0.96 -15.94 -29.53
O7 PTY K . -0.18 -15.38 -28.86
C8 PTY K . -0.33 -15.58 -27.56
O10 PTY K . 0.27 -16.42 -26.94
C11 PTY K . -1.31 -14.60 -26.97
C12 PTY K . -1.67 -14.91 -25.52
C13 PTY K . -2.46 -13.80 -24.86
C14 PTY K . -2.97 -14.21 -23.48
C15 PTY K . -3.32 -13.05 -22.57
C16 PTY K . -4.67 -12.41 -22.93
C17 PTY K . -5.09 -11.32 -21.94
C18 PTY K . -5.21 -11.84 -20.52
C19 PTY K . -6.64 -12.14 -20.09
C20 PTY K . -7.52 -10.88 -20.06
C21 PTY K . -8.94 -11.12 -19.59
C30 PTY K . 1.99 -12.48 -29.36
C31 PTY K . 1.85 -11.51 -28.21
O30 PTY K . 2.56 -12.25 -30.40
C32 PTY K . 0.43 -10.98 -28.02
C33 PTY K . 0.26 -10.33 -26.66
C34 PTY K . -1.10 -9.66 -26.50
C35 PTY K . -1.41 -9.26 -25.06
C36 PTY K . -2.70 -8.46 -24.92
C37 PTY K . -2.61 -7.06 -25.51
C38 PTY K . -3.75 -6.15 -25.05
C39 PTY K . -3.59 -4.71 -25.54
C40 PTY K . -4.59 -3.75 -24.90
C41 PTY K . -4.18 -3.30 -23.51
P1 PTY K . 2.44 -17.15 -32.61
O11 PTY K . 3.81 -17.84 -32.03
O12 PTY K . 2.63 -15.67 -32.75
O13 PTY K . 1.90 -17.94 -33.75
O14 PTY K . 1.61 -17.48 -31.23
N1 PTY K . 4.97 -19.70 -33.80
C1 PTY L . -2.99 -11.63 -34.86
C2 PTY L . 1.29 -16.65 -36.67
C3 PTY L . 1.43 -15.37 -37.45
O4 PTY L . -3.75 -11.35 -33.70
C5 PTY L . -1.17 -13.19 -35.61
C6 PTY L . -1.84 -12.53 -34.43
O7 PTY L . -2.40 -13.50 -33.53
C8 PTY L . -2.11 -13.43 -32.24
O10 PTY L . -1.00 -13.23 -31.81
C11 PTY L . -3.34 -13.63 -31.39
C12 PTY L . -3.28 -12.95 -30.03
C13 PTY L . -4.59 -13.05 -29.28
C14 PTY L . -4.52 -12.41 -27.90
C15 PTY L . -4.67 -10.90 -27.90
C16 PTY L . -6.13 -10.46 -27.92
C17 PTY L . -6.95 -10.95 -26.73
C18 PTY L . -6.64 -10.19 -25.44
C19 PTY L . -7.22 -8.78 -25.40
C20 PTY L . -7.27 -8.20 -23.98
C21 PTY L . -7.91 -6.83 -23.90
C22 PTY L . -8.06 -6.33 -22.47
C23 PTY L . -8.61 -4.92 -22.36
C30 PTY L . -4.84 -10.58 -33.82
C31 PTY L . -5.71 -10.68 -32.60
O30 PTY L . -5.07 -9.90 -34.79
C32 PTY L . -6.84 -9.67 -32.57
C33 PTY L . -7.59 -9.69 -31.25
C34 PTY L . -8.66 -8.61 -31.15
C35 PTY L . -9.36 -8.55 -29.80
C36 PTY L . -10.42 -7.46 -29.73
C37 PTY L . -11.00 -7.26 -28.34
C38 PTY L . -12.00 -6.12 -28.27
C39 PTY L . -12.47 -5.81 -26.85
P1 PTY L . 0.88 -12.82 -37.21
O11 PTY L . 0.58 -14.39 -36.87
O12 PTY L . 2.21 -12.41 -36.66
O13 PTY L . 0.55 -12.52 -38.65
O14 PTY L . -0.32 -12.25 -36.24
N1 PTY L . -0.06 -17.18 -36.75
C1 PTY M . 2.90 -19.05 -22.53
C2 PTY M . 5.55 -23.05 -26.27
C3 PTY M . 4.94 -22.05 -27.23
O4 PTY M . 3.06 -17.63 -22.59
C5 PTY M . 4.20 -19.26 -24.67
C6 PTY M . 2.90 -19.57 -23.95
O7 PTY M . 1.78 -18.97 -24.62
C8 PTY M . 1.00 -19.72 -25.38
O10 PTY M . 1.39 -20.68 -26.00
C11 PTY M . -0.41 -19.24 -25.36
C12 PTY M . -0.85 -18.73 -23.99
C13 PTY M . -2.34 -18.39 -23.94
C14 PTY M . -2.73 -17.73 -22.64
C15 PTY M . -4.23 -17.62 -22.42
C16 PTY M . -4.59 -16.76 -21.23
C17 PTY M . -5.68 -17.35 -20.34
C18 PTY M . -6.52 -16.28 -19.65
C19 PTY M . -7.48 -16.80 -18.61
C20 PTY M . -8.64 -15.85 -18.34
C21 PTY M . -9.45 -16.18 -17.10
C22 PTY M . -8.98 -15.40 -15.87
C23 PTY M . -9.85 -14.18 -15.55
C24 PTY M . -9.48 -12.96 -16.39
C25 PTY M . -10.45 -11.81 -16.23
C30 PTY M . 2.89 -16.94 -21.47
C31 PTY M . 1.46 -16.95 -21.03
O30 PTY M . 3.79 -16.40 -20.89
C32 PTY M . 1.24 -16.19 -19.73
C33 PTY M . -0.23 -16.12 -19.33
C34 PTY M . -0.45 -15.28 -18.08
C35 PTY M . -1.91 -15.19 -17.64
C36 PTY M . -2.07 -14.34 -16.39
C37 PTY M . -3.38 -14.57 -15.66
C38 PTY M . -4.59 -13.97 -16.37
C39 PTY M . -5.77 -13.72 -15.44
P1 PTY M . 4.26 -19.52 -27.29
O11 PTY M . 4.48 -20.94 -26.48
O12 PTY M . 5.57 -19.06 -27.86
O13 PTY M . 3.04 -19.60 -28.17
O14 PTY M . 3.91 -18.67 -25.92
N1 PTY M . 4.55 -23.62 -25.38
C1 PTY N . -2.05 -19.04 -31.59
C2 PTY N . 3.69 -21.70 -30.82
C3 PTY N . 2.25 -21.88 -30.41
O4 PTY N . -2.55 -20.12 -30.81
C5 PTY N . -0.90 -19.73 -33.72
C6 PTY N . -2.23 -19.41 -33.04
O7 PTY N . -2.87 -18.29 -33.67
C8 PTY N . -4.13 -18.40 -34.08
O10 PTY N . -4.63 -19.45 -34.41
C11 PTY N . -4.83 -17.07 -34.06
C12 PTY N . -5.54 -16.77 -32.75
C13 PTY N . -6.23 -15.41 -32.76
C14 PTY N . -7.05 -15.16 -31.50
C15 PTY N . -8.47 -15.70 -31.57
C16 PTY N . -9.24 -15.48 -30.27
C17 PTY N . -9.41 -14.02 -29.89
C18 PTY N . -10.00 -13.84 -28.49
C19 PTY N . -10.12 -12.40 -28.02
C20 PTY N . -11.29 -11.66 -28.68
C21 PTY N . -12.65 -12.27 -28.37
C22 PTY N . -13.00 -12.18 -26.88
C23 PTY N . -13.67 -10.87 -26.48
C24 PTY N . -15.08 -10.73 -27.05
C30 PTY N . -2.68 -19.92 -29.49
C31 PTY N . -3.98 -19.27 -29.14
O30 PTY N . -1.82 -20.24 -28.71
C32 PTY N . -3.84 -17.81 -28.72
C33 PTY N . -5.20 -17.15 -28.43
C34 PTY N . -5.65 -17.38 -27.00
C35 PTY N . -6.85 -16.54 -26.61
C36 PTY N . -7.21 -16.62 -25.13
C37 PTY N . -8.35 -15.72 -24.71
C38 PTY N . -8.69 -15.82 -23.22
C39 PTY N . -9.93 -15.05 -22.81
C40 PTY N . -9.77 -13.54 -22.96
C41 PTY N . -10.99 -12.76 -22.48
C42 PTY N . -10.89 -11.27 -22.73
P1 PTY N . 0.67 -21.37 -32.45
O11 PTY N . 1.47 -20.91 -31.10
O12 PTY N . 1.65 -21.76 -33.52
O13 PTY N . -0.46 -22.30 -32.11
O14 PTY N . 0.09 -19.86 -32.73
N1 PTY N . 4.18 -20.38 -30.46
C1 PTY O . -9.50 -24.54 -9.68
C2 PTY O . -4.55 -25.67 -5.27
C3 PTY O . -5.32 -26.17 -6.48
O4 PTY O . -9.67 -23.21 -10.18
C5 PTY O . -9.89 -25.99 -7.70
C6 PTY O . -10.17 -24.63 -8.32
O7 PTY O . -11.57 -24.46 -8.50
C8 PTY O . -12.06 -23.25 -7.84
O10 PTY O . -12.89 -23.35 -6.96
C11 PTY O . -11.55 -21.90 -8.27
C12 PTY O . -12.19 -20.84 -7.37
C13 PTY O . -11.76 -19.43 -7.77
C14 PTY O . -11.49 -18.60 -6.54
C15 PTY O . -11.95 -17.16 -6.72
C16 PTY O . -11.77 -16.38 -5.42
C17 PTY O . -12.56 -15.08 -5.45
C18 PTY O . -12.47 -14.36 -4.10
C19 PTY O . -13.36 -13.13 -4.10
C20 PTY O . -13.02 -12.23 -5.27
C21 PTY O . -14.21 -11.37 -5.67
C22 PTY O . -13.94 -10.71 -7.02
C23 PTY O . -15.17 -9.94 -7.50
C24 PTY O . -16.39 -10.85 -7.60
C25 PTY O . -17.47 -10.22 -8.47
C26 PTY O . -18.83 -10.83 -8.15
C27 PTY O . -19.28 -10.45 -6.75
C30 PTY O . -9.13 -22.86 -11.48
C31 PTY O . -8.36 -21.59 -11.66
O30 PTY O . -9.33 -23.62 -12.41
C32 PTY O . -9.27 -20.39 -11.39
C33 PTY O . -8.49 -19.10 -11.44
C34 PTY O . -9.28 -17.97 -10.78
C35 PTY O . -10.55 -17.67 -11.56
C36 PTY O . -10.23 -16.86 -12.81
C37 PTY O . -11.42 -15.99 -13.22
C38 PTY O . -11.75 -14.96 -12.15
C39 PTY O . -12.75 -15.52 -11.13
C40 PTY O . -13.23 -14.41 -10.19
C41 PTY O . -13.73 -13.22 -11.00
C42 PTY O . -14.18 -12.09 -10.08
P1 PTY O . -7.91 -26.00 -5.96
O11 PTY O . -6.52 -26.82 -6.07
O12 PTY O . -8.83 -26.75 -5.04
O13 PTY O . -7.59 -24.55 -5.70
O14 PTY O . -8.49 -26.11 -7.46
N1 PTY O . -3.83 -26.76 -4.65
C1 PTY P . -14.54 -27.56 -11.63
C2 PTY P . -13.79 -33.94 -11.53
C3 PTY P . -13.89 -32.56 -12.15
O4 PTY P . -14.40 -26.17 -11.95
C5 PTY P . -16.73 -28.69 -11.14
C6 PTY P . -15.69 -27.70 -10.65
O7 PTY P . -16.24 -26.40 -10.47
C8 PTY P . -15.93 -25.71 -9.38
O10 PTY P . -15.44 -26.19 -8.39
C11 PTY P . -16.24 -24.24 -9.55
C12 PTY P . -16.09 -23.44 -8.26
C13 PTY P . -16.15 -21.94 -8.48
C14 PTY P . -16.20 -21.17 -7.17
C15 PTY P . -15.78 -19.72 -7.27
C16 PTY P . -16.87 -18.83 -7.88
C17 PTY P . -16.51 -17.35 -7.87
C18 PTY P . -16.24 -16.83 -6.47
C19 PTY P . -17.40 -16.06 -5.85
C20 PTY P . -17.74 -14.79 -6.63
C21 PTY P . -18.87 -13.97 -6.03
C30 PTY P . -13.62 -25.85 -12.96
C31 PTY P . -12.99 -24.50 -12.77
O30 PTY P . -13.44 -26.56 -13.91
C32 PTY P . -13.97 -23.34 -12.91
C33 PTY P . -13.38 -22.05 -12.34
C34 PTY P . -14.28 -20.85 -12.60
C35 PTY P . -13.87 -19.61 -11.80
C36 PTY P . -14.67 -18.37 -12.15
C37 PTY P . -14.36 -17.82 -13.55
C38 PTY P . -14.87 -16.40 -13.77
C39 PTY P . -14.47 -15.81 -15.11
C40 PTY P . -14.77 -14.32 -15.23
C41 PTY P . -13.74 -13.44 -14.55
P1 PTY P . -15.98 -30.98 -12.17
O11 PTY P . -14.80 -31.79 -11.37
O12 PTY P . -15.40 -30.19 -13.30
O13 PTY P . -17.15 -31.89 -12.42
O14 PTY P . -16.28 -30.00 -10.88
N1 PTY P . -15.09 -34.59 -11.47
C1 PTY Q . -19.77 -25.95 -17.20
C2 PTY Q . -18.39 -32.40 -15.38
C3 PTY Q . -18.15 -32.06 -16.83
O4 PTY Q . -19.89 -24.71 -16.49
C5 PTY Q . -18.99 -28.30 -16.81
C6 PTY Q . -18.90 -26.85 -16.35
O7 PTY Q . -19.35 -26.71 -15.00
C8 PTY Q . -18.58 -26.07 -14.12
O10 PTY Q . -17.39 -26.25 -14.03
C11 PTY Q . -19.38 -25.11 -13.28
C12 PTY Q . -18.58 -23.92 -12.77
C13 PTY Q . -19.47 -22.90 -12.06
C14 PTY Q . -18.66 -21.73 -11.49
C15 PTY Q . -18.30 -20.67 -12.52
C16 PTY Q . -19.44 -19.66 -12.73
C17 PTY Q . -19.84 -18.90 -11.47
C18 PTY Q . -18.83 -17.83 -11.08
C19 PTY Q . -18.86 -16.59 -11.97
C20 PTY Q . -18.17 -15.39 -11.34
C21 PTY Q . -18.26 -14.12 -12.17
C22 PTY Q . -17.67 -12.91 -11.46
C23 PTY Q . -17.65 -11.65 -12.31
C30 PTY Q . -20.62 -23.74 -17.03
C31 PTY Q . -20.94 -22.67 -16.02
O30 PTY Q . -20.98 -23.73 -18.18
C32 PTY Q . -21.58 -21.44 -16.60
C33 PTY Q . -21.72 -20.32 -15.57
C34 PTY Q . -22.26 -19.04 -16.17
C35 PTY Q . -22.33 -17.88 -15.18
C36 PTY Q . -22.87 -16.60 -15.81
C37 PTY Q . -22.77 -15.39 -14.89
C38 PTY Q . -23.24 -14.09 -15.55
C39 PTY Q . -23.01 -12.86 -14.69
P1 PTY Q . -17.71 -29.98 -18.37
O11 PTY Q . -18.34 -30.68 -17.03
O12 PTY Q . -16.22 -30.08 -18.34
O13 PTY Q . -18.45 -30.44 -19.59
O14 PTY Q . -18.19 -28.46 -17.96
N1 PTY Q . -19.76 -32.12 -14.99
C1 PTY R . -12.32 -26.74 -3.59
C2 PTY R . -12.76 -32.80 -3.74
C3 PTY R . -13.34 -32.38 -5.08
O4 PTY R . -11.74 -25.92 -4.60
C5 PTY R . -12.09 -28.73 -5.08
C6 PTY R . -13.03 -27.89 -4.26
O7 PTY R . -14.07 -27.30 -5.07
C8 PTY R . -15.28 -27.84 -5.06
O10 PTY R . -15.49 -29.02 -4.88
C11 PTY R . -16.33 -26.80 -5.28
C12 PTY R . -16.02 -25.48 -4.60
C13 PTY R . -17.18 -24.49 -4.69
C14 PTY R . -16.80 -23.12 -4.16
C15 PTY R . -17.98 -22.18 -3.98
C16 PTY R . -17.55 -20.76 -3.67
C17 PTY R . -18.35 -20.10 -2.55
C18 PTY R . -18.46 -18.59 -2.73
C19 PTY R . -19.06 -17.86 -1.54
C20 PTY R . -19.64 -16.51 -1.92
C21 PTY R . -19.97 -15.61 -0.73
C22 PTY R . -18.85 -14.64 -0.40
C23 PTY R . -19.08 -13.23 -0.95
C24 PTY R . -18.69 -13.08 -2.41
C25 PTY R . -19.10 -11.75 -3.02
C30 PTY R . -11.24 -24.74 -4.24
C31 PTY R . -12.30 -23.77 -3.82
O30 PTY R . -10.06 -24.51 -4.26
C32 PTY R . -11.76 -22.43 -3.37
C33 PTY R . -12.85 -21.43 -3.04
C34 PTY R . -12.29 -20.07 -2.68
C35 PTY R . -13.35 -19.03 -2.32
C36 PTY R . -12.73 -17.68 -1.99
C37 PTY R . -13.66 -16.75 -1.20
C38 PTY R . -14.77 -16.17 -2.05
C39 PTY R . -15.36 -14.89 -1.45
P1 PTY R . -13.14 -30.42 -6.80
O11 PTY R . -13.09 -31.00 -5.27
O12 PTY R . -12.07 -31.09 -7.63
O13 PTY R . -14.54 -30.36 -7.31
O14 PTY R . -12.63 -28.91 -6.37
N1 PTY R . -13.46 -32.16 -2.64
C1 PTY S . -20.08 -29.41 -9.83
C2 PTY S . -15.68 -33.56 -7.85
C3 PTY S . -16.83 -32.74 -7.33
O4 PTY S . -20.56 -29.42 -8.49
C5 PTY S . -20.13 -31.63 -10.98
C6 PTY S . -20.92 -30.39 -10.62
O7 PTY S . -21.35 -29.68 -11.80
C8 PTY S . -22.64 -29.36 -11.93
O10 PTY S . -23.53 -29.99 -11.42
C11 PTY S . -22.81 -28.13 -12.77
C12 PTY S . -22.82 -26.84 -11.98
C13 PTY S . -22.98 -25.61 -12.87
C14 PTY S . -23.13 -24.32 -12.07
C15 PTY S . -24.56 -24.01 -11.64
C16 PTY S . -24.64 -22.74 -10.81
C17 PTY S . -24.17 -21.47 -11.51
C18 PTY S . -24.09 -20.28 -10.57
C19 PTY S . -23.54 -19.02 -11.22
C20 PTY S . -24.57 -18.32 -12.11
C21 PTY S . -25.82 -17.86 -11.37
C22 PTY S . -25.53 -16.79 -10.33
C23 PTY S . -25.53 -15.37 -10.88
C24 PTY S . -26.92 -14.89 -11.29
C30 PTY S . -20.10 -28.48 -7.66
C31 PTY S . -20.89 -27.20 -7.76
O30 PTY S . -19.17 -28.66 -6.92
C32 PTY S . -20.14 -26.08 -8.45
C33 PTY S . -20.98 -24.81 -8.60
C34 PTY S . -20.90 -23.92 -7.37
C35 PTY S . -21.51 -22.54 -7.58
C36 PTY S . -21.27 -21.59 -6.42
C37 PTY S . -21.81 -20.18 -6.65
C38 PTY S . -21.56 -19.24 -5.48
C39 PTY S . -22.23 -17.89 -5.63
C40 PTY S . -21.66 -17.06 -6.77
C41 PTY S . -22.28 -15.67 -6.87
C42 PTY S . -21.81 -14.88 -8.09
P1 PTY S . -18.82 -32.78 -9.04
O11 PTY S . -17.46 -32.10 -8.43
O12 PTY S . -18.50 -34.12 -9.62
O13 PTY S . -19.97 -32.63 -8.09
O14 PTY S . -18.94 -31.66 -10.24
N1 PTY S . -14.70 -32.74 -8.52
C1 PTY T . -19.85 -16.84 10.36
C2 PTY T . -14.24 -17.53 14.00
C3 PTY T . -15.53 -18.18 13.52
O4 PTY T . -19.76 -16.18 9.12
C5 PTY T . -19.89 -16.47 12.82
C6 PTY T . -19.94 -15.79 11.46
O7 PTY T . -21.16 -15.09 11.31
C8 PTY T . -20.94 -13.68 11.00
O10 PTY T . -21.34 -12.83 11.76
C11 PTY T . -20.23 -13.29 9.73
C12 PTY T . -20.09 -11.78 9.70
C13 PTY T . -19.42 -11.29 8.42
C14 PTY T . -18.44 -10.17 8.74
C15 PTY T . -18.45 -9.11 7.66
C16 PTY T . -17.53 -7.96 8.04
C17 PTY T . -17.81 -6.72 7.19
C18 PTY T . -16.99 -5.53 7.68
C19 PTY T . -17.36 -4.28 6.90
C20 PTY T . -17.23 -4.53 5.41
C21 PTY T . -18.13 -3.59 4.62
C22 PTY T . -18.20 -4.05 3.17
C23 PTY T . -19.21 -3.22 2.37
C24 PTY T . -20.59 -3.27 3.01
C25 PTY T . -21.66 -2.81 2.03
C26 PTY T . -22.91 -2.34 2.76
C27 PTY T . -22.63 -1.07 3.56
C30 PTY T . -19.69 -16.95 7.89
C31 PTY T . -18.68 -16.60 6.83
O30 PTY T . -20.46 -17.88 7.73
C32 PTY T . -18.98 -15.22 6.28
C33 PTY T . -17.90 -14.78 5.30
C34 PTY T . -17.96 -13.28 5.07
C35 PTY T . -19.26 -12.90 4.38
C36 PTY T . -19.21 -13.22 2.89
C37 PTY T . -20.12 -12.30 2.09
C38 PTY T . -19.66 -10.85 2.19
C39 PTY T . -20.31 -10.15 3.38
C40 PTY T . -20.01 -8.64 3.34
C41 PTY T . -20.37 -8.07 1.97
C42 PTY T . -20.03 -6.59 1.90
P1 PTY T . -17.51 -16.48 13.95
O11 PTY T . -16.62 -17.77 14.35
O12 PTY T . -18.20 -15.99 15.20
O13 PTY T . -16.67 -15.53 13.14
O14 PTY T . -18.62 -17.11 12.98
N1 PTY T . -13.73 -18.26 15.15
C1 PTY U . -25.94 -17.42 11.36
C2 PTY U . -27.31 -21.93 15.74
C3 PTY U . -27.19 -21.32 14.35
O4 PTY U . -25.49 -16.75 10.17
C5 PTY U . -28.01 -16.80 12.64
C6 PTY U . -26.60 -16.39 12.25
O7 PTY U . -26.58 -15.16 11.53
C8 PTY U . -25.67 -14.23 11.82
O10 PTY U . -25.03 -14.24 12.84
C11 PTY U . -25.53 -13.22 10.73
C12 PTY U . -24.65 -12.04 11.11
C13 PTY U . -24.30 -11.15 9.92
C14 PTY U . -23.59 -9.88 10.36
C15 PTY U . -22.79 -9.19 9.26
C16 PTY U . -23.69 -8.42 8.29
C17 PTY U . -22.89 -7.62 7.26
C18 PTY U . -21.95 -6.61 7.89
C19 PTY U . -22.47 -5.19 7.90
C20 PTY U . -22.66 -4.63 6.49
C21 PTY U . -23.13 -3.18 6.45
C30 PTY U . -25.10 -17.51 9.16
C31 PTY U . -24.05 -16.84 8.33
O30 PTY U . -25.55 -18.61 8.95
C32 PTY U . -24.57 -15.67 7.51
C33 PTY U . -23.43 -14.79 6.99
C34 PTY U . -23.91 -13.70 6.05
C35 PTY U . -22.86 -12.65 5.76
C36 PTY U . -23.28 -11.63 4.71
C37 PTY U . -23.38 -12.22 3.31
C38 PTY U . -23.45 -11.15 2.21
C39 PTY U . -23.42 -11.73 0.81
C40 PTY U . -23.25 -10.67 -0.28
C41 PTY U . -21.81 -10.24 -0.46
P1 PTY U . -28.49 -19.25 13.41
O11 PTY U . -27.42 -19.92 14.45
O12 PTY U . -28.17 -19.66 12.01
O13 PTY U . -29.89 -19.41 13.93
O14 PTY U . -27.94 -17.73 13.69
N1 PTY U . -28.61 -21.67 16.31
C1 PTY V . -32.08 -16.93 6.57
C2 PTY V . -32.27 -20.81 12.20
C3 PTY V . -32.51 -21.54 10.90
O4 PTY V . -31.51 -15.66 6.25
C5 PTY V . -32.01 -18.63 8.41
C6 PTY V . -31.30 -17.47 7.75
O7 PTY V . -31.11 -16.38 8.66
C8 PTY V . -29.91 -15.85 8.81
O10 PTY V . -28.90 -16.51 8.92
C11 PTY V . -29.96 -14.35 8.82
C12 PTY V . -28.69 -13.67 8.32
C13 PTY V . -28.86 -12.17 8.21
C14 PTY V . -27.57 -11.48 7.77
C15 PTY V . -27.31 -11.54 6.27
C16 PTY V . -28.04 -10.43 5.50
C17 PTY V . -27.66 -9.02 5.93
C18 PTY V . -26.29 -8.60 5.41
C19 PTY V . -26.26 -8.28 3.92
C20 PTY V . -25.04 -7.47 3.52
C21 PTY V . -25.01 -7.07 2.04
C22 PTY V . -23.85 -6.17 1.69
C23 PTY V . -23.75 -5.84 0.21
C30 PTY V . -32.04 -14.96 5.25
C31 PTY V . -31.58 -13.53 5.28
O30 PTY V . -32.79 -15.44 4.43
C32 PTY V . -31.96 -12.74 4.05
C33 PTY V . -31.34 -11.35 4.05
C34 PTY V . -31.61 -10.58 2.77
C35 PTY V . -30.92 -9.23 2.71
C36 PTY V . -31.21 -8.47 1.41
C37 PTY V . -30.38 -7.20 1.25
C38 PTY V . -30.62 -6.50 -0.08
C39 PTY V . -29.69 -5.31 -0.32
P1 PTY V . -32.06 -21.27 8.33
O11 PTY V . -32.31 -20.63 9.83
O12 PTY V . -30.78 -22.05 8.32
O13 PTY V . -33.31 -21.88 7.81
O14 PTY V . -31.82 -19.79 7.63
N1 PTY V . -33.21 -19.72 12.40
C1 PTY W . -20.65 -13.41 16.50
C2 PTY W . -23.04 -17.26 20.55
C3 PTY W . -23.93 -17.45 19.34
O4 PTY W . -20.28 -13.74 15.16
C5 PTY W . -21.67 -15.69 16.76
C6 PTY W . -21.89 -14.20 16.84
O7 PTY W . -22.91 -13.76 15.93
C8 PTY W . -24.13 -13.51 16.39
O10 PTY W . -24.62 -14.08 17.33
C11 PTY W . -24.79 -12.43 15.59
C12 PTY W . -23.84 -11.33 15.15
C13 PTY W . -24.55 -10.16 14.49
C14 PTY W . -23.58 -9.15 13.91
C15 PTY W . -24.23 -7.84 13.49
C16 PTY W . -23.27 -6.95 12.70
C17 PTY W . -23.32 -5.48 13.13
C18 PTY W . -22.99 -4.54 11.97
C19 PTY W . -22.83 -3.08 12.39
C20 PTY W . -23.04 -2.12 11.24
C21 PTY W . -22.58 -0.71 11.50
C22 PTY W . -21.17 -0.43 11.01
C23 PTY W . -21.12 0.29 9.66
C24 PTY W . -21.30 -0.64 8.47
C25 PTY W . -21.45 0.10 7.14
C30 PTY W . -19.33 -13.02 14.59
C31 PTY W . -19.77 -11.62 14.30
O30 PTY W . -18.23 -13.46 14.33
C32 PTY W . -18.69 -10.76 13.67
C33 PTY W . -19.19 -9.37 13.31
C34 PTY W . -18.12 -8.54 12.59
C35 PTY W . -18.56 -7.14 12.22
C36 PTY W . -17.46 -6.37 11.50
C37 PTY W . -17.67 -4.86 11.50
C38 PTY W . -18.77 -4.40 10.56
C39 PTY W . -18.64 -2.93 10.17
P1 PTY W . -23.78 -17.26 16.73
O11 PTY W . -23.34 -16.78 18.24
O12 PTY W . -23.40 -18.69 16.51
O13 PTY W . -25.18 -16.81 16.41
O14 PTY W . -22.70 -16.27 15.98
N1 PTY W . -23.03 -15.87 20.97
C1 PTY X . -30.63 -14.86 14.32
C2 PTY X . -27.40 -18.64 18.29
C3 PTY X . -27.93 -17.23 18.18
O4 PTY X . -30.53 -13.85 15.33
C5 PTY X . -31.83 -16.94 15.00
C6 PTY X . -31.97 -15.53 14.47
O7 PTY X . -32.57 -15.52 13.16
C8 PTY X . -33.63 -14.74 12.94
O10 PTY X . -34.42 -14.43 13.79
C11 PTY X . -33.71 -14.33 11.49
C12 PTY X . -32.99 -13.03 11.19
C13 PTY X . -33.08 -12.65 9.71
C14 PTY X . -32.48 -11.28 9.42
C15 PTY X . -33.45 -10.12 9.62
C16 PTY X . -32.80 -8.77 9.37
C17 PTY X . -32.25 -8.58 7.96
C18 PTY X . -31.43 -7.30 7.81
C19 PTY X . -30.80 -7.10 6.45
C20 PTY X . -31.81 -6.65 5.39
C21 PTY X . -32.46 -5.30 5.70
C22 PTY X . -31.46 -4.15 5.71
C23 PTY X . -31.21 -3.54 4.34
C24 PTY X . -32.42 -2.77 3.80
C30 PTY X . -29.51 -12.99 15.26
C31 PTY X . -29.81 -11.83 14.37
O30 PTY X . -28.48 -13.17 15.86
C32 PTY X . -29.07 -11.86 13.04
C33 PTY X . -29.45 -10.70 12.13
C34 PTY X . -28.61 -9.45 12.41
C35 PTY X . -28.78 -8.37 11.36
C36 PTY X . -27.82 -7.20 11.53
C37 PTY X . -27.93 -6.14 10.45
C38 PTY X . -26.96 -4.99 10.64
C39 PTY X . -27.14 -3.84 9.65
C40 PTY X . -26.83 -4.24 8.21
C41 PTY X . -26.95 -3.07 7.24
C42 PTY X . -26.76 -3.49 5.78
P1 PTY X . -30.32 -17.24 17.10
O11 PTY X . -28.69 -17.12 16.99
O12 PTY X . -30.71 -18.61 17.58
O13 PTY X . -30.90 -16.04 17.77
O14 PTY X . -30.53 -17.13 15.48
N1 PTY X . -26.54 -18.97 17.17
C1 PTY Y . -18.60 4.74 20.42
C2 PTY Y . -12.57 3.55 23.14
C3 PTY Y . -14.08 3.51 23.32
O4 PTY Y . -18.79 4.42 19.05
C5 PTY Y . -17.57 6.40 21.96
C6 PTY Y . -17.91 6.09 20.50
O7 PTY Y . -18.80 7.08 20.00
C8 PTY Y . -18.28 7.71 18.80
O10 PTY Y . -18.06 8.91 18.80
C11 PTY Y . -18.03 6.89 17.55
C12 PTY Y . -17.43 7.80 16.48
C13 PTY Y . -17.19 7.06 15.18
C14 PTY Y . -15.86 7.48 14.57
C15 PTY Y . -15.93 7.57 13.06
C16 PTY Y . -14.63 8.09 12.50
C17 PTY Y . -14.80 8.55 11.05
C18 PTY Y . -13.51 9.20 10.54
C19 PTY Y . -13.73 9.77 9.14
C20 PTY Y . -14.26 8.69 8.22
C21 PTY Y . -15.05 9.30 7.07
C22 PTY Y . -15.83 8.21 6.33
C23 PTY Y . -16.73 8.80 5.25
C24 PTY Y . -17.69 9.82 5.84
C25 PTY Y . -18.84 10.10 4.89
C26 PTY Y . -19.50 11.44 5.20
C27 PTY Y . -18.54 12.58 4.89
C30 PTY Y . -19.45 3.18 18.68
C31 PTY Y . -18.87 2.31 17.60
O30 PTY Y . -20.47 2.88 19.25
C32 PTY Y . -18.89 3.05 16.27
C33 PTY Y . -18.21 2.24 15.19
C34 PTY Y . -17.87 3.13 14.00
C35 PTY Y . -19.12 3.64 13.33
C36 PTY Y . -19.76 2.55 12.47
C37 PTY Y . -20.56 3.14 11.31
C38 PTY Y . -19.66 3.92 10.37
C39 PTY Y . -19.52 5.39 10.79
C40 PTY Y . -18.81 6.19 9.72
C41 PTY Y . -19.45 5.98 8.35
C42 PTY Y . -18.71 6.74 7.27
P1 PTY Y . -15.08 5.85 22.61
O11 PTY Y . -14.57 4.78 23.72
O12 PTY Y . -15.03 7.22 23.24
O13 PTY Y . -14.36 5.59 21.32
O14 PTY Y . -16.63 5.44 22.43
N1 PTY Y . -11.92 3.49 24.44
C1 PTY Z . -23.67 7.96 21.96
C2 PTY Z . -24.62 8.18 28.31
C3 PTY Z . -24.85 7.73 26.88
O4 PTY Z . -23.52 7.50 20.61
C5 PTY Z . -24.76 10.12 22.60
C6 PTY Z . -23.56 9.47 21.95
O7 PTY Z . -23.43 9.86 20.57
C8 PTY Z . -22.23 10.18 20.10
O10 PTY Z . -21.28 10.43 20.80
C11 PTY Z . -22.20 10.15 18.60
C12 PTY Z . -20.92 10.70 18.01
C13 PTY Z . -20.79 10.43 16.52
C14 PTY Z . -19.59 11.15 15.91
C15 PTY Z . -19.10 10.59 14.59
C16 PTY Z . -20.00 11.00 13.42
C17 PTY Z . -19.45 10.53 12.06
C18 PTY Z . -18.07 11.08 11.78
C19 PTY Z . -18.06 12.28 10.84
C20 PTY Z . -18.58 11.95 9.45
C21 PTY Z . -18.54 13.10 8.47
C30 PTY Z . -23.82 6.22 20.36
C31 PTY Z . -23.01 5.67 19.22
O30 PTY Z . -24.64 5.61 20.99
C32 PTY Z . -23.40 6.24 17.87
C33 PTY Z . -22.33 5.96 16.81
C34 PTY Z . -22.76 6.37 15.41
C35 PTY Z . -21.62 6.37 14.41
C36 PTY Z . -22.07 6.65 12.98
C37 PTY Z . -22.88 5.51 12.37
C38 PTY Z . -23.02 5.63 10.86
C39 PTY Z . -23.73 4.43 10.22
C40 PTY Z . -23.65 4.43 8.70
C41 PTY Z . -22.33 3.89 8.16
P1 PTY Z . -25.68 9.20 24.87
O11 PTY Z . -24.56 8.81 26.01
O12 PTY Z . -26.07 7.96 24.11
O13 PTY Z . -26.73 10.08 25.44
O14 PTY Z . -24.60 10.08 24.01
N1 PTY Z . -25.44 9.32 28.64
C1 PTY AA . -30.66 8.62 18.56
C2 PTY AA . -29.91 9.36 25.32
C3 PTY AA . -30.86 8.28 24.89
O4 PTY AA . -29.89 8.98 17.42
C5 PTY AA . -30.45 8.51 21.05
C6 PTY AA . -29.71 8.54 19.74
O7 PTY AA . -28.85 9.68 19.65
C8 PTY AA . -27.57 9.51 19.30
O10 PTY AA . -26.88 8.64 19.76
C11 PTY AA . -27.13 10.53 18.29
C12 PTY AA . -26.01 10.05 17.38
C13 PTY AA . -25.71 11.06 16.27
C14 PTY AA . -24.54 10.62 15.39
C15 PTY AA . -24.92 9.60 14.33
C16 PTY AA . -25.49 10.25 13.07
C17 PTY AA . -24.54 11.23 12.39
C18 PTY AA . -23.42 10.54 11.63
C19 PTY AA . -23.87 9.88 10.33
C20 PTY AA . -22.70 9.57 9.40
C21 PTY AA . -23.12 8.99 8.06
C22 PTY AA . -21.95 8.80 7.10
C23 PTY AA . -22.33 8.13 5.78
C30 PTY AA . -30.51 9.14 16.26
C31 PTY AA . -29.63 9.87 15.27
O30 PTY AA . -31.62 8.73 16.03
C32 PTY AA . -30.18 9.87 13.85
C33 PTY AA . -29.19 10.47 12.86
C34 PTY AA . -29.67 10.38 11.42
C35 PTY AA . -28.66 10.90 10.41
C36 PTY AA . -29.17 10.80 8.97
C37 PTY AA . -28.10 11.12 7.93
C38 PTY AA . -28.60 10.94 6.50
C39 PTY AA . -27.51 11.12 5.46
P1 PTY AA . -31.36 6.77 22.80
O11 PTY AA . -30.80 8.15 23.47
O12 PTY AA . -30.52 5.60 23.24
O13 PTY AA . -32.85 6.68 22.93
O14 PTY AA . -30.96 7.21 21.26
N1 PTY AA . -30.30 10.65 24.78
C1 PTY BA . -15.82 10.87 22.59
C2 PTY BA . -17.57 11.84 28.33
C3 PTY BA . -18.87 11.47 27.64
O4 PTY BA . -16.12 9.71 21.81
C5 PTY BA . -17.34 10.03 24.40
C6 PTY BA . -17.02 11.18 23.46
O7 PTY BA . -18.11 11.44 22.56
C8 PTY BA . -18.91 12.48 22.81
O10 PTY BA . -19.15 12.89 23.92
C11 PTY BA . -19.44 13.06 21.54
C12 PTY BA . -18.42 13.06 20.41
C13 PTY BA . -18.92 13.81 19.18
C14 PTY BA . -17.97 13.65 17.99
C15 PTY BA . -18.27 14.59 16.84
C16 PTY BA . -17.46 14.26 15.59
C17 PTY BA . -16.87 15.48 14.91
C18 PTY BA . -16.73 15.28 13.40
C19 PTY BA . -15.95 16.39 12.70
C20 PTY BA . -16.28 16.47 11.21
C21 PTY BA . -15.31 17.32 10.40
C22 PTY BA . -14.20 16.51 9.76
C23 PTY BA . -14.44 16.21 8.28
C24 PTY BA . -15.36 15.01 8.06
C25 PTY BA . -15.76 14.81 6.61
C30 PTY BA . -15.29 9.38 20.84
C31 PTY BA . -15.33 10.37 19.70
O30 PTY BA . -14.59 8.40 20.88
C32 PTY BA . -14.36 10.03 18.58
C33 PTY BA . -14.48 10.98 17.40
C34 PTY BA . -13.57 10.58 16.25
C35 PTY BA . -13.64 11.51 15.05
C36 PTY BA . -12.72 11.06 13.92
C37 PTY BA . -12.41 12.15 12.91
C38 PTY BA . -13.58 12.47 11.99
C39 PTY BA . -13.15 13.14 10.69
P1 PTY BA . -19.68 10.05 25.60
O11 PTY BA . -18.56 10.99 26.34
O12 PTY BA . -19.90 8.79 26.40
O13 PTY BA . -20.87 10.85 25.16
O14 PTY BA . -18.71 9.72 24.30
N1 PTY BA . -16.95 12.98 27.68
C1 PTY CA . -25.75 13.66 22.68
C2 PTY CA . -22.65 11.83 27.93
C3 PTY CA . -22.70 12.95 26.93
O4 PTY CA . -24.96 14.84 22.73
C5 PTY CA . -27.21 13.27 24.68
C6 PTY CA . -27.07 13.97 23.33
O7 PTY CA . -28.09 13.53 22.42
C8 PTY CA . -28.84 14.44 21.80
O10 PTY CA . -29.09 15.52 22.26
C11 PTY CA . -29.34 13.92 20.48
C12 PTY CA . -28.41 14.25 19.32
C13 PTY CA . -28.94 13.70 17.99
C14 PTY CA . -28.09 14.13 16.80
C15 PTY CA . -28.48 15.49 16.22
C16 PTY CA . -27.57 15.91 15.07
C17 PTY CA . -27.58 14.96 13.88
C18 PTY CA . -26.51 15.31 12.84
C19 PTY CA . -26.43 14.35 11.67
C20 PTY CA . -27.56 14.55 10.66
C21 PTY CA . -27.58 15.93 10.02
C22 PTY CA . -26.33 16.19 9.17
C23 PTY CA . -26.45 15.69 7.73
C24 PTY CA . -27.45 16.49 6.91
C30 PTY CA . -23.83 14.85 22.02
C31 PTY CA . -24.05 15.26 20.59
O30 PTY CA . -22.76 14.56 22.50
C32 PTY CA . -23.93 14.11 19.60
C33 PTY CA . -24.23 14.55 18.17
C34 PTY CA . -23.00 15.11 17.45
C35 PTY CA . -23.20 15.31 15.96
C36 PTY CA . -21.93 15.69 15.23
C37 PTY CA . -22.10 15.82 13.72
C38 PTY CA . -20.81 16.20 13.00
C39 PTY CA . -20.99 16.48 11.53
C40 PTY CA . -21.40 15.25 10.72
C41 PTY CA . -21.51 15.52 9.23
C42 PTY CA . -22.03 14.33 8.44
P1 PTY CA . -25.19 13.52 26.31
O11 PTY CA . -23.79 12.72 26.04
O12 PTY CA . -25.78 13.08 27.62
O13 PTY CA . -25.04 14.98 26.02
O14 PTY CA . -25.95 12.77 25.06
N1 PTY CA . -22.45 10.54 27.28
C1 PTY DA . -6.70 23.96 12.91
C2 PTY DA . -0.81 21.74 15.29
C3 PTY DA . -2.06 22.56 15.55
O4 PTY DA . -7.49 23.08 12.14
C5 PTY DA . -4.67 25.42 12.83
C6 PTY DA . -5.63 24.57 12.00
O7 PTY DA . -6.27 25.36 11.02
C8 PTY DA . -6.09 24.83 9.68
O10 PTY DA . -5.51 25.51 8.85
C11 PTY DA . -6.60 23.46 9.31
C12 PTY DA . -6.21 23.16 7.87
C13 PTY DA . -6.74 21.81 7.43
C14 PTY DA . -5.68 21.09 6.59
C15 PTY DA . -6.31 20.32 5.44
C16 PTY DA . -5.22 19.69 4.58
C17 PTY DA . -5.78 19.25 3.23
C18 PTY DA . -4.66 18.75 2.32
C19 PTY DA . -5.20 18.43 0.93
C20 PTY DA . -6.37 17.47 1.04
C21 PTY DA . -7.30 17.60 -0.15
C22 PTY DA . -8.60 16.86 0.10
C23 PTY DA . -9.61 17.08 -1.02
C24 PTY DA . -9.89 18.56 -1.22
C25 PTY DA . -11.16 18.78 -2.02
C26 PTY DA . -11.17 20.16 -2.67
C27 PTY DA . -10.09 20.26 -3.74
C30 PTY DA . -8.60 22.39 12.77
C31 PTY DA . -8.80 20.90 12.54
O30 PTY DA . -9.37 23.01 13.47
C32 PTY DA . -9.09 20.66 11.07
C33 PTY DA . -9.17 19.17 10.79
C34 PTY DA . -9.05 18.89 9.29
C35 PTY DA . -10.24 19.48 8.54
C36 PTY DA . -11.46 18.59 8.71
C37 PTY DA . -12.41 18.72 7.51
C38 PTY DA . -11.74 18.24 6.23
C39 PTY DA . -10.99 19.38 5.53
C40 PTY DA . -10.52 18.95 4.15
C41 PTY DA . -11.68 18.35 3.35
C42 PTY DA . -11.21 17.87 1.99
P1 PTY DA . -2.44 24.19 13.51
O11 PTY DA . -1.92 23.87 15.00
O12 PTY DA . -1.72 25.42 13.01
O13 PTY DA . -2.41 22.92 12.69
O14 PTY DA . -3.99 24.58 13.75
N1 PTY DA . 0.23 22.11 16.23
C1 PTY EA . -9.44 29.47 12.18
C2 PTY EA . -7.74 33.70 16.72
C3 PTY EA . -8.64 32.72 16.00
O4 PTY EA . -9.99 28.33 11.51
C5 PTY EA . -9.44 31.80 11.25
C6 PTY EA . -8.87 30.40 11.13
O7 PTY EA . -9.15 29.82 9.86
C8 PTY EA . -8.20 29.15 9.22
O10 PTY EA . -7.02 29.26 9.48
C11 PTY EA . -8.76 28.27 8.14
C12 PTY EA . -7.70 27.66 7.24
C13 PTY EA . -8.25 26.57 6.33
C14 PTY EA . -7.21 26.11 5.32
C15 PTY EA . -7.49 24.74 4.71
C16 PTY EA . -8.58 24.78 3.64
C17 PTY EA . -8.78 23.45 2.94
C18 PTY EA . -7.51 22.95 2.25
C19 PTY EA . -7.48 23.20 0.75
C20 PTY EA . -8.58 22.44 0.01
C21 PTY EA . -8.54 22.63 -1.49
C30 PTY EA . -10.75 27.51 12.22
C31 PTY EA . -10.66 26.09 11.70
O30 PTY EA . -11.42 27.87 13.15
C32 PTY EA . -11.35 25.88 10.36
C33 PTY EA . -10.91 24.57 9.72
C34 PTY EA . -11.69 24.26 8.45
C35 PTY EA . -11.09 23.13 7.64
C36 PTY EA . -11.94 22.72 6.44
C37 PTY EA . -13.24 22.03 6.82
C38 PTY EA . -13.91 21.31 5.66
C39 PTY EA . -15.15 20.53 6.06
C40 PTY EA . -15.68 19.62 4.95
C41 PTY EA . -14.92 18.31 4.84
P1 PTY EA . -9.66 32.94 13.60
O11 PTY EA . -8.37 32.78 14.60
O12 PTY EA . -10.69 31.90 13.91
O13 PTY EA . -10.07 34.37 13.49
O14 PTY EA . -8.77 32.49 12.29
N1 PTY EA . -7.96 35.05 16.24
C1 PTY FA . -16.59 31.45 9.75
C2 PTY FA . -13.09 35.41 14.10
C3 PTY FA . -14.43 34.93 14.60
O4 PTY FA . -16.24 30.66 8.61
C5 PTY FA . -15.48 32.69 11.62
C6 PTY FA . -15.33 31.60 10.59
O7 PTY FA . -14.26 31.87 9.68
C8 PTY FA . -13.34 30.93 9.46
O10 PTY FA . -12.84 30.27 10.34
C11 PTY FA . -13.02 30.80 8.00
C12 PTY FA . -12.56 29.41 7.59
C13 PTY FA . -12.40 29.29 6.07
C14 PTY FA . -11.87 27.93 5.65
C15 PTY FA . -12.93 26.84 5.60
C16 PTY FA . -13.70 26.83 4.28
C17 PTY FA . -12.82 26.62 3.05
C18 PTY FA . -12.37 25.17 2.89
C19 PTY FA . -13.48 24.22 2.43
C20 PTY FA . -12.93 22.91 1.88
C21 PTY FA . -14.00 21.98 1.33
C22 PTY FA . -13.42 20.73 0.69
C23 PTY FA . -14.47 19.72 0.21
C30 PTY FA . -17.17 30.41 7.70
C31 PTY FA . -16.56 29.88 6.43
O30 PTY FA . -18.35 30.57 7.90
C32 PTY FA . -17.57 29.36 5.43
C33 PTY FA . -16.90 28.70 4.23
C34 PTY FA . -17.91 28.07 3.28
C35 PTY FA . -17.26 27.32 2.12
C36 PTY FA . -18.28 26.69 1.18
C37 PTY FA . -17.66 25.78 0.13
C38 PTY FA . -18.70 25.10 -0.76
C39 PTY FA . -18.10 24.08 -1.71
P1 PTY FA . -16.16 33.00 14.14
O11 PTY FA . -14.96 34.02 13.64
O12 PTY FA . -15.63 32.07 15.19
O13 PTY FA . -17.42 33.76 14.39
O14 PTY FA . -16.25 32.22 12.70
N1 PTY FA . -13.22 36.14 12.85
C1 PTY GA . -1.48 27.83 10.11
C2 PTY GA . -0.46 32.60 13.74
C3 PTY GA . -1.97 32.61 13.58
O4 PTY GA . -2.41 26.78 10.36
C5 PTY GA . -2.36 29.07 12.11
C6 PTY GA . -2.08 29.12 10.61
O7 PTY GA . -3.28 29.34 9.86
C8 PTY GA . -3.54 30.55 9.38
O10 PTY GA . -3.19 31.57 9.94
C11 PTY GA . -4.29 30.48 8.09
C12 PTY GA . -3.86 29.32 7.21
C13 PTY GA . -4.52 29.36 5.83
C14 PTY GA . -4.21 28.12 5.01
C15 PTY GA . -4.61 28.23 3.56
C16 PTY GA . -4.50 26.90 2.82
C17 PTY GA . -3.85 27.02 1.44
C18 PTY GA . -4.38 25.95 0.47
C19 PTY GA . -3.62 25.90 -0.85
C20 PTY GA . -4.45 25.27 -1.95
C21 PTY GA . -3.65 24.89 -3.19
C22 PTY GA . -3.19 23.43 -3.19
C23 PTY GA . -4.07 22.52 -4.03
C24 PTY GA . -5.34 22.06 -3.31
C25 PTY GA . -6.31 21.31 -4.20
C30 PTY GA . -2.17 25.60 9.81
C31 PTY GA . -2.32 25.62 8.32
O30 PTY GA . -1.86 24.64 10.46
C32 PTY GA . -2.03 24.28 7.67
C33 PTY GA . -2.28 24.30 6.17
C34 PTY GA . -2.06 22.92 5.54
C35 PTY GA . -2.29 22.89 4.03
C36 PTY GA . -2.07 21.49 3.46
C37 PTY GA . -1.84 21.47 1.96
C38 PTY GA . -3.10 21.75 1.15
C39 PTY GA . -3.01 21.23 -0.28
P1 PTY GA . -3.92 30.92 13.13
O11 PTY GA . -2.36 31.41 12.95
O12 PTY GA . -4.21 30.66 14.58
O13 PTY GA . -4.85 31.80 12.34
O14 PTY GA . -3.68 29.50 12.34
N1 PTY GA . 0.20 32.67 12.44
C1 PTY HA . -9.13 34.65 8.95
C2 PTY HA . -5.02 34.90 13.82
C3 PTY HA . -5.08 35.09 12.32
O4 PTY HA . -8.04 35.06 8.13
C5 PTY HA . -9.73 36.27 10.77
C6 PTY HA . -9.92 35.89 9.32
O7 PTY HA . -11.29 35.59 9.02
C8 PTY HA . -11.89 36.21 8.00
O10 PTY HA . -11.57 37.31 7.61
C11 PTY HA . -12.99 35.37 7.43
C12 PTY HA . -12.53 34.46 6.29
C13 PTY HA . -13.67 33.62 5.74
C14 PTY HA . -13.25 32.80 4.52
C15 PTY HA . -13.38 33.55 3.20
C16 PTY HA . -12.90 32.71 2.01
C17 PTY HA . -13.68 31.42 1.79
C18 PTY HA . -13.04 30.53 0.73
C19 PTY HA . -13.74 29.19 0.53
C20 PTY HA . -15.03 29.32 -0.26
C21 PTY HA . -14.85 29.85 -1.67
C22 PTY HA . -14.02 28.93 -2.56
C23 PTY HA . -14.84 27.85 -3.25
C24 PTY HA . -15.76 28.40 -4.33
C30 PTY HA . -7.33 34.10 7.53
C31 PTY HA . -7.95 33.68 6.23
O30 PTY HA . -6.32 33.65 8.00
C32 PTY HA . -8.59 32.31 6.28
C33 PTY HA . -9.26 31.92 4.96
C34 PTY HA . -8.29 31.27 3.98
C35 PTY HA . -8.98 30.65 2.78
C36 PTY HA . -8.04 29.86 1.89
C37 PTY HA . -8.72 29.16 0.72
C38 PTY HA . -7.76 28.37 -0.15
C39 PTY HA . -8.39 27.80 -1.41
C40 PTY HA . -9.45 26.74 -1.13
C41 PTY HA . -10.04 26.12 -2.39
C42 PTY HA . -11.18 25.15 -2.12
P1 PTY HA . -7.28 36.35 11.66
O11 PTY HA . -6.43 34.98 11.90
O12 PTY HA . -7.43 37.10 12.95
O13 PTY HA . -6.80 37.06 10.44
O14 PTY HA . -8.67 35.54 11.31
N1 PTY HA . -5.51 33.59 14.20
C1 PTY IA . 6.92 26.37 -6.51
C2 PTY IA . 12.20 23.33 -3.68
C3 PTY IA . 11.49 24.65 -3.96
O4 PTY IA . 5.65 25.75 -6.42
C5 PTY IA . 9.10 26.27 -7.71
C6 PTY IA . 7.68 25.71 -7.66
O7 PTY IA . 7.01 26.00 -8.88
C8 PTY IA . 6.48 24.80 -9.50
O10 PTY IA . 6.88 24.48 -10.61
C11 PTY IA . 5.45 23.95 -8.79
C12 PTY IA . 5.14 22.74 -9.66
C13 PTY IA . 4.07 21.86 -9.03
C14 PTY IA . 4.43 20.40 -9.21
C15 PTY IA . 3.20 19.54 -9.49
C16 PTY IA . 3.60 18.10 -9.76
C17 PTY IA . 2.46 17.32 -10.40
C18 PTY IA . 2.92 15.92 -10.79
C19 PTY IA . 1.81 15.20 -11.55
C20 PTY IA . 0.53 15.20 -10.73
C21 PTY IA . -0.69 15.07 -11.63
C22 PTY IA . -1.96 15.38 -10.85
C23 PTY IA . -3.19 15.39 -11.75
C24 PTY IA . -3.02 16.39 -12.89
C25 PTY IA . -4.37 16.71 -13.52
C26 PTY IA . -4.19 17.24 -14.94
C27 PTY IA . -3.63 16.17 -15.86
C30 PTY IA . 4.70 26.20 -5.41
C31 PTY IA . 3.97 25.20 -4.55
O30 PTY IA . 4.52 27.40 -5.28
C32 PTY IA . 3.07 24.35 -5.43
C33 PTY IA . 2.41 23.25 -4.61
C34 PTY IA . 1.85 22.17 -5.53
C35 PTY IA . 0.73 22.71 -6.38
C36 PTY IA . -0.56 22.83 -5.57
C37 PTY IA . -1.79 22.72 -6.47
C38 PTY IA . -1.86 21.34 -7.12
C39 PTY IA . -1.12 21.32 -8.45
C40 PTY IA . -1.39 20.00 -9.20
C41 PTY IA . -2.89 19.74 -9.28
C42 PTY IA . -3.16 18.41 -9.98
P1 PTY IA . 10.90 24.74 -6.53
O11 PTY IA . 11.81 25.12 -5.26
O12 PTY IA . 11.73 24.91 -7.78
O13 PTY IA . 10.21 23.43 -6.26
O14 PTY IA . 9.79 25.91 -6.52
N1 PTY IA . 13.58 23.59 -3.31
C1 PTY JA . 6.04 30.93 -10.61
C2 PTY JA . 10.62 35.43 -10.33
C3 PTY JA . 9.25 34.83 -10.11
O4 PTY JA . 4.94 30.07 -10.29
C5 PTY JA . 6.43 31.93 -12.89
C6 PTY JA . 6.43 30.66 -12.05
O7 PTY JA . 5.50 29.70 -12.56
C8 PTY JA . 5.87 28.42 -12.65
O10 PTY JA . 7.01 28.05 -12.59
C11 PTY JA . 4.68 27.51 -12.79
C12 PTY JA . 5.06 26.07 -13.09
C13 PTY JA . 3.88 25.11 -12.97
C14 PTY JA . 4.24 23.72 -13.46
C15 PTY JA . 3.32 22.61 -12.95
C16 PTY JA . 1.98 22.58 -13.68
C17 PTY JA . 1.10 21.40 -13.27
C18 PTY JA . 1.78 20.06 -13.52
C19 PTY JA . 1.31 19.35 -14.78
C20 PTY JA . -0.17 18.98 -14.73
C21 PTY JA . -0.66 18.23 -15.95
C30 PTY JA . 4.28 30.31 -9.16
C31 PTY JA . 3.71 29.06 -8.57
O30 PTY JA . 4.19 31.41 -8.69
C32 PTY JA . 2.53 28.49 -9.36
C33 PTY JA . 2.23 27.06 -8.96
C34 PTY JA . 0.97 26.51 -9.62
C35 PTY JA . 0.82 25.01 -9.47
C36 PTY JA . -0.51 24.49 -10.00
C37 PTY JA . -1.71 24.90 -9.17
C38 PTY JA . -2.97 24.11 -9.49
C39 PTY JA . -4.14 24.43 -8.56
C40 PTY JA . -5.31 23.48 -8.72
C41 PTY JA . -5.13 22.16 -7.96
P1 PTY JA . 7.52 34.12 -11.94
O11 PTY JA . 8.96 33.95 -11.19
O12 PTY JA . 6.41 34.12 -10.94
O13 PTY JA . 7.59 35.19 -12.98
O14 PTY JA . 7.63 32.64 -12.65
N1 PTY JA . 10.68 36.15 -11.59
C1 PTY KA . -0.43 34.41 -13.25
C2 PTY KA . 5.54 37.73 -13.03
C3 PTY KA . 4.42 38.35 -12.24
O4 PTY KA . -0.83 33.07 -13.56
C5 PTY KA . 1.65 35.73 -12.81
C6 PTY KA . 1.02 34.36 -12.82
O7 PTY KA . 1.69 33.47 -13.74
C8 PTY KA . 2.09 32.28 -13.32
O10 PTY KA . 2.65 32.11 -12.27
C11 PTY KA . 1.76 31.21 -14.32
C12 PTY KA . 1.56 29.83 -13.71
C13 PTY KA . 1.07 28.81 -14.74
C14 PTY KA . 0.93 27.42 -14.15
C15 PTY KA . -0.36 27.21 -13.36
C16 PTY KA . -1.54 26.84 -14.27
C17 PTY KA . -1.32 25.56 -15.08
C18 PTY KA . -1.46 24.29 -14.23
C19 PTY KA . -2.90 23.96 -13.84
C20 PTY KA . -3.06 22.51 -13.39
C21 PTY KA . -4.50 22.13 -13.07
C22 PTY KA . -4.65 20.64 -12.73
C23 PTY KA . -6.06 20.24 -12.32
C30 PTY KA . -2.07 32.85 -13.98
C31 PTY KA . -2.20 31.48 -14.60
O30 PTY KA . -2.96 33.65 -13.87
C32 PTY KA . -3.63 31.07 -14.89
C33 PTY KA . -3.73 29.63 -15.35
C34 PTY KA . -5.16 29.17 -15.55
C35 PTY KA . -5.29 27.70 -15.92
C36 PTY KA . -6.74 27.26 -16.11
C37 PTY KA . -6.90 25.76 -16.29
C38 PTY KA . -8.36 25.33 -16.40
C39 PTY KA . -8.53 23.82 -16.44
P1 PTY KA . 2.13 37.70 -11.14
O11 PTY KA . 3.30 37.48 -12.27
O12 PTY KA . 2.68 37.42 -9.77
O13 PTY KA . 1.38 38.98 -11.39
O14 PTY KA . 1.24 36.42 -11.66
N1 PTY KA . 5.19 37.56 -14.43
C1 PTY LA . 11.98 10.13 -23.23
C2 PTY LA . 16.66 7.12 -19.46
C3 PTY LA . 16.36 8.18 -20.51
O4 PTY LA . 10.72 10.41 -22.64
C5 PTY LA . 13.37 8.29 -24.18
C6 PTY LA . 11.98 8.67 -23.67
O7 PTY LA . 11.02 8.50 -24.70
C8 PTY LA . 9.94 7.62 -24.29
O10 PTY LA . 9.76 6.58 -24.91
C11 PTY LA . 9.05 7.98 -23.13
C12 PTY LA . 8.06 6.85 -22.91
C13 PTY LA . 7.09 7.16 -21.78
C14 PTY LA . 6.86 5.92 -20.94
C15 PTY LA . 5.42 5.82 -20.47
C16 PTY LA . 5.20 4.53 -19.71
C17 PTY LA . 3.70 4.21 -19.57
C18 PTY LA . 3.50 2.85 -18.92
C19 PTY LA . 2.02 2.49 -18.91
C20 PTY LA . 1.23 3.60 -18.23
C21 PTY LA . -0.22 3.60 -18.71
C22 PTY LA . -0.91 4.89 -18.26
C23 PTY LA . -2.32 4.99 -18.83
C24 PTY LA . -2.29 4.92 -20.36
C25 PTY LA . -3.60 5.43 -20.94
C26 PTY LA . -3.81 4.89 -22.35
C27 PTY LA . -4.04 3.38 -22.32
C30 PTY LA . 10.43 11.74 -22.16
C31 PTY LA . 9.81 11.95 -20.80
O30 PTY LA . 10.71 12.70 -22.86
C32 PTY LA . 8.42 11.34 -20.79
C33 PTY LA . 7.81 11.41 -19.40
C34 PTY LA . 6.63 10.45 -19.29
C35 PTY LA . 5.49 10.89 -20.20
C36 PTY LA . 4.74 12.07 -19.62
C37 PTY LA . 3.29 12.09 -20.09
C38 PTY LA . 2.53 10.86 -19.62
C39 PTY LA . 2.65 9.72 -20.63
C40 PTY LA . 1.71 8.57 -20.26
C41 PTY LA . 0.30 9.09 -20.04
C42 PTY LA . -0.64 7.96 -19.62
P1 PTY LA . 14.89 7.07 -22.40
O11 PTY LA . 16.29 7.59 -21.81
O12 PTY LA . 15.18 6.05 -23.48
O13 PTY LA . 13.97 6.71 -21.26
O14 PTY LA . 14.31 8.39 -23.11
N1 PTY LA . 18.08 6.81 -19.47
C1 PTY MA . 11.11 11.23 -29.26
C2 PTY MA . 16.64 12.06 -32.44
C3 PTY MA . 15.33 12.46 -31.78
O4 PTY MA . 10.01 11.39 -28.37
C5 PTY MA . 10.89 10.39 -31.62
C6 PTY MA . 10.81 10.03 -30.15
O7 PTY MA . 9.50 9.58 -29.80
C8 PTY MA . 9.37 8.52 -29.01
O10 PTY MA . 10.26 7.73 -28.80
C11 PTY MA . 8.00 8.43 -28.41
C12 PTY MA . 7.74 7.13 -27.68
C13 PTY MA . 6.46 7.15 -26.85
C14 PTY MA . 6.13 5.78 -26.28
C15 PTY MA . 5.18 5.79 -25.10
C16 PTY MA . 3.72 6.03 -25.51
C17 PTY MA . 2.75 5.93 -24.34
C18 PTY MA . 2.80 4.57 -23.66
C19 PTY MA . 1.68 3.63 -24.06
C20 PTY MA . 0.30 4.15 -23.66
C21 PTY MA . -0.84 3.20 -24.00
C30 PTY MA . 9.95 12.51 -27.66
C31 PTY MA . 9.27 12.31 -26.34
O30 PTY MA . 10.41 13.56 -28.06
C32 PTY MA . 7.78 12.09 -26.45
C33 PTY MA . 7.21 11.52 -25.15
C34 PTY MA . 5.69 11.42 -25.18
C35 PTY MA . 5.12 10.59 -24.03
C36 PTY MA . 3.60 10.61 -23.97
C37 PTY MA . 3.02 11.96 -23.56
C38 PTY MA . 1.56 11.88 -23.16
C39 PTY MA . 1.01 13.20 -22.63
C40 PTY MA . -0.38 13.07 -22.01
C41 PTY MA . -0.35 12.55 -20.57
P1 PTY MA . 12.90 11.82 -32.51
O11 PTY MA . 14.39 11.42 -31.95
O12 PTY MA . 12.34 12.95 -31.70
O13 PTY MA . 12.91 11.91 -34.00
O14 PTY MA . 12.25 10.39 -32.02
N1 PTY MA . 16.43 11.78 -33.85
C1 PTY NA . 5.62 15.23 -33.10
C2 PTY NA . 11.94 14.55 -35.62
C3 PTY NA . 11.48 15.97 -35.41
O4 PTY NA . 4.73 14.37 -32.39
C5 PTY NA . 8.02 15.30 -33.84
C6 PTY NA . 7.02 14.71 -32.86
O7 PTY NA . 6.97 13.28 -32.97
C8 PTY NA . 7.09 12.54 -31.88
O10 PTY NA . 7.92 12.74 -31.03
C11 PTY NA . 6.07 11.43 -31.86
C12 PTY NA . 5.69 10.98 -30.46
C13 PTY NA . 4.55 9.97 -30.47
C14 PTY NA . 4.20 9.46 -29.08
C15 PTY NA . 3.31 10.40 -28.27
C16 PTY NA . 1.83 10.23 -28.60
C17 PTY NA . 1.30 8.84 -28.33
C18 PTY NA . 1.09 8.56 -26.84
C19 PTY NA . -0.11 9.27 -26.24
C20 PTY NA . -0.54 8.67 -24.91
C21 PTY NA . -1.79 9.30 -24.30
C22 PTY NA . -2.26 8.60 -23.03
C23 PTY NA . -3.45 9.28 -22.37
C30 PTY NA . 3.42 14.60 -32.46
C31 PTY NA . 2.63 13.42 -31.96
O30 PTY NA . 2.95 15.64 -32.87
C32 PTY NA . 1.15 13.71 -31.80
C33 PTY NA . 0.42 12.54 -31.14
C34 PTY NA . -1.05 12.84 -30.87
C35 PTY NA . -1.78 11.73 -30.13
C36 PTY NA . -3.24 12.06 -29.86
C37 PTY NA . -3.93 11.05 -28.97
C38 PTY NA . -5.38 11.43 -28.65
C39 PTY NA . -6.03 10.50 -27.63
P1 PTY NA . 9.71 17.31 -34.00
O11 PTY NA . 10.22 15.94 -34.76
O12 PTY NA . 10.63 17.63 -32.85
O13 PTY NA . 9.38 18.38 -35.00
O14 PTY NA . 8.33 16.62 -33.43
N1 PTY NA . 11.04 13.82 -36.51
C1 PTY OA . 11.59 24.71 -11.56
C2 PTY OA . 15.41 29.40 -12.24
C3 PTY OA . 14.05 30.07 -12.26
O4 PTY OA . 10.55 24.64 -10.59
C5 PTY OA . 12.00 27.11 -10.89
C6 PTY OA . 11.69 26.15 -12.02
O7 PTY OA . 10.43 26.46 -12.64
C8 PTY OA . 10.41 27.12 -13.80
O10 PTY OA . 11.26 27.92 -14.12
C11 PTY OA . 9.24 26.71 -14.63
C12 PTY OA . 8.90 25.23 -14.51
C13 PTY OA . 7.82 24.80 -15.50
C14 PTY OA . 7.37 23.37 -15.27
C15 PTY OA . 6.49 22.81 -16.38
C16 PTY OA . 5.88 21.47 -16.02
C17 PTY OA . 5.94 20.44 -17.14
C18 PTY OA . 4.77 19.45 -17.08
C19 PTY OA . 4.90 18.29 -18.05
C20 PTY OA . 3.56 17.66 -18.37
C21 PTY OA . 3.64 16.31 -19.07
C22 PTY OA . 3.57 15.13 -18.10
C23 PTY OA . 2.19 14.49 -18.03
C24 PTY OA . 1.23 15.23 -17.10
C25 PTY OA . -0.20 14.71 -17.18
C30 PTY OA . 10.16 23.43 -10.19
C31 PTY OA . 9.46 22.68 -11.28
O30 PTY OA . 10.37 23.01 -9.09
C32 PTY OA . 9.03 21.28 -10.86
C33 PTY OA . 8.25 20.56 -11.95
C34 PTY OA . 7.74 19.19 -11.48
C35 PTY OA . 6.96 18.43 -12.54
C36 PTY OA . 6.48 17.08 -12.02
C37 PTY OA . 6.09 16.10 -13.12
C38 PTY OA . 4.77 16.45 -13.80
C39 PTY OA . 4.14 15.25 -14.49
P1 PTY OA . 11.64 29.67 -11.30
O11 PTY OA . 13.08 29.11 -11.88
O12 PTY OA . 11.88 30.47 -10.05
O13 PTY OA . 10.82 30.25 -12.41
O14 PTY OA . 11.08 28.17 -10.92
N1 PTY OA . 15.51 28.38 -13.28
C1 PTY PA . 6.74 32.34 -16.53
C2 PTY PA . 12.25 33.21 -13.45
C3 PTY PA . 11.68 32.52 -14.66
O4 PTY PA . 7.49 31.60 -17.48
C5 PTY PA . 7.44 34.73 -16.27
C6 PTY PA . 6.59 33.74 -17.05
O7 PTY PA . 5.20 34.07 -16.97
C8 PTY PA . 4.49 34.19 -18.09
O10 PTY PA . 4.96 34.53 -19.14
C11 PTY PA . 3.04 33.86 -17.85
C12 PTY PA . 2.71 32.40 -18.09
C13 PTY PA . 1.23 32.09 -17.84
C14 PTY PA . 0.86 30.66 -18.20
C15 PTY PA . 0.48 30.46 -19.65
C16 PTY PA . 0.17 29.00 -19.99
C17 PTY PA . -1.00 28.42 -19.21
C18 PTY PA . -1.14 26.91 -19.42
C19 PTY PA . -2.25 26.27 -18.61
C20 PTY PA . -3.64 26.55 -19.17
C21 PTY PA . -3.85 26.00 -20.59
C22 PTY PA . -3.77 24.48 -20.65
C23 PTY PA . -5.10 23.78 -20.35
C24 PTY PA . -6.13 23.99 -21.45
C30 PTY PA . 7.57 30.28 -17.31
C31 PTY PA . 6.40 29.56 -17.92
O30 PTY PA . 8.48 29.74 -16.73
C32 PTY PA . 5.42 29.01 -16.91
C33 PTY PA . 4.20 28.35 -17.56
C34 PTY PA . 4.45 26.88 -17.89
C35 PTY PA . 3.19 26.13 -18.29
C36 PTY PA . 3.41 24.63 -18.47
C37 PTY PA . 2.14 23.86 -18.79
C38 PTY PA . 2.39 22.37 -18.96
C39 PTY PA . 1.16 21.59 -19.43
C40 PTY PA . 0.02 21.59 -18.43
C41 PTY PA . -1.17 20.75 -18.89
C42 PTY PA . -2.37 20.85 -17.94
P1 PTY PA . 9.92 34.07 -15.85
O11 PTY PA . 10.31 32.88 -14.78
O12 PTY PA . 10.53 35.36 -15.41
O13 PTY PA . 10.10 33.59 -17.25
O14 PTY PA . 8.33 34.03 -15.44
N1 PTY PA . 11.55 32.82 -12.23
#